data_8YBS
#
_entry.id   8YBS
#
loop_
_entity.id
_entity.type
_entity.pdbx_description
1 polymer 'Spike glycoprotein'
2 polymer 'Spike glycoprotein'
3 polymer 'THSC20.HVTR4 (Fab4) - Heavy Chain'
4 polymer 'THSC20.HVTR4 (Fab4) - Light Chain'
5 non-polymer 2-acetamido-2-deoxy-beta-D-glucopyranose
#
loop_
_entity_poly.entity_id
_entity_poly.type
_entity_poly.pdbx_seq_one_letter_code
_entity_poly.pdbx_strand_id
1 'polypeptide(L)'
;MFVFLVLLPLVSSQCVNLTTRTQLPPAYTNSFTRGVYYPDKVFRSSVLHSTQDLFLPFFSNVTWFHAIHVSGTNGTKRFD
NPVLPFNDGVYFASTEKSNIIRGWIFGTTLDSKTQSLLIVNNATNVVIKVCEFQFCNDPFLGVYYHKNNKSWMESEFRVY
SSANNCTFEYVSQPFLMDLEGKQGNFKNLREFVFKNIDGYFKIYSKHTPINLVRDLPQGFSALEPLVDLPIGINITRFQT
LLALHRSYLTPGDSSSGWTAGAAAYYVGYLQPRTFLLKYNENGTITDAVDCALDPLSETKCTLKSFTVEKGIYQTSNFRV
QPTESIVRFPNITNLCPFGEVFNATRFASVYAWNRKRISNCVADYSVLYNSASFSTFKCYGVSPTKLNDLCFTNVYADSF
VIRGDEVRQIAPGQTGKIADYNYKLPDDFTGCVIAWNSNNLDSKVGGNYNYLYRLFRKSNLKPFERDISTEIYQAGSTPC
NGVEGFNCYFPLQSYGFQPTNGVGYQPYRVVVLSFELLHAPATVCGPKKSTNLVKNKCVNFNFNGLTGTGVLTESNKKFL
PFQQFGRDIADTTDAVRDPQTLEILDITPCSFGGVSVITPGTNTSNQVAVLYQDVNCTEVPVAIHADQLTPTWRVYSTGS
NVFQTRAGCLIGAEHVNNSYECDIPIGAGICASYQTQTNSPRRARSVASQSIIAYTMSLGAENSVAYSNNSIAIPTNFTI
SVTTEILPVSMTKTSVDCTMYICGDSTECSNLLLQYGSFCTQLNRALTGIAVEQDKNTQEVFAQVKQIYKTPPIKDFGGF
NFSQILPDPSKPSKRSFIEDLLFNKVTLADAGFIKQYGDCLGDIAARDLICAQKFNGLTVLPPLLTDEMIAQYTSALLAG
TITSGWTFGAGAALQIPFAMQMAYRFNGIGVTQNVLYENQKLIANQFNSAIGKIQDSLSSTASALGKLQDVVNQNAQALN
TLVKQLSSNFGAISSVLNDILSRLDPPEAEVQIDRLITGRLQSLQTYVTQQLIRAAEIRASANLAATKMSECVLGQSKRV
DFCGKGYHLMSFPQSAPHGVVFLHVTYVPAQEKNFTTAPAICHDGKAHFPREGVFVSNGTHWFVTQRNFYEPQIITTDNT
FVSGNCDVVIGIVNNTVYDPLQPELDSFKEELDKYFKNHTSPDVDLGDISGINASVVNIQKEIDRLNEVAKNLNESLIDL
QELGKYEQYIKWPWYIWLGFIAGLIAIVMVTIMLCCMTSCCSCLKGCCSCGSCCKFDEDDSEPVLKGVKLHYT
;
B
2 'polypeptide(L)'
;MFVFLVLLPLVSSQCVNLTTRTQLPPAYTNSFTRGVYYPDKVFRSSVLHSTQDLFLPFFSNVTWFHAIHVSGTNGTKRFD
NPVLPFNDGVYFASTEKSNIIRGWIFGTTLDSKTQSLLIVNNATNVVIKVCEFQFCNDPFLGVYYHKNNKSWMESEFRVY
SSANNCTFEYVSQPFLMDLEGKQGNFKNLREFVFKNIDGYFKIYSKHTPINLVRDLPQGFSALEPLVDLPIGINITRFQT
LLALHRSYLTPGDSSSGWTAGAAAYYVGYLQPRTFLLKYNENGTITDAVDCALDPLSETKCTLKSFTVEKGIYQTSNFRV
QPTESIVRFPNITNLCPFGEVFNATRFASVYAWNRKRISNCVADYSVLYNSASFSTFKCYGVSPTKLNDLCFTNVYADSF
VIRGDEVRQIAPGQTGKIADYNYKLPDDFTGCVIAWNSNNLDSKVGGNYNYLYRLFRKSNLKPFERDISTEIYQAGSTPC
NGVEGFNCYFPLQSYGFQPTNGVGYQPYRVVVLSFELLHAPATVCGPKKSTNLVKNKCVNFNFNGLTGTGVLTESNKKFL
PFQQFGRDIADTTDAVRDPQTLEILDITPCSFGGVSVITPGTNTSNQVAVLYQGVNCTEVPVAIHADQLTPTWRVYSTGS
NVFQTRAGCLIGAEHVNNSYECDIPIGAGICASYQTQTNSPRRARSVASQSIIAYTMSLGAENSVAYSNNSIAIPTNFTI
SVTTEILPVSMTKTSVDCTMYICGDSTECSNLLLQYGSFCTQLNRALTGIAVEQDKNTQEVFAQVKQIYKTPPIKDFGGF
NFSQILPDPSKPSKRSFIEDLLFNKVTLADAGFIKQYGDCLGDIAARDLICAQKFNGLTVLPPLLTDEMIAQYTSALLAG
TITSGWTFGAGAALQIPFAMQMAYRFNGIGVTQNVLYENQKLIANQFNSAIGKIQDSLSSTASALGKLQDVVNQNAQALN
TLVKQLSSNFGAISSVLNDILSRLDKVEAEVQIDRLITGRLQSLQTYVTQQLIRAAEIRASANLAATKMSECVLGQSKRV
DFCGKGYHLMSFPQSAPHGVVFLHVTYVPAQEKNFTTAPAICHDGKAHFPREGVFVSNGTHWFVTQRNFYEPQIITTDNT
FVSGNCDVVIGIVNNTVYDPLQPELDSFKEELDKYFKNHTSPDVDLGDISGINASVVNIQKEIDRLNEVAKNLNESLIDL
QELGKYEQYIKWPWYIWLGFIAGLIAIVMVTIMLCCMTSCCSCLKGCCSCGSCCKFDEDDSEPVLKGVKLHYT
;
D,G
3 'polypeptide(L)'
;QVQLVESGGGVVQPGRSLRLSCAASGFTFSNYAIHWVRQAPGKGLEWVAVVSYDGSNKYYAESVKGRFTISRDNSKNTLS
LQMISLRPEDTAVYYCASVADTAMVPEWYFDLWGRGTLVTVSSASTKGPSVFPLAPSSKSTSGGTAALGCLVKDYFPEPV
TVSWNSGALTSGVHTFPAVLQSSGLYSLSSVVTVPSSSLGTQTYICNVNHKPSNTKVDKRVEPKSCD
;
A,C
4 'polypeptide(L)'
;QSVLTQPRSVSGSPGQSVTISCTGTSSDVGAYNYVSWYQQHPGKAPKLMIYDVSARPSGVPDRFSGSKSGNTASLTISGL
QAEDEADYYCCSYAGSWVFGGGTKLTVLSQPKAAPSVTLFPPSSEELQANKATLVCLISDFYPGAVTVAWKADSSPVKAG
VETTTPSKQSNNKYAASSYLSLTPEQWKSHRSYSCQVTHEGSTVEKTVAPTECS
;
E,F
#
loop_
_chem_comp.id
_chem_comp.type
_chem_comp.name
_chem_comp.formula
NAG D-saccharide, beta linking 2-acetamido-2-deoxy-beta-D-glucopyranose 'C8 H15 N O6'
#
# COMPACT_ATOMS: atom_id res chain seq x y z
N PRO A 26 -37.09 -10.17 -32.66
CA PRO A 26 -38.48 -10.31 -33.12
C PRO A 26 -39.27 -11.31 -32.28
N ALA A 27 -40.58 -11.06 -32.13
CA ALA A 27 -41.52 -11.90 -31.38
C ALA A 27 -41.07 -12.08 -29.93
N TYR A 28 -41.06 -10.95 -29.22
CA TYR A 28 -40.60 -10.91 -27.83
C TYR A 28 -41.58 -11.65 -26.93
N THR A 29 -41.21 -12.85 -26.49
CA THR A 29 -42.05 -13.64 -25.60
C THR A 29 -41.58 -13.43 -24.16
N ASN A 30 -42.52 -13.13 -23.27
CA ASN A 30 -42.17 -12.86 -21.88
C ASN A 30 -41.83 -14.15 -21.14
N SER A 31 -40.54 -14.47 -21.08
CA SER A 31 -40.08 -15.55 -20.22
C SER A 31 -40.17 -15.10 -18.77
N PHE A 32 -41.07 -15.72 -18.00
CA PHE A 32 -41.44 -15.15 -16.71
C PHE A 32 -40.42 -15.44 -15.62
N THR A 33 -40.30 -16.70 -15.22
CA THR A 33 -39.63 -17.04 -13.96
C THR A 33 -38.60 -18.15 -14.05
N ARG A 34 -38.69 -19.04 -15.03
CA ARG A 34 -37.91 -20.27 -15.02
C ARG A 34 -36.47 -19.99 -15.42
N GLY A 35 -35.56 -20.84 -14.95
CA GLY A 35 -34.16 -20.70 -15.28
C GLY A 35 -33.22 -20.59 -14.09
N VAL A 36 -33.58 -21.15 -12.96
CA VAL A 36 -32.71 -21.14 -11.79
C VAL A 36 -32.06 -22.51 -11.66
N TYR A 37 -30.85 -22.53 -11.12
CA TYR A 37 -30.01 -23.72 -11.17
C TYR A 37 -29.13 -23.79 -9.92
N TYR A 38 -28.70 -25.01 -9.60
CA TYR A 38 -27.83 -25.23 -8.47
C TYR A 38 -26.40 -24.79 -8.81
N PRO A 39 -25.70 -24.12 -7.89
CA PRO A 39 -24.30 -23.77 -8.16
C PRO A 39 -23.35 -24.95 -8.07
N ASP A 40 -23.73 -25.67 -7.15
CA ASP A 40 -22.81 -26.77 -6.86
C ASP A 40 -22.58 -27.74 -5.70
N LYS A 41 -22.20 -27.39 -4.59
CA LYS A 41 -22.05 -28.37 -3.66
C LYS A 41 -22.72 -27.82 -2.70
N VAL A 42 -23.46 -28.48 -1.91
CA VAL A 42 -24.03 -27.79 -0.77
C VAL A 42 -25.29 -28.09 -0.19
N PHE A 43 -25.27 -29.24 0.18
CA PHE A 43 -26.63 -29.45 0.66
C PHE A 43 -26.84 -28.61 1.91
N ARG A 44 -27.98 -27.92 1.94
CA ARG A 44 -28.45 -27.28 3.16
C ARG A 44 -29.93 -27.58 3.29
N SER A 45 -30.58 -27.08 4.35
CA SER A 45 -32.00 -27.28 4.53
C SER A 45 -32.52 -26.19 5.45
N SER A 46 -33.73 -25.71 5.14
CA SER A 46 -34.42 -24.65 5.90
C SER A 46 -33.58 -23.39 6.03
N VAL A 47 -32.84 -23.06 4.98
CA VAL A 47 -31.91 -21.93 4.99
C VAL A 47 -32.44 -20.87 4.04
N LEU A 48 -32.16 -19.61 4.38
CA LEU A 48 -32.41 -18.47 3.50
C LEU A 48 -31.01 -17.96 3.12
N HIS A 49 -30.52 -18.41 1.98
CA HIS A 49 -29.13 -18.22 1.61
C HIS A 49 -29.01 -17.52 0.26
N SER A 50 -27.96 -16.72 0.11
CA SER A 50 -27.74 -15.91 -1.07
C SER A 50 -26.44 -16.31 -1.74
N THR A 51 -26.47 -16.40 -3.07
CA THR A 51 -25.31 -16.75 -3.87
C THR A 51 -25.09 -15.67 -4.91
N GLN A 52 -24.05 -15.85 -5.72
CA GLN A 52 -23.68 -14.88 -6.73
C GLN A 52 -22.98 -15.62 -7.87
N ASP A 53 -23.71 -15.88 -8.94
CA ASP A 53 -23.15 -16.53 -10.11
C ASP A 53 -23.66 -15.80 -11.35
N LEU A 54 -23.49 -16.44 -12.51
CA LEU A 54 -23.96 -15.87 -13.76
C LEU A 54 -25.40 -16.29 -13.99
N PHE A 55 -26.30 -15.33 -14.14
CA PHE A 55 -27.73 -15.55 -13.95
C PHE A 55 -28.55 -15.05 -15.12
N LEU A 56 -29.71 -15.67 -15.28
CA LEU A 56 -30.73 -15.35 -16.26
C LEU A 56 -31.79 -14.45 -15.63
N PRO A 57 -32.12 -13.35 -16.32
CA PRO A 57 -33.04 -12.37 -15.73
C PRO A 57 -34.45 -12.88 -15.59
N PHE A 58 -35.10 -12.45 -14.52
CA PHE A 58 -36.54 -12.63 -14.38
C PHE A 58 -37.26 -11.68 -15.32
N PHE A 59 -38.42 -12.15 -15.83
CA PHE A 59 -39.33 -11.38 -16.69
C PHE A 59 -38.64 -10.92 -17.98
N SER A 60 -37.65 -11.68 -18.44
CA SER A 60 -36.93 -11.28 -19.63
C SER A 60 -37.67 -11.71 -20.88
N ASN A 61 -37.23 -11.18 -22.01
CA ASN A 61 -37.80 -11.53 -23.30
C ASN A 61 -36.94 -12.57 -24.01
N VAL A 62 -37.60 -13.56 -24.59
CA VAL A 62 -36.96 -14.53 -25.47
C VAL A 62 -37.66 -14.48 -26.83
N THR A 63 -36.87 -14.42 -27.90
CA THR A 63 -37.39 -14.45 -29.26
C THR A 63 -37.94 -15.84 -29.53
N TRP A 64 -39.21 -15.92 -29.92
CA TRP A 64 -39.83 -17.21 -30.16
C TRP A 64 -39.36 -17.79 -31.49
N PHE A 65 -39.11 -19.08 -31.49
CA PHE A 65 -38.59 -19.80 -32.63
C PHE A 65 -39.56 -20.91 -32.99
N HIS A 66 -39.60 -21.25 -34.28
CA HIS A 66 -40.47 -22.32 -34.77
C HIS A 66 -39.95 -22.89 -36.08
N PHE A 79 -38.70 -26.42 -39.91
CA PHE A 79 -39.32 -25.34 -40.67
C PHE A 79 -38.42 -24.11 -40.65
N ASP A 80 -38.31 -23.48 -39.48
CA ASP A 80 -37.44 -22.33 -39.31
C ASP A 80 -36.51 -22.58 -38.14
N ASN A 81 -35.21 -22.52 -38.40
CA ASN A 81 -34.20 -22.70 -37.35
C ASN A 81 -32.95 -21.93 -37.75
N PRO A 82 -32.90 -20.63 -37.49
CA PRO A 82 -31.70 -19.85 -37.83
C PRO A 82 -30.57 -20.05 -36.83
N VAL A 83 -29.49 -19.30 -36.98
CA VAL A 83 -28.30 -19.56 -36.18
C VAL A 83 -28.28 -18.66 -34.95
N LEU A 84 -27.65 -19.15 -33.89
CA LEU A 84 -27.64 -18.48 -32.60
C LEU A 84 -26.24 -18.44 -32.03
N PRO A 85 -25.88 -17.35 -31.36
CA PRO A 85 -24.64 -17.32 -30.58
C PRO A 85 -24.86 -17.74 -29.13
N PHE A 86 -23.75 -17.97 -28.44
CA PHE A 86 -23.78 -18.48 -27.07
C PHE A 86 -23.94 -17.36 -26.05
N ASN A 87 -23.04 -16.37 -26.09
CA ASN A 87 -23.08 -15.16 -25.27
C ASN A 87 -23.04 -15.46 -23.77
N ASP A 88 -22.20 -16.44 -23.40
CA ASP A 88 -21.94 -16.84 -22.02
C ASP A 88 -23.23 -17.28 -21.31
N GLY A 89 -23.77 -18.39 -21.77
CA GLY A 89 -24.90 -18.99 -21.08
C GLY A 89 -26.15 -19.04 -21.95
N VAL A 90 -26.74 -20.23 -22.06
CA VAL A 90 -27.92 -20.44 -22.88
C VAL A 90 -28.91 -21.29 -22.10
N TYR A 91 -30.13 -20.78 -21.96
CA TYR A 91 -31.25 -21.52 -21.39
C TYR A 91 -32.06 -22.09 -22.55
N PHE A 92 -31.78 -23.34 -22.90
CA PHE A 92 -32.56 -24.01 -23.94
C PHE A 92 -33.82 -24.56 -23.34
N ALA A 93 -34.94 -24.36 -24.03
CA ALA A 93 -36.21 -24.92 -23.59
C ALA A 93 -37.04 -25.23 -24.82
N SER A 94 -36.95 -26.46 -25.31
CA SER A 94 -37.83 -26.90 -26.38
C SER A 94 -39.23 -27.09 -25.82
N THR A 95 -40.21 -27.04 -26.71
CA THR A 95 -41.60 -27.07 -26.28
C THR A 95 -42.04 -28.49 -25.93
N GLU A 96 -43.15 -28.57 -25.22
CA GLU A 96 -43.88 -29.81 -25.07
C GLU A 96 -44.62 -30.12 -26.37
N LYS A 97 -45.09 -31.36 -26.48
CA LYS A 97 -45.65 -31.95 -27.70
C LYS A 97 -44.68 -31.81 -28.87
N SER A 98 -43.42 -32.14 -28.58
CA SER A 98 -42.36 -32.04 -29.57
C SER A 98 -41.54 -33.32 -29.55
N ASN A 99 -41.20 -33.82 -30.74
CA ASN A 99 -40.38 -35.01 -30.88
C ASN A 99 -39.31 -34.80 -31.94
N ILE A 100 -39.00 -33.54 -32.24
CA ILE A 100 -38.23 -33.17 -33.42
C ILE A 100 -36.76 -32.96 -33.09
N ILE A 101 -36.47 -32.21 -32.03
CA ILE A 101 -35.10 -31.87 -31.68
C ILE A 101 -34.43 -33.11 -31.09
N ARG A 102 -33.35 -33.56 -31.72
CA ARG A 102 -32.71 -34.81 -31.32
C ARG A 102 -31.22 -34.68 -31.05
N GLY A 103 -30.67 -33.47 -31.04
CA GLY A 103 -29.26 -33.31 -30.73
C GLY A 103 -28.85 -31.86 -30.84
N TRP A 104 -27.54 -31.64 -30.74
CA TRP A 104 -26.98 -30.30 -30.80
C TRP A 104 -25.60 -30.34 -31.45
N ILE A 105 -25.23 -29.25 -32.12
CA ILE A 105 -23.88 -29.01 -32.60
C ILE A 105 -23.36 -27.76 -31.91
N PHE A 106 -22.24 -27.90 -31.23
CA PHE A 106 -21.64 -26.81 -30.48
C PHE A 106 -20.29 -26.47 -31.09
N GLY A 107 -19.80 -25.27 -30.81
CA GLY A 107 -18.48 -24.88 -31.27
C GLY A 107 -18.28 -23.38 -31.18
N THR A 108 -17.22 -22.93 -31.85
CA THR A 108 -16.90 -21.52 -31.97
C THR A 108 -16.98 -21.03 -33.41
N THR A 109 -16.26 -21.70 -34.31
CA THR A 109 -16.22 -21.35 -35.72
C THR A 109 -17.09 -22.26 -36.58
N LEU A 110 -17.40 -23.47 -36.08
CA LEU A 110 -18.10 -24.52 -36.82
C LEU A 110 -17.38 -24.84 -38.12
N ASP A 111 -16.07 -25.04 -38.01
CA ASP A 111 -15.20 -25.35 -39.12
C ASP A 111 -14.41 -26.59 -38.73
N SER A 112 -13.45 -26.98 -39.55
CA SER A 112 -12.58 -28.09 -39.21
C SER A 112 -11.28 -27.64 -38.56
N LYS A 113 -11.30 -26.52 -37.84
CA LYS A 113 -10.14 -25.99 -37.14
C LYS A 113 -10.32 -25.94 -35.63
N THR A 114 -11.45 -25.47 -35.14
CA THR A 114 -11.66 -25.31 -33.71
C THR A 114 -12.55 -26.43 -33.20
N GLN A 115 -12.18 -26.99 -32.04
CA GLN A 115 -12.75 -28.23 -31.53
C GLN A 115 -14.23 -28.07 -31.23
N SER A 116 -15.01 -29.04 -31.69
CA SER A 116 -16.46 -28.92 -31.71
C SER A 116 -17.05 -30.01 -30.82
N LEU A 117 -18.36 -29.91 -30.59
CA LEU A 117 -19.03 -30.71 -29.59
C LEU A 117 -20.40 -31.10 -30.14
N LEU A 118 -20.80 -32.33 -29.85
CA LEU A 118 -22.02 -32.87 -30.44
C LEU A 118 -22.57 -33.99 -29.58
N ILE A 119 -23.89 -34.01 -29.42
CA ILE A 119 -24.62 -35.01 -28.65
C ILE A 119 -25.74 -35.54 -29.54
N VAL A 120 -25.94 -36.86 -29.55
CA VAL A 120 -27.01 -37.51 -30.30
C VAL A 120 -27.65 -38.59 -29.44
N ASN A 121 -28.96 -38.51 -29.30
CA ASN A 121 -29.76 -39.56 -28.66
C ASN A 121 -30.29 -40.50 -29.75
N ASN A 122 -29.92 -41.78 -29.69
CA ASN A 122 -30.45 -42.80 -30.59
C ASN A 122 -31.58 -43.61 -29.96
N ALA A 123 -32.40 -42.96 -29.12
CA ALA A 123 -33.59 -43.47 -28.44
C ALA A 123 -33.30 -44.59 -27.43
N THR A 124 -32.04 -44.94 -27.21
CA THR A 124 -31.68 -45.84 -26.13
C THR A 124 -30.37 -45.47 -25.44
N ASN A 125 -29.64 -44.48 -25.95
CA ASN A 125 -28.35 -44.03 -25.39
C ASN A 125 -28.21 -42.56 -25.76
N VAL A 126 -27.15 -41.92 -25.27
CA VAL A 126 -26.73 -40.62 -25.78
C VAL A 126 -25.29 -40.75 -26.25
N VAL A 127 -25.01 -40.13 -27.38
CA VAL A 127 -23.73 -40.29 -28.06
C VAL A 127 -23.06 -38.93 -28.09
N ILE A 128 -22.14 -38.70 -27.15
CA ILE A 128 -21.46 -37.42 -27.01
C ILE A 128 -20.18 -37.47 -27.82
N LYS A 129 -20.03 -36.52 -28.73
CA LYS A 129 -18.88 -36.41 -29.61
C LYS A 129 -18.20 -35.07 -29.38
N VAL A 130 -16.93 -35.10 -29.01
CA VAL A 130 -16.15 -33.88 -28.84
C VAL A 130 -15.18 -33.88 -30.03
N CYS A 131 -15.64 -34.41 -31.16
CA CYS A 131 -14.82 -34.58 -32.34
C CYS A 131 -14.72 -33.26 -33.12
N GLU A 132 -14.10 -33.31 -34.30
CA GLU A 132 -14.01 -32.16 -35.20
C GLU A 132 -14.96 -32.41 -36.35
N PHE A 133 -15.72 -31.38 -36.74
CA PHE A 133 -16.82 -31.56 -37.67
C PHE A 133 -16.74 -30.52 -38.79
N GLN A 134 -17.78 -30.50 -39.63
CA GLN A 134 -17.87 -29.56 -40.75
C GLN A 134 -19.22 -28.87 -40.77
N PHE A 135 -19.53 -28.16 -41.84
CA PHE A 135 -20.74 -27.37 -41.94
C PHE A 135 -21.85 -28.16 -42.64
N CYS A 136 -23.05 -28.07 -42.07
CA CYS A 136 -24.28 -28.53 -42.72
C CYS A 136 -25.34 -27.48 -42.42
N ASN A 137 -26.02 -26.99 -43.46
CA ASN A 137 -26.94 -25.87 -43.28
C ASN A 137 -28.20 -26.27 -42.53
N ASP A 138 -28.81 -27.39 -42.89
CA ASP A 138 -29.98 -27.90 -42.18
C ASP A 138 -29.94 -29.43 -42.16
N PRO A 139 -29.09 -30.01 -41.32
CA PRO A 139 -29.15 -31.47 -41.14
C PRO A 139 -30.34 -31.84 -40.27
N PHE A 140 -30.77 -33.09 -40.38
CA PHE A 140 -31.99 -33.55 -39.72
C PHE A 140 -31.89 -35.06 -39.54
N LEU A 141 -33.02 -35.67 -39.18
CA LEU A 141 -33.14 -37.13 -39.15
C LEU A 141 -34.38 -37.58 -39.93
N MET A 153 -39.17 -47.86 -40.81
CA MET A 153 -38.31 -47.43 -41.91
C MET A 153 -37.89 -45.96 -41.77
N GLU A 154 -38.04 -45.43 -40.56
CA GLU A 154 -37.80 -44.01 -40.33
C GLU A 154 -36.30 -43.72 -40.38
N SER A 155 -35.93 -42.71 -41.18
CA SER A 155 -34.56 -42.50 -41.62
C SER A 155 -33.74 -41.74 -40.59
N GLU A 156 -32.42 -41.92 -40.67
CA GLU A 156 -31.46 -41.27 -39.80
C GLU A 156 -30.17 -41.06 -40.59
N PHE A 157 -29.11 -40.64 -39.89
CA PHE A 157 -27.70 -40.60 -40.30
C PHE A 157 -27.40 -39.61 -41.42
N ARG A 158 -28.36 -38.78 -41.81
CA ARG A 158 -28.08 -37.67 -42.73
C ARG A 158 -27.30 -36.56 -42.05
N VAL A 159 -27.33 -36.51 -40.73
CA VAL A 159 -26.93 -35.34 -39.96
C VAL A 159 -25.41 -35.11 -39.96
N TYR A 160 -24.62 -36.18 -40.04
CA TYR A 160 -23.18 -36.08 -39.77
C TYR A 160 -22.43 -35.39 -40.91
N SER A 161 -21.53 -34.48 -40.55
CA SER A 161 -20.72 -33.75 -41.51
C SER A 161 -19.41 -34.47 -41.81
N SER A 162 -18.58 -34.66 -40.77
CA SER A 162 -17.32 -35.38 -40.89
C SER A 162 -16.91 -35.87 -39.51
N ALA A 163 -16.33 -37.07 -39.47
CA ALA A 163 -15.92 -37.70 -38.21
C ALA A 163 -14.42 -37.76 -38.04
N ASN A 164 -13.69 -36.75 -38.49
CA ASN A 164 -12.25 -36.71 -38.32
C ASN A 164 -11.87 -35.96 -37.04
N ASN A 165 -10.72 -36.32 -36.48
CA ASN A 165 -10.01 -35.61 -35.41
C ASN A 165 -10.87 -35.51 -34.13
N CYS A 166 -11.11 -36.67 -33.56
CA CYS A 166 -11.86 -36.77 -32.31
C CYS A 166 -10.96 -36.51 -31.10
N THR A 167 -11.50 -35.80 -30.12
CA THR A 167 -10.79 -35.49 -28.88
C THR A 167 -11.36 -36.21 -27.66
N PHE A 168 -12.67 -36.37 -27.56
CA PHE A 168 -13.28 -37.01 -26.40
C PHE A 168 -14.64 -37.55 -26.81
N GLU A 169 -15.07 -38.60 -26.11
CA GLU A 169 -16.40 -39.18 -26.33
C GLU A 169 -17.02 -39.49 -24.98
N TYR A 170 -18.35 -39.59 -24.97
CA TYR A 170 -19.03 -39.97 -23.74
C TYR A 170 -20.35 -40.65 -24.11
N VAL A 171 -20.72 -41.65 -23.33
CA VAL A 171 -21.94 -42.41 -23.51
C VAL A 171 -22.67 -42.45 -22.18
N SER A 172 -23.97 -42.18 -22.19
CA SER A 172 -24.78 -42.30 -20.99
C SER A 172 -26.19 -42.72 -21.37
N GLN A 173 -27.08 -42.62 -20.39
CA GLN A 173 -28.48 -42.94 -20.60
C GLN A 173 -29.16 -41.80 -21.36
N PRO A 174 -30.23 -42.10 -22.11
CA PRO A 174 -31.04 -41.04 -22.69
C PRO A 174 -31.76 -40.24 -21.62
N PHE A 175 -32.12 -39.00 -21.98
CA PHE A 175 -32.63 -38.08 -20.98
C PHE A 175 -34.09 -38.41 -20.62
N LEU A 176 -34.99 -38.41 -21.61
CA LEU A 176 -36.40 -38.71 -21.46
C LEU A 176 -37.02 -38.76 -22.85
N MET A 177 -38.00 -39.63 -23.04
CA MET A 177 -38.72 -39.69 -24.31
C MET A 177 -39.78 -38.59 -24.36
N PHE A 186 -49.10 -30.89 -23.84
CA PHE A 186 -49.09 -31.74 -22.65
C PHE A 186 -47.99 -32.79 -22.74
N LYS A 187 -46.79 -32.40 -22.33
CA LYS A 187 -45.64 -33.28 -22.31
C LYS A 187 -44.67 -32.72 -21.29
N ASN A 188 -43.82 -33.58 -20.76
CA ASN A 188 -42.70 -33.19 -19.92
C ASN A 188 -41.81 -32.18 -20.65
N LEU A 189 -41.79 -30.95 -20.14
CA LEU A 189 -41.22 -29.82 -20.85
C LEU A 189 -39.70 -29.91 -20.83
N ARG A 190 -39.09 -30.03 -22.01
CA ARG A 190 -37.65 -30.14 -22.10
C ARG A 190 -37.01 -28.78 -21.83
N GLU A 191 -36.07 -28.75 -20.88
CA GLU A 191 -35.36 -27.54 -20.49
C GLU A 191 -33.88 -27.86 -20.36
N PHE A 192 -33.02 -26.97 -20.86
CA PHE A 192 -31.59 -27.21 -20.79
C PHE A 192 -30.84 -25.92 -20.56
N VAL A 193 -29.76 -26.01 -19.79
CA VAL A 193 -28.93 -24.86 -19.44
C VAL A 193 -27.50 -25.19 -19.83
N PHE A 194 -26.87 -24.29 -20.59
CA PHE A 194 -25.59 -24.53 -21.22
C PHE A 194 -24.61 -23.43 -20.81
N LYS A 195 -23.50 -23.83 -20.20
CA LYS A 195 -22.46 -22.88 -19.81
C LYS A 195 -21.13 -23.61 -19.71
N ASN A 196 -20.06 -22.89 -20.02
CA ASN A 196 -18.71 -23.41 -19.83
C ASN A 196 -17.86 -22.36 -19.16
N ILE A 197 -17.33 -22.69 -17.98
CA ILE A 197 -16.41 -21.84 -17.23
C ILE A 197 -15.14 -22.64 -17.02
N ASP A 198 -14.14 -22.39 -17.87
CA ASP A 198 -12.79 -22.95 -17.77
C ASP A 198 -12.80 -24.49 -17.80
N GLY A 199 -13.63 -25.05 -18.67
CA GLY A 199 -13.62 -26.47 -18.90
C GLY A 199 -14.86 -27.23 -18.49
N TYR A 200 -15.39 -26.95 -17.30
CA TYR A 200 -16.53 -27.68 -16.77
C TYR A 200 -17.80 -27.29 -17.52
N PHE A 201 -18.28 -28.17 -18.39
CA PHE A 201 -19.57 -28.01 -19.03
C PHE A 201 -20.59 -28.85 -18.28
N LYS A 202 -21.81 -28.33 -18.15
CA LYS A 202 -22.80 -28.93 -17.28
C LYS A 202 -24.13 -29.16 -17.99
N ILE A 203 -24.95 -30.04 -17.41
CA ILE A 203 -26.22 -30.46 -17.97
C ILE A 203 -27.32 -30.19 -16.95
N TYR A 204 -28.44 -29.65 -17.41
CA TYR A 204 -29.55 -29.31 -16.53
C TYR A 204 -30.87 -29.63 -17.21
N SER A 205 -31.80 -30.24 -16.47
CA SER A 205 -33.14 -30.50 -17.00
C SER A 205 -34.11 -30.68 -15.84
N LYS A 206 -35.31 -30.15 -16.02
CA LYS A 206 -36.43 -30.47 -15.13
C LYS A 206 -37.66 -30.54 -16.04
N HIS A 207 -38.21 -31.75 -16.18
CA HIS A 207 -39.22 -32.00 -17.19
C HIS A 207 -40.58 -32.18 -16.52
N THR A 208 -41.54 -31.34 -16.92
CA THR A 208 -42.79 -31.19 -16.19
C THR A 208 -43.95 -31.03 -17.15
N PRO A 209 -45.06 -31.74 -16.93
CA PRO A 209 -46.22 -31.60 -17.82
C PRO A 209 -47.13 -30.45 -17.43
N ILE A 210 -47.58 -29.72 -18.45
CA ILE A 210 -48.57 -28.66 -18.29
C ILE A 210 -49.39 -28.53 -19.57
N ASN A 211 -50.38 -27.64 -19.56
CA ASN A 211 -51.03 -27.19 -20.78
C ASN A 211 -50.24 -26.02 -21.37
N LEU A 212 -50.84 -25.29 -22.31
CA LEU A 212 -50.28 -24.07 -22.92
C LEU A 212 -48.95 -24.36 -23.60
N VAL A 213 -49.07 -25.07 -24.73
CA VAL A 213 -47.93 -25.69 -25.40
C VAL A 213 -46.88 -24.65 -25.85
N ARG A 214 -47.33 -23.55 -26.45
CA ARG A 214 -46.38 -22.56 -26.98
C ARG A 214 -45.83 -21.68 -25.86
N ASP A 215 -46.72 -20.95 -25.18
CA ASP A 215 -46.31 -19.99 -24.17
C ASP A 215 -45.85 -20.71 -22.90
N LEU A 216 -44.85 -20.13 -22.25
CA LEU A 216 -44.34 -20.78 -21.05
C LEU A 216 -45.29 -20.57 -19.88
N PRO A 217 -45.67 -21.64 -19.18
CA PRO A 217 -46.47 -21.48 -17.97
C PRO A 217 -45.60 -20.97 -16.83
N GLN A 218 -46.26 -20.33 -15.87
CA GLN A 218 -45.56 -19.89 -14.67
C GLN A 218 -45.35 -21.08 -13.75
N GLY A 219 -44.84 -20.82 -12.56
CA GLY A 219 -44.47 -21.89 -11.65
C GLY A 219 -43.04 -21.75 -11.20
N PHE A 220 -42.37 -22.88 -10.99
CA PHE A 220 -41.01 -22.84 -10.48
C PHE A 220 -40.28 -24.07 -11.00
N SER A 221 -39.01 -23.92 -11.34
CA SER A 221 -38.23 -25.01 -11.90
C SER A 221 -36.76 -24.81 -11.55
N ALA A 222 -36.30 -25.48 -10.51
CA ALA A 222 -34.86 -25.54 -10.30
C ALA A 222 -34.24 -26.44 -11.37
N LEU A 223 -33.02 -26.11 -11.77
CA LEU A 223 -32.31 -26.89 -12.76
C LEU A 223 -31.23 -27.69 -12.11
N GLU A 224 -31.27 -29.01 -12.33
CA GLU A 224 -30.52 -29.96 -11.54
C GLU A 224 -29.30 -30.44 -12.34
N PRO A 225 -28.13 -30.52 -11.72
CA PRO A 225 -26.93 -30.95 -12.45
C PRO A 225 -27.00 -32.42 -12.80
N LEU A 226 -26.74 -32.73 -14.07
CA LEU A 226 -26.82 -34.11 -14.54
C LEU A 226 -25.46 -34.65 -14.95
N VAL A 227 -24.78 -34.01 -15.89
CA VAL A 227 -23.45 -34.43 -16.31
C VAL A 227 -22.53 -33.22 -16.32
N ASP A 228 -21.56 -33.21 -15.42
CA ASP A 228 -20.51 -32.21 -15.42
C ASP A 228 -19.41 -32.73 -16.32
N LEU A 229 -18.99 -31.92 -17.28
CA LEU A 229 -18.11 -32.39 -18.34
C LEU A 229 -16.91 -31.48 -18.51
N PRO A 230 -15.74 -31.85 -17.97
CA PRO A 230 -14.54 -31.02 -18.12
C PRO A 230 -13.87 -31.13 -19.49
N ILE A 231 -14.33 -30.36 -20.47
CA ILE A 231 -13.71 -30.42 -21.79
C ILE A 231 -12.59 -29.41 -21.92
N GLY A 232 -12.91 -28.12 -21.83
CA GLY A 232 -11.90 -27.10 -22.01
C GLY A 232 -11.75 -26.62 -23.43
N ILE A 233 -12.84 -26.15 -24.04
CA ILE A 233 -12.82 -25.53 -25.34
C ILE A 233 -13.58 -24.20 -25.26
N ASN A 234 -13.64 -23.51 -26.40
CA ASN A 234 -14.43 -22.29 -26.52
C ASN A 234 -15.77 -22.60 -27.17
N ILE A 235 -16.78 -21.83 -26.79
CA ILE A 235 -18.11 -21.87 -27.40
C ILE A 235 -18.58 -20.45 -27.64
N THR A 236 -18.77 -20.07 -28.90
CA THR A 236 -19.34 -18.77 -29.24
C THR A 236 -20.65 -18.84 -29.99
N ARG A 237 -20.83 -19.81 -30.87
CA ARG A 237 -22.06 -19.93 -31.65
C ARG A 237 -22.30 -21.39 -31.96
N PHE A 238 -23.56 -21.75 -32.12
CA PHE A 238 -23.92 -23.16 -32.11
C PHE A 238 -25.20 -23.33 -32.93
N GLN A 239 -25.66 -24.58 -33.04
CA GLN A 239 -26.93 -24.87 -33.69
C GLN A 239 -27.44 -26.19 -33.14
N THR A 240 -28.74 -26.24 -32.83
CA THR A 240 -29.37 -27.47 -32.41
C THR A 240 -29.61 -28.38 -33.61
N LEU A 241 -30.15 -29.55 -33.34
CA LEU A 241 -30.51 -30.49 -34.40
C LEU A 241 -32.01 -30.66 -34.45
N LEU A 242 -32.49 -31.08 -35.62
CA LEU A 242 -33.90 -31.25 -35.90
C LEU A 242 -34.10 -32.63 -36.51
N ALA A 243 -35.32 -32.90 -36.98
CA ALA A 243 -35.63 -34.16 -37.63
C ALA A 243 -36.79 -33.92 -38.59
N LEU A 244 -36.49 -33.80 -39.87
CA LEU A 244 -37.51 -33.60 -40.91
C LEU A 244 -38.05 -34.97 -41.30
N HIS A 245 -39.27 -35.27 -40.86
CA HIS A 245 -39.97 -36.47 -41.25
C HIS A 245 -41.21 -36.08 -42.05
N ARG A 246 -41.16 -36.31 -43.36
CA ARG A 246 -42.26 -35.98 -44.25
C ARG A 246 -43.42 -36.96 -44.09
N GLY A 261 -43.81 -28.84 -39.45
CA GLY A 261 -42.47 -29.07 -38.92
C GLY A 261 -41.92 -27.87 -38.18
N ALA A 262 -42.81 -27.06 -37.62
CA ALA A 262 -42.44 -25.85 -36.89
C ALA A 262 -42.51 -26.17 -35.41
N ALA A 263 -41.39 -26.61 -34.85
CA ALA A 263 -41.28 -26.95 -33.44
C ALA A 263 -40.66 -25.78 -32.67
N ALA A 264 -41.15 -25.57 -31.45
CA ALA A 264 -40.83 -24.38 -30.68
C ALA A 264 -39.72 -24.65 -29.67
N TYR A 265 -38.84 -23.67 -29.54
CA TYR A 265 -37.77 -23.72 -28.55
C TYR A 265 -37.34 -22.30 -28.25
N TYR A 266 -36.61 -22.16 -27.14
CA TYR A 266 -36.30 -20.85 -26.57
C TYR A 266 -34.85 -20.81 -26.15
N VAL A 267 -34.27 -19.61 -26.21
CA VAL A 267 -32.87 -19.40 -25.87
C VAL A 267 -32.79 -18.33 -24.79
N GLY A 268 -32.11 -18.63 -23.68
CA GLY A 268 -31.87 -17.69 -22.62
C GLY A 268 -30.42 -17.24 -22.58
N TYR A 269 -30.14 -16.35 -21.63
CA TYR A 269 -28.82 -15.75 -21.49
C TYR A 269 -28.49 -15.55 -20.02
N LEU A 270 -27.22 -15.76 -19.67
CA LEU A 270 -26.75 -15.60 -18.31
C LEU A 270 -25.83 -14.39 -18.22
N GLN A 271 -25.92 -13.66 -17.11
CA GLN A 271 -24.98 -12.60 -16.79
C GLN A 271 -24.99 -12.41 -15.28
N PRO A 272 -23.88 -11.88 -14.69
CA PRO A 272 -23.79 -11.84 -13.23
C PRO A 272 -24.75 -10.90 -12.53
N ARG A 273 -26.00 -11.34 -12.40
CA ARG A 273 -26.98 -10.66 -11.57
C ARG A 273 -26.89 -11.30 -10.17
N THR A 274 -27.83 -11.00 -9.27
CA THR A 274 -27.79 -11.51 -7.90
C THR A 274 -29.11 -12.16 -7.54
N PHE A 275 -29.07 -13.45 -7.22
CA PHE A 275 -30.26 -14.17 -6.80
C PHE A 275 -30.39 -14.17 -5.28
N LEU A 276 -31.40 -14.89 -4.80
CA LEU A 276 -31.63 -15.15 -3.39
C LEU A 276 -32.39 -16.45 -3.28
N LEU A 277 -31.79 -17.44 -2.61
CA LEU A 277 -32.29 -18.80 -2.67
C LEU A 277 -32.93 -19.22 -1.35
N LYS A 278 -33.95 -20.06 -1.46
CA LYS A 278 -34.60 -20.67 -0.31
C LYS A 278 -34.63 -22.18 -0.50
N TYR A 279 -34.10 -22.90 0.48
CA TYR A 279 -34.19 -24.35 0.48
C TYR A 279 -35.32 -24.75 1.43
N ASN A 280 -35.97 -25.86 1.13
CA ASN A 280 -37.06 -26.35 1.96
C ASN A 280 -36.50 -27.27 3.06
N GLU A 281 -37.41 -27.90 3.81
CA GLU A 281 -37.02 -28.89 4.81
C GLU A 281 -36.37 -30.12 4.19
N ASN A 282 -36.78 -30.51 2.98
CA ASN A 282 -36.08 -31.52 2.21
C ASN A 282 -34.78 -31.00 1.60
N GLY A 283 -34.53 -29.71 1.65
CA GLY A 283 -33.33 -29.14 1.08
C GLY A 283 -33.37 -29.13 -0.44
N THR A 284 -34.40 -28.49 -0.97
CA THR A 284 -34.61 -28.36 -2.40
C THR A 284 -35.09 -26.94 -2.62
N ILE A 285 -34.68 -26.32 -3.73
CA ILE A 285 -35.11 -24.95 -3.99
C ILE A 285 -36.60 -24.95 -4.32
N THR A 286 -37.37 -24.14 -3.59
CA THR A 286 -38.78 -23.97 -3.87
C THR A 286 -39.15 -22.56 -4.27
N ASP A 287 -38.39 -21.56 -3.83
CA ASP A 287 -38.69 -20.17 -4.13
C ASP A 287 -37.37 -19.45 -4.28
N ALA A 288 -37.38 -18.39 -5.11
CA ALA A 288 -36.18 -17.61 -5.33
C ALA A 288 -36.57 -16.24 -5.85
N VAL A 289 -35.75 -15.25 -5.53
CA VAL A 289 -35.90 -13.89 -6.03
C VAL A 289 -34.55 -13.33 -6.44
N ASP A 290 -34.58 -12.26 -7.22
CA ASP A 290 -33.40 -11.58 -7.69
C ASP A 290 -33.38 -10.15 -7.16
N CYS A 291 -32.39 -9.37 -7.62
CA CYS A 291 -32.19 -8.03 -7.09
C CYS A 291 -32.76 -6.92 -7.96
N ALA A 292 -32.42 -6.88 -9.25
CA ALA A 292 -32.70 -5.73 -10.10
C ALA A 292 -34.15 -5.65 -10.58
N LEU A 293 -35.06 -6.41 -9.96
CA LEU A 293 -36.43 -6.47 -10.45
C LEU A 293 -37.24 -5.30 -9.94
N ASP A 294 -37.14 -5.00 -8.66
CA ASP A 294 -38.06 -4.09 -8.01
C ASP A 294 -37.45 -3.61 -6.70
N PRO A 295 -37.92 -2.50 -6.17
CA PRO A 295 -37.56 -2.13 -4.80
C PRO A 295 -38.08 -3.08 -3.74
N LEU A 296 -39.08 -3.90 -4.04
CA LEU A 296 -39.55 -4.90 -3.09
C LEU A 296 -38.45 -5.90 -2.75
N SER A 297 -37.98 -6.64 -3.74
CA SER A 297 -36.98 -7.64 -3.45
C SER A 297 -35.58 -7.07 -3.41
N GLU A 298 -35.41 -5.77 -3.69
CA GLU A 298 -34.12 -5.14 -3.44
C GLU A 298 -33.84 -5.07 -1.95
N THR A 299 -34.89 -4.91 -1.15
CA THR A 299 -34.77 -5.06 0.29
C THR A 299 -34.38 -6.48 0.66
N LYS A 300 -34.89 -7.46 -0.08
CA LYS A 300 -34.54 -8.86 0.16
C LYS A 300 -33.09 -9.17 -0.19
N CYS A 301 -32.43 -8.29 -0.96
CA CYS A 301 -31.04 -8.49 -1.31
C CYS A 301 -30.10 -8.34 -0.11
N THR A 302 -30.55 -7.76 1.00
CA THR A 302 -29.68 -7.65 2.14
C THR A 302 -30.33 -7.94 3.48
N LEU A 303 -31.65 -7.99 3.57
CA LEU A 303 -32.32 -8.33 4.82
C LEU A 303 -32.47 -9.83 5.00
N LYS A 304 -32.08 -10.62 4.01
CA LYS A 304 -31.95 -12.08 4.09
C LYS A 304 -33.27 -12.78 4.38
N SER A 305 -34.39 -12.17 4.04
CA SER A 305 -35.69 -12.76 4.30
C SER A 305 -36.61 -12.45 3.14
N PHE A 306 -37.89 -12.78 3.30
CA PHE A 306 -38.90 -12.43 2.32
C PHE A 306 -39.87 -11.39 2.85
N THR A 307 -40.52 -11.70 3.97
CA THR A 307 -41.50 -10.79 4.54
C THR A 307 -40.75 -9.67 5.26
N VAL A 308 -40.38 -8.65 4.49
CA VAL A 308 -39.75 -7.50 5.10
C VAL A 308 -40.81 -6.68 5.81
N GLU A 309 -40.44 -6.11 6.95
CA GLU A 309 -41.40 -5.43 7.78
C GLU A 309 -41.48 -3.96 7.38
N LYS A 310 -42.69 -3.40 7.51
CA LYS A 310 -43.01 -2.01 7.20
C LYS A 310 -42.07 -1.03 7.89
N GLY A 311 -41.22 -0.39 7.11
CA GLY A 311 -40.20 0.50 7.64
C GLY A 311 -39.21 0.84 6.56
N ILE A 312 -38.36 1.81 6.85
CA ILE A 312 -37.37 2.28 5.90
C ILE A 312 -36.13 1.43 6.07
N TYR A 313 -35.38 1.23 4.99
CA TYR A 313 -34.16 0.41 5.02
C TYR A 313 -33.13 1.06 4.12
N GLN A 314 -32.19 1.78 4.71
CA GLN A 314 -31.08 2.34 3.95
C GLN A 314 -30.18 1.22 3.47
N THR A 315 -30.22 0.95 2.18
CA THR A 315 -29.63 -0.27 1.66
C THR A 315 -28.80 -0.08 0.39
N SER A 316 -28.89 1.07 -0.26
CA SER A 316 -28.37 1.19 -1.60
C SER A 316 -27.98 2.63 -1.87
N ASN A 317 -27.17 2.80 -2.90
CA ASN A 317 -26.54 4.08 -3.19
C ASN A 317 -26.60 4.31 -4.69
N PHE A 318 -25.89 5.35 -5.14
CA PHE A 318 -25.71 5.62 -6.56
C PHE A 318 -24.54 6.58 -6.70
N ARG A 319 -24.22 6.89 -7.94
CA ARG A 319 -23.30 7.96 -8.27
C ARG A 319 -23.69 8.46 -9.65
N VAL A 320 -22.85 9.31 -10.21
CA VAL A 320 -23.00 9.75 -11.58
C VAL A 320 -21.77 9.30 -12.35
N GLN A 321 -21.99 8.62 -13.46
CA GLN A 321 -20.89 8.14 -14.26
C GLN A 321 -20.18 9.30 -14.95
N PRO A 322 -18.85 9.23 -15.06
CA PRO A 322 -18.13 10.22 -15.87
C PRO A 322 -18.47 10.07 -17.34
N THR A 323 -18.40 11.20 -18.06
CA THR A 323 -18.95 11.27 -19.41
C THR A 323 -17.91 11.55 -20.49
N GLU A 324 -17.10 12.60 -20.36
CA GLU A 324 -16.21 12.98 -21.45
C GLU A 324 -14.72 12.72 -21.18
N SER A 325 -14.26 12.89 -19.94
CA SER A 325 -12.87 12.74 -19.51
C SER A 325 -11.94 13.69 -20.30
N ILE A 326 -12.17 14.98 -20.08
CA ILE A 326 -11.35 16.01 -20.70
C ILE A 326 -10.00 16.08 -20.02
N VAL A 327 -8.97 16.45 -20.78
CA VAL A 327 -7.60 16.55 -20.27
C VAL A 327 -7.05 17.90 -20.72
N ARG A 328 -6.49 18.66 -19.78
CA ARG A 328 -6.02 20.01 -20.06
C ARG A 328 -4.53 20.13 -19.81
N PHE A 329 -3.91 21.13 -20.44
CA PHE A 329 -2.48 21.41 -20.38
C PHE A 329 -2.25 22.91 -20.51
N PRO A 330 -1.05 23.43 -20.19
CA PRO A 330 -0.74 24.82 -20.51
C PRO A 330 -0.78 25.10 -22.00
N ASN A 331 -0.98 26.39 -22.31
CA ASN A 331 -0.97 26.91 -23.67
C ASN A 331 0.42 26.66 -24.23
N ILE A 332 0.52 25.70 -25.17
CA ILE A 332 1.69 24.86 -25.43
C ILE A 332 2.95 25.68 -25.68
N THR A 333 2.96 26.41 -26.79
CA THR A 333 3.82 27.56 -27.12
C THR A 333 5.27 27.47 -26.69
N ASN A 334 5.89 26.30 -26.80
CA ASN A 334 7.21 26.09 -26.21
C ASN A 334 8.26 25.77 -27.26
N LEU A 335 8.02 24.77 -28.12
CA LEU A 335 8.61 24.65 -29.45
C LEU A 335 10.15 24.53 -29.42
N CYS A 336 10.62 23.33 -29.04
CA CYS A 336 12.03 22.96 -29.23
C CYS A 336 12.50 23.25 -30.66
N PRO A 337 13.59 23.99 -30.83
CA PRO A 337 14.09 24.28 -32.17
C PRO A 337 14.67 23.04 -32.84
N PHE A 338 13.92 22.52 -33.79
CA PHE A 338 14.34 21.40 -34.60
C PHE A 338 14.65 21.81 -36.03
N GLY A 339 14.11 22.94 -36.50
CA GLY A 339 14.37 23.40 -37.86
C GLY A 339 15.80 23.83 -38.10
N GLU A 340 16.55 24.10 -37.04
CA GLU A 340 17.97 24.45 -37.15
C GLU A 340 18.88 23.24 -36.97
N VAL A 341 18.33 22.04 -36.84
CA VAL A 341 19.15 20.84 -36.68
C VAL A 341 18.67 19.78 -37.68
N PHE A 342 17.48 19.98 -38.24
CA PHE A 342 17.02 19.07 -39.29
C PHE A 342 16.89 19.76 -40.65
N ASN A 343 16.17 20.86 -40.73
CA ASN A 343 16.13 21.66 -41.95
C ASN A 343 17.25 22.68 -42.04
N ALA A 344 18.40 22.41 -41.44
CA ALA A 344 19.48 23.37 -41.45
C ALA A 344 20.15 23.46 -42.83
N THR A 345 21.10 24.39 -42.95
CA THR A 345 21.83 24.55 -44.21
C THR A 345 23.24 23.98 -44.10
N ARG A 346 24.00 24.44 -43.12
CA ARG A 346 25.36 23.98 -42.87
C ARG A 346 25.26 22.60 -42.22
N PHE A 347 25.68 21.58 -42.96
CA PHE A 347 25.68 20.21 -42.48
C PHE A 347 27.12 19.75 -42.32
N ALA A 348 27.37 18.93 -41.31
CA ALA A 348 28.71 18.55 -40.90
C ALA A 348 29.03 17.12 -41.35
N SER A 349 30.15 16.59 -40.87
CA SER A 349 30.55 15.20 -41.03
C SER A 349 30.55 14.47 -39.69
N VAL A 350 31.06 13.25 -39.70
CA VAL A 350 30.99 12.39 -38.53
C VAL A 350 32.19 12.64 -37.59
N TYR A 351 33.26 13.25 -38.07
CA TYR A 351 34.40 13.47 -37.21
C TYR A 351 34.23 14.71 -36.33
N ALA A 352 33.45 15.69 -36.81
CA ALA A 352 33.28 16.97 -36.13
C ALA A 352 31.84 17.18 -35.69
N TRP A 353 31.22 16.16 -35.10
CA TRP A 353 29.84 16.22 -34.67
C TRP A 353 29.72 17.18 -33.48
N ASN A 354 29.02 18.30 -33.68
CA ASN A 354 28.72 19.22 -32.59
C ASN A 354 27.63 18.62 -31.70
N ARG A 355 27.99 18.33 -30.46
CA ARG A 355 27.07 17.78 -29.49
C ARG A 355 26.19 18.91 -28.98
N LYS A 356 25.20 19.31 -29.78
CA LYS A 356 24.43 20.49 -29.44
C LYS A 356 23.27 20.14 -28.50
N ARG A 357 22.96 21.08 -27.60
CA ARG A 357 22.09 20.83 -26.47
C ARG A 357 20.65 21.16 -26.81
N ILE A 358 19.73 20.24 -26.52
CA ILE A 358 18.31 20.52 -26.53
C ILE A 358 17.78 20.25 -25.13
N SER A 359 17.19 21.27 -24.50
CA SER A 359 16.76 21.16 -23.12
C SER A 359 15.57 22.06 -22.87
N ASN A 360 14.59 21.52 -22.14
CA ASN A 360 13.53 22.27 -21.48
C ASN A 360 12.62 23.01 -22.47
N CYS A 361 12.10 22.25 -23.41
CA CYS A 361 11.05 22.69 -24.34
C CYS A 361 10.20 21.46 -24.69
N VAL A 362 9.43 21.53 -25.76
CA VAL A 362 8.77 20.36 -26.31
C VAL A 362 9.10 20.25 -27.80
N ALA A 363 9.59 19.08 -28.19
CA ALA A 363 9.84 18.75 -29.59
C ALA A 363 8.66 17.91 -30.07
N ASP A 364 7.87 18.48 -30.97
CA ASP A 364 6.74 17.73 -31.51
C ASP A 364 7.23 16.65 -32.47
N TYR A 365 7.40 15.43 -31.94
CA TYR A 365 7.77 14.30 -32.79
C TYR A 365 6.64 13.88 -33.71
N SER A 366 5.41 14.30 -33.43
CA SER A 366 4.26 13.94 -34.25
C SER A 366 4.36 14.51 -35.65
N VAL A 367 4.99 15.68 -35.80
CA VAL A 367 5.22 16.22 -37.15
C VAL A 367 6.45 15.58 -37.79
N LEU A 368 7.26 14.88 -37.01
CA LEU A 368 8.35 14.05 -37.53
C LEU A 368 7.93 12.63 -37.80
N TYR A 369 6.62 12.36 -37.87
CA TYR A 369 6.09 11.04 -38.16
C TYR A 369 5.31 11.01 -39.46
N ASN A 370 4.36 11.93 -39.64
CA ASN A 370 3.53 11.99 -40.83
C ASN A 370 4.21 12.69 -42.00
N SER A 371 5.42 13.21 -41.83
CA SER A 371 6.18 13.69 -42.98
C SER A 371 6.59 12.53 -43.87
N ALA A 372 6.99 11.41 -43.25
CA ALA A 372 7.10 10.09 -43.88
C ALA A 372 8.10 10.09 -45.04
N SER A 373 9.22 10.76 -44.80
CA SER A 373 10.26 10.86 -45.81
C SER A 373 11.58 10.28 -45.31
N PHE A 374 11.50 9.31 -44.40
CA PHE A 374 12.70 8.84 -43.73
C PHE A 374 13.18 7.51 -44.30
N SER A 375 14.47 7.25 -44.14
CA SER A 375 15.06 6.00 -44.61
C SER A 375 15.37 5.03 -43.48
N THR A 376 15.78 5.52 -42.31
CA THR A 376 16.16 4.61 -41.23
C THR A 376 15.54 5.08 -39.91
N PHE A 377 14.24 5.35 -39.93
CA PHE A 377 13.50 5.80 -38.74
C PHE A 377 13.35 4.61 -37.81
N LYS A 378 14.25 4.51 -36.81
CA LYS A 378 14.30 3.34 -35.93
C LYS A 378 14.50 3.77 -34.49
N CYS A 379 13.51 3.46 -33.64
CA CYS A 379 13.56 3.77 -32.21
C CYS A 379 13.81 2.49 -31.44
N TYR A 380 14.83 2.50 -30.59
CA TYR A 380 15.34 1.30 -29.92
C TYR A 380 14.87 1.31 -28.47
N GLY A 381 13.83 0.53 -28.20
CA GLY A 381 13.35 0.33 -26.86
C GLY A 381 12.16 1.17 -26.45
N VAL A 382 11.61 1.98 -27.36
CA VAL A 382 10.45 2.80 -27.03
C VAL A 382 9.56 2.88 -28.26
N SER A 383 8.25 2.84 -28.04
CA SER A 383 7.31 3.07 -29.12
C SER A 383 7.33 4.54 -29.52
N PRO A 384 7.08 4.83 -30.79
CA PRO A 384 6.88 6.24 -31.19
C PRO A 384 5.56 6.82 -30.71
N THR A 385 4.68 6.01 -30.11
CA THR A 385 3.39 6.50 -29.67
C THR A 385 3.49 7.31 -28.39
N LYS A 386 4.28 6.83 -27.42
CA LYS A 386 4.28 7.42 -26.08
C LYS A 386 5.67 7.86 -25.62
N LEU A 387 6.60 8.08 -26.54
CA LEU A 387 7.80 8.81 -26.19
C LEU A 387 7.53 10.30 -26.05
N ASN A 388 6.38 10.78 -26.53
CA ASN A 388 5.85 12.06 -26.11
C ASN A 388 5.21 11.99 -24.73
N ASP A 389 4.93 10.80 -24.22
CA ASP A 389 4.31 10.63 -22.91
C ASP A 389 5.33 10.33 -21.82
N LEU A 390 6.33 9.50 -22.10
CA LEU A 390 7.46 9.33 -21.22
C LEU A 390 8.71 9.85 -21.92
N CYS A 391 9.52 10.61 -21.18
CA CYS A 391 10.58 11.42 -21.78
C CYS A 391 11.84 11.35 -20.93
N PHE A 392 12.98 11.48 -21.58
CA PHE A 392 14.27 11.45 -20.91
C PHE A 392 14.81 12.86 -20.75
N THR A 393 16.01 12.93 -20.21
CA THR A 393 16.86 14.10 -20.36
C THR A 393 17.86 13.84 -21.48
N ASN A 394 18.82 14.76 -21.65
CA ASN A 394 19.99 14.60 -22.51
C ASN A 394 19.60 14.38 -23.98
N VAL A 395 19.13 15.47 -24.57
CA VAL A 395 18.59 15.45 -25.93
C VAL A 395 19.69 16.03 -26.82
N TYR A 396 20.94 15.78 -26.44
CA TYR A 396 22.08 16.02 -27.32
C TYR A 396 21.91 15.23 -28.61
N ALA A 397 21.72 15.96 -29.71
CA ALA A 397 21.54 15.37 -31.02
C ALA A 397 22.60 15.96 -31.95
N ASP A 398 22.92 15.24 -33.01
CA ASP A 398 23.93 15.67 -33.95
C ASP A 398 23.34 15.83 -35.35
N SER A 399 23.83 16.84 -36.08
CA SER A 399 23.33 17.16 -37.41
C SER A 399 24.48 17.09 -38.41
N PHE A 400 24.56 15.99 -39.15
CA PHE A 400 25.66 15.76 -40.08
C PHE A 400 25.18 14.79 -41.16
N VAL A 401 26.08 14.42 -42.07
CA VAL A 401 25.73 13.64 -43.26
C VAL A 401 26.57 12.37 -43.27
N ILE A 402 25.96 11.25 -43.69
CA ILE A 402 26.60 9.93 -43.69
C ILE A 402 26.29 9.18 -44.99
N ARG A 403 27.30 8.53 -45.56
CA ARG A 403 27.19 7.74 -46.76
C ARG A 403 26.28 6.52 -46.55
N GLY A 404 25.65 6.04 -47.62
CA GLY A 404 24.57 5.06 -47.53
C GLY A 404 24.99 3.68 -47.06
N ASP A 405 26.24 3.27 -47.28
CA ASP A 405 26.66 1.94 -46.89
C ASP A 405 26.97 1.80 -45.41
N GLU A 406 27.30 2.89 -44.74
CA GLU A 406 27.75 2.85 -43.35
C GLU A 406 26.64 3.23 -42.40
N VAL A 407 25.39 3.03 -42.81
CA VAL A 407 24.26 3.63 -42.09
C VAL A 407 23.92 2.84 -40.85
N ARG A 408 23.85 1.51 -40.96
CA ARG A 408 23.43 0.65 -39.86
C ARG A 408 24.38 0.63 -38.66
N GLN A 409 25.61 1.14 -38.81
CA GLN A 409 26.60 1.08 -37.75
C GLN A 409 26.27 1.98 -36.56
N ILE A 410 25.36 2.94 -36.73
CA ILE A 410 24.84 3.70 -35.61
C ILE A 410 23.82 2.80 -34.92
N ALA A 411 24.31 2.03 -33.96
CA ALA A 411 23.54 0.95 -33.35
C ALA A 411 24.20 0.62 -32.01
N PRO A 412 23.43 0.16 -31.03
CA PRO A 412 24.03 -0.21 -29.74
C PRO A 412 24.90 -1.45 -29.86
N GLY A 413 26.21 -1.26 -29.67
CA GLY A 413 27.15 -2.37 -29.71
C GLY A 413 27.53 -2.83 -31.09
N GLN A 414 27.65 -1.91 -32.04
CA GLN A 414 28.03 -2.25 -33.41
C GLN A 414 29.46 -1.79 -33.69
N THR A 415 30.14 -2.52 -34.57
CA THR A 415 31.45 -2.20 -35.10
C THR A 415 31.33 -1.89 -36.60
N GLY A 416 32.48 -1.70 -37.23
CA GLY A 416 32.53 -1.38 -38.64
C GLY A 416 33.71 -0.53 -39.02
N LYS A 417 33.47 0.60 -39.68
CA LYS A 417 34.49 1.57 -39.99
C LYS A 417 34.28 2.91 -39.30
N ILE A 418 33.04 3.42 -39.32
CA ILE A 418 32.68 4.59 -38.54
C ILE A 418 32.70 4.26 -37.06
N ALA A 419 32.13 3.12 -36.68
CA ALA A 419 32.06 2.70 -35.29
C ALA A 419 33.39 2.19 -34.75
N ASP A 420 34.38 2.03 -35.62
CA ASP A 420 35.74 1.65 -35.22
C ASP A 420 36.68 2.83 -35.13
N TYR A 421 36.60 3.77 -36.09
CA TYR A 421 37.60 4.80 -36.27
C TYR A 421 37.05 6.22 -36.25
N ASN A 422 35.72 6.38 -36.35
CA ASN A 422 35.14 7.70 -36.51
C ASN A 422 34.15 8.08 -35.42
N TYR A 423 33.24 7.19 -35.02
CA TYR A 423 32.22 7.56 -34.05
C TYR A 423 31.72 6.33 -33.32
N LYS A 424 31.99 6.26 -32.02
CA LYS A 424 31.71 5.07 -31.22
C LYS A 424 30.45 5.27 -30.39
N LEU A 425 29.61 4.23 -30.37
CA LEU A 425 28.46 4.17 -29.49
C LEU A 425 28.68 3.12 -28.41
N PRO A 426 28.29 3.39 -27.18
CA PRO A 426 28.49 2.43 -26.09
C PRO A 426 27.47 1.31 -26.15
N ASP A 427 27.61 0.37 -25.23
CA ASP A 427 26.57 -0.63 -25.03
C ASP A 427 25.34 0.00 -24.39
N ASP A 428 24.20 -0.68 -24.57
CA ASP A 428 22.88 -0.28 -24.08
C ASP A 428 22.51 1.12 -24.59
N PHE A 429 22.78 1.37 -25.87
CA PHE A 429 22.47 2.65 -26.49
C PHE A 429 21.03 2.61 -26.97
N THR A 430 20.12 3.05 -26.12
CA THR A 430 18.70 3.10 -26.44
C THR A 430 18.32 4.52 -26.82
N GLY A 431 17.08 4.67 -27.30
CA GLY A 431 16.64 5.94 -27.82
C GLY A 431 16.09 5.76 -29.22
N CYS A 432 16.57 6.55 -30.17
CA CYS A 432 16.16 6.43 -31.56
C CYS A 432 17.34 6.72 -32.48
N VAL A 433 17.28 6.19 -33.69
CA VAL A 433 18.16 6.57 -34.78
C VAL A 433 17.29 6.86 -36.00
N ILE A 434 17.63 7.93 -36.73
CA ILE A 434 16.85 8.35 -37.91
C ILE A 434 17.86 8.81 -38.96
N ALA A 435 17.70 8.32 -40.19
CA ALA A 435 18.44 8.85 -41.32
C ALA A 435 17.50 8.94 -42.51
N TRP A 436 17.79 9.90 -43.40
CA TRP A 436 17.09 9.99 -44.67
C TRP A 436 18.01 10.70 -45.64
N ASN A 437 17.57 10.80 -46.90
CA ASN A 437 18.49 11.08 -47.99
C ASN A 437 18.81 12.57 -48.10
N SER A 438 20.06 12.85 -48.47
CA SER A 438 20.55 14.20 -48.75
C SER A 438 21.38 14.18 -50.03
N ASN A 439 20.79 13.54 -51.05
CA ASN A 439 21.49 13.16 -52.27
C ASN A 439 22.05 14.35 -53.04
N ASN A 440 21.18 15.20 -53.54
CA ASN A 440 21.46 15.98 -54.73
C ASN A 440 21.80 17.44 -54.44
N LEU A 441 22.35 17.74 -53.26
CA LEU A 441 23.06 19.00 -53.05
C LEU A 441 24.30 18.76 -52.18
N ASP A 442 24.58 17.49 -51.89
CA ASP A 442 25.82 17.10 -51.21
C ASP A 442 26.86 16.60 -52.20
N SER A 443 26.89 17.22 -53.39
CA SER A 443 27.90 16.91 -54.39
C SER A 443 28.45 18.22 -54.91
N LYS A 444 29.60 18.64 -54.38
CA LYS A 444 30.25 19.80 -54.95
C LYS A 444 30.98 19.35 -56.21
N VAL A 445 31.57 20.32 -56.90
CA VAL A 445 31.94 20.15 -58.30
C VAL A 445 33.12 19.19 -58.48
N GLY A 446 32.79 17.99 -58.97
CA GLY A 446 33.76 16.94 -59.21
C GLY A 446 34.45 16.39 -57.98
N GLY A 447 33.71 15.91 -56.99
CA GLY A 447 34.36 15.41 -55.79
C GLY A 447 34.07 16.21 -54.54
N ASN A 448 33.20 15.71 -53.66
CA ASN A 448 32.76 16.48 -52.51
C ASN A 448 33.78 16.34 -51.39
N TYR A 449 34.93 16.97 -51.58
CA TYR A 449 35.98 16.94 -50.58
C TYR A 449 35.97 18.21 -49.70
N ASN A 450 34.80 18.57 -49.17
CA ASN A 450 34.73 19.44 -48.01
C ASN A 450 34.55 18.66 -46.73
N TYR A 451 34.36 17.35 -46.84
CA TYR A 451 33.78 16.55 -45.76
C TYR A 451 34.64 15.32 -45.55
N LEU A 452 35.18 15.18 -44.34
CA LEU A 452 36.27 14.24 -44.04
C LEU A 452 35.79 13.10 -43.16
N TYR A 453 36.67 12.13 -42.96
CA TYR A 453 36.50 11.03 -42.00
C TYR A 453 37.87 10.41 -41.72
N ARG A 454 38.06 9.97 -40.48
CA ARG A 454 39.31 9.35 -40.07
C ARG A 454 39.30 7.88 -40.48
N LEU A 455 40.25 7.49 -41.32
CA LEU A 455 40.33 6.15 -41.87
C LEU A 455 41.27 5.24 -41.09
N PHE A 456 42.09 5.81 -40.20
CA PHE A 456 43.09 5.02 -39.49
C PHE A 456 43.21 5.52 -38.05
N ARG A 457 43.31 4.58 -37.12
CA ARG A 457 43.49 4.89 -35.71
C ARG A 457 44.32 3.79 -35.07
N LYS A 458 45.11 4.17 -34.06
CA LYS A 458 45.94 3.20 -33.32
C LYS A 458 45.08 2.19 -32.58
N SER A 459 44.24 2.66 -31.66
CA SER A 459 43.49 1.79 -30.78
C SER A 459 41.99 2.02 -30.93
N ASN A 460 41.20 1.42 -30.05
CA ASN A 460 39.75 1.56 -30.15
C ASN A 460 39.29 2.91 -29.66
N LEU A 461 38.20 3.41 -30.26
CA LEU A 461 37.56 4.63 -29.80
C LEU A 461 36.88 4.42 -28.47
N LYS A 462 36.89 5.45 -27.63
CA LYS A 462 35.96 5.46 -26.54
C LYS A 462 34.59 5.94 -27.04
N PRO A 463 33.50 5.56 -26.38
CA PRO A 463 32.20 6.12 -26.74
C PRO A 463 32.15 7.61 -26.42
N PHE A 464 31.34 8.32 -27.23
CA PHE A 464 31.14 9.77 -27.17
C PHE A 464 32.44 10.55 -27.36
N GLU A 465 33.37 10.02 -28.14
CA GLU A 465 34.67 10.66 -28.32
C GLU A 465 34.75 11.30 -29.69
N ARG A 466 35.03 12.60 -29.71
CA ARG A 466 35.18 13.34 -30.95
C ARG A 466 36.65 13.35 -31.35
N ASP A 467 36.94 12.84 -32.55
CA ASP A 467 38.32 12.64 -33.00
C ASP A 467 38.79 13.83 -33.82
N ILE A 468 38.71 15.02 -33.22
CA ILE A 468 39.36 16.19 -33.80
C ILE A 468 40.81 16.12 -33.38
N SER A 469 41.63 15.49 -34.20
CA SER A 469 43.04 15.32 -33.90
C SER A 469 43.82 15.28 -35.20
N THR A 470 44.82 16.15 -35.31
CA THR A 470 45.72 16.14 -36.45
C THR A 470 46.83 15.11 -36.32
N GLU A 471 46.78 14.29 -35.29
CA GLU A 471 47.72 13.19 -35.09
C GLU A 471 47.45 12.11 -36.14
N ILE A 472 48.27 12.10 -37.19
CA ILE A 472 48.07 11.14 -38.27
C ILE A 472 48.57 9.77 -37.84
N TYR A 473 48.22 8.76 -38.64
CA TYR A 473 48.52 7.39 -38.29
C TYR A 473 50.00 7.10 -38.47
N GLN A 474 50.48 6.10 -37.73
CA GLN A 474 51.80 5.55 -37.90
C GLN A 474 51.67 4.04 -38.02
N ALA A 475 52.22 3.47 -39.10
CA ALA A 475 52.15 2.04 -39.35
C ALA A 475 53.43 1.32 -38.93
N GLY A 476 54.57 1.74 -39.45
CA GLY A 476 55.83 1.11 -39.16
C GLY A 476 56.48 1.68 -37.91
N SER A 477 57.79 1.42 -37.80
CA SER A 477 58.55 1.89 -36.66
C SER A 477 59.14 3.28 -36.88
N THR A 478 59.14 3.78 -38.12
CA THR A 478 59.72 5.06 -38.44
C THR A 478 58.65 6.14 -38.34
N PRO A 479 58.77 7.09 -37.41
CA PRO A 479 57.69 8.08 -37.23
C PRO A 479 57.64 9.08 -38.37
N CYS A 480 56.41 9.50 -38.69
CA CYS A 480 56.15 10.44 -39.76
C CYS A 480 56.37 11.86 -39.26
N ASN A 481 57.21 12.63 -39.97
CA ASN A 481 57.45 14.03 -39.68
C ASN A 481 56.68 14.95 -40.61
N GLY A 482 55.47 14.56 -41.01
CA GLY A 482 54.68 15.31 -41.96
C GLY A 482 54.87 14.91 -43.40
N VAL A 483 56.07 14.48 -43.78
CA VAL A 483 56.34 14.00 -45.14
C VAL A 483 55.70 12.64 -45.30
N GLU A 484 54.82 12.52 -46.29
CA GLU A 484 54.16 11.25 -46.59
C GLU A 484 55.20 10.31 -47.17
N GLY A 485 55.64 9.34 -46.38
CA GLY A 485 56.67 8.43 -46.80
C GLY A 485 56.09 7.10 -47.25
N PHE A 486 56.13 6.10 -46.37
CA PHE A 486 55.64 4.77 -46.70
C PHE A 486 54.70 4.20 -45.65
N ASN A 487 54.67 4.76 -44.45
CA ASN A 487 53.90 4.20 -43.34
C ASN A 487 53.07 5.27 -42.64
N CYS A 488 52.86 6.42 -43.29
CA CYS A 488 52.02 7.46 -42.69
C CYS A 488 50.55 7.10 -42.82
N TYR A 489 50.05 7.00 -44.06
CA TYR A 489 48.67 6.63 -44.39
C TYR A 489 47.67 7.56 -43.71
N PHE A 490 47.71 8.83 -44.17
CA PHE A 490 46.95 9.99 -43.70
C PHE A 490 45.47 9.65 -43.51
N PRO A 491 45.01 9.57 -42.24
CA PRO A 491 43.71 8.97 -41.97
C PRO A 491 42.54 9.82 -42.42
N LEU A 492 42.74 11.12 -42.56
CA LEU A 492 41.65 12.01 -42.92
C LEU A 492 41.46 12.09 -44.45
N GLN A 493 41.37 10.93 -45.10
CA GLN A 493 40.84 10.90 -46.45
C GLN A 493 39.35 11.20 -46.37
N SER A 494 38.83 11.90 -47.36
CA SER A 494 37.53 12.54 -47.20
C SER A 494 36.43 11.73 -47.84
N TYR A 495 35.19 12.17 -47.60
CA TYR A 495 33.98 11.54 -48.12
C TYR A 495 33.97 11.51 -49.65
N GLY A 496 33.64 10.36 -50.21
CA GLY A 496 33.43 10.27 -51.64
C GLY A 496 31.97 10.48 -51.99
N PHE A 497 31.44 11.67 -51.79
CA PHE A 497 30.05 11.97 -52.11
C PHE A 497 29.97 12.45 -53.56
N GLN A 498 30.08 11.50 -54.49
CA GLN A 498 29.91 11.77 -55.92
C GLN A 498 28.80 10.87 -56.41
N PRO A 499 27.53 11.26 -56.23
CA PRO A 499 26.42 10.36 -56.53
C PRO A 499 26.21 10.08 -58.00
N THR A 500 27.19 9.38 -58.58
CA THR A 500 27.02 8.66 -59.83
C THR A 500 26.93 7.16 -59.59
N ASN A 501 26.97 6.73 -58.33
CA ASN A 501 26.94 5.33 -57.95
C ASN A 501 25.49 4.88 -57.75
N GLY A 502 25.32 3.71 -57.16
CA GLY A 502 24.01 3.23 -56.78
C GLY A 502 23.53 3.84 -55.48
N VAL A 503 22.53 3.18 -54.88
CA VAL A 503 21.91 3.70 -53.67
C VAL A 503 22.80 3.46 -52.45
N GLY A 504 23.77 2.55 -52.55
CA GLY A 504 24.58 2.22 -51.40
C GLY A 504 25.63 3.25 -51.03
N TYR A 505 25.92 4.20 -51.92
CA TYR A 505 26.99 5.18 -51.70
C TYR A 505 26.45 6.61 -51.60
N GLN A 506 25.24 6.78 -51.12
CA GLN A 506 24.58 8.08 -51.23
C GLN A 506 24.71 8.87 -49.94
N PRO A 507 24.92 10.19 -50.04
CA PRO A 507 24.93 11.03 -48.84
C PRO A 507 23.52 11.13 -48.24
N TYR A 508 23.43 10.85 -46.94
CA TYR A 508 22.17 10.84 -46.21
C TYR A 508 22.17 11.86 -45.08
N ARG A 509 21.08 12.62 -44.99
CA ARG A 509 20.88 13.57 -43.90
C ARG A 509 20.56 12.75 -42.66
N VAL A 510 21.59 12.46 -41.87
CA VAL A 510 21.50 11.57 -40.72
C VAL A 510 21.43 12.44 -39.46
N VAL A 511 20.74 11.93 -38.44
CA VAL A 511 20.83 12.41 -37.07
C VAL A 511 21.03 11.21 -36.16
N VAL A 512 21.70 11.47 -35.04
CA VAL A 512 21.96 10.45 -34.02
C VAL A 512 21.37 10.95 -32.72
N LEU A 513 20.22 10.39 -32.33
CA LEU A 513 19.61 10.75 -31.06
C LEU A 513 20.31 9.96 -29.96
N SER A 514 21.08 10.64 -29.14
CA SER A 514 21.80 10.02 -28.04
C SER A 514 21.10 10.41 -26.74
N PHE A 515 20.50 9.42 -26.08
CA PHE A 515 19.71 9.64 -24.88
C PHE A 515 20.34 8.92 -23.70
N GLU A 516 20.58 9.67 -22.63
CA GLU A 516 21.03 9.10 -21.37
C GLU A 516 20.37 9.87 -20.24
N LEU A 517 20.63 9.47 -19.00
CA LEU A 517 19.89 9.96 -17.85
C LEU A 517 20.83 10.56 -16.82
N LEU A 518 20.51 11.76 -16.37
CA LEU A 518 21.09 12.38 -15.18
C LEU A 518 19.98 12.69 -14.18
N HIS A 519 20.34 13.42 -13.14
CA HIS A 519 19.51 13.55 -11.94
C HIS A 519 18.44 14.64 -12.01
N ALA A 520 18.38 15.43 -13.09
CA ALA A 520 17.45 16.55 -13.17
C ALA A 520 16.34 16.28 -14.18
N PRO A 521 15.14 15.95 -13.74
CA PRO A 521 14.03 15.67 -14.67
C PRO A 521 13.40 16.92 -15.26
N ALA A 522 12.23 16.74 -15.90
CA ALA A 522 11.38 17.81 -16.48
C ALA A 522 12.10 18.53 -17.62
N THR A 523 12.72 17.74 -18.47
CA THR A 523 13.41 18.18 -19.67
C THR A 523 12.45 18.13 -20.85
N VAL A 524 13.01 18.06 -22.07
CA VAL A 524 12.22 17.97 -23.30
C VAL A 524 11.28 16.77 -23.27
N CYS A 525 9.99 17.05 -23.45
CA CYS A 525 8.95 16.04 -23.42
C CYS A 525 7.96 16.35 -24.55
N GLY A 526 6.79 15.73 -24.51
CA GLY A 526 5.87 15.78 -25.62
C GLY A 526 4.63 16.63 -25.39
N PRO A 527 4.19 17.32 -26.44
CA PRO A 527 2.96 18.14 -26.36
C PRO A 527 1.67 17.34 -26.42
N LYS A 528 1.13 16.93 -25.27
CA LYS A 528 0.09 15.90 -25.18
C LYS A 528 -1.31 16.40 -25.59
N LYS A 529 -1.39 16.96 -26.80
CA LYS A 529 -2.56 17.03 -27.66
C LYS A 529 -3.69 17.96 -27.22
N SER A 530 -3.65 18.45 -25.97
CA SER A 530 -4.37 19.63 -25.47
C SER A 530 -5.87 19.65 -25.81
N THR A 531 -6.62 18.74 -25.19
CA THR A 531 -8.03 18.55 -25.54
C THR A 531 -8.90 19.73 -25.06
N ASN A 532 -10.20 19.62 -25.32
CA ASN A 532 -11.14 20.69 -25.04
C ASN A 532 -11.52 20.72 -23.57
N LEU A 533 -12.56 21.49 -23.26
CA LEU A 533 -13.14 21.53 -21.93
C LEU A 533 -14.62 21.18 -22.03
N VAL A 534 -15.28 21.17 -20.87
CA VAL A 534 -16.73 21.01 -20.80
C VAL A 534 -17.17 21.67 -19.51
N LYS A 535 -18.42 22.11 -19.47
CA LYS A 535 -18.98 22.72 -18.28
C LYS A 535 -20.32 22.08 -17.96
N ASN A 536 -20.74 22.24 -16.70
CA ASN A 536 -22.08 21.94 -16.20
C ASN A 536 -22.47 20.46 -16.35
N LYS A 537 -21.49 19.57 -16.40
CA LYS A 537 -21.75 18.13 -16.33
C LYS A 537 -20.61 17.49 -15.58
N CYS A 538 -20.92 16.53 -14.71
CA CYS A 538 -19.88 15.81 -13.99
C CYS A 538 -19.05 14.99 -14.96
N VAL A 539 -17.73 15.00 -14.75
CA VAL A 539 -16.80 14.56 -15.77
C VAL A 539 -15.46 14.28 -15.10
N ASN A 540 -14.72 13.32 -15.65
CA ASN A 540 -13.35 13.09 -15.25
C ASN A 540 -12.47 14.21 -15.80
N PHE A 541 -11.43 14.57 -15.06
CA PHE A 541 -10.48 15.55 -15.57
C PHE A 541 -9.07 15.20 -15.13
N ASN A 542 -8.11 15.50 -15.99
CA ASN A 542 -6.70 15.39 -15.66
C ASN A 542 -6.04 16.71 -16.02
N PHE A 543 -5.44 17.35 -15.03
CA PHE A 543 -4.72 18.59 -15.25
C PHE A 543 -3.22 18.31 -15.15
N ASN A 544 -2.44 19.38 -15.17
CA ASN A 544 -0.98 19.28 -15.26
C ASN A 544 -0.40 18.80 -13.92
N GLY A 545 -0.64 17.52 -13.65
CA GLY A 545 -0.13 16.84 -12.46
C GLY A 545 -1.21 16.37 -11.50
N LEU A 546 -2.23 17.20 -11.28
CA LEU A 546 -3.30 16.87 -10.36
C LEU A 546 -4.54 16.51 -11.15
N THR A 547 -5.38 15.68 -10.54
CA THR A 547 -6.52 15.14 -11.28
C THR A 547 -7.66 14.84 -10.31
N GLY A 548 -8.83 14.61 -10.88
CA GLY A 548 -10.01 14.29 -10.11
C GLY A 548 -11.20 14.14 -11.03
N THR A 549 -12.39 14.15 -10.44
CA THR A 549 -13.62 13.95 -11.19
C THR A 549 -14.74 14.77 -10.54
N GLY A 550 -15.47 15.52 -11.35
CA GLY A 550 -16.58 16.29 -10.83
C GLY A 550 -17.16 17.19 -11.90
N VAL A 551 -17.93 18.17 -11.47
CA VAL A 551 -18.50 19.16 -12.39
C VAL A 551 -17.67 20.44 -12.30
N LEU A 552 -17.54 21.12 -13.44
CA LEU A 552 -16.74 22.34 -13.55
C LEU A 552 -17.67 23.50 -13.89
N THR A 553 -17.73 24.48 -13.02
CA THR A 553 -18.57 25.65 -13.19
C THR A 553 -17.79 26.92 -12.83
N GLU A 554 -18.49 28.05 -12.87
CA GLU A 554 -17.90 29.35 -12.65
C GLU A 554 -17.55 29.55 -11.17
N SER A 555 -17.07 30.74 -10.86
CA SER A 555 -16.48 30.98 -9.54
C SER A 555 -16.48 32.46 -9.22
N ASN A 556 -16.44 32.76 -7.93
CA ASN A 556 -16.24 34.13 -7.46
C ASN A 556 -14.87 34.34 -6.86
N LYS A 557 -14.16 33.28 -6.51
CA LYS A 557 -12.86 33.38 -5.87
C LYS A 557 -11.81 33.83 -6.88
N LYS A 558 -10.81 34.56 -6.40
CA LYS A 558 -9.81 35.17 -7.26
C LYS A 558 -8.43 34.62 -6.93
N PHE A 559 -7.54 34.74 -7.92
CA PHE A 559 -6.18 34.24 -7.87
C PHE A 559 -5.18 35.37 -8.11
N LEU A 560 -3.94 34.96 -8.27
CA LEU A 560 -2.75 35.77 -8.50
C LEU A 560 -2.02 35.14 -9.67
N PRO A 561 -0.89 35.72 -10.14
CA PRO A 561 -0.14 35.03 -11.21
C PRO A 561 0.49 33.67 -10.91
N PHE A 562 0.28 33.02 -9.76
CA PHE A 562 1.03 31.81 -9.52
C PHE A 562 0.23 30.54 -9.25
N GLN A 563 -1.06 30.62 -9.00
CA GLN A 563 -1.78 29.44 -8.52
C GLN A 563 -2.06 28.46 -9.64
N GLN A 564 -1.98 27.17 -9.30
CA GLN A 564 -2.44 26.07 -10.13
C GLN A 564 -3.35 25.07 -9.38
N PHE A 565 -4.05 25.50 -8.31
CA PHE A 565 -4.66 24.57 -7.36
C PHE A 565 -5.61 25.34 -6.45
N GLY A 566 -6.49 24.58 -5.79
CA GLY A 566 -7.47 25.19 -4.91
C GLY A 566 -8.31 24.24 -4.10
N ARG A 567 -8.35 24.49 -2.80
CA ARG A 567 -9.08 23.66 -1.84
C ARG A 567 -9.53 24.53 -0.68
N ASP A 568 -10.74 24.28 -0.18
CA ASP A 568 -11.33 25.13 0.85
C ASP A 568 -10.78 24.81 2.24
N ILE A 569 -10.78 23.54 2.63
CA ILE A 569 -10.20 23.10 3.89
C ILE A 569 -9.95 21.59 3.79
N ALA A 570 -8.82 21.15 4.35
CA ALA A 570 -8.51 19.75 4.67
C ALA A 570 -8.52 18.87 3.41
N ASP A 571 -7.56 19.19 2.52
CA ASP A 571 -7.27 18.60 1.20
C ASP A 571 -8.51 18.10 0.45
N THR A 572 -9.41 19.03 0.20
CA THR A 572 -10.60 18.82 -0.61
C THR A 572 -10.51 19.76 -1.80
N THR A 573 -9.86 19.31 -2.87
CA THR A 573 -9.49 20.17 -3.99
C THR A 573 -10.71 20.63 -4.77
N ASP A 574 -10.90 21.95 -4.88
CA ASP A 574 -12.13 22.47 -5.45
C ASP A 574 -11.99 23.59 -6.49
N ALA A 575 -10.79 24.15 -6.70
CA ALA A 575 -10.66 25.35 -7.50
C ALA A 575 -9.48 25.23 -8.45
N VAL A 576 -9.73 25.38 -9.74
CA VAL A 576 -8.69 25.39 -10.75
C VAL A 576 -8.94 26.54 -11.69
N ARG A 577 -7.98 27.44 -11.80
CA ARG A 577 -7.89 28.35 -12.93
C ARG A 577 -7.23 27.59 -14.08
N ASP A 578 -7.91 27.56 -15.24
CA ASP A 578 -7.50 26.62 -16.27
C ASP A 578 -6.21 27.06 -16.96
N PRO A 579 -5.38 26.12 -17.40
CA PRO A 579 -4.08 26.49 -17.96
C PRO A 579 -4.10 26.98 -19.41
N GLN A 580 -5.27 27.20 -20.01
CA GLN A 580 -5.32 27.71 -21.38
C GLN A 580 -5.96 29.09 -21.44
N THR A 581 -7.20 29.22 -20.98
CA THR A 581 -7.92 30.48 -21.02
C THR A 581 -7.49 31.38 -19.87
N LEU A 582 -6.81 30.79 -18.87
CA LEU A 582 -6.42 31.45 -17.63
C LEU A 582 -7.66 32.01 -16.92
N GLU A 583 -8.66 31.15 -16.79
CA GLU A 583 -9.96 31.52 -16.27
C GLU A 583 -10.29 30.60 -15.10
N ILE A 584 -10.73 31.22 -14.00
CA ILE A 584 -10.92 30.56 -12.72
C ILE A 584 -12.23 29.78 -12.73
N LEU A 585 -12.22 28.58 -12.13
CA LEU A 585 -13.38 27.69 -12.08
C LEU A 585 -13.54 27.13 -10.67
N ASP A 586 -14.69 26.51 -10.45
CA ASP A 586 -14.92 25.72 -9.24
C ASP A 586 -15.11 24.25 -9.57
N ILE A 587 -14.85 23.40 -8.57
CA ILE A 587 -15.10 21.97 -8.67
C ILE A 587 -16.13 21.63 -7.61
N THR A 588 -17.37 21.54 -8.01
CA THR A 588 -18.38 20.98 -7.13
C THR A 588 -18.40 19.48 -7.35
N PRO A 589 -18.47 18.66 -6.31
CA PRO A 589 -18.59 17.21 -6.53
C PRO A 589 -19.97 16.89 -7.05
N CYS A 590 -20.02 16.07 -8.10
CA CYS A 590 -21.31 15.67 -8.62
C CYS A 590 -22.01 14.71 -7.67
N SER A 591 -23.33 14.85 -7.61
CA SER A 591 -24.10 14.39 -6.46
C SER A 591 -24.20 12.88 -6.40
N PHE A 592 -24.23 12.36 -5.18
CA PHE A 592 -24.34 10.93 -4.91
C PHE A 592 -24.75 10.77 -3.46
N GLY A 593 -25.51 9.71 -3.19
CA GLY A 593 -25.88 9.42 -1.83
C GLY A 593 -26.57 8.10 -1.72
N GLY A 594 -27.03 7.81 -0.53
CA GLY A 594 -27.80 6.62 -0.31
C GLY A 594 -29.20 6.74 -0.86
N VAL A 595 -29.82 5.60 -1.14
CA VAL A 595 -31.18 5.56 -1.65
C VAL A 595 -31.88 4.36 -1.03
N SER A 596 -33.08 4.59 -0.51
CA SER A 596 -33.77 3.58 0.28
C SER A 596 -35.14 3.27 -0.30
N VAL A 597 -35.85 2.39 0.42
CA VAL A 597 -37.13 1.85 0.00
C VAL A 597 -38.14 2.11 1.11
N ILE A 598 -39.27 2.71 0.76
CA ILE A 598 -40.41 2.77 1.64
C ILE A 598 -41.37 1.66 1.24
N THR A 599 -41.71 0.80 2.20
CA THR A 599 -42.72 -0.22 1.99
C THR A 599 -43.75 -0.19 3.11
N PRO A 600 -45.01 -0.45 2.79
CA PRO A 600 -46.01 -0.62 3.84
C PRO A 600 -46.00 -2.01 4.46
N GLY A 601 -44.99 -2.81 4.20
CA GLY A 601 -44.96 -4.19 4.67
C GLY A 601 -45.14 -5.08 3.48
N THR A 602 -44.77 -6.35 3.64
CA THR A 602 -44.75 -7.27 2.51
C THR A 602 -46.14 -7.72 2.12
N ASN A 603 -46.87 -8.32 3.05
CA ASN A 603 -48.15 -8.90 2.70
C ASN A 603 -49.25 -7.87 2.50
N THR A 604 -49.04 -6.62 2.91
CA THR A 604 -50.09 -5.62 2.80
C THR A 604 -50.30 -5.20 1.35
N SER A 605 -49.22 -4.85 0.66
CA SER A 605 -49.32 -4.46 -0.73
C SER A 605 -47.99 -4.74 -1.40
N ASN A 606 -47.83 -4.20 -2.60
CA ASN A 606 -46.53 -4.25 -3.26
C ASN A 606 -46.22 -2.91 -3.92
N GLN A 607 -47.09 -1.92 -3.77
CA GLN A 607 -46.75 -0.56 -4.14
C GLN A 607 -45.59 -0.09 -3.28
N VAL A 608 -44.51 0.34 -3.92
CA VAL A 608 -43.32 0.72 -3.18
C VAL A 608 -43.08 2.21 -3.35
N ALA A 609 -42.03 2.72 -2.71
CA ALA A 609 -41.68 4.12 -2.85
C ALA A 609 -40.18 4.25 -2.67
N VAL A 610 -39.55 5.05 -3.51
CA VAL A 610 -38.11 5.21 -3.54
C VAL A 610 -37.77 6.63 -3.14
N LEU A 611 -36.86 6.78 -2.19
CA LEU A 611 -36.41 8.07 -1.73
C LEU A 611 -34.96 8.34 -2.14
N TYR A 612 -34.76 9.47 -2.80
CA TYR A 612 -33.42 9.96 -3.09
C TYR A 612 -33.07 11.06 -2.10
N GLN A 613 -31.79 11.12 -1.71
CA GLN A 613 -31.35 11.87 -0.55
C GLN A 613 -30.53 13.09 -0.96
N ASP A 614 -31.14 14.27 -0.80
CA ASP A 614 -30.50 15.58 -0.95
C ASP A 614 -29.85 15.76 -2.32
N VAL A 615 -30.56 15.30 -3.34
CA VAL A 615 -30.17 15.46 -4.73
C VAL A 615 -31.28 16.21 -5.43
N ASN A 616 -30.92 17.23 -6.20
CA ASN A 616 -31.94 17.96 -6.94
C ASN A 616 -32.46 17.06 -8.05
N CYS A 617 -33.79 17.01 -8.17
CA CYS A 617 -34.47 15.82 -8.68
C CYS A 617 -34.57 15.88 -10.21
N THR A 618 -33.42 16.05 -10.85
CA THR A 618 -33.37 16.25 -12.29
C THR A 618 -32.72 15.09 -13.00
N GLU A 619 -31.54 14.68 -12.55
CA GLU A 619 -30.78 13.61 -13.18
C GLU A 619 -31.13 12.25 -12.60
N VAL A 620 -32.18 12.22 -11.79
CA VAL A 620 -32.56 11.03 -11.02
C VAL A 620 -32.95 9.80 -11.86
N PRO A 621 -33.87 9.81 -12.82
CA PRO A 621 -34.39 8.52 -13.29
C PRO A 621 -33.54 7.85 -14.35
N VAL A 622 -32.29 8.30 -14.54
CA VAL A 622 -31.51 8.05 -15.75
C VAL A 622 -30.27 7.23 -15.47
N ALA A 623 -29.41 7.70 -14.56
CA ALA A 623 -27.99 7.35 -14.55
C ALA A 623 -27.67 5.88 -14.30
N ILE A 624 -27.91 5.39 -13.09
CA ILE A 624 -27.44 4.06 -12.69
C ILE A 624 -28.17 3.67 -11.41
N HIS A 625 -28.22 2.36 -11.13
CA HIS A 625 -28.66 1.77 -9.87
C HIS A 625 -30.14 2.05 -9.61
N ALA A 626 -30.94 1.90 -10.66
CA ALA A 626 -32.38 2.04 -10.59
C ALA A 626 -33.01 0.73 -11.01
N ASP A 627 -33.68 0.08 -10.07
CA ASP A 627 -34.37 -1.19 -10.34
C ASP A 627 -35.67 -0.88 -11.11
N GLN A 628 -35.50 -0.69 -12.41
CA GLN A 628 -36.59 -0.29 -13.30
C GLN A 628 -36.83 -1.32 -14.41
N THR A 638 -38.17 6.12 -11.61
CA THR A 638 -38.51 5.01 -12.48
C THR A 638 -39.92 5.16 -13.02
N GLY A 639 -40.77 5.84 -12.25
CA GLY A 639 -42.18 5.91 -12.59
C GLY A 639 -42.65 7.25 -13.12
N SER A 640 -43.76 7.74 -12.57
CA SER A 640 -44.46 8.91 -13.10
C SER A 640 -44.29 10.13 -12.21
N ASN A 641 -44.72 10.05 -10.96
CA ASN A 641 -44.82 11.21 -10.10
C ASN A 641 -43.46 11.57 -9.52
N VAL A 642 -43.23 12.87 -9.34
CA VAL A 642 -42.02 13.40 -8.76
C VAL A 642 -42.42 14.40 -7.68
N PHE A 643 -41.88 14.23 -6.47
CA PHE A 643 -42.14 15.21 -5.43
C PHE A 643 -40.88 15.49 -4.64
N GLN A 644 -40.64 16.77 -4.37
CA GLN A 644 -39.45 17.26 -3.71
C GLN A 644 -39.76 17.58 -2.25
N THR A 645 -38.84 17.20 -1.36
CA THR A 645 -38.92 17.53 0.06
C THR A 645 -37.60 18.17 0.49
N ARG A 646 -37.52 18.52 1.78
CA ARG A 646 -36.25 18.97 2.32
C ARG A 646 -35.23 17.84 2.42
N ALA A 647 -35.68 16.61 2.57
CA ALA A 647 -34.78 15.47 2.68
C ALA A 647 -34.40 14.90 1.33
N GLY A 648 -34.65 15.63 0.26
CA GLY A 648 -34.43 15.12 -1.07
C GLY A 648 -35.74 14.92 -1.79
N CYS A 649 -35.73 14.26 -2.94
CA CYS A 649 -36.97 13.99 -3.64
C CYS A 649 -37.25 12.49 -3.59
N LEU A 650 -38.51 12.15 -3.84
CA LEU A 650 -38.96 10.78 -3.73
C LEU A 650 -39.91 10.46 -4.89
N ILE A 651 -39.92 9.19 -5.25
CA ILE A 651 -40.73 8.66 -6.35
C ILE A 651 -41.47 7.45 -5.81
N GLY A 652 -42.78 7.44 -5.99
CA GLY A 652 -43.56 6.28 -5.60
C GLY A 652 -44.69 6.64 -4.67
N ALA A 653 -45.05 7.91 -4.65
CA ALA A 653 -46.14 8.39 -3.81
C ALA A 653 -46.67 9.68 -4.39
N GLU A 654 -47.56 10.33 -3.62
CA GLU A 654 -48.00 11.67 -3.94
C GLU A 654 -48.19 12.44 -2.65
N HIS A 655 -47.87 13.72 -2.71
CA HIS A 655 -48.03 14.58 -1.56
C HIS A 655 -49.50 14.94 -1.37
N VAL A 656 -49.94 14.94 -0.12
CA VAL A 656 -51.32 15.20 0.23
C VAL A 656 -51.35 16.40 1.16
N ASN A 657 -52.22 17.37 0.87
CA ASN A 657 -52.32 18.56 1.70
C ASN A 657 -52.93 18.23 3.06
N ASN A 658 -53.74 17.19 3.12
CA ASN A 658 -54.24 16.69 4.39
C ASN A 658 -53.11 16.05 5.18
N SER A 659 -53.21 16.10 6.51
CA SER A 659 -52.19 15.56 7.38
C SER A 659 -52.79 14.49 8.31
N TYR A 660 -51.92 13.62 8.81
CA TYR A 660 -52.35 12.52 9.66
C TYR A 660 -51.25 12.25 10.69
N GLU A 661 -51.48 11.24 11.53
CA GLU A 661 -50.47 10.80 12.48
C GLU A 661 -49.34 10.11 11.74
N CYS A 662 -48.11 10.40 12.17
CA CYS A 662 -46.95 9.81 11.53
C CYS A 662 -46.80 8.34 11.88
N ASP A 663 -46.43 7.55 10.88
CA ASP A 663 -46.16 6.14 11.04
C ASP A 663 -44.73 5.80 10.64
N ILE A 664 -44.29 6.27 9.47
CA ILE A 664 -43.01 5.87 8.89
C ILE A 664 -42.15 7.11 8.74
N PRO A 665 -41.04 7.20 9.46
CA PRO A 665 -40.21 8.41 9.40
C PRO A 665 -39.38 8.46 8.13
N ILE A 666 -39.58 9.51 7.34
CA ILE A 666 -38.75 9.75 6.17
C ILE A 666 -37.66 10.76 6.46
N GLY A 667 -38.06 11.92 6.94
CA GLY A 667 -37.17 13.00 7.27
C GLY A 667 -37.92 14.31 7.16
N ALA A 668 -37.43 15.31 7.89
CA ALA A 668 -37.85 16.72 7.80
C ALA A 668 -39.33 16.93 8.09
N GLY A 669 -39.95 16.06 8.84
CA GLY A 669 -41.37 16.16 9.08
C GLY A 669 -42.23 15.61 7.99
N ILE A 670 -41.81 14.53 7.33
CA ILE A 670 -42.57 13.91 6.26
C ILE A 670 -42.69 12.43 6.59
N CYS A 671 -43.92 11.92 6.54
CA CYS A 671 -44.17 10.51 6.82
C CYS A 671 -45.06 9.92 5.75
N ALA A 672 -45.14 8.58 5.74
CA ALA A 672 -45.76 7.84 4.66
C ALA A 672 -46.57 6.67 5.20
N SER A 673 -47.63 6.32 4.46
CA SER A 673 -48.52 5.24 4.86
C SER A 673 -49.27 4.75 3.63
N TYR A 674 -50.34 4.00 3.87
CA TYR A 674 -51.12 3.36 2.82
C TYR A 674 -52.59 3.72 2.96
N GLN A 675 -53.30 3.80 1.82
CA GLN A 675 -54.66 4.32 1.76
C GLN A 675 -55.62 3.50 0.90
N THR A 676 -55.13 2.67 -0.03
CA THR A 676 -55.86 2.15 -1.21
C THR A 676 -56.45 3.30 -2.02
N SER A 691 -53.52 4.57 -1.78
CA SER A 691 -52.21 4.11 -2.20
C SER A 691 -51.14 4.60 -1.23
N ILE A 692 -49.89 4.59 -1.68
CA ILE A 692 -48.79 5.12 -0.89
C ILE A 692 -48.73 6.63 -1.10
N ILE A 693 -48.75 7.39 -0.01
CA ILE A 693 -48.69 8.84 -0.06
C ILE A 693 -47.59 9.30 0.88
N ALA A 694 -47.35 10.61 0.86
CA ALA A 694 -46.43 11.24 1.80
C ALA A 694 -47.05 12.55 2.23
N TYR A 695 -46.76 12.96 3.46
CA TYR A 695 -47.49 14.07 4.05
C TYR A 695 -46.70 14.66 5.21
N THR A 696 -46.92 15.96 5.40
CA THR A 696 -46.42 16.65 6.59
C THR A 696 -47.09 16.06 7.83
N MET A 697 -46.29 15.84 8.87
CA MET A 697 -46.79 15.23 10.10
C MET A 697 -47.86 16.08 10.74
N SER A 698 -48.73 15.42 11.49
CA SER A 698 -49.60 16.16 12.38
C SER A 698 -49.07 16.00 13.80
N LEU A 699 -49.70 16.72 14.73
CA LEU A 699 -49.35 16.62 16.13
C LEU A 699 -50.57 16.37 17.01
N GLY A 700 -51.58 15.69 16.49
CA GLY A 700 -52.78 15.45 17.27
C GLY A 700 -53.81 16.53 17.05
N ALA A 701 -54.74 16.66 17.99
CA ALA A 701 -55.80 17.65 17.86
C ALA A 701 -55.31 19.01 18.32
N GLU A 702 -55.25 19.96 17.41
CA GLU A 702 -54.88 21.32 17.77
C GLU A 702 -56.12 22.00 18.35
N ASN A 703 -56.22 22.01 19.68
CA ASN A 703 -57.32 22.69 20.36
C ASN A 703 -56.79 23.45 21.58
N SER A 704 -56.79 24.78 21.45
CA SER A 704 -56.60 25.64 22.61
C SER A 704 -57.84 25.49 23.46
N VAL A 705 -57.72 24.78 24.56
CA VAL A 705 -58.86 24.57 25.44
C VAL A 705 -59.04 25.84 26.25
N ALA A 706 -60.19 25.93 26.93
CA ALA A 706 -60.68 27.16 27.51
C ALA A 706 -59.78 27.73 28.58
N TYR A 707 -59.85 29.04 28.78
CA TYR A 707 -59.13 29.71 29.83
C TYR A 707 -59.95 30.88 30.35
N SER A 708 -59.85 31.13 31.65
CA SER A 708 -60.41 32.31 32.24
C SER A 708 -59.54 32.69 33.42
N ASN A 709 -60.04 33.60 34.24
CA ASN A 709 -59.41 33.90 35.51
C ASN A 709 -60.31 33.54 36.69
N ASN A 710 -61.43 32.88 36.45
CA ASN A 710 -62.33 32.46 37.52
C ASN A 710 -62.99 31.12 37.19
N SER A 711 -62.21 30.16 36.69
CA SER A 711 -62.77 28.88 36.25
C SER A 711 -61.80 27.73 36.54
N ILE A 712 -62.23 26.76 37.34
CA ILE A 712 -61.48 25.53 37.55
C ILE A 712 -62.27 24.40 36.90
N ALA A 713 -61.57 23.57 36.13
CA ALA A 713 -62.16 22.35 35.59
C ALA A 713 -61.88 21.20 36.55
N ILE A 714 -62.92 20.63 37.12
CA ILE A 714 -62.77 19.56 38.10
C ILE A 714 -63.40 18.30 37.54
N PRO A 715 -62.72 17.17 37.57
CA PRO A 715 -63.32 15.94 37.07
C PRO A 715 -64.35 15.36 38.02
N THR A 716 -65.25 14.55 37.49
CA THR A 716 -66.30 13.92 38.27
C THR A 716 -66.16 12.41 38.34
N ASN A 717 -66.12 11.75 37.19
CA ASN A 717 -65.95 10.31 37.14
C ASN A 717 -64.50 10.03 36.77
N PHE A 718 -64.11 8.76 36.86
CA PHE A 718 -62.71 8.43 36.63
C PHE A 718 -62.57 6.97 36.24
N THR A 719 -61.65 6.71 35.33
CA THR A 719 -61.27 5.37 34.98
C THR A 719 -59.97 5.03 35.68
N ILE A 720 -59.66 3.75 35.74
CA ILE A 720 -58.40 3.25 36.30
C ILE A 720 -57.82 2.33 35.25
N SER A 721 -56.89 2.84 34.46
CA SER A 721 -56.35 2.02 33.39
C SER A 721 -55.01 1.44 33.79
N VAL A 722 -54.46 0.63 32.89
CA VAL A 722 -53.14 0.05 33.06
C VAL A 722 -52.33 0.36 31.81
N THR A 723 -51.04 0.09 31.90
CA THR A 723 -50.13 0.40 30.79
C THR A 723 -49.00 -0.60 30.80
N THR A 724 -48.82 -1.28 29.68
CA THR A 724 -47.64 -2.09 29.47
C THR A 724 -46.40 -1.21 29.41
N GLU A 725 -45.40 -1.54 30.20
CA GLU A 725 -44.09 -0.91 30.11
C GLU A 725 -43.05 -1.97 30.42
N ILE A 726 -42.19 -2.27 29.47
CA ILE A 726 -41.26 -3.38 29.60
C ILE A 726 -39.86 -2.85 29.35
N LEU A 727 -38.91 -3.27 30.18
CA LEU A 727 -37.52 -2.91 30.04
C LEU A 727 -36.65 -4.15 29.99
N PRO A 728 -35.59 -4.16 29.19
CA PRO A 728 -34.65 -5.27 29.26
C PRO A 728 -33.83 -5.18 30.53
N VAL A 729 -33.62 -6.33 31.17
CA VAL A 729 -32.83 -6.36 32.40
C VAL A 729 -31.54 -7.12 32.25
N SER A 730 -31.32 -7.79 31.14
CA SER A 730 -30.21 -8.72 31.05
C SER A 730 -29.85 -8.88 29.58
N MET A 731 -28.91 -9.78 29.31
CA MET A 731 -28.68 -10.30 27.98
C MET A 731 -28.03 -11.65 28.16
N THR A 732 -28.01 -12.43 27.09
CA THR A 732 -27.51 -13.79 27.17
C THR A 732 -26.00 -13.78 27.36
N LYS A 733 -25.55 -14.47 28.41
CA LYS A 733 -24.14 -14.45 28.78
C LYS A 733 -23.32 -15.20 27.75
N THR A 734 -22.99 -14.52 26.66
CA THR A 734 -22.12 -15.13 25.69
C THR A 734 -20.70 -15.22 26.25
N SER A 735 -19.94 -16.17 25.72
CA SER A 735 -18.56 -16.36 26.11
C SER A 735 -17.83 -17.02 24.96
N VAL A 736 -16.67 -16.48 24.62
CA VAL A 736 -15.95 -16.85 23.41
C VAL A 736 -14.58 -17.38 23.79
N ASP A 737 -14.25 -18.56 23.31
CA ASP A 737 -12.92 -19.09 23.52
C ASP A 737 -11.94 -18.35 22.62
N CYS A 738 -10.72 -18.18 23.13
CA CYS A 738 -9.68 -17.53 22.36
C CYS A 738 -9.17 -18.41 21.22
N THR A 739 -8.51 -19.50 21.58
CA THR A 739 -7.55 -20.11 20.67
C THR A 739 -8.24 -20.86 19.53
N MET A 740 -9.23 -21.68 19.85
CA MET A 740 -9.86 -22.47 18.81
C MET A 740 -10.78 -21.66 17.92
N TYR A 741 -11.10 -20.41 18.30
CA TYR A 741 -11.69 -19.51 17.33
C TYR A 741 -10.65 -19.05 16.33
N ILE A 742 -9.44 -18.79 16.80
CA ILE A 742 -8.42 -18.24 15.93
C ILE A 742 -7.87 -19.32 15.02
N CYS A 743 -7.58 -20.48 15.58
CA CYS A 743 -7.04 -21.55 14.77
C CYS A 743 -7.96 -22.74 14.69
N GLY A 744 -8.28 -23.35 15.82
CA GLY A 744 -9.08 -24.55 15.86
C GLY A 744 -8.17 -25.74 15.96
N ASP A 745 -7.95 -26.20 17.20
CA ASP A 745 -7.20 -27.35 17.70
C ASP A 745 -6.01 -27.76 16.82
N SER A 746 -5.23 -26.76 16.40
CA SER A 746 -4.09 -26.97 15.53
C SER A 746 -2.87 -26.31 16.14
N THR A 747 -1.74 -27.01 16.05
CA THR A 747 -0.59 -26.69 16.89
C THR A 747 0.14 -25.43 16.42
N GLU A 748 0.69 -25.48 15.22
CA GLU A 748 1.59 -24.44 14.74
C GLU A 748 0.89 -23.13 14.47
N CYS A 749 -0.42 -23.14 14.26
CA CYS A 749 -1.17 -21.89 14.28
C CYS A 749 -1.21 -21.28 15.66
N SER A 750 -1.33 -22.11 16.69
CA SER A 750 -1.43 -21.60 18.05
C SER A 750 -0.08 -21.09 18.54
N ASN A 751 1.01 -21.66 18.04
CA ASN A 751 2.33 -21.17 18.42
C ASN A 751 2.58 -19.78 17.87
N LEU A 752 2.01 -19.46 16.71
CA LEU A 752 2.10 -18.10 16.23
C LEU A 752 1.15 -17.17 16.93
N LEU A 753 0.21 -17.69 17.71
CA LEU A 753 -0.66 -16.81 18.46
C LEU A 753 0.08 -16.24 19.67
N LEU A 754 0.76 -17.11 20.42
CA LEU A 754 1.41 -16.73 21.67
C LEU A 754 2.58 -15.77 21.46
N GLN A 755 3.10 -15.64 20.25
CA GLN A 755 4.08 -14.58 20.01
C GLN A 755 3.42 -13.22 19.87
N TYR A 756 2.09 -13.14 19.76
CA TYR A 756 1.40 -11.85 19.88
C TYR A 756 1.09 -11.47 21.31
N GLY A 757 1.75 -12.08 22.29
CA GLY A 757 1.58 -11.65 23.65
C GLY A 757 0.28 -12.14 24.25
N SER A 758 -0.54 -11.21 24.70
CA SER A 758 -1.65 -11.53 25.57
C SER A 758 -2.91 -10.80 25.14
N PHE A 759 -3.25 -10.89 23.86
CA PHE A 759 -4.50 -10.34 23.36
C PHE A 759 -5.71 -10.99 23.99
N CYS A 760 -5.93 -12.26 23.72
CA CYS A 760 -7.19 -12.86 24.11
C CYS A 760 -7.25 -13.21 25.60
N THR A 761 -6.13 -13.08 26.31
CA THR A 761 -6.16 -13.27 27.76
C THR A 761 -7.01 -12.21 28.43
N GLN A 762 -6.87 -10.95 28.02
CA GLN A 762 -7.71 -9.91 28.59
C GLN A 762 -9.11 -9.91 27.99
N LEU A 763 -9.28 -10.53 26.82
CA LEU A 763 -10.60 -10.56 26.20
C LEU A 763 -11.54 -11.47 26.96
N ASN A 764 -11.01 -12.57 27.51
CA ASN A 764 -11.81 -13.39 28.40
C ASN A 764 -12.21 -12.60 29.64
N ARG A 765 -11.23 -11.94 30.26
CA ARG A 765 -11.50 -11.15 31.46
C ARG A 765 -12.37 -9.95 31.16
N ALA A 766 -12.39 -9.49 29.91
CA ALA A 766 -13.45 -8.58 29.50
C ALA A 766 -14.79 -9.30 29.48
N LEU A 767 -14.86 -10.44 28.81
CA LEU A 767 -16.16 -11.08 28.64
C LEU A 767 -16.60 -11.83 29.88
N THR A 768 -15.68 -12.38 30.66
CA THR A 768 -16.09 -12.91 31.95
C THR A 768 -16.48 -11.76 32.88
N GLY A 769 -15.84 -10.61 32.68
CA GLY A 769 -16.21 -9.42 33.43
C GLY A 769 -17.64 -8.98 33.19
N ILE A 770 -18.09 -9.03 31.94
CA ILE A 770 -19.48 -8.73 31.71
C ILE A 770 -20.36 -9.92 32.02
N ALA A 771 -19.78 -11.12 32.12
CA ALA A 771 -20.58 -12.30 32.41
C ALA A 771 -21.12 -12.25 33.82
N VAL A 772 -20.27 -11.87 34.78
CA VAL A 772 -20.73 -11.72 36.15
C VAL A 772 -21.62 -10.50 36.29
N GLU A 773 -21.55 -9.58 35.31
CA GLU A 773 -22.23 -8.30 35.44
C GLU A 773 -23.73 -8.44 35.31
N GLN A 774 -24.22 -9.21 34.32
CA GLN A 774 -25.66 -9.40 34.26
C GLN A 774 -26.14 -10.34 35.35
N ASP A 775 -25.28 -11.24 35.80
CA ASP A 775 -25.58 -11.98 37.02
C ASP A 775 -25.66 -11.03 38.20
N LYS A 776 -24.77 -10.04 38.26
CA LYS A 776 -24.90 -8.99 39.26
C LYS A 776 -26.11 -8.10 38.97
N ASN A 777 -26.50 -7.96 37.71
CA ASN A 777 -27.67 -7.16 37.41
C ASN A 777 -28.95 -7.88 37.83
N THR A 778 -29.03 -9.17 37.51
CA THR A 778 -30.24 -9.93 37.81
C THR A 778 -30.43 -10.06 39.31
N GLN A 779 -29.32 -10.19 40.04
CA GLN A 779 -29.35 -10.21 41.49
C GLN A 779 -29.86 -8.88 42.05
N GLU A 780 -29.45 -7.78 41.43
CA GLU A 780 -29.79 -6.45 41.92
C GLU A 780 -31.08 -5.91 41.34
N VAL A 781 -31.82 -6.69 40.56
CA VAL A 781 -33.04 -6.20 39.95
C VAL A 781 -34.28 -6.95 40.43
N PHE A 782 -34.12 -8.15 40.98
CA PHE A 782 -35.29 -8.84 41.51
C PHE A 782 -35.21 -9.09 43.00
N ALA A 783 -34.15 -9.71 43.48
CA ALA A 783 -34.07 -10.14 44.87
C ALA A 783 -33.71 -8.98 45.80
N GLN A 784 -34.53 -7.94 45.73
CA GLN A 784 -34.39 -6.80 46.62
C GLN A 784 -35.34 -6.91 47.79
N VAL A 785 -36.00 -8.04 47.93
CA VAL A 785 -36.50 -8.50 49.20
C VAL A 785 -35.59 -9.60 49.67
N LYS A 786 -35.56 -9.83 50.97
CA LYS A 786 -34.61 -10.75 51.55
C LYS A 786 -35.11 -12.18 51.56
N GLN A 787 -36.40 -12.41 51.35
CA GLN A 787 -36.95 -13.70 51.70
C GLN A 787 -38.17 -14.03 50.87
N ILE A 788 -38.47 -15.32 50.81
CA ILE A 788 -39.59 -15.79 50.02
C ILE A 788 -40.88 -15.62 50.82
N TYR A 789 -41.91 -15.14 50.12
CA TYR A 789 -43.22 -14.98 50.73
C TYR A 789 -44.19 -15.96 50.10
N LYS A 790 -45.25 -16.23 50.84
CA LYS A 790 -46.22 -17.27 50.51
C LYS A 790 -47.56 -16.60 50.29
N THR A 791 -48.11 -16.75 49.10
CA THR A 791 -49.41 -16.17 48.80
C THR A 791 -50.49 -16.87 49.63
N PRO A 792 -51.52 -16.14 50.06
CA PRO A 792 -52.53 -16.75 50.92
C PRO A 792 -53.40 -17.72 50.13
N PRO A 793 -53.87 -18.80 50.76
CA PRO A 793 -54.62 -19.82 50.02
C PRO A 793 -56.03 -19.37 49.68
N ILE A 794 -56.67 -18.67 50.59
CA ILE A 794 -58.00 -18.13 50.31
C ILE A 794 -57.85 -16.91 49.40
N LYS A 795 -58.81 -16.70 48.53
CA LYS A 795 -58.77 -15.58 47.58
C LYS A 795 -60.10 -14.86 47.63
N ASP A 796 -60.25 -13.97 48.61
CA ASP A 796 -61.38 -13.04 48.65
C ASP A 796 -60.85 -11.65 49.04
N PHE A 797 -60.33 -10.93 48.05
CA PHE A 797 -59.83 -9.59 48.27
C PHE A 797 -60.77 -8.57 47.64
N GLY A 798 -61.90 -8.33 48.31
CA GLY A 798 -62.82 -7.26 47.96
C GLY A 798 -63.34 -7.23 46.55
N GLY A 799 -63.45 -8.40 45.92
CA GLY A 799 -63.84 -8.49 44.53
C GLY A 799 -62.73 -8.27 43.54
N PHE A 800 -61.51 -7.98 43.99
CA PHE A 800 -60.42 -7.66 43.07
C PHE A 800 -59.84 -8.96 42.55
N ASN A 801 -60.16 -9.30 41.31
CA ASN A 801 -59.83 -10.60 40.76
C ASN A 801 -58.39 -10.55 40.25
N PHE A 802 -57.47 -11.16 40.99
CA PHE A 802 -56.08 -11.20 40.59
C PHE A 802 -55.72 -12.43 39.79
N SER A 803 -56.68 -13.05 39.12
CA SER A 803 -56.45 -14.37 38.57
C SER A 803 -55.52 -14.36 37.37
N GLN A 804 -55.30 -13.20 36.76
CA GLN A 804 -54.43 -13.14 35.61
C GLN A 804 -52.97 -13.12 36.04
N ILE A 805 -52.69 -12.61 37.24
CA ILE A 805 -51.32 -12.34 37.65
C ILE A 805 -50.82 -13.24 38.76
N LEU A 806 -51.70 -13.96 39.44
CA LEU A 806 -51.26 -14.85 40.48
C LEU A 806 -50.59 -16.09 39.87
N PRO A 807 -49.70 -16.74 40.62
CA PRO A 807 -49.24 -18.05 40.17
C PRO A 807 -50.37 -19.06 40.26
N ASP A 808 -50.39 -19.99 39.31
CA ASP A 808 -51.44 -20.99 39.28
C ASP A 808 -50.85 -22.38 39.42
N PRO A 809 -51.46 -23.24 40.24
CA PRO A 809 -50.87 -24.56 40.48
C PRO A 809 -51.01 -25.53 39.31
N SER A 810 -52.02 -25.33 38.46
CA SER A 810 -52.29 -26.30 37.40
C SER A 810 -51.32 -26.20 36.23
N LYS A 811 -50.49 -25.17 36.21
CA LYS A 811 -49.43 -24.94 35.23
C LYS A 811 -48.19 -25.65 35.78
N PRO A 812 -46.99 -25.57 35.13
CA PRO A 812 -45.80 -26.12 35.81
C PRO A 812 -45.35 -25.40 37.08
N SER A 813 -46.19 -25.51 38.11
CA SER A 813 -45.91 -25.49 39.54
C SER A 813 -45.53 -24.12 40.11
N LYS A 814 -45.17 -23.17 39.25
CA LYS A 814 -44.91 -21.82 39.71
C LYS A 814 -45.37 -20.74 38.75
N ARG A 815 -45.89 -21.11 37.59
CA ARG A 815 -46.05 -20.15 36.53
C ARG A 815 -47.33 -19.35 36.70
N SER A 816 -47.43 -18.27 35.95
CA SER A 816 -48.58 -17.39 35.99
C SER A 816 -49.28 -17.34 34.64
N PHE A 817 -50.45 -16.73 34.62
CA PHE A 817 -51.27 -16.80 33.43
C PHE A 817 -50.78 -15.87 32.34
N ILE A 818 -50.10 -14.78 32.71
CA ILE A 818 -49.50 -13.92 31.69
C ILE A 818 -48.32 -14.62 31.04
N GLU A 819 -47.66 -15.52 31.79
CA GLU A 819 -46.40 -16.09 31.34
C GLU A 819 -46.57 -17.01 30.13
N ASP A 820 -47.61 -17.85 30.15
CA ASP A 820 -47.83 -18.73 29.01
C ASP A 820 -48.27 -17.95 27.79
N LEU A 821 -48.89 -16.80 27.99
CA LEU A 821 -49.09 -15.87 26.89
C LEU A 821 -47.81 -15.14 26.53
N LEU A 822 -46.83 -15.13 27.42
CA LEU A 822 -45.61 -14.38 27.19
C LEU A 822 -44.44 -15.24 26.74
N PHE A 823 -44.27 -16.43 27.33
CA PHE A 823 -43.16 -17.32 26.94
C PHE A 823 -43.26 -17.75 25.49
N ASN A 824 -44.49 -18.00 25.02
CA ASN A 824 -44.65 -18.43 23.64
C ASN A 824 -44.47 -17.26 22.67
N LYS A 825 -44.64 -16.04 23.15
CA LYS A 825 -44.58 -14.88 22.27
C LYS A 825 -43.15 -14.47 21.94
N VAL A 826 -42.20 -14.67 22.85
CA VAL A 826 -40.82 -14.27 22.61
C VAL A 826 -40.04 -15.48 22.15
N THR A 827 -39.60 -15.46 20.90
CA THR A 827 -38.79 -16.53 20.33
C THR A 827 -37.53 -15.92 19.73
N LEU A 828 -36.80 -16.70 18.93
CA LEU A 828 -35.69 -16.16 18.16
C LEU A 828 -36.23 -15.25 17.06
N ALA A 852 -27.49 -18.91 17.54
CA ALA A 852 -27.75 -20.26 17.07
C ALA A 852 -27.69 -21.25 18.24
N GLN A 853 -26.99 -22.36 18.04
CA GLN A 853 -26.90 -23.45 19.00
C GLN A 853 -25.43 -23.76 19.30
N LYS A 854 -25.20 -24.90 19.94
CA LYS A 854 -23.85 -25.31 20.32
C LYS A 854 -23.11 -25.92 19.14
N PHE A 855 -22.03 -25.27 18.71
CA PHE A 855 -21.16 -25.79 17.68
C PHE A 855 -19.76 -25.23 17.92
N ASN A 856 -18.94 -25.23 16.86
CA ASN A 856 -17.63 -24.58 16.84
C ASN A 856 -17.65 -23.17 17.41
N GLY A 857 -16.59 -22.84 18.15
CA GLY A 857 -16.25 -21.47 18.43
C GLY A 857 -17.03 -20.77 19.51
N LEU A 858 -18.15 -21.31 19.97
CA LEU A 858 -18.97 -20.54 20.88
C LEU A 858 -19.37 -21.36 22.10
N THR A 859 -19.81 -20.63 23.12
CA THR A 859 -20.49 -21.17 24.29
C THR A 859 -21.63 -20.23 24.66
N VAL A 860 -22.65 -20.79 25.28
CA VAL A 860 -23.74 -20.01 25.87
C VAL A 860 -23.88 -20.53 27.28
N LEU A 861 -23.27 -19.87 28.23
CA LEU A 861 -23.47 -20.26 29.62
C LEU A 861 -24.87 -19.84 30.05
N PRO A 862 -25.57 -20.68 30.80
CA PRO A 862 -26.91 -20.33 31.24
C PRO A 862 -26.86 -19.22 32.29
N PRO A 863 -27.94 -18.49 32.50
CA PRO A 863 -27.96 -17.48 33.55
C PRO A 863 -27.84 -18.10 34.93
N LEU A 864 -27.48 -17.25 35.89
CA LEU A 864 -27.19 -17.73 37.24
C LEU A 864 -28.46 -18.16 37.94
N LEU A 865 -29.40 -17.24 38.11
CA LEU A 865 -30.67 -17.61 38.69
C LEU A 865 -31.49 -18.38 37.68
N THR A 866 -31.89 -19.59 38.05
CA THR A 866 -32.60 -20.49 37.15
C THR A 866 -34.00 -19.96 36.86
N ASP A 867 -34.52 -20.34 35.69
CA ASP A 867 -35.66 -19.66 35.10
C ASP A 867 -36.95 -19.89 35.88
N GLU A 868 -37.08 -21.04 36.54
CA GLU A 868 -38.30 -21.32 37.27
C GLU A 868 -38.46 -20.42 38.48
N MET A 869 -37.40 -20.24 39.25
CA MET A 869 -37.50 -19.41 40.45
C MET A 869 -37.47 -17.93 40.14
N ILE A 870 -37.27 -17.54 38.88
CA ILE A 870 -37.45 -16.14 38.50
C ILE A 870 -38.88 -15.72 38.77
N ALA A 871 -39.82 -16.60 38.49
CA ALA A 871 -41.19 -16.35 38.91
C ALA A 871 -41.33 -16.31 40.41
N GLN A 872 -40.57 -17.16 41.12
CA GLN A 872 -40.79 -17.36 42.55
C GLN A 872 -40.39 -16.12 43.35
N TYR A 873 -39.38 -15.38 42.90
CA TYR A 873 -39.11 -14.08 43.50
C TYR A 873 -40.25 -13.13 43.25
N THR A 874 -40.75 -13.09 42.02
CA THR A 874 -41.84 -12.19 41.69
C THR A 874 -43.13 -12.63 42.36
N SER A 875 -43.36 -13.94 42.42
CA SER A 875 -44.50 -14.45 43.15
C SER A 875 -44.46 -14.03 44.60
N ALA A 876 -43.27 -14.08 45.19
CA ALA A 876 -43.08 -13.48 46.50
C ALA A 876 -43.28 -11.97 46.44
N LEU A 877 -42.81 -11.32 45.38
CA LEU A 877 -42.99 -9.88 45.26
C LEU A 877 -44.45 -9.48 45.10
N LEU A 878 -45.28 -10.34 44.53
CA LEU A 878 -46.71 -10.07 44.56
C LEU A 878 -47.25 -10.03 45.97
N ALA A 879 -46.74 -10.92 46.83
CA ALA A 879 -47.49 -11.41 47.98
C ALA A 879 -47.76 -10.32 49.00
N GLY A 880 -46.70 -9.68 49.48
CA GLY A 880 -46.88 -8.64 50.49
C GLY A 880 -47.56 -7.42 49.93
N THR A 881 -47.19 -7.00 48.72
CA THR A 881 -47.88 -5.86 48.16
C THR A 881 -49.28 -6.21 47.69
N ILE A 882 -49.62 -7.49 47.59
CA ILE A 882 -51.02 -7.89 47.69
C ILE A 882 -51.46 -7.91 49.14
N THR A 883 -50.81 -8.75 49.95
CA THR A 883 -51.39 -8.97 51.27
C THR A 883 -50.93 -7.92 52.26
N SER A 884 -49.64 -7.88 52.54
CA SER A 884 -49.20 -7.12 53.69
C SER A 884 -49.02 -5.65 53.40
N GLY A 885 -49.16 -5.23 52.15
CA GLY A 885 -48.95 -3.83 51.83
C GLY A 885 -47.49 -3.51 51.64
N TRP A 886 -47.24 -2.21 51.54
CA TRP A 886 -45.98 -1.62 51.12
C TRP A 886 -44.93 -1.63 52.23
N THR A 887 -45.25 -2.21 53.38
CA THR A 887 -44.39 -2.05 54.54
C THR A 887 -43.15 -2.92 54.47
N PHE A 888 -43.18 -4.02 53.72
CA PHE A 888 -42.08 -4.97 53.78
C PHE A 888 -40.84 -4.49 53.06
N GLY A 889 -40.94 -3.41 52.26
CA GLY A 889 -39.74 -2.81 51.72
C GLY A 889 -38.86 -2.23 52.82
N ALA A 890 -39.47 -1.79 53.91
CA ALA A 890 -38.71 -1.27 55.03
C ALA A 890 -38.23 -2.41 55.95
N GLY A 891 -39.15 -3.11 56.58
CA GLY A 891 -38.79 -4.04 57.63
C GLY A 891 -39.70 -5.24 57.71
N ALA A 892 -40.12 -5.61 58.91
CA ALA A 892 -41.03 -6.74 59.08
C ALA A 892 -42.40 -6.38 58.52
N ALA A 893 -43.06 -7.38 57.92
CA ALA A 893 -44.34 -7.16 57.29
C ALA A 893 -45.43 -6.90 58.32
N LEU A 894 -46.56 -6.37 57.85
CA LEU A 894 -47.67 -6.02 58.72
C LEU A 894 -48.99 -6.47 58.12
N GLN A 895 -49.95 -6.80 58.98
CA GLN A 895 -51.24 -7.22 58.48
C GLN A 895 -52.08 -6.01 58.12
N ILE A 896 -52.71 -6.07 56.94
CA ILE A 896 -53.64 -5.05 56.45
C ILE A 896 -54.46 -5.70 55.34
N PRO A 897 -55.77 -5.45 55.26
CA PRO A 897 -56.54 -5.99 54.14
C PRO A 897 -56.49 -5.08 52.94
N PHE A 898 -56.49 -5.72 51.76
CA PHE A 898 -56.24 -5.01 50.51
C PHE A 898 -57.38 -4.08 50.14
N ALA A 899 -58.59 -4.35 50.66
CA ALA A 899 -59.72 -3.47 50.41
C ALA A 899 -59.51 -2.08 50.97
N MET A 900 -58.67 -1.92 51.99
CA MET A 900 -58.39 -0.61 52.52
C MET A 900 -56.96 -0.16 52.30
N GLN A 901 -56.17 -0.90 51.52
CA GLN A 901 -54.83 -0.44 51.21
C GLN A 901 -54.86 0.74 50.25
N MET A 902 -55.85 0.73 49.35
CA MET A 902 -56.03 1.84 48.43
C MET A 902 -56.44 3.12 49.14
N ALA A 903 -56.95 3.02 50.38
CA ALA A 903 -57.29 4.21 51.14
C ALA A 903 -56.05 5.01 51.50
N TYR A 904 -54.99 4.31 51.92
CA TYR A 904 -53.68 4.93 52.01
C TYR A 904 -53.23 5.42 50.64
N ARG A 905 -53.52 4.65 49.60
CA ARG A 905 -53.06 5.02 48.28
C ARG A 905 -53.89 6.13 47.68
N PHE A 906 -55.17 6.24 48.06
CA PHE A 906 -55.93 7.39 47.64
C PHE A 906 -55.46 8.66 48.34
N ASN A 907 -54.91 8.50 49.55
CA ASN A 907 -54.23 9.60 50.21
C ASN A 907 -52.87 9.90 49.59
N GLY A 908 -52.39 9.02 48.73
CA GLY A 908 -51.13 9.23 48.06
C GLY A 908 -51.13 10.31 47.02
N ILE A 909 -52.31 10.64 46.48
CA ILE A 909 -52.46 11.78 45.60
C ILE A 909 -53.44 12.80 46.15
N GLY A 910 -53.75 12.72 47.44
CA GLY A 910 -54.58 13.69 48.08
C GLY A 910 -56.06 13.54 47.81
N VAL A 911 -56.57 12.32 47.84
CA VAL A 911 -58.01 12.08 47.69
C VAL A 911 -58.49 11.41 48.96
N THR A 912 -59.60 11.90 49.50
CA THR A 912 -60.04 11.47 50.83
C THR A 912 -60.59 10.04 50.80
N GLN A 913 -60.63 9.43 51.99
CA GLN A 913 -60.82 7.99 52.08
C GLN A 913 -62.27 7.57 51.86
N ASN A 914 -63.19 8.53 51.76
CA ASN A 914 -64.58 8.19 51.48
C ASN A 914 -64.81 7.77 50.05
N VAL A 915 -63.91 8.11 49.12
CA VAL A 915 -64.16 7.81 47.72
C VAL A 915 -63.95 6.31 47.45
N LEU A 916 -63.23 5.62 48.32
CA LEU A 916 -63.07 4.18 48.17
C LEU A 916 -64.37 3.46 48.44
N TYR A 917 -64.86 3.56 49.69
CA TYR A 917 -65.99 2.76 50.14
C TYR A 917 -67.28 3.14 49.46
N GLU A 918 -67.42 4.39 49.06
CA GLU A 918 -68.62 4.79 48.34
C GLU A 918 -68.60 4.33 46.90
N ASN A 919 -67.46 3.91 46.37
CA ASN A 919 -67.40 3.47 44.99
C ASN A 919 -66.49 2.26 44.84
N GLN A 920 -66.60 1.31 45.78
CA GLN A 920 -65.67 0.18 45.79
C GLN A 920 -65.92 -0.77 44.62
N LYS A 921 -67.19 -1.06 44.36
CA LYS A 921 -67.54 -1.98 43.27
C LYS A 921 -67.27 -1.34 41.91
N LEU A 922 -67.38 -0.02 41.83
CA LEU A 922 -67.06 0.68 40.59
C LEU A 922 -65.58 0.60 40.28
N ILE A 923 -64.74 0.57 41.32
CA ILE A 923 -63.33 0.34 41.13
C ILE A 923 -63.10 -1.06 40.58
N ALA A 924 -63.92 -2.01 41.02
CA ALA A 924 -63.65 -3.43 40.82
C ALA A 924 -63.71 -3.82 39.35
N ASN A 925 -64.82 -3.50 38.68
CA ASN A 925 -65.00 -3.91 37.30
C ASN A 925 -64.03 -3.20 36.38
N GLN A 926 -63.75 -1.92 36.66
CA GLN A 926 -62.77 -1.20 35.86
C GLN A 926 -61.38 -1.74 36.12
N PHE A 927 -61.10 -2.16 37.35
CA PHE A 927 -59.83 -2.84 37.58
C PHE A 927 -59.84 -4.21 36.96
N ASN A 928 -60.99 -4.89 36.94
CA ASN A 928 -61.08 -6.16 36.25
C ASN A 928 -60.90 -6.00 34.75
N SER A 929 -61.50 -4.94 34.19
CA SER A 929 -61.44 -4.77 32.74
C SER A 929 -60.07 -4.30 32.29
N ALA A 930 -59.38 -3.52 33.12
CA ALA A 930 -58.02 -3.14 32.80
C ALA A 930 -57.10 -4.36 32.83
N ILE A 931 -57.27 -5.20 33.84
CA ILE A 931 -56.57 -6.47 33.85
C ILE A 931 -57.17 -7.40 32.80
N GLY A 932 -58.44 -7.17 32.43
CA GLY A 932 -58.99 -7.88 31.29
C GLY A 932 -58.34 -7.49 29.98
N LYS A 933 -58.22 -6.19 29.74
CA LYS A 933 -57.67 -5.75 28.45
C LYS A 933 -56.17 -5.95 28.34
N ILE A 934 -55.47 -6.18 29.46
CA ILE A 934 -54.03 -6.18 29.38
C ILE A 934 -53.52 -7.46 28.74
N GLN A 935 -54.27 -8.56 28.84
CA GLN A 935 -53.94 -9.70 28.00
C GLN A 935 -54.43 -9.50 26.59
N ASP A 936 -55.46 -8.68 26.40
CA ASP A 936 -56.10 -8.59 25.10
C ASP A 936 -55.32 -7.68 24.16
N SER A 937 -54.70 -6.63 24.69
CA SER A 937 -53.79 -5.84 23.88
C SER A 937 -52.57 -6.65 23.49
N LEU A 938 -52.14 -7.53 24.38
CA LEU A 938 -51.02 -8.42 24.13
C LEU A 938 -51.48 -9.75 23.56
N SER A 939 -52.70 -9.83 23.03
CA SER A 939 -53.24 -11.14 22.62
C SER A 939 -52.74 -11.55 21.24
N SER A 940 -53.12 -10.80 20.21
CA SER A 940 -52.80 -11.23 18.85
C SER A 940 -51.37 -10.87 18.48
N THR A 941 -51.10 -9.57 18.32
CA THR A 941 -49.75 -9.05 18.16
C THR A 941 -49.81 -7.57 18.54
N ALA A 942 -49.33 -7.25 19.73
CA ALA A 942 -49.14 -5.86 20.08
C ALA A 942 -47.90 -5.33 19.36
N SER A 943 -47.87 -4.02 19.16
CA SER A 943 -46.69 -3.35 18.65
C SER A 943 -45.75 -2.90 19.76
N ALA A 944 -45.91 -3.46 20.97
CA ALA A 944 -45.12 -3.05 22.13
C ALA A 944 -44.40 -4.23 22.75
N LEU A 945 -44.00 -5.20 21.94
CA LEU A 945 -43.06 -6.20 22.45
C LEU A 945 -41.65 -5.77 22.12
N GLY A 946 -41.37 -5.60 20.82
CA GLY A 946 -40.41 -4.63 20.32
C GLY A 946 -39.00 -4.74 20.84
N LYS A 947 -38.69 -3.83 21.77
CA LYS A 947 -37.38 -3.75 22.41
C LYS A 947 -36.96 -5.05 23.05
N LEU A 948 -37.90 -5.82 23.56
CA LEU A 948 -37.50 -7.05 24.20
C LEU A 948 -37.37 -8.19 23.20
N GLN A 949 -37.90 -8.04 21.99
CA GLN A 949 -37.75 -9.11 21.01
C GLN A 949 -36.45 -9.01 20.24
N ASP A 950 -36.14 -7.82 19.73
CA ASP A 950 -34.92 -7.65 18.94
C ASP A 950 -33.66 -7.71 19.77
N VAL A 951 -33.75 -7.56 21.09
CA VAL A 951 -32.53 -7.50 21.89
C VAL A 951 -31.89 -8.88 21.96
N VAL A 952 -32.69 -9.93 21.83
CA VAL A 952 -32.14 -11.22 21.44
C VAL A 952 -31.63 -11.16 20.01
N ASN A 953 -32.38 -10.50 19.12
CA ASN A 953 -32.14 -10.67 17.68
C ASN A 953 -30.87 -9.94 17.24
N GLN A 954 -30.71 -8.66 17.62
CA GLN A 954 -29.48 -7.96 17.22
C GLN A 954 -28.26 -8.55 17.92
N ASN A 955 -28.43 -9.14 19.10
CA ASN A 955 -27.35 -9.93 19.67
C ASN A 955 -27.09 -11.17 18.84
N ALA A 956 -28.15 -11.78 18.30
CA ALA A 956 -28.00 -13.06 17.62
C ALA A 956 -27.27 -12.90 16.30
N GLN A 957 -27.60 -11.86 15.54
CA GLN A 957 -26.82 -11.60 14.33
C GLN A 957 -25.41 -11.14 14.65
N ALA A 958 -25.23 -10.45 15.78
CA ALA A 958 -23.89 -10.13 16.23
C ALA A 958 -23.11 -11.38 16.55
N LEU A 959 -23.76 -12.37 17.15
CA LEU A 959 -23.17 -13.70 17.22
C LEU A 959 -22.94 -14.25 15.82
N ASN A 960 -23.96 -14.13 14.97
CA ASN A 960 -23.88 -14.74 13.65
C ASN A 960 -22.88 -14.02 12.75
N THR A 961 -22.71 -12.70 12.88
CA THR A 961 -21.71 -12.05 12.04
C THR A 961 -20.29 -12.34 12.49
N LEU A 962 -20.11 -12.83 13.72
CA LEU A 962 -18.81 -13.38 14.09
C LEU A 962 -18.57 -14.69 13.36
N VAL A 963 -19.65 -15.42 13.06
CA VAL A 963 -19.49 -16.73 12.47
C VAL A 963 -19.14 -16.63 10.99
N LYS A 964 -19.70 -15.63 10.29
CA LYS A 964 -19.37 -15.43 8.88
C LYS A 964 -17.92 -15.04 8.68
N GLN A 965 -17.28 -14.51 9.69
CA GLN A 965 -15.90 -14.13 9.54
C GLN A 965 -14.97 -15.32 9.51
N LEU A 966 -15.43 -16.50 9.92
CA LEU A 966 -14.62 -17.70 9.72
C LEU A 966 -14.43 -17.97 8.23
N SER A 967 -15.46 -17.73 7.44
CA SER A 967 -15.38 -17.95 6.01
C SER A 967 -14.82 -16.75 5.26
N SER A 968 -14.35 -15.75 5.97
CA SER A 968 -13.66 -14.65 5.31
C SER A 968 -12.28 -15.10 4.85
N ASN A 969 -11.64 -14.29 4.05
CA ASN A 969 -10.45 -14.80 3.39
C ASN A 969 -9.23 -13.90 3.51
N PHE A 970 -9.41 -12.57 3.50
CA PHE A 970 -8.38 -11.59 3.85
C PHE A 970 -7.15 -11.65 2.95
N GLY A 971 -7.35 -11.96 1.68
CA GLY A 971 -6.26 -12.06 0.76
C GLY A 971 -5.48 -13.35 0.81
N ALA A 972 -5.61 -14.11 1.89
CA ALA A 972 -5.10 -15.46 1.91
C ALA A 972 -5.95 -16.33 0.98
N ILE A 973 -5.40 -17.46 0.56
CA ILE A 973 -6.00 -18.24 -0.49
C ILE A 973 -7.01 -19.26 0.04
N SER A 974 -7.41 -19.13 1.30
CA SER A 974 -8.38 -20.02 1.89
C SER A 974 -9.13 -19.31 3.01
N SER A 975 -10.08 -20.02 3.59
CA SER A 975 -10.60 -19.70 4.90
C SER A 975 -10.32 -20.78 5.92
N VAL A 976 -10.46 -22.05 5.56
CA VAL A 976 -10.10 -23.12 6.47
C VAL A 976 -8.57 -23.21 6.53
N LEU A 977 -8.06 -23.55 7.72
CA LEU A 977 -6.63 -23.64 7.91
C LEU A 977 -6.03 -24.83 7.19
N ASN A 978 -6.83 -25.89 7.01
CA ASN A 978 -6.30 -27.15 6.52
C ASN A 978 -5.92 -27.07 5.05
N ASP A 979 -6.55 -26.17 4.29
CA ASP A 979 -6.15 -25.97 2.90
C ASP A 979 -4.78 -25.32 2.81
N ILE A 980 -4.43 -24.49 3.79
CA ILE A 980 -3.08 -23.92 3.81
C ILE A 980 -2.07 -25.00 4.18
N LEU A 981 -2.42 -25.83 5.15
CA LEU A 981 -1.54 -26.91 5.55
C LEU A 981 -1.50 -28.04 4.53
N SER A 982 -2.43 -28.05 3.58
CA SER A 982 -2.42 -29.04 2.52
C SER A 982 -1.30 -28.78 1.53
N ARG A 983 -1.34 -27.63 0.86
CA ARG A 983 -0.58 -27.47 -0.37
C ARG A 983 0.37 -26.27 -0.32
N LEU A 984 0.86 -25.91 0.85
CA LEU A 984 1.80 -24.81 0.97
C LEU A 984 3.09 -25.29 1.61
N ASP A 985 4.03 -24.36 1.70
CA ASP A 985 5.35 -24.66 2.24
C ASP A 985 5.49 -24.08 3.62
N PRO A 986 5.69 -24.90 4.65
CA PRO A 986 5.68 -24.41 6.05
C PRO A 986 6.81 -23.44 6.40
N PRO A 987 7.95 -23.39 5.68
CA PRO A 987 8.81 -22.21 5.83
C PRO A 987 8.27 -20.90 5.26
N GLU A 988 7.15 -20.91 4.55
CA GLU A 988 6.60 -19.65 4.08
C GLU A 988 5.11 -19.50 4.30
N ALA A 989 4.41 -20.60 4.61
CA ALA A 989 2.95 -20.57 4.69
C ALA A 989 2.44 -19.70 5.81
N GLU A 990 3.26 -19.49 6.84
CA GLU A 990 2.92 -18.63 7.97
C GLU A 990 2.71 -17.18 7.55
N VAL A 991 3.29 -16.76 6.43
CA VAL A 991 3.06 -15.41 5.93
C VAL A 991 1.61 -15.25 5.49
N GLN A 992 1.06 -16.29 4.86
CA GLN A 992 -0.37 -16.29 4.58
C GLN A 992 -1.17 -16.42 5.87
N ILE A 993 -0.62 -17.13 6.86
CA ILE A 993 -1.28 -17.21 8.16
C ILE A 993 -1.16 -15.87 8.87
N ASP A 994 -0.11 -15.11 8.56
CA ASP A 994 0.22 -13.90 9.33
C ASP A 994 -0.87 -12.86 9.21
N ARG A 995 -1.31 -12.57 7.98
CA ARG A 995 -2.48 -11.71 7.85
C ARG A 995 -3.76 -12.44 8.24
N LEU A 996 -3.77 -13.77 8.16
CA LEU A 996 -4.97 -14.52 8.52
C LEU A 996 -5.24 -14.46 10.01
N ILE A 997 -4.19 -14.38 10.82
CA ILE A 997 -4.39 -14.21 12.25
C ILE A 997 -4.96 -12.83 12.54
N THR A 998 -4.45 -11.82 11.83
CA THR A 998 -4.78 -10.43 12.15
C THR A 998 -6.25 -10.13 11.87
N GLY A 999 -6.69 -10.38 10.64
CA GLY A 999 -8.04 -10.04 10.25
C GLY A 999 -9.10 -10.80 10.99
N ARG A 1000 -8.77 -12.02 11.43
CA ARG A 1000 -9.68 -12.72 12.30
C ARG A 1000 -9.66 -12.10 13.69
N LEU A 1001 -8.50 -11.68 14.17
CA LEU A 1001 -8.44 -10.99 15.45
C LEU A 1001 -9.01 -9.59 15.33
N GLN A 1002 -8.77 -8.95 14.18
CA GLN A 1002 -9.37 -7.64 13.90
C GLN A 1002 -10.88 -7.72 13.92
N SER A 1003 -11.43 -8.81 13.40
CA SER A 1003 -12.87 -9.01 13.50
C SER A 1003 -13.29 -9.27 14.93
N LEU A 1004 -12.40 -9.85 15.74
CA LEU A 1004 -12.80 -10.17 17.11
C LEU A 1004 -12.91 -8.92 17.97
N GLN A 1005 -12.04 -7.94 17.71
CA GLN A 1005 -12.10 -6.67 18.42
C GLN A 1005 -13.41 -5.94 18.16
N THR A 1006 -13.97 -6.10 16.96
CA THR A 1006 -15.27 -5.54 16.66
C THR A 1006 -16.34 -6.17 17.52
N TYR A 1007 -16.24 -7.48 17.75
CA TYR A 1007 -17.22 -8.14 18.60
C TYR A 1007 -17.03 -7.76 20.06
N VAL A 1008 -15.81 -7.39 20.45
CA VAL A 1008 -15.56 -6.96 21.81
C VAL A 1008 -16.30 -5.67 22.11
N THR A 1009 -16.15 -4.69 21.23
CA THR A 1009 -16.70 -3.38 21.48
C THR A 1009 -18.21 -3.37 21.36
N GLN A 1010 -18.73 -4.04 20.31
CA GLN A 1010 -20.16 -4.14 20.06
C GLN A 1010 -20.90 -4.78 21.23
N GLN A 1011 -20.27 -5.73 21.91
CA GLN A 1011 -20.86 -6.24 23.14
C GLN A 1011 -20.76 -5.21 24.24
N LEU A 1012 -19.57 -4.63 24.44
CA LEU A 1012 -19.30 -3.82 25.63
C LEU A 1012 -20.14 -2.55 25.67
N ILE A 1013 -20.38 -1.93 24.52
CA ILE A 1013 -21.10 -0.67 24.51
C ILE A 1013 -22.56 -0.88 24.90
N ARG A 1014 -23.19 -1.90 24.33
CA ARG A 1014 -24.55 -2.21 24.73
C ARG A 1014 -24.62 -2.78 26.13
N ALA A 1015 -23.55 -3.43 26.59
CA ALA A 1015 -23.53 -3.99 27.93
C ALA A 1015 -23.60 -2.91 28.97
N ALA A 1016 -22.89 -1.81 28.76
CA ALA A 1016 -23.07 -0.64 29.59
C ALA A 1016 -24.44 -0.03 29.36
N GLU A 1017 -24.92 -0.10 28.12
CA GLU A 1017 -26.22 0.47 27.80
C GLU A 1017 -27.34 -0.35 28.41
N ILE A 1018 -27.14 -1.66 28.54
CA ILE A 1018 -28.15 -2.47 29.22
C ILE A 1018 -28.16 -2.17 30.71
N ARG A 1019 -26.98 -2.16 31.33
CA ARG A 1019 -26.89 -2.02 32.78
C ARG A 1019 -27.38 -0.66 33.23
N ALA A 1020 -27.02 0.39 32.50
CA ALA A 1020 -27.53 1.72 32.80
C ALA A 1020 -29.04 1.77 32.60
N SER A 1021 -29.54 1.01 31.63
CA SER A 1021 -30.98 0.84 31.57
C SER A 1021 -31.48 -0.05 32.69
N ALA A 1022 -30.70 -1.06 33.06
CA ALA A 1022 -31.18 -2.02 34.05
C ALA A 1022 -31.15 -1.43 35.45
N ASN A 1023 -30.16 -0.59 35.74
CA ASN A 1023 -30.14 0.06 37.03
C ASN A 1023 -31.31 1.01 37.18
N LEU A 1024 -31.76 1.60 36.07
CA LEU A 1024 -33.03 2.30 36.07
C LEU A 1024 -34.18 1.33 36.30
N ALA A 1025 -34.07 0.11 35.77
CA ALA A 1025 -35.17 -0.83 35.88
C ALA A 1025 -35.34 -1.31 37.32
N ALA A 1026 -34.23 -1.59 37.99
CA ALA A 1026 -34.31 -1.87 39.41
C ALA A 1026 -34.73 -0.66 40.21
N THR A 1027 -34.39 0.53 39.72
CA THR A 1027 -34.89 1.72 40.38
C THR A 1027 -36.39 1.86 40.17
N LYS A 1028 -36.88 1.45 39.00
CA LYS A 1028 -38.32 1.39 38.79
C LYS A 1028 -38.95 0.26 39.59
N MET A 1029 -38.18 -0.81 39.88
CA MET A 1029 -38.63 -1.76 40.88
C MET A 1029 -38.69 -1.13 42.25
N SER A 1030 -37.81 -0.17 42.53
CA SER A 1030 -37.69 0.34 43.88
C SER A 1030 -38.85 1.27 44.25
N GLU A 1031 -38.94 2.43 43.61
CA GLU A 1031 -39.92 3.42 44.06
C GLU A 1031 -41.34 3.05 43.68
N CYS A 1032 -41.55 2.11 42.78
CA CYS A 1032 -42.87 1.91 42.23
C CYS A 1032 -43.50 0.57 42.59
N VAL A 1033 -42.75 -0.38 43.11
CA VAL A 1033 -43.29 -1.64 43.58
C VAL A 1033 -43.29 -1.71 45.09
N LEU A 1034 -42.16 -1.35 45.71
CA LEU A 1034 -42.05 -1.45 47.15
C LEU A 1034 -42.86 -0.38 47.86
N GLY A 1035 -43.14 0.72 47.18
CA GLY A 1035 -43.85 1.81 47.80
C GLY A 1035 -44.54 2.63 46.73
N GLN A 1036 -45.16 3.72 47.17
CA GLN A 1036 -46.01 4.53 46.32
C GLN A 1036 -45.32 5.86 46.06
N SER A 1037 -44.67 5.96 44.90
CA SER A 1037 -43.84 7.13 44.64
C SER A 1037 -44.68 8.35 44.28
N LYS A 1038 -43.99 9.46 44.07
CA LYS A 1038 -44.62 10.73 43.76
C LYS A 1038 -44.15 11.35 42.48
N ARG A 1039 -43.01 10.94 41.95
CA ARG A 1039 -42.46 11.54 40.75
C ARG A 1039 -43.35 11.22 39.54
N VAL A 1040 -44.05 12.21 39.06
CA VAL A 1040 -45.09 11.99 38.06
C VAL A 1040 -44.47 11.64 36.72
N ASP A 1041 -45.19 10.79 35.97
CA ASP A 1041 -44.77 10.22 34.70
C ASP A 1041 -43.46 9.46 34.82
N PHE A 1042 -43.25 8.79 35.95
CA PHE A 1042 -42.12 7.90 36.08
C PHE A 1042 -42.49 6.44 36.06
N CYS A 1043 -43.69 6.12 36.55
CA CYS A 1043 -44.21 4.75 36.48
C CYS A 1043 -45.68 4.82 36.05
N GLY A 1044 -45.89 4.76 34.74
CA GLY A 1044 -47.23 4.86 34.19
C GLY A 1044 -47.68 6.29 34.02
N LYS A 1045 -48.25 6.60 32.87
CA LYS A 1045 -48.74 7.95 32.63
C LYS A 1045 -50.02 8.16 33.43
N GLY A 1046 -49.92 8.95 34.48
CA GLY A 1046 -51.03 9.17 35.38
C GLY A 1046 -50.53 9.17 36.80
N TYR A 1047 -51.42 9.57 37.71
CA TYR A 1047 -51.14 9.48 39.15
C TYR A 1047 -50.90 8.04 39.55
N HIS A 1048 -49.76 7.78 40.16
CA HIS A 1048 -49.33 6.42 40.44
C HIS A 1048 -50.08 5.87 41.64
N LEU A 1049 -50.79 4.75 41.45
CA LEU A 1049 -51.46 4.11 42.57
C LEU A 1049 -50.60 2.99 43.15
N MET A 1050 -50.31 1.98 42.34
CA MET A 1050 -49.51 0.84 42.73
C MET A 1050 -48.98 0.19 41.46
N SER A 1051 -48.45 -1.02 41.59
CA SER A 1051 -47.85 -1.69 40.45
C SER A 1051 -47.82 -3.18 40.72
N PHE A 1052 -47.48 -3.94 39.68
CA PHE A 1052 -47.36 -5.39 39.72
C PHE A 1052 -46.30 -5.84 38.75
N PRO A 1053 -45.17 -6.33 39.23
CA PRO A 1053 -44.16 -6.86 38.32
C PRO A 1053 -44.48 -8.29 37.92
N GLN A 1054 -44.10 -8.63 36.69
CA GLN A 1054 -44.28 -9.98 36.18
C GLN A 1054 -43.00 -10.46 35.52
N SER A 1055 -42.86 -11.78 35.45
CA SER A 1055 -41.67 -12.36 34.88
C SER A 1055 -41.65 -12.19 33.37
N ALA A 1056 -40.51 -12.46 32.77
CA ALA A 1056 -40.25 -12.09 31.39
C ALA A 1056 -39.06 -12.91 30.92
N PRO A 1057 -38.81 -13.03 29.61
CA PRO A 1057 -37.63 -13.79 29.18
C PRO A 1057 -36.31 -13.15 29.56
N HIS A 1058 -36.15 -11.86 29.33
CA HIS A 1058 -34.90 -11.21 29.75
C HIS A 1058 -35.17 -9.86 30.35
N GLY A 1059 -36.36 -9.67 30.91
CA GLY A 1059 -36.73 -8.35 31.35
C GLY A 1059 -37.63 -8.34 32.55
N VAL A 1060 -38.33 -7.24 32.74
CA VAL A 1060 -39.39 -7.13 33.72
C VAL A 1060 -40.57 -6.45 33.04
N VAL A 1061 -41.78 -6.95 33.30
CA VAL A 1061 -42.98 -6.33 32.80
C VAL A 1061 -43.74 -5.78 33.99
N PHE A 1062 -43.90 -4.46 34.04
CA PHE A 1062 -44.69 -3.88 35.10
C PHE A 1062 -46.14 -3.74 34.67
N LEU A 1063 -47.03 -3.65 35.66
CA LEU A 1063 -48.42 -3.30 35.42
C LEU A 1063 -48.66 -2.03 36.21
N HIS A 1064 -48.37 -0.90 35.60
CA HIS A 1064 -48.59 0.37 36.27
C HIS A 1064 -50.08 0.67 36.27
N VAL A 1065 -50.62 0.90 37.45
CA VAL A 1065 -52.03 1.14 37.62
C VAL A 1065 -52.18 2.62 37.93
N THR A 1066 -52.55 3.41 36.93
CA THR A 1066 -52.58 4.85 37.11
C THR A 1066 -53.97 5.29 37.57
N TYR A 1067 -54.13 6.61 37.72
CA TYR A 1067 -55.39 7.20 38.13
C TYR A 1067 -55.70 8.31 37.12
N VAL A 1068 -56.55 8.01 36.15
CA VAL A 1068 -56.87 8.97 35.10
C VAL A 1068 -58.28 9.48 35.34
N PRO A 1069 -58.46 10.76 35.58
CA PRO A 1069 -59.80 11.31 35.78
C PRO A 1069 -60.37 11.80 34.45
N ALA A 1070 -61.70 11.95 34.43
CA ALA A 1070 -62.37 12.40 33.23
C ALA A 1070 -63.69 13.08 33.59
N GLN A 1071 -64.40 13.54 32.56
CA GLN A 1071 -65.73 14.12 32.65
C GLN A 1071 -65.74 15.36 33.57
N GLU A 1072 -65.02 16.36 33.09
CA GLU A 1072 -64.93 17.62 33.80
C GLU A 1072 -66.20 18.43 33.65
N LYS A 1073 -66.41 19.36 34.57
CA LYS A 1073 -67.54 20.29 34.54
C LYS A 1073 -67.04 21.63 35.07
N ASN A 1074 -66.81 22.60 34.18
CA ASN A 1074 -66.15 23.81 34.63
C ASN A 1074 -67.11 24.69 35.42
N PHE A 1075 -66.60 25.24 36.51
CA PHE A 1075 -67.40 25.90 37.54
C PHE A 1075 -66.92 27.32 37.74
N THR A 1076 -67.77 28.13 38.38
CA THR A 1076 -67.44 29.52 38.65
C THR A 1076 -66.67 29.60 39.96
N THR A 1077 -65.38 29.95 39.88
CA THR A 1077 -64.47 29.76 40.99
C THR A 1077 -63.82 31.06 41.41
N ALA A 1078 -63.25 31.05 42.62
CA ALA A 1078 -62.63 32.23 43.20
C ALA A 1078 -61.51 31.83 44.15
N PRO A 1079 -60.43 32.58 44.22
CA PRO A 1079 -59.25 32.11 44.94
C PRO A 1079 -59.30 32.36 46.43
N ALA A 1080 -60.25 33.17 46.87
CA ALA A 1080 -60.30 33.50 48.29
C ALA A 1080 -61.72 33.89 48.66
N ILE A 1081 -62.02 33.80 49.96
CA ILE A 1081 -63.32 34.18 50.49
C ILE A 1081 -63.11 35.23 51.56
N CYS A 1082 -63.72 36.40 51.39
CA CYS A 1082 -63.80 37.39 52.45
C CYS A 1082 -65.13 37.28 53.18
N HIS A 1083 -65.06 37.17 54.50
CA HIS A 1083 -66.19 37.41 55.38
C HIS A 1083 -65.67 38.17 56.58
N ASP A 1084 -66.47 39.14 57.05
CA ASP A 1084 -66.18 39.97 58.22
C ASP A 1084 -64.85 40.71 58.06
N GLY A 1085 -64.58 41.16 56.83
CA GLY A 1085 -63.35 41.85 56.51
C GLY A 1085 -62.09 41.02 56.54
N LYS A 1086 -62.20 39.72 56.80
CA LYS A 1086 -61.04 38.88 57.03
C LYS A 1086 -61.02 37.73 56.04
N ALA A 1087 -59.82 37.40 55.59
CA ALA A 1087 -59.64 36.43 54.53
C ALA A 1087 -59.88 35.01 55.04
N HIS A 1088 -60.10 34.10 54.11
CA HIS A 1088 -60.33 32.71 54.41
C HIS A 1088 -59.70 31.87 53.32
N PHE A 1089 -59.11 30.76 53.71
CA PHE A 1089 -58.40 30.00 52.72
C PHE A 1089 -58.60 28.55 53.10
N PRO A 1090 -59.00 27.71 52.15
CA PRO A 1090 -59.31 26.32 52.48
C PRO A 1090 -58.04 25.54 52.77
N ARG A 1091 -58.21 24.46 53.54
CA ARG A 1091 -57.05 23.70 53.96
C ARG A 1091 -56.44 22.94 52.80
N GLU A 1092 -57.27 22.31 51.97
CA GLU A 1092 -56.82 21.92 50.65
C GLU A 1092 -58.02 22.01 49.74
N GLY A 1093 -57.79 22.48 48.51
CA GLY A 1093 -58.90 22.57 47.60
C GLY A 1093 -59.24 23.98 47.19
N VAL A 1094 -60.40 24.14 46.56
CA VAL A 1094 -60.77 25.40 45.93
C VAL A 1094 -62.16 25.80 46.42
N PHE A 1095 -62.67 26.91 45.90
CA PHE A 1095 -64.06 27.26 46.04
C PHE A 1095 -64.73 27.30 44.67
N VAL A 1096 -65.78 26.52 44.52
CA VAL A 1096 -66.57 26.55 43.30
C VAL A 1096 -67.96 27.01 43.66
N SER A 1097 -68.67 27.49 42.64
CA SER A 1097 -70.09 27.76 42.78
C SER A 1097 -70.80 27.41 41.49
N ASN A 1098 -72.01 26.90 41.61
CA ASN A 1098 -72.88 26.75 40.45
C ASN A 1098 -73.76 27.99 40.27
N GLY A 1099 -73.11 29.14 40.24
CA GLY A 1099 -73.81 30.39 40.06
C GLY A 1099 -74.23 31.05 41.36
N THR A 1100 -74.79 30.27 42.28
CA THR A 1100 -75.37 30.83 43.50
C THR A 1100 -74.61 30.42 44.75
N HIS A 1101 -74.49 29.12 45.01
CA HIS A 1101 -74.00 28.64 46.29
C HIS A 1101 -72.56 28.21 46.16
N TRP A 1102 -71.71 28.70 47.06
CA TRP A 1102 -70.32 28.29 47.02
C TRP A 1102 -70.13 26.96 47.73
N PHE A 1103 -69.04 26.26 47.38
CA PHE A 1103 -68.75 24.96 47.94
C PHE A 1103 -67.25 24.79 48.11
N VAL A 1104 -66.88 23.64 48.69
CA VAL A 1104 -65.48 23.25 48.93
C VAL A 1104 -65.28 21.84 48.45
N THR A 1105 -64.31 21.63 47.56
CA THR A 1105 -63.87 20.29 47.23
C THR A 1105 -62.37 20.34 46.98
N GLN A 1106 -61.76 19.17 46.92
CA GLN A 1106 -60.33 19.01 46.84
C GLN A 1106 -59.83 19.13 45.41
N ARG A 1107 -58.52 19.36 45.31
CA ARG A 1107 -57.77 19.77 44.14
C ARG A 1107 -57.84 18.80 42.96
N ASN A 1108 -58.27 17.56 43.16
CA ASN A 1108 -58.25 16.60 42.06
C ASN A 1108 -59.52 15.76 41.96
N PHE A 1109 -60.53 16.02 42.78
CA PHE A 1109 -61.77 15.27 42.67
C PHE A 1109 -62.92 16.13 43.15
N TYR A 1110 -64.09 15.93 42.57
CA TYR A 1110 -65.27 16.74 42.89
C TYR A 1110 -66.09 16.07 43.97
N GLU A 1111 -66.19 16.74 45.10
CA GLU A 1111 -67.09 16.32 46.18
C GLU A 1111 -67.38 17.58 46.98
N PRO A 1112 -68.46 18.29 46.66
CA PRO A 1112 -68.70 19.58 47.32
C PRO A 1112 -69.18 19.39 48.75
N GLN A 1113 -68.78 20.32 49.61
CA GLN A 1113 -69.21 20.35 51.00
C GLN A 1113 -69.52 21.80 51.35
N ILE A 1114 -69.76 22.04 52.63
CA ILE A 1114 -70.21 23.34 53.11
C ILE A 1114 -69.02 24.09 53.68
N ILE A 1115 -68.92 25.37 53.32
CA ILE A 1115 -67.92 26.27 53.90
C ILE A 1115 -68.17 26.39 55.39
N THR A 1116 -67.18 26.04 56.17
CA THR A 1116 -67.36 25.83 57.58
C THR A 1116 -66.30 26.64 58.30
N THR A 1117 -66.11 26.41 59.59
CA THR A 1117 -64.98 27.03 60.25
C THR A 1117 -63.73 26.16 60.12
N ASP A 1118 -63.88 24.85 60.32
CA ASP A 1118 -62.75 23.94 60.42
C ASP A 1118 -61.95 23.80 59.14
N ASN A 1119 -62.60 23.93 57.99
CA ASN A 1119 -61.97 23.71 56.70
C ASN A 1119 -61.13 24.89 56.24
N THR A 1120 -61.00 25.93 57.04
CA THR A 1120 -60.24 27.11 56.64
C THR A 1120 -59.54 27.69 57.86
N PHE A 1121 -58.74 28.72 57.60
CA PHE A 1121 -58.09 29.50 58.65
C PHE A 1121 -58.10 30.96 58.24
N VAL A 1122 -57.66 31.83 59.15
CA VAL A 1122 -57.77 33.27 58.97
C VAL A 1122 -56.41 33.94 59.09
N SER A 1123 -56.23 35.02 58.32
CA SER A 1123 -55.10 35.93 58.39
C SER A 1123 -55.42 37.17 57.56
N GLY A 1124 -55.13 38.33 58.13
CA GLY A 1124 -55.13 39.57 57.38
C GLY A 1124 -56.46 40.22 57.07
N ASN A 1125 -56.40 41.47 56.62
CA ASN A 1125 -57.56 42.22 56.16
C ASN A 1125 -57.95 41.74 54.77
N CYS A 1126 -59.17 42.11 54.36
CA CYS A 1126 -59.71 41.65 53.08
C CYS A 1126 -59.04 42.34 51.91
N ASP A 1127 -59.01 43.68 51.93
CA ASP A 1127 -58.77 44.47 50.73
C ASP A 1127 -57.34 44.43 50.24
N VAL A 1128 -56.43 43.76 50.94
CA VAL A 1128 -55.07 43.69 50.48
C VAL A 1128 -54.90 42.71 49.34
N VAL A 1129 -55.87 41.83 49.11
CA VAL A 1129 -55.75 40.80 48.09
C VAL A 1129 -56.78 41.07 47.01
N ILE A 1130 -56.35 41.00 45.75
CA ILE A 1130 -57.27 41.23 44.66
C ILE A 1130 -58.11 39.99 44.41
N GLY A 1131 -59.18 40.16 43.63
CA GLY A 1131 -59.91 39.03 43.08
C GLY A 1131 -60.70 38.23 44.09
N ILE A 1132 -61.19 38.83 45.12
CA ILE A 1132 -61.96 38.11 46.12
C ILE A 1132 -63.44 38.40 45.92
N VAL A 1133 -64.25 37.37 46.07
CA VAL A 1133 -65.69 37.51 46.05
C VAL A 1133 -66.20 37.45 47.48
N ASN A 1134 -67.50 37.66 47.65
CA ASN A 1134 -68.07 37.78 48.96
C ASN A 1134 -69.11 36.69 49.19
N ASN A 1135 -69.06 36.08 50.37
CA ASN A 1135 -70.04 35.08 50.78
C ASN A 1135 -69.97 34.94 52.29
N THR A 1136 -71.09 34.58 52.90
CA THR A 1136 -71.11 34.29 54.33
C THR A 1136 -70.40 32.97 54.59
N VAL A 1137 -69.89 32.83 55.82
CA VAL A 1137 -69.21 31.62 56.25
C VAL A 1137 -70.00 31.00 57.38
N TYR A 1138 -70.38 29.74 57.20
CA TYR A 1138 -71.09 29.03 58.24
C TYR A 1138 -70.16 28.65 59.38
N ASP A 1139 -70.66 28.80 60.59
CA ASP A 1139 -69.94 28.43 61.81
C ASP A 1139 -70.72 27.26 62.41
N PRO A 1140 -70.09 26.10 62.61
CA PRO A 1140 -70.81 25.00 63.27
C PRO A 1140 -70.99 25.23 64.75
N LEU A 1141 -70.20 26.10 65.37
CA LEU A 1141 -70.32 26.32 66.80
C LEU A 1141 -71.55 27.16 67.15
N GLN A 1142 -72.05 27.94 66.20
CA GLN A 1142 -73.21 28.78 66.47
C GLN A 1142 -74.53 28.02 66.66
N PRO A 1143 -74.89 26.99 65.88
CA PRO A 1143 -76.03 26.18 66.31
C PRO A 1143 -75.72 25.34 67.52
N GLU A 1144 -74.44 25.01 67.73
CA GLU A 1144 -74.04 24.46 69.01
C GLU A 1144 -74.19 25.49 70.12
N LEU A 1145 -73.92 26.77 69.81
CA LEU A 1145 -74.24 27.85 70.73
C LEU A 1145 -75.76 28.00 70.85
N ASP A 1146 -76.50 27.70 69.80
CA ASP A 1146 -77.95 27.78 69.81
C ASP A 1146 -78.61 26.48 70.24
N SER A 1147 -77.82 25.42 70.42
CA SER A 1147 -78.37 24.16 70.93
C SER A 1147 -78.88 24.31 72.35
N PHE A 1148 -78.21 25.14 73.15
CA PHE A 1148 -78.65 25.45 74.49
C PHE A 1148 -78.82 26.95 74.63
N LYS A 1149 -79.95 27.36 75.16
CA LYS A 1149 -80.26 28.78 75.34
C LYS A 1149 -80.77 29.07 76.74
N ALA B 27 27.98 42.94 12.95
CA ALA B 27 26.79 43.64 13.42
C ALA B 27 25.57 42.74 13.34
N TYR B 28 24.48 43.16 13.97
CA TYR B 28 23.25 42.39 13.96
C TYR B 28 22.06 43.35 14.05
N THR B 29 20.93 42.93 13.48
CA THR B 29 19.65 43.59 13.71
C THR B 29 18.59 42.52 13.97
N ASN B 30 17.36 42.97 14.16
CA ASN B 30 16.27 42.10 14.59
C ASN B 30 15.48 41.64 13.37
N SER B 31 15.62 40.37 13.03
CA SER B 31 14.78 39.73 12.03
C SER B 31 13.42 39.53 12.66
N PHE B 32 12.55 40.52 12.51
CA PHE B 32 11.26 40.53 13.18
C PHE B 32 10.34 39.40 12.71
N THR B 33 9.84 39.50 11.48
CA THR B 33 8.91 38.51 10.95
C THR B 33 9.15 38.13 9.50
N ARG B 34 9.95 38.88 8.74
CA ARG B 34 9.77 38.94 7.30
C ARG B 34 10.39 37.79 6.54
N GLY B 35 10.91 36.77 7.22
CA GLY B 35 11.38 35.61 6.50
C GLY B 35 10.30 34.57 6.27
N VAL B 36 9.38 34.81 5.34
CA VAL B 36 8.25 33.92 5.14
C VAL B 36 7.81 33.95 3.68
N TYR B 37 7.59 32.76 3.12
CA TYR B 37 7.22 32.64 1.72
C TYR B 37 6.11 31.61 1.56
N TYR B 38 5.56 31.54 0.36
CA TYR B 38 4.52 30.56 0.03
C TYR B 38 5.18 29.21 -0.12
N PRO B 39 4.70 28.18 0.58
CA PRO B 39 5.49 26.94 0.73
C PRO B 39 5.68 26.15 -0.55
N ASP B 40 4.84 26.37 -1.56
CA ASP B 40 4.98 25.70 -2.83
C ASP B 40 4.12 26.43 -3.85
N LYS B 41 4.16 25.93 -5.09
CA LYS B 41 3.33 26.43 -6.16
C LYS B 41 1.90 25.89 -6.07
N VAL B 42 1.67 26.06 -4.71
CA VAL B 42 0.49 25.41 -4.38
C VAL B 42 -0.65 25.79 -3.50
N PHE B 43 -1.87 26.54 -3.66
CA PHE B 43 -2.86 27.37 -2.87
C PHE B 43 -4.15 27.15 -2.44
N ARG B 44 -4.33 27.15 -1.11
CA ARG B 44 -5.59 27.10 -0.37
C ARG B 44 -6.11 28.53 -0.18
N SER B 45 -7.34 28.70 0.27
CA SER B 45 -7.86 30.00 0.63
C SER B 45 -8.53 29.95 1.99
N SER B 46 -8.28 31.00 2.81
CA SER B 46 -8.91 31.23 4.11
C SER B 46 -8.69 30.10 5.11
N VAL B 47 -7.48 29.57 5.23
CA VAL B 47 -7.21 28.46 6.13
C VAL B 47 -6.21 28.91 7.19
N LEU B 48 -5.88 27.99 8.08
CA LEU B 48 -4.74 28.11 8.97
C LEU B 48 -3.94 26.82 8.83
N HIS B 49 -3.07 26.77 7.83
CA HIS B 49 -2.38 25.54 7.47
C HIS B 49 -0.97 25.53 8.06
N SER B 50 -0.51 24.36 8.48
CA SER B 50 0.83 24.21 9.03
C SER B 50 1.70 23.40 8.07
N THR B 51 3.00 23.59 8.20
CA THR B 51 3.97 22.92 7.35
C THR B 51 5.34 22.96 8.00
N GLN B 52 6.35 22.52 7.25
CA GLN B 52 7.73 22.66 7.66
C GLN B 52 8.61 22.80 6.43
N ASP B 53 9.58 23.71 6.51
CA ASP B 53 10.65 23.84 5.53
C ASP B 53 11.80 24.54 6.24
N LEU B 54 12.85 24.85 5.50
CA LEU B 54 13.92 25.70 5.98
C LEU B 54 13.40 27.14 6.01
N PHE B 55 13.58 27.83 7.13
CA PHE B 55 13.02 29.17 7.24
C PHE B 55 13.91 30.05 8.10
N LEU B 56 13.81 31.34 7.86
CA LEU B 56 14.27 32.31 8.83
C LEU B 56 13.40 32.21 10.07
N PRO B 57 13.97 31.99 11.26
CA PRO B 57 13.16 31.96 12.47
C PRO B 57 12.83 33.38 12.93
N PHE B 58 11.70 33.48 13.63
CA PHE B 58 11.22 34.79 14.05
C PHE B 58 12.03 35.35 15.21
N PHE B 59 12.11 36.68 15.25
CA PHE B 59 12.68 37.47 16.35
C PHE B 59 14.15 37.12 16.60
N SER B 60 14.84 36.68 15.57
CA SER B 60 16.23 36.30 15.71
C SER B 60 17.13 37.45 15.32
N ASN B 61 18.43 37.30 15.59
CA ASN B 61 19.37 38.27 15.04
C ASN B 61 19.45 38.10 13.53
N VAL B 62 19.69 39.20 12.85
CA VAL B 62 20.05 39.17 11.44
C VAL B 62 21.19 40.17 11.24
N THR B 63 22.22 39.73 10.52
CA THR B 63 23.46 40.48 10.44
C THR B 63 23.36 41.63 9.43
N TRP B 64 23.85 42.81 9.84
CA TRP B 64 23.82 44.00 9.00
C TRP B 64 25.24 44.34 8.56
N PHE B 65 25.35 44.84 7.32
CA PHE B 65 26.64 45.17 6.74
C PHE B 65 26.52 46.48 5.98
N HIS B 66 27.62 46.89 5.36
CA HIS B 66 27.74 48.19 4.70
C HIS B 66 27.90 48.03 3.20
N ALA B 67 27.70 49.15 2.49
CA ALA B 67 28.14 49.30 1.11
C ALA B 67 29.14 50.47 1.10
N ILE B 68 30.37 50.17 1.44
CA ILE B 68 31.43 51.18 1.50
C ILE B 68 32.10 51.19 0.13
N HIS B 69 32.69 52.34 -0.21
CA HIS B 69 33.33 52.62 -1.51
C HIS B 69 32.41 52.37 -2.71
N ASP B 80 32.91 47.52 -0.26
CA ASP B 80 33.71 46.34 0.02
C ASP B 80 33.12 45.08 -0.60
N ASN B 81 33.68 43.94 -0.23
CA ASN B 81 33.09 42.64 -0.54
C ASN B 81 33.54 41.66 0.54
N PRO B 82 32.90 41.66 1.70
CA PRO B 82 33.37 40.80 2.79
C PRO B 82 33.01 39.34 2.60
N VAL B 83 33.46 38.49 3.51
CA VAL B 83 33.21 37.05 3.46
C VAL B 83 32.06 36.72 4.40
N LEU B 84 31.02 36.10 3.87
CA LEU B 84 29.83 35.77 4.65
C LEU B 84 29.47 34.31 4.48
N PRO B 85 28.92 33.67 5.52
CA PRO B 85 28.50 32.27 5.39
C PRO B 85 27.21 32.13 4.62
N PHE B 86 26.87 30.90 4.20
CA PHE B 86 25.61 30.67 3.53
C PHE B 86 25.02 29.34 4.00
N ASN B 87 24.03 29.43 4.89
CA ASN B 87 23.53 28.29 5.66
C ASN B 87 22.17 27.85 5.13
N ASP B 88 22.18 27.00 4.09
CA ASP B 88 21.01 26.31 3.55
C ASP B 88 19.92 27.29 3.10
N GLY B 89 20.29 28.24 2.26
CA GLY B 89 19.37 29.28 1.87
C GLY B 89 19.35 30.42 2.88
N VAL B 90 19.17 31.64 2.35
CA VAL B 90 19.27 32.85 3.14
C VAL B 90 18.00 33.67 2.89
N TYR B 91 17.66 34.53 3.85
CA TYR B 91 16.78 35.66 3.61
C TYR B 91 17.66 36.84 3.27
N PHE B 92 17.47 37.41 2.09
CA PHE B 92 18.28 38.53 1.66
C PHE B 92 17.41 39.74 1.33
N ALA B 93 17.88 40.92 1.73
CA ALA B 93 17.24 42.16 1.37
C ALA B 93 18.26 43.27 1.42
N SER B 94 17.87 44.41 0.85
CA SER B 94 18.68 45.63 0.85
C SER B 94 17.78 46.80 0.54
N THR B 95 18.08 47.94 1.13
CA THR B 95 17.33 49.17 0.86
C THR B 95 18.02 49.94 -0.26
N GLU B 96 17.34 50.04 -1.40
CA GLU B 96 17.93 50.62 -2.59
C GLU B 96 16.84 51.00 -3.57
N LYS B 97 17.17 51.92 -4.48
CA LYS B 97 16.35 52.16 -5.66
C LYS B 97 17.18 52.49 -6.89
N SER B 98 18.50 52.37 -6.81
CA SER B 98 19.37 52.95 -7.82
C SER B 98 20.46 51.99 -8.29
N ASN B 99 20.21 50.68 -8.18
CA ASN B 99 21.00 49.61 -8.79
C ASN B 99 22.45 49.61 -8.29
N ILE B 100 22.57 49.46 -6.97
CA ILE B 100 23.88 49.39 -6.34
C ILE B 100 24.40 47.97 -6.52
N ILE B 101 23.65 47.00 -6.01
CA ILE B 101 24.00 45.60 -6.14
C ILE B 101 23.77 45.16 -7.58
N ARG B 102 24.51 44.17 -8.03
CA ARG B 102 24.40 43.68 -9.38
C ARG B 102 24.13 42.18 -9.49
N GLY B 103 24.23 41.44 -8.41
CA GLY B 103 23.90 40.03 -8.44
C GLY B 103 24.67 39.27 -7.39
N TRP B 104 24.79 37.97 -7.63
CA TRP B 104 25.37 37.05 -6.66
C TRP B 104 26.39 36.16 -7.33
N ILE B 105 27.40 35.78 -6.55
CA ILE B 105 28.54 35.03 -7.05
C ILE B 105 28.44 33.62 -6.50
N PHE B 106 28.27 32.65 -7.38
CA PHE B 106 28.14 31.25 -7.02
C PHE B 106 29.27 30.45 -7.65
N GLY B 107 29.53 29.27 -7.10
CA GLY B 107 30.61 28.41 -7.55
C GLY B 107 31.27 27.66 -6.41
N THR B 108 31.54 26.37 -6.60
CA THR B 108 31.91 25.54 -5.45
C THR B 108 33.33 25.80 -4.98
N THR B 109 34.21 26.34 -5.83
CA THR B 109 35.49 26.79 -5.33
C THR B 109 35.96 28.10 -5.95
N LEU B 110 35.24 28.65 -6.92
CA LEU B 110 35.29 30.08 -7.29
C LEU B 110 36.63 30.54 -7.85
N ASP B 111 37.35 29.62 -8.53
CA ASP B 111 38.61 30.03 -9.14
C ASP B 111 38.80 29.40 -10.52
N SER B 112 37.75 29.43 -11.35
CA SER B 112 37.71 28.98 -12.75
C SER B 112 37.97 27.49 -12.92
N LYS B 113 37.95 26.73 -11.82
CA LYS B 113 37.97 25.27 -11.84
C LYS B 113 36.68 24.71 -11.27
N THR B 114 35.61 25.49 -11.32
CA THR B 114 34.39 25.27 -10.57
C THR B 114 33.20 25.32 -11.50
N GLN B 115 32.08 24.72 -11.08
CA GLN B 115 30.84 24.86 -11.84
C GLN B 115 30.08 26.06 -11.31
N SER B 116 30.37 27.25 -11.87
CA SER B 116 29.99 28.52 -11.26
C SER B 116 28.72 29.04 -11.90
N LEU B 117 27.69 29.26 -11.09
CA LEU B 117 26.49 29.94 -11.55
C LEU B 117 26.65 31.44 -11.33
N LEU B 118 25.96 32.22 -12.16
CA LEU B 118 26.12 33.67 -12.11
C LEU B 118 24.75 34.31 -12.24
N ILE B 119 24.59 35.44 -11.56
CA ILE B 119 23.38 36.26 -11.65
C ILE B 119 23.82 37.67 -11.99
N VAL B 120 23.34 38.20 -13.12
CA VAL B 120 23.76 39.50 -13.59
C VAL B 120 22.52 40.38 -13.72
N ASN B 121 22.52 41.50 -13.01
CA ASN B 121 21.54 42.55 -13.26
C ASN B 121 21.98 43.33 -14.47
N ASN B 122 21.06 43.52 -15.41
CA ASN B 122 21.35 44.19 -16.68
C ASN B 122 20.62 45.52 -16.80
N ALA B 123 19.61 45.74 -15.95
CA ALA B 123 18.48 46.67 -16.09
C ALA B 123 17.55 46.31 -17.26
N THR B 124 17.81 45.20 -17.93
CA THR B 124 16.94 44.65 -18.96
C THR B 124 16.51 43.21 -18.63
N ASN B 125 17.46 42.34 -18.31
CA ASN B 125 17.17 40.94 -18.02
C ASN B 125 18.08 40.44 -16.93
N VAL B 126 17.49 39.78 -15.92
CA VAL B 126 18.27 39.03 -14.95
C VAL B 126 18.72 37.76 -15.66
N VAL B 127 19.95 37.74 -16.13
CA VAL B 127 20.45 36.61 -16.90
C VAL B 127 21.24 35.68 -15.99
N ILE B 128 21.24 34.40 -16.34
CA ILE B 128 21.87 33.37 -15.53
C ILE B 128 22.78 32.56 -16.44
N LYS B 129 24.06 32.48 -16.08
CA LYS B 129 25.03 31.70 -16.82
C LYS B 129 25.69 30.72 -15.87
N VAL B 130 25.90 29.48 -16.33
CA VAL B 130 26.57 28.45 -15.55
C VAL B 130 27.84 28.09 -16.31
N CYS B 131 28.93 28.77 -15.99
CA CYS B 131 30.19 28.64 -16.73
C CYS B 131 31.34 28.74 -15.73
N GLU B 132 32.54 28.99 -16.24
CA GLU B 132 33.72 29.26 -15.42
C GLU B 132 34.15 30.71 -15.64
N PHE B 133 34.46 31.41 -14.56
CA PHE B 133 34.86 32.80 -14.63
C PHE B 133 36.00 33.09 -13.67
N GLN B 134 36.63 34.24 -13.87
CA GLN B 134 37.77 34.67 -13.09
C GLN B 134 37.33 35.72 -12.10
N PHE B 135 37.74 35.52 -10.84
CA PHE B 135 37.25 36.31 -9.71
C PHE B 135 38.44 36.88 -8.95
N CYS B 136 38.26 38.06 -8.39
CA CYS B 136 39.37 38.80 -7.77
C CYS B 136 39.03 39.17 -6.34
N ASN B 137 39.81 40.08 -5.75
CA ASN B 137 39.39 40.71 -4.51
C ASN B 137 38.23 41.69 -4.71
N ASP B 138 38.00 42.13 -5.95
CA ASP B 138 36.80 42.91 -6.29
C ASP B 138 36.30 42.60 -7.71
N PRO B 139 35.72 41.38 -7.94
CA PRO B 139 35.18 41.08 -9.29
C PRO B 139 33.78 41.65 -9.44
N PHE B 140 33.65 42.69 -10.26
CA PHE B 140 32.33 43.27 -10.53
C PHE B 140 32.41 44.05 -11.82
N LEU B 141 31.30 44.69 -12.17
CA LEU B 141 31.21 45.61 -13.30
C LEU B 141 30.63 46.91 -12.78
N GLY B 142 31.28 48.03 -13.10
CA GLY B 142 30.83 49.30 -12.60
C GLY B 142 31.11 50.47 -13.52
N VAL B 143 31.26 51.65 -12.93
CA VAL B 143 31.58 52.86 -13.69
C VAL B 143 32.92 53.42 -13.23
N ASN B 165 34.18 26.11 -20.06
CA ASN B 165 33.39 24.90 -19.88
C ASN B 165 31.98 25.26 -19.47
N CYS B 166 31.18 25.70 -20.42
CA CYS B 166 29.81 26.14 -20.15
C CYS B 166 28.83 24.98 -20.26
N THR B 167 27.81 25.00 -19.39
CA THR B 167 26.80 23.95 -19.41
C THR B 167 25.36 24.42 -19.27
N PHE B 168 25.09 25.66 -18.84
CA PHE B 168 23.72 26.12 -18.78
C PHE B 168 23.66 27.64 -18.91
N GLU B 169 22.65 28.10 -19.66
CA GLU B 169 22.39 29.49 -19.97
C GLU B 169 20.91 29.76 -19.75
N TYR B 170 20.58 30.97 -19.30
CA TYR B 170 19.18 31.37 -19.19
C TYR B 170 19.06 32.88 -19.22
N VAL B 171 18.01 33.36 -19.88
CA VAL B 171 17.63 34.77 -19.89
C VAL B 171 16.19 34.88 -19.41
N SER B 172 15.92 35.91 -18.62
CA SER B 172 14.56 36.17 -18.15
C SER B 172 13.70 36.72 -19.26
N PHE B 186 16.54 55.43 0.96
CA PHE B 186 15.88 54.70 -0.12
C PHE B 186 14.50 54.24 0.33
N LYS B 187 13.61 54.09 -0.64
CA LYS B 187 12.20 53.83 -0.36
C LYS B 187 11.75 52.42 -0.71
N ASN B 188 12.66 51.54 -1.10
CA ASN B 188 12.26 50.24 -1.60
C ASN B 188 13.11 49.14 -0.98
N LEU B 189 12.52 47.95 -0.93
CA LEU B 189 13.20 46.76 -0.44
C LEU B 189 13.06 45.65 -1.47
N ARG B 190 14.18 45.27 -2.07
CA ARG B 190 14.22 44.12 -2.96
C ARG B 190 14.63 42.93 -2.09
N GLU B 191 13.64 42.10 -1.78
CA GLU B 191 13.76 41.08 -0.75
C GLU B 191 13.74 39.71 -1.42
N PHE B 192 14.89 39.07 -1.50
CA PHE B 192 15.03 37.83 -2.26
C PHE B 192 15.41 36.69 -1.34
N VAL B 193 14.94 35.49 -1.68
CA VAL B 193 15.30 34.27 -0.97
C VAL B 193 15.66 33.22 -1.99
N PHE B 194 16.87 32.68 -1.88
CA PHE B 194 17.31 31.57 -2.70
C PHE B 194 17.30 30.34 -1.82
N LYS B 195 16.82 29.22 -2.36
CA LYS B 195 17.04 27.97 -1.64
C LYS B 195 17.31 26.87 -2.67
N ASN B 196 18.02 25.85 -2.20
CA ASN B 196 18.44 24.73 -3.05
C ASN B 196 18.03 23.45 -2.34
N ILE B 197 16.81 23.06 -2.54
CA ILE B 197 16.39 21.72 -2.14
C ILE B 197 16.52 20.85 -3.37
N ASP B 198 16.86 19.57 -3.14
CA ASP B 198 16.92 18.40 -4.04
C ASP B 198 17.36 18.70 -5.47
N GLY B 199 18.37 19.55 -5.60
CA GLY B 199 18.85 19.95 -6.91
C GLY B 199 18.06 21.04 -7.58
N TYR B 200 17.09 21.64 -6.90
CA TYR B 200 16.23 22.67 -7.50
C TYR B 200 16.55 24.02 -6.88
N PHE B 201 17.05 24.93 -7.70
CA PHE B 201 17.34 26.29 -7.28
C PHE B 201 16.12 27.16 -7.55
N LYS B 202 15.63 27.83 -6.51
CA LYS B 202 14.34 28.50 -6.56
C LYS B 202 14.48 29.98 -6.25
N ILE B 203 13.59 30.77 -6.83
CA ILE B 203 13.69 32.22 -6.81
C ILE B 203 12.45 32.75 -6.09
N TYR B 204 12.63 33.21 -4.86
CA TYR B 204 11.53 33.72 -4.04
C TYR B 204 11.79 35.19 -3.74
N SER B 205 10.82 36.04 -4.06
CA SER B 205 11.07 37.47 -4.19
C SER B 205 9.96 38.29 -3.55
N LYS B 206 10.27 39.57 -3.34
CA LYS B 206 9.28 40.61 -3.08
C LYS B 206 9.92 41.97 -3.28
N HIS B 207 9.29 42.81 -4.09
CA HIS B 207 9.67 44.21 -4.26
C HIS B 207 8.63 45.06 -3.56
N THR B 208 8.96 45.55 -2.38
CA THR B 208 7.98 46.36 -1.67
C THR B 208 8.48 47.78 -1.47
N PRO B 209 7.58 48.76 -1.48
CA PRO B 209 7.98 50.13 -1.14
C PRO B 209 7.86 50.39 0.35
N ILE B 210 8.84 51.13 0.88
CA ILE B 210 8.80 51.57 2.27
C ILE B 210 9.07 53.06 2.32
N ASN B 211 9.22 53.61 3.52
CA ASN B 211 9.41 55.04 3.69
C ASN B 211 10.74 55.44 4.32
N LEU B 212 11.33 54.61 5.16
CA LEU B 212 12.54 54.98 5.90
C LEU B 212 13.73 54.17 5.40
N VAL B 213 14.88 54.37 6.03
CA VAL B 213 16.12 53.92 5.41
C VAL B 213 17.00 53.09 6.35
N ARG B 214 16.90 53.30 7.66
CA ARG B 214 17.99 52.80 8.51
C ARG B 214 17.74 51.40 9.06
N ASP B 215 16.49 50.98 9.19
CA ASP B 215 16.16 49.70 9.79
C ASP B 215 15.08 49.01 8.99
N LEU B 216 15.03 47.68 9.11
CA LEU B 216 13.88 46.93 8.63
C LEU B 216 12.67 47.30 9.49
N PRO B 217 11.54 47.61 8.89
CA PRO B 217 10.41 48.15 9.66
C PRO B 217 9.67 47.07 10.43
N GLN B 218 9.09 47.49 11.54
CA GLN B 218 8.12 46.67 12.25
C GLN B 218 6.89 46.54 11.36
N GLY B 219 6.76 45.39 10.71
CA GLY B 219 5.72 45.24 9.72
C GLY B 219 5.70 43.82 9.20
N PHE B 220 5.10 43.64 8.04
CA PHE B 220 4.90 42.31 7.50
C PHE B 220 5.11 42.32 5.99
N SER B 221 5.59 41.20 5.48
CA SER B 221 5.76 41.03 4.05
C SER B 221 5.61 39.56 3.71
N ALA B 222 5.29 39.29 2.44
CA ALA B 222 5.19 37.94 1.91
C ALA B 222 6.13 37.82 0.73
N LEU B 223 6.45 36.59 0.36
CA LEU B 223 7.34 36.33 -0.76
C LEU B 223 6.67 35.41 -1.77
N GLU B 224 6.92 35.65 -3.06
CA GLU B 224 6.30 34.93 -4.15
C GLU B 224 7.35 34.22 -5.01
N PRO B 225 6.98 33.16 -5.71
CA PRO B 225 7.93 32.48 -6.59
C PRO B 225 8.10 33.15 -7.93
N LEU B 226 9.30 32.99 -8.50
CA LEU B 226 9.55 33.40 -9.87
C LEU B 226 9.93 32.24 -10.81
N VAL B 227 11.03 31.55 -10.53
CA VAL B 227 11.66 30.62 -11.48
C VAL B 227 12.28 29.45 -10.72
N ASP B 228 11.99 28.23 -11.17
CA ASP B 228 12.73 27.05 -10.75
C ASP B 228 13.87 26.78 -11.73
N LEU B 229 15.00 26.30 -11.21
CA LEU B 229 16.16 25.97 -12.03
C LEU B 229 16.89 24.75 -11.46
N PRO B 230 17.04 23.69 -12.24
CA PRO B 230 17.80 22.52 -11.76
C PRO B 230 19.31 22.63 -11.91
N ILE B 231 20.05 22.92 -10.82
CA ILE B 231 21.50 22.98 -10.89
C ILE B 231 22.18 22.09 -9.84
N GLY B 232 21.99 22.42 -8.56
CA GLY B 232 22.54 21.63 -7.48
C GLY B 232 24.02 21.76 -7.16
N ILE B 233 24.47 22.92 -6.67
CA ILE B 233 25.90 23.11 -6.42
C ILE B 233 26.27 23.60 -5.01
N ASN B 234 25.75 24.75 -4.60
CA ASN B 234 26.40 25.50 -3.53
C ASN B 234 25.67 25.42 -2.21
N ILE B 235 26.36 24.95 -1.17
CA ILE B 235 26.25 25.45 0.21
C ILE B 235 27.65 25.44 0.82
N THR B 236 28.35 26.59 0.85
CA THR B 236 29.12 26.95 2.05
C THR B 236 29.23 28.45 2.30
N ARG B 237 29.33 29.24 1.23
CA ARG B 237 29.90 30.58 1.31
C ARG B 237 29.87 31.18 -0.08
N PHE B 238 30.31 32.44 -0.18
CA PHE B 238 30.18 33.23 -1.39
C PHE B 238 30.94 34.54 -1.21
N GLN B 239 31.03 35.29 -2.30
CA GLN B 239 31.15 36.73 -2.28
C GLN B 239 29.96 37.28 -3.06
N THR B 240 29.89 38.59 -3.20
CA THR B 240 28.71 39.21 -3.82
C THR B 240 29.13 40.37 -4.72
N LEU B 241 28.14 40.98 -5.37
CA LEU B 241 28.38 41.95 -6.43
C LEU B 241 28.00 43.37 -6.01
N LEU B 242 28.80 44.33 -6.44
CA LEU B 242 28.55 45.75 -6.18
C LEU B 242 28.88 46.51 -7.46
N ALA B 243 28.99 47.83 -7.34
CA ALA B 243 29.38 48.70 -8.46
C ALA B 243 29.92 50.01 -7.90
N LEU B 244 30.72 50.70 -8.71
CA LEU B 244 31.27 51.99 -8.32
C LEU B 244 30.51 53.12 -9.00
N HIS B 245 30.46 54.27 -8.33
CA HIS B 245 29.86 55.48 -8.89
C HIS B 245 30.66 56.71 -8.51
N ALA B 264 24.15 48.77 1.82
CA ALA B 264 23.66 48.15 3.04
C ALA B 264 22.66 47.05 2.73
N TYR B 265 22.88 45.87 3.29
CA TYR B 265 22.05 44.71 3.00
C TYR B 265 21.80 43.86 4.24
N TYR B 266 20.73 43.07 4.18
CA TYR B 266 20.33 42.18 5.25
C TYR B 266 20.56 40.74 4.83
N VAL B 267 21.05 39.94 5.77
CA VAL B 267 21.40 38.55 5.48
C VAL B 267 21.19 37.68 6.72
N GLY B 268 20.29 36.70 6.58
CA GLY B 268 19.86 35.84 7.69
C GLY B 268 19.34 34.52 7.16
N TYR B 269 19.62 33.46 7.91
CA TYR B 269 19.70 32.12 7.37
C TYR B 269 18.49 31.26 7.69
N LEU B 270 18.48 30.05 7.13
CA LEU B 270 17.33 29.16 7.17
C LEU B 270 17.63 27.94 8.04
N GLN B 271 16.60 27.40 8.66
CA GLN B 271 16.68 26.19 9.46
C GLN B 271 15.30 25.55 9.51
N PRO B 272 15.22 24.23 9.66
CA PRO B 272 13.90 23.57 9.64
C PRO B 272 13.09 23.85 10.87
N ARG B 273 12.01 24.61 10.71
CA ARG B 273 11.09 24.89 11.79
C ARG B 273 9.68 24.63 11.30
N THR B 274 8.92 23.82 12.05
CA THR B 274 7.51 23.66 11.78
C THR B 274 6.79 24.96 12.11
N PHE B 275 5.88 25.38 11.24
CA PHE B 275 5.21 26.68 11.36
C PHE B 275 3.71 26.52 11.51
N LEU B 276 3.06 27.69 11.51
CA LEU B 276 1.65 27.84 11.24
C LEU B 276 1.45 29.16 10.50
N LEU B 277 0.78 29.09 9.36
CA LEU B 277 0.57 30.19 8.43
C LEU B 277 -0.87 30.66 8.51
N LYS B 278 -1.23 31.61 7.63
CA LYS B 278 -2.61 32.00 7.41
C LYS B 278 -2.79 32.50 5.98
N TYR B 279 -3.64 31.83 5.22
CA TYR B 279 -4.15 32.37 3.97
C TYR B 279 -5.38 33.24 4.29
N ASN B 280 -5.49 34.39 3.64
CA ASN B 280 -6.64 35.26 3.82
C ASN B 280 -7.76 34.84 2.86
N GLU B 281 -8.75 35.71 2.68
CA GLU B 281 -9.77 35.50 1.66
C GLU B 281 -9.17 35.48 0.26
N ASN B 282 -8.03 36.12 0.06
CA ASN B 282 -7.40 36.14 -1.24
C ASN B 282 -6.41 35.02 -1.38
N GLY B 283 -6.01 34.44 -0.25
CA GLY B 283 -5.01 33.40 -0.26
C GLY B 283 -3.62 33.99 -0.38
N THR B 284 -3.40 35.06 0.37
CA THR B 284 -2.08 35.59 0.60
C THR B 284 -1.74 35.41 2.05
N ILE B 285 -0.44 35.26 2.33
CA ILE B 285 0.02 35.21 3.70
C ILE B 285 -0.07 36.59 4.32
N THR B 286 -0.87 36.71 5.38
CA THR B 286 -1.03 37.96 6.10
C THR B 286 -0.42 37.95 7.49
N ASP B 287 -0.34 36.78 8.13
CA ASP B 287 0.34 36.63 9.41
C ASP B 287 0.66 35.16 9.58
N ALA B 288 1.75 34.90 10.30
CA ALA B 288 2.15 33.53 10.60
C ALA B 288 2.89 33.51 11.92
N VAL B 289 3.02 32.32 12.48
CA VAL B 289 3.66 32.14 13.79
C VAL B 289 4.64 30.99 13.70
N ASP B 290 5.87 31.24 14.11
CA ASP B 290 6.83 30.16 14.35
C ASP B 290 6.41 29.39 15.59
N CYS B 291 6.40 28.06 15.48
CA CYS B 291 6.09 27.22 16.63
C CYS B 291 7.18 27.29 17.68
N ALA B 292 8.43 27.04 17.29
CA ALA B 292 9.53 26.97 18.24
C ALA B 292 10.16 28.35 18.42
N LEU B 293 9.39 29.23 18.98
CA LEU B 293 9.92 30.53 19.40
C LEU B 293 9.83 30.73 20.91
N ASP B 294 8.63 30.59 21.47
CA ASP B 294 8.44 30.66 22.91
C ASP B 294 7.42 29.60 23.29
N PRO B 295 7.29 29.29 24.57
CA PRO B 295 6.18 28.44 24.98
C PRO B 295 4.79 29.01 24.73
N LEU B 296 4.66 30.32 24.44
CA LEU B 296 3.36 30.85 24.05
C LEU B 296 2.92 30.31 22.70
N SER B 297 3.82 30.27 21.74
CA SER B 297 3.44 29.84 20.40
C SER B 297 3.18 28.36 20.31
N GLU B 298 3.71 27.57 21.23
CA GLU B 298 3.45 26.13 21.24
C GLU B 298 2.00 25.84 21.56
N THR B 299 1.35 26.75 22.29
CA THR B 299 -0.11 26.72 22.39
C THR B 299 -0.74 26.96 21.03
N LYS B 300 -0.28 28.02 20.35
CA LYS B 300 -0.79 28.36 19.03
C LYS B 300 -0.44 27.29 18.01
N CYS B 301 0.72 26.65 18.17
CA CYS B 301 1.12 25.61 17.24
C CYS B 301 0.29 24.35 17.42
N THR B 302 -0.23 24.13 18.62
CA THR B 302 -1.03 22.94 18.85
C THR B 302 -2.50 23.21 18.62
N LEU B 303 -3.01 24.33 19.11
CA LEU B 303 -4.45 24.57 19.07
C LEU B 303 -4.96 24.96 17.69
N LYS B 304 -4.07 25.26 16.75
CA LYS B 304 -4.39 25.63 15.38
C LYS B 304 -5.30 26.85 15.31
N SER B 305 -5.06 27.81 16.19
CA SER B 305 -5.80 29.06 16.22
C SER B 305 -4.86 30.18 16.63
N PHE B 306 -5.22 31.40 16.27
CA PHE B 306 -4.40 32.54 16.65
C PHE B 306 -4.72 33.06 18.03
N THR B 307 -5.99 33.03 18.43
CA THR B 307 -6.40 33.49 19.73
C THR B 307 -6.61 32.31 20.65
N VAL B 308 -6.13 32.45 21.88
CA VAL B 308 -6.13 31.38 22.86
C VAL B 308 -6.95 31.85 24.05
N GLU B 309 -7.99 31.09 24.38
CA GLU B 309 -8.81 31.42 25.53
C GLU B 309 -8.07 31.09 26.82
N LYS B 310 -8.60 31.58 27.92
CA LYS B 310 -8.00 31.40 29.24
C LYS B 310 -8.16 29.95 29.67
N GLY B 311 -7.05 29.24 29.80
CA GLY B 311 -7.07 27.84 30.16
C GLY B 311 -5.73 27.18 29.99
N ILE B 312 -5.48 26.09 30.68
CA ILE B 312 -4.21 25.39 30.57
C ILE B 312 -4.24 24.56 29.29
N TYR B 313 -3.07 24.28 28.73
CA TYR B 313 -2.98 23.43 27.56
C TYR B 313 -1.73 22.58 27.67
N GLN B 314 -1.86 21.29 27.43
CA GLN B 314 -0.71 20.40 27.36
C GLN B 314 -0.25 20.29 25.92
N THR B 315 0.97 20.76 25.64
CA THR B 315 1.38 20.99 24.26
C THR B 315 2.60 20.20 23.79
N SER B 316 3.51 19.82 24.67
CA SER B 316 4.76 19.22 24.21
C SER B 316 5.28 18.26 25.26
N ASN B 317 6.50 17.78 25.06
CA ASN B 317 7.11 16.83 25.97
C ASN B 317 8.53 17.26 26.24
N PHE B 318 8.92 17.26 27.51
CA PHE B 318 10.27 17.61 27.87
C PHE B 318 11.12 16.35 27.97
N ARG B 319 12.38 16.46 27.57
CA ARG B 319 13.30 15.35 27.68
C ARG B 319 14.70 15.89 27.92
N VAL B 320 15.38 15.36 28.93
CA VAL B 320 16.77 15.73 29.17
C VAL B 320 17.62 15.09 28.09
N GLN B 321 18.30 15.92 27.31
CA GLN B 321 19.11 15.39 26.23
C GLN B 321 20.40 14.78 26.79
N PRO B 322 20.93 13.75 26.13
CA PRO B 322 22.22 13.21 26.57
C PRO B 322 23.35 14.14 26.21
N THR B 323 24.38 14.15 27.06
CA THR B 323 25.50 15.07 26.87
C THR B 323 26.61 14.47 26.02
N GLU B 324 27.18 13.36 26.46
CA GLU B 324 28.18 12.65 25.67
C GLU B 324 27.90 11.17 25.77
N SER B 325 28.63 10.39 24.98
CA SER B 325 28.43 8.96 24.90
C SER B 325 29.41 8.24 25.81
N ILE B 326 29.03 7.04 26.22
CA ILE B 326 29.93 6.11 26.89
C ILE B 326 29.84 4.79 26.14
N VAL B 327 30.99 4.27 25.73
CA VAL B 327 31.05 2.98 25.06
C VAL B 327 31.99 2.07 25.86
N ARG B 328 31.59 0.83 26.04
CA ARG B 328 32.27 -0.11 26.92
C ARG B 328 32.36 -1.47 26.23
N PHE B 329 33.43 -2.19 26.50
CA PHE B 329 33.62 -3.52 25.94
C PHE B 329 34.43 -4.35 26.92
N PRO B 330 34.40 -5.67 26.80
CA PRO B 330 35.50 -6.47 27.33
C PRO B 330 36.67 -6.42 26.36
N ASN B 331 37.78 -6.97 26.80
CA ASN B 331 39.00 -6.88 26.01
C ASN B 331 39.70 -8.23 25.91
N ILE B 332 40.12 -8.56 24.69
CA ILE B 332 40.91 -9.76 24.44
C ILE B 332 42.17 -9.36 23.68
N THR B 333 43.31 -9.91 24.07
CA THR B 333 44.55 -9.72 23.32
C THR B 333 44.50 -10.42 21.97
N ASN B 334 43.87 -11.58 21.90
CA ASN B 334 43.87 -12.44 20.73
C ASN B 334 43.02 -11.85 19.62
N LEU B 335 43.43 -12.14 18.38
CA LEU B 335 42.70 -11.76 17.19
C LEU B 335 42.11 -13.00 16.57
N CYS B 336 40.89 -12.90 16.06
CA CYS B 336 40.17 -14.06 15.56
C CYS B 336 40.74 -14.53 14.23
N PRO B 337 41.25 -15.76 14.15
CA PRO B 337 41.82 -16.23 12.88
C PRO B 337 40.75 -16.61 11.87
N PHE B 338 40.07 -15.62 11.31
CA PHE B 338 39.01 -15.89 10.35
C PHE B 338 39.52 -16.06 8.94
N GLY B 339 40.68 -15.49 8.62
CA GLY B 339 41.34 -15.79 7.37
C GLY B 339 41.98 -17.16 7.32
N GLU B 340 42.09 -17.82 8.48
CA GLU B 340 42.62 -19.18 8.55
C GLU B 340 41.76 -20.13 7.72
N VAL B 341 40.46 -20.17 7.98
CA VAL B 341 39.59 -20.94 7.11
C VAL B 341 39.42 -20.28 5.76
N PHE B 342 39.61 -18.97 5.69
CA PHE B 342 39.46 -18.31 4.40
C PHE B 342 40.67 -18.49 3.51
N ASN B 343 41.80 -18.90 4.08
CA ASN B 343 42.96 -19.25 3.27
C ASN B 343 43.44 -20.68 3.57
N ALA B 344 42.56 -21.55 4.06
CA ALA B 344 42.97 -22.92 4.35
C ALA B 344 43.25 -23.68 3.07
N THR B 345 44.02 -24.75 3.20
CA THR B 345 44.40 -25.54 2.04
C THR B 345 43.22 -26.36 1.54
N ARG B 346 42.68 -27.21 2.40
CA ARG B 346 41.59 -28.10 2.02
C ARG B 346 40.43 -27.93 2.97
N PHE B 347 39.23 -27.96 2.42
CA PHE B 347 38.01 -27.77 3.18
C PHE B 347 37.38 -29.12 3.44
N ALA B 348 36.15 -29.08 3.93
CA ALA B 348 35.33 -30.26 4.11
C ALA B 348 34.22 -30.30 3.07
N SER B 349 33.57 -31.46 2.97
CA SER B 349 32.54 -31.66 1.96
C SER B 349 31.21 -31.07 2.42
N VAL B 350 30.27 -31.00 1.49
CA VAL B 350 28.90 -30.71 1.88
C VAL B 350 28.27 -31.94 2.53
N TYR B 351 28.78 -33.13 2.22
CA TYR B 351 28.41 -34.34 2.95
C TYR B 351 28.83 -34.26 4.40
N ALA B 352 30.14 -34.23 4.64
CA ALA B 352 30.67 -34.07 5.98
C ALA B 352 31.36 -32.70 6.04
N TRP B 353 30.79 -31.79 6.82
CA TRP B 353 31.28 -30.42 6.86
C TRP B 353 32.17 -30.19 8.08
N ASN B 354 32.64 -28.96 8.26
CA ASN B 354 33.60 -28.66 9.31
C ASN B 354 33.04 -27.57 10.21
N ARG B 355 33.17 -27.78 11.51
CA ARG B 355 32.67 -26.85 12.51
C ARG B 355 33.86 -26.39 13.34
N LYS B 356 34.25 -25.14 13.14
CA LYS B 356 35.30 -24.53 13.94
C LYS B 356 34.66 -23.58 14.95
N ARG B 357 34.54 -24.03 16.19
CA ARG B 357 33.99 -23.21 17.26
C ARG B 357 34.96 -22.11 17.61
N ILE B 358 34.48 -20.86 17.60
CA ILE B 358 35.32 -19.70 17.84
C ILE B 358 34.73 -18.92 19.00
N SER B 359 35.55 -18.70 20.02
CA SER B 359 35.19 -17.86 21.15
C SER B 359 36.37 -16.94 21.42
N ASN B 360 36.23 -16.17 22.50
CA ASN B 360 37.23 -15.37 23.23
C ASN B 360 38.34 -14.73 22.38
N CYS B 361 37.94 -14.00 21.34
CA CYS B 361 38.89 -13.23 20.54
C CYS B 361 38.19 -11.97 20.04
N VAL B 362 39.00 -11.02 19.60
CA VAL B 362 38.49 -9.76 19.06
C VAL B 362 38.29 -9.93 17.56
N ALA B 363 37.07 -9.73 17.10
CA ALA B 363 36.74 -9.92 15.71
C ALA B 363 37.15 -8.71 14.88
N ASP B 364 37.19 -8.92 13.56
CA ASP B 364 37.37 -7.81 12.62
C ASP B 364 36.61 -8.21 11.36
N TYR B 365 35.36 -7.79 11.28
CA TYR B 365 34.51 -8.14 10.15
C TYR B 365 34.69 -7.20 8.99
N SER B 366 35.15 -5.97 9.27
CA SER B 366 35.24 -4.95 8.23
C SER B 366 36.29 -5.29 7.19
N VAL B 367 37.39 -5.92 7.62
CA VAL B 367 38.41 -6.32 6.67
C VAL B 367 37.91 -7.47 5.80
N LEU B 368 36.95 -8.25 6.29
CA LEU B 368 36.26 -9.21 5.45
C LEU B 368 35.20 -8.55 4.60
N TYR B 369 34.82 -7.31 4.93
CA TYR B 369 33.74 -6.64 4.24
C TYR B 369 34.24 -5.81 3.07
N ASN B 370 35.28 -5.01 3.31
CA ASN B 370 35.77 -4.08 2.30
C ASN B 370 36.65 -4.76 1.24
N SER B 371 37.21 -5.92 1.55
CA SER B 371 38.03 -6.63 0.58
C SER B 371 37.16 -7.19 -0.52
N ALA B 372 37.50 -6.88 -1.77
CA ALA B 372 36.68 -7.25 -2.92
C ALA B 372 37.20 -8.57 -3.47
N SER B 373 36.87 -9.65 -2.76
CA SER B 373 37.23 -10.98 -3.18
C SER B 373 36.05 -11.94 -3.02
N PHE B 374 34.83 -11.43 -3.16
CA PHE B 374 33.65 -12.19 -2.78
C PHE B 374 32.59 -12.05 -3.86
N SER B 375 31.93 -13.16 -4.17
CA SER B 375 30.82 -13.13 -5.13
C SER B 375 29.56 -12.61 -4.47
N THR B 376 29.27 -13.05 -3.25
CA THR B 376 28.08 -12.60 -2.54
C THR B 376 28.39 -12.42 -1.07
N PHE B 377 27.53 -11.65 -0.41
CA PHE B 377 27.64 -11.34 1.02
C PHE B 377 26.23 -11.03 1.50
N LYS B 378 25.58 -12.02 2.11
CA LYS B 378 24.18 -11.89 2.50
C LYS B 378 24.04 -12.16 3.97
N CYS B 379 23.82 -11.11 4.76
CA CYS B 379 23.70 -11.22 6.20
C CYS B 379 22.23 -11.15 6.56
N TYR B 380 21.70 -12.25 7.05
CA TYR B 380 20.29 -12.35 7.36
C TYR B 380 20.08 -12.10 8.85
N GLY B 381 19.09 -11.26 9.17
CA GLY B 381 18.81 -10.90 10.53
C GLY B 381 19.62 -9.76 11.08
N VAL B 382 20.81 -9.51 10.53
CA VAL B 382 21.68 -8.42 10.96
C VAL B 382 22.05 -7.63 9.72
N SER B 383 22.00 -6.30 9.83
CA SER B 383 22.42 -5.43 8.74
C SER B 383 23.89 -5.67 8.39
N PRO B 384 24.24 -5.74 7.10
CA PRO B 384 25.56 -6.26 6.71
C PRO B 384 26.72 -5.34 7.04
N THR B 385 26.49 -4.06 7.28
CA THR B 385 27.60 -3.19 7.66
C THR B 385 27.59 -2.89 9.15
N LYS B 386 26.53 -3.28 9.86
CA LYS B 386 26.48 -3.11 11.30
C LYS B 386 27.15 -4.25 12.06
N LEU B 387 27.98 -5.06 11.38
CA LEU B 387 28.62 -6.21 12.00
C LEU B 387 29.62 -5.80 13.08
N ASN B 388 30.06 -4.56 13.08
CA ASN B 388 31.11 -4.16 13.99
C ASN B 388 30.58 -3.87 15.38
N ASP B 389 29.35 -3.36 15.50
CA ASP B 389 28.96 -2.77 16.78
C ASP B 389 28.35 -3.76 17.75
N LEU B 390 27.91 -4.92 17.29
CA LEU B 390 27.26 -5.85 18.20
C LEU B 390 28.23 -6.94 18.68
N CYS B 391 28.27 -7.13 20.00
CA CYS B 391 29.25 -8.01 20.61
C CYS B 391 28.59 -9.32 20.97
N PHE B 392 29.32 -10.42 20.79
CA PHE B 392 28.71 -11.71 20.55
C PHE B 392 29.16 -12.75 21.56
N THR B 393 28.34 -13.80 21.69
CA THR B 393 28.62 -14.89 22.62
C THR B 393 29.47 -15.97 21.97
N ASN B 394 28.96 -16.56 20.90
CA ASN B 394 29.62 -17.69 20.28
C ASN B 394 29.62 -17.55 18.77
N VAL B 395 30.69 -18.05 18.15
CA VAL B 395 30.91 -17.98 16.72
C VAL B 395 31.18 -19.38 16.22
N TYR B 396 30.43 -19.80 15.20
CA TYR B 396 30.66 -21.10 14.57
C TYR B 396 31.00 -20.89 13.11
N ALA B 397 32.27 -21.16 12.78
CA ALA B 397 32.76 -21.06 11.42
C ALA B 397 32.49 -22.39 10.71
N ASP B 398 31.62 -22.37 9.73
CA ASP B 398 31.16 -23.58 9.05
C ASP B 398 31.51 -23.45 7.58
N SER B 399 32.41 -24.31 7.11
CA SER B 399 32.92 -24.24 5.74
C SER B 399 32.69 -25.54 5.00
N PHE B 400 32.26 -25.43 3.74
CA PHE B 400 32.15 -26.55 2.83
C PHE B 400 32.19 -26.00 1.40
N VAL B 401 31.84 -26.85 0.43
CA VAL B 401 31.82 -26.48 -0.98
C VAL B 401 30.55 -27.05 -1.60
N ILE B 402 30.14 -26.49 -2.73
CA ILE B 402 28.79 -26.72 -3.24
C ILE B 402 28.78 -26.46 -4.74
N ARG B 403 27.81 -27.05 -5.43
CA ARG B 403 27.48 -26.66 -6.78
C ARG B 403 27.02 -25.20 -6.80
N GLY B 404 27.46 -24.48 -7.83
CA GLY B 404 27.32 -23.04 -7.83
C GLY B 404 25.89 -22.54 -7.91
N ASP B 405 25.00 -23.27 -8.58
CA ASP B 405 23.60 -22.84 -8.59
C ASP B 405 22.90 -23.11 -7.28
N GLU B 406 23.47 -23.95 -6.42
CA GLU B 406 22.88 -24.27 -5.13
C GLU B 406 23.18 -23.24 -4.06
N VAL B 407 23.74 -22.09 -4.44
CA VAL B 407 23.72 -20.93 -3.55
C VAL B 407 22.36 -20.27 -3.57
N ARG B 408 21.50 -20.62 -4.53
CA ARG B 408 20.09 -20.24 -4.45
C ARG B 408 19.38 -21.06 -3.40
N GLN B 409 19.89 -22.24 -3.09
CA GLN B 409 19.27 -23.14 -2.12
C GLN B 409 19.95 -23.10 -0.77
N ILE B 410 21.02 -22.31 -0.62
CA ILE B 410 21.70 -22.21 0.67
C ILE B 410 20.95 -21.31 1.64
N ALA B 411 19.95 -20.56 1.15
CA ALA B 411 19.21 -19.65 1.99
C ALA B 411 18.33 -20.40 2.98
N PRO B 412 18.17 -19.87 4.19
CA PRO B 412 17.28 -20.50 5.17
C PRO B 412 15.83 -20.43 4.75
N GLY B 413 15.10 -21.51 5.02
CA GLY B 413 13.74 -21.66 4.56
C GLY B 413 13.60 -22.13 3.13
N GLN B 414 14.57 -21.83 2.27
CA GLN B 414 14.51 -22.27 0.89
C GLN B 414 14.75 -23.77 0.79
N THR B 415 13.86 -24.45 0.07
CA THR B 415 13.99 -25.89 -0.12
C THR B 415 15.02 -26.18 -1.20
N GLY B 416 15.37 -27.45 -1.31
CA GLY B 416 16.32 -27.89 -2.32
C GLY B 416 17.01 -29.15 -1.86
N LYS B 417 17.70 -29.80 -2.80
CA LYS B 417 18.30 -31.11 -2.53
C LYS B 417 19.48 -31.01 -1.58
N ILE B 418 20.07 -29.82 -1.44
CA ILE B 418 21.03 -29.64 -0.36
C ILE B 418 20.30 -29.34 0.92
N ALA B 419 19.12 -28.71 0.82
CA ALA B 419 18.44 -28.20 2.01
C ALA B 419 17.73 -29.32 2.77
N ASP B 420 17.10 -30.25 2.06
CA ASP B 420 16.33 -31.29 2.73
C ASP B 420 17.13 -32.56 2.97
N TYR B 421 18.33 -32.66 2.39
CA TYR B 421 19.15 -33.85 2.47
C TYR B 421 20.50 -33.62 3.11
N ASN B 422 21.13 -32.48 2.87
CA ASN B 422 22.55 -32.32 3.15
C ASN B 422 22.85 -31.28 4.21
N TYR B 423 22.36 -30.05 4.06
CA TYR B 423 22.72 -28.99 4.98
C TYR B 423 21.52 -28.07 5.19
N LYS B 424 21.18 -27.84 6.44
CA LYS B 424 19.90 -27.22 6.78
C LYS B 424 20.11 -26.10 7.79
N LEU B 425 19.46 -24.97 7.52
CA LEU B 425 19.36 -23.78 8.35
C LEU B 425 17.96 -23.69 8.92
N PRO B 426 17.79 -23.16 10.13
CA PRO B 426 16.44 -22.93 10.64
C PRO B 426 15.83 -21.70 9.99
N ASP B 427 14.51 -21.56 10.20
CA ASP B 427 13.81 -20.41 9.64
C ASP B 427 14.18 -19.13 10.38
N ASP B 428 14.41 -19.23 11.69
CA ASP B 428 14.85 -18.08 12.49
C ASP B 428 16.36 -17.95 12.56
N PHE B 429 17.06 -18.40 11.52
CA PHE B 429 18.50 -18.24 11.46
C PHE B 429 18.88 -16.77 11.39
N THR B 430 19.92 -16.41 12.12
CA THR B 430 20.57 -15.13 11.92
C THR B 430 22.04 -15.39 11.66
N GLY B 431 22.66 -14.44 10.99
CA GLY B 431 24.05 -14.54 10.64
C GLY B 431 24.26 -14.27 9.18
N CYS B 432 25.46 -14.61 8.72
CA CYS B 432 25.86 -14.32 7.35
C CYS B 432 26.33 -15.61 6.68
N VAL B 433 25.93 -15.77 5.43
CA VAL B 433 26.53 -16.76 4.55
C VAL B 433 27.28 -16.03 3.46
N ILE B 434 28.51 -16.45 3.21
CA ILE B 434 29.36 -15.81 2.22
C ILE B 434 29.82 -16.88 1.24
N ALA B 435 29.61 -16.63 -0.04
CA ALA B 435 30.06 -17.54 -1.08
C ALA B 435 30.85 -16.76 -2.11
N TRP B 436 31.96 -17.35 -2.55
CA TRP B 436 32.72 -16.77 -3.63
C TRP B 436 33.31 -17.88 -4.48
N ASN B 437 33.70 -17.51 -5.69
CA ASN B 437 34.03 -18.44 -6.73
C ASN B 437 35.32 -19.19 -6.41
N SER B 438 35.45 -20.37 -7.00
CA SER B 438 36.61 -21.22 -6.74
C SER B 438 36.97 -21.87 -8.08
N ASN B 439 37.88 -21.26 -8.81
CA ASN B 439 38.32 -21.87 -10.05
C ASN B 439 39.80 -22.24 -10.06
N ASN B 440 40.57 -21.81 -9.06
CA ASN B 440 41.83 -22.46 -8.72
C ASN B 440 41.82 -22.91 -7.27
N LEU B 441 40.85 -22.41 -6.50
CA LEU B 441 40.79 -22.58 -5.05
C LEU B 441 40.31 -23.98 -4.69
N ASP B 442 39.09 -24.31 -5.06
CA ASP B 442 38.57 -25.65 -4.85
C ASP B 442 38.45 -26.42 -6.16
N SER B 443 38.37 -25.72 -7.28
CA SER B 443 38.42 -26.39 -8.55
C SER B 443 39.84 -26.88 -8.81
N LYS B 444 39.95 -28.16 -9.14
CA LYS B 444 41.21 -28.71 -9.58
C LYS B 444 40.92 -29.99 -10.36
N VAL B 445 41.97 -30.57 -10.92
CA VAL B 445 41.87 -31.88 -11.52
C VAL B 445 42.10 -32.99 -10.49
N GLY B 446 41.94 -34.23 -10.97
CA GLY B 446 41.64 -35.39 -10.17
C GLY B 446 40.15 -35.48 -9.90
N GLY B 447 39.35 -34.80 -10.72
CA GLY B 447 38.07 -34.32 -10.28
C GLY B 447 38.30 -33.38 -9.11
N ASN B 448 37.29 -33.28 -8.27
CA ASN B 448 37.52 -32.85 -6.91
C ASN B 448 36.76 -33.81 -6.01
N TYR B 449 36.94 -35.10 -6.28
CA TYR B 449 36.16 -36.18 -5.71
C TYR B 449 36.48 -36.42 -4.24
N ASN B 450 37.42 -35.67 -3.67
CA ASN B 450 37.54 -35.55 -2.23
C ASN B 450 36.28 -34.98 -1.61
N TYR B 451 35.60 -34.08 -2.30
CA TYR B 451 34.37 -33.48 -1.81
C TYR B 451 33.18 -34.24 -2.37
N LEU B 452 32.23 -34.55 -1.50
CA LEU B 452 31.13 -35.45 -1.83
C LEU B 452 29.80 -34.81 -1.49
N TYR B 453 28.76 -35.19 -2.22
CA TYR B 453 27.41 -34.80 -1.89
C TYR B 453 26.53 -36.03 -1.86
N ARG B 454 25.62 -36.09 -0.89
CA ARG B 454 24.65 -37.17 -0.77
C ARG B 454 23.35 -36.71 -1.43
N LEU B 455 22.89 -37.46 -2.41
CA LEU B 455 21.70 -37.07 -3.14
C LEU B 455 20.46 -37.83 -2.68
N PHE B 456 20.62 -38.97 -2.03
CA PHE B 456 19.50 -39.78 -1.58
C PHE B 456 19.43 -39.82 -0.07
N ARG B 457 18.25 -39.48 0.46
CA ARG B 457 17.96 -39.70 1.87
C ARG B 457 16.46 -39.83 2.00
N LYS B 458 16.02 -40.71 2.90
CA LYS B 458 14.61 -41.09 2.95
C LYS B 458 13.77 -40.15 3.82
N SER B 459 14.32 -39.03 4.26
CA SER B 459 13.59 -38.10 5.11
C SER B 459 14.19 -36.70 4.93
N ASN B 460 13.69 -35.74 5.71
CA ASN B 460 14.23 -34.39 5.74
C ASN B 460 15.17 -34.27 6.94
N LEU B 461 15.64 -33.06 7.21
CA LEU B 461 16.69 -32.89 8.20
C LEU B 461 16.31 -32.00 9.38
N LYS B 462 17.09 -32.17 10.43
CA LYS B 462 17.20 -31.25 11.54
C LYS B 462 18.24 -30.18 11.20
N PRO B 463 17.99 -28.91 11.49
CA PRO B 463 18.96 -27.86 11.15
C PRO B 463 20.19 -27.94 12.05
N PHE B 464 21.37 -27.70 11.43
CA PHE B 464 22.68 -27.93 12.02
C PHE B 464 22.84 -29.40 12.43
N GLU B 465 22.84 -30.24 11.40
CA GLU B 465 23.07 -31.66 11.53
C GLU B 465 24.13 -32.09 10.53
N ARG B 466 24.95 -33.06 10.91
CA ARG B 466 25.88 -33.69 9.99
C ARG B 466 25.56 -35.18 9.93
N ASP B 467 25.13 -35.65 8.77
CA ASP B 467 24.82 -37.06 8.60
C ASP B 467 26.04 -37.79 8.07
N ILE B 468 26.40 -38.90 8.71
CA ILE B 468 27.50 -39.71 8.25
C ILE B 468 27.02 -41.12 7.88
N TYR B 489 20.27 -47.97 -4.18
CA TYR B 489 21.46 -47.30 -4.69
C TYR B 489 22.43 -46.93 -3.59
N PHE B 490 23.57 -46.38 -3.97
CA PHE B 490 24.50 -45.80 -3.01
C PHE B 490 24.36 -44.28 -3.05
N PRO B 491 24.05 -43.62 -1.93
CA PRO B 491 23.52 -42.25 -1.99
C PRO B 491 24.57 -41.18 -2.26
N LEU B 492 25.85 -41.52 -2.26
CA LEU B 492 26.91 -40.51 -2.21
C LEU B 492 27.56 -40.35 -3.57
N GLN B 493 27.65 -39.11 -4.04
CA GLN B 493 28.21 -38.79 -5.36
C GLN B 493 29.13 -37.58 -5.22
N SER B 494 29.83 -37.28 -6.32
CA SER B 494 30.69 -36.11 -6.39
C SER B 494 30.60 -35.53 -7.79
N TYR B 495 30.44 -34.21 -7.87
CA TYR B 495 30.17 -33.56 -9.14
C TYR B 495 31.39 -33.55 -10.05
N GLY B 496 31.11 -33.40 -11.34
CA GLY B 496 32.09 -32.98 -12.32
C GLY B 496 31.91 -31.51 -12.65
N PHE B 497 32.93 -30.71 -12.40
CA PHE B 497 32.86 -29.25 -12.40
C PHE B 497 33.09 -28.66 -13.80
N GLN B 498 32.02 -28.58 -14.60
CA GLN B 498 32.26 -28.25 -16.01
C GLN B 498 31.40 -27.06 -16.46
N PRO B 499 31.98 -25.88 -16.68
CA PRO B 499 31.20 -24.65 -16.96
C PRO B 499 30.91 -24.19 -18.40
N THR B 500 31.02 -24.96 -19.50
CA THR B 500 30.21 -24.54 -20.67
C THR B 500 28.80 -25.11 -20.57
N ASN B 501 28.59 -25.94 -19.55
CA ASN B 501 27.34 -26.05 -18.83
C ASN B 501 27.26 -24.86 -17.87
N GLY B 502 26.52 -25.02 -16.78
CA GLY B 502 26.42 -24.01 -15.76
C GLY B 502 27.77 -23.51 -15.24
N VAL B 503 27.90 -22.19 -15.19
CA VAL B 503 28.93 -21.58 -14.37
C VAL B 503 28.51 -21.70 -12.91
N GLY B 504 27.22 -21.95 -12.66
CA GLY B 504 26.71 -22.54 -11.46
C GLY B 504 26.86 -24.05 -11.37
N TYR B 505 27.57 -24.69 -12.29
CA TYR B 505 28.10 -26.03 -12.08
C TYR B 505 29.58 -25.96 -11.71
N GLN B 506 30.02 -24.84 -11.16
CA GLN B 506 31.35 -24.65 -10.63
C GLN B 506 31.29 -24.71 -9.12
N PRO B 507 32.35 -25.15 -8.45
CA PRO B 507 32.33 -25.11 -6.99
C PRO B 507 32.67 -23.72 -6.50
N TYR B 508 32.05 -23.33 -5.39
CA TYR B 508 32.25 -22.03 -4.78
C TYR B 508 32.66 -22.23 -3.33
N ARG B 509 33.53 -21.36 -2.83
CA ARG B 509 33.85 -21.37 -1.42
C ARG B 509 32.71 -20.75 -0.62
N VAL B 510 31.92 -21.59 0.01
CA VAL B 510 30.83 -21.11 0.85
C VAL B 510 31.27 -21.26 2.31
N VAL B 511 30.87 -20.28 3.12
CA VAL B 511 31.16 -20.29 4.54
C VAL B 511 29.93 -19.76 5.28
N VAL B 512 29.74 -20.24 6.50
CA VAL B 512 28.58 -19.90 7.31
C VAL B 512 29.08 -19.29 8.61
N LEU B 513 28.69 -18.03 8.85
CA LEU B 513 28.97 -17.38 10.13
C LEU B 513 27.66 -17.27 10.90
N SER B 514 27.33 -18.35 11.61
CA SER B 514 26.14 -18.37 12.44
C SER B 514 26.38 -17.59 13.72
N PHE B 515 25.38 -16.80 14.11
CA PHE B 515 25.46 -16.05 15.35
C PHE B 515 24.30 -16.40 16.26
N GLU B 516 24.50 -16.11 17.54
CA GLU B 516 23.44 -16.19 18.53
C GLU B 516 23.39 -14.86 19.26
N LEU B 517 22.19 -14.33 19.43
CA LEU B 517 22.05 -13.02 20.07
C LEU B 517 22.34 -13.12 21.56
N LEU B 518 22.47 -11.95 22.18
CA LEU B 518 23.05 -11.85 23.51
C LEU B 518 22.08 -12.34 24.58
N HIS B 519 22.45 -13.44 25.24
CA HIS B 519 21.77 -13.92 26.42
C HIS B 519 22.77 -14.51 27.41
N ALA B 520 24.06 -14.21 27.25
CA ALA B 520 25.14 -15.00 27.83
C ALA B 520 26.32 -14.06 28.08
N PRO B 521 27.43 -14.53 28.70
CA PRO B 521 28.66 -13.75 28.61
C PRO B 521 29.12 -13.52 27.19
N ALA B 522 29.07 -12.27 26.76
CA ALA B 522 29.53 -11.92 25.42
C ALA B 522 31.05 -11.84 25.41
N THR B 523 31.65 -12.36 24.35
CA THR B 523 33.10 -12.39 24.28
C THR B 523 33.68 -12.10 22.90
N VAL B 524 32.86 -11.80 21.91
CA VAL B 524 33.31 -11.63 20.53
C VAL B 524 32.78 -10.30 20.02
N CYS B 525 33.67 -9.35 19.75
CA CYS B 525 33.33 -8.08 19.11
C CYS B 525 34.55 -7.45 18.47
N GLY B 526 34.32 -6.28 17.87
CA GLY B 526 35.25 -5.68 16.95
C GLY B 526 36.22 -4.69 17.56
N PRO B 527 36.82 -3.85 16.71
CA PRO B 527 38.03 -3.12 17.12
C PRO B 527 37.80 -1.79 17.80
N LYS B 528 36.61 -1.54 18.34
CA LYS B 528 36.33 -0.24 18.92
C LYS B 528 37.02 -0.10 20.27
N LYS B 529 37.21 1.13 20.69
CA LYS B 529 37.95 1.44 21.90
C LYS B 529 37.00 1.93 22.98
N SER B 530 37.09 1.33 24.16
CA SER B 530 36.21 1.75 25.23
C SER B 530 36.68 3.06 25.84
N THR B 531 35.89 3.56 26.80
CA THR B 531 36.05 4.89 27.36
C THR B 531 35.69 4.81 28.84
N ASN B 532 36.25 5.72 29.62
CA ASN B 532 35.85 5.87 31.02
C ASN B 532 34.37 6.20 31.12
N LEU B 533 33.73 5.68 32.17
CA LEU B 533 32.32 5.90 32.40
C LEU B 533 32.10 7.15 33.25
N VAL B 534 30.84 7.44 33.56
CA VAL B 534 30.47 8.56 34.41
C VAL B 534 29.16 8.20 35.09
N LYS B 535 28.77 8.99 36.09
CA LYS B 535 27.50 8.80 36.77
C LYS B 535 26.79 10.14 36.90
N ASN B 536 25.51 10.03 37.24
CA ASN B 536 24.65 11.16 37.64
C ASN B 536 24.54 12.20 36.54
N LYS B 537 24.52 11.73 35.29
CA LYS B 537 24.30 12.57 34.13
C LYS B 537 23.73 11.69 33.04
N CYS B 538 22.67 12.15 32.38
CA CYS B 538 22.03 11.36 31.33
C CYS B 538 22.95 11.29 30.13
N VAL B 539 23.35 10.07 29.76
CA VAL B 539 24.32 9.84 28.70
C VAL B 539 23.75 8.84 27.72
N ASN B 540 24.56 8.48 26.75
CA ASN B 540 24.22 7.51 25.72
C ASN B 540 25.16 6.32 25.94
N PHE B 541 24.65 5.28 26.58
CA PHE B 541 25.53 4.19 26.98
C PHE B 541 25.66 3.14 25.88
N ASN B 542 26.58 2.21 26.12
CA ASN B 542 26.74 1.05 25.25
C ASN B 542 27.41 -0.03 26.08
N PHE B 543 26.78 -1.20 26.17
CA PHE B 543 27.30 -2.33 26.91
C PHE B 543 27.09 -3.58 26.08
N ASN B 544 28.18 -4.10 25.51
CA ASN B 544 28.21 -5.30 24.68
C ASN B 544 27.32 -5.20 23.44
N GLY B 545 26.95 -3.99 23.03
CA GLY B 545 26.01 -3.80 21.95
C GLY B 545 24.65 -3.29 22.36
N LEU B 546 24.33 -3.33 23.65
CA LEU B 546 23.06 -2.76 24.11
C LEU B 546 23.18 -1.24 24.13
N THR B 547 22.45 -0.59 23.26
CA THR B 547 22.39 0.87 23.26
C THR B 547 21.33 1.36 24.23
N GLY B 548 21.10 2.65 24.22
CA GLY B 548 20.07 3.25 25.06
C GLY B 548 20.59 4.49 25.75
N THR B 549 19.65 5.23 26.32
CA THR B 549 19.95 6.45 27.05
C THR B 549 19.54 6.31 28.50
N GLY B 550 19.76 7.36 29.27
CA GLY B 550 19.39 7.37 30.66
C GLY B 550 20.54 7.68 31.58
N VAL B 551 20.36 7.49 32.88
CA VAL B 551 21.36 7.83 33.88
C VAL B 551 21.74 6.55 34.62
N LEU B 552 22.97 6.53 35.14
CA LEU B 552 23.54 5.34 35.75
C LEU B 552 24.02 5.65 37.16
N THR B 553 23.85 4.68 38.06
CA THR B 553 24.27 4.87 39.44
C THR B 553 24.72 3.52 40.00
N GLU B 554 25.32 3.57 41.19
CA GLU B 554 25.75 2.39 41.91
C GLU B 554 24.53 1.53 42.28
N SER B 555 24.79 0.24 42.49
CA SER B 555 23.75 -0.73 42.74
C SER B 555 23.68 -1.10 44.20
N ASN B 556 22.53 -0.85 44.83
CA ASN B 556 22.24 -1.45 46.12
C ASN B 556 21.91 -2.92 45.98
N LYS B 557 21.43 -3.33 44.81
CA LYS B 557 21.02 -4.70 44.57
C LYS B 557 22.23 -5.63 44.50
N LYS B 558 22.23 -6.66 45.32
CA LYS B 558 23.22 -7.71 45.24
C LYS B 558 22.98 -8.51 43.96
N PHE B 559 24.04 -9.13 43.46
CA PHE B 559 24.04 -9.67 42.11
C PHE B 559 24.63 -11.07 42.08
N LEU B 560 24.08 -11.91 41.21
CA LEU B 560 24.48 -13.30 41.16
C LEU B 560 25.65 -13.47 40.22
N PRO B 561 26.66 -14.28 40.57
CA PRO B 561 27.89 -14.33 39.78
C PRO B 561 27.82 -15.25 38.58
N PHE B 562 26.75 -15.12 37.80
CA PHE B 562 26.65 -15.76 36.49
C PHE B 562 25.79 -14.98 35.52
N GLN B 563 24.96 -14.05 35.98
CA GLN B 563 24.09 -13.25 35.14
C GLN B 563 24.85 -12.07 34.55
N GLN B 564 24.17 -11.31 33.73
CA GLN B 564 24.57 -9.99 33.31
C GLN B 564 23.48 -8.95 33.47
N PHE B 565 22.24 -9.30 33.18
CA PHE B 565 21.22 -8.34 32.82
C PHE B 565 20.11 -8.34 33.86
N GLY B 566 19.80 -7.14 34.36
CA GLY B 566 18.55 -6.93 35.06
C GLY B 566 17.51 -6.45 34.08
N ARG B 567 16.44 -7.23 33.94
CA ARG B 567 15.30 -6.83 33.14
C ARG B 567 14.10 -6.62 34.05
N ASP B 568 13.29 -5.64 33.68
CA ASP B 568 12.12 -5.26 34.45
C ASP B 568 10.91 -6.06 33.99
N ILE B 569 9.77 -5.78 34.63
CA ILE B 569 8.49 -6.20 34.08
C ILE B 569 8.30 -5.59 32.71
N ALA B 570 8.70 -4.33 32.56
CA ALA B 570 8.49 -3.55 31.37
C ALA B 570 9.53 -3.79 30.29
N ASP B 571 10.28 -4.90 30.37
CA ASP B 571 11.08 -5.43 29.28
C ASP B 571 12.17 -4.45 28.88
N THR B 572 12.73 -3.77 29.88
CA THR B 572 13.84 -2.86 29.66
C THR B 572 14.92 -3.19 30.67
N THR B 573 16.12 -2.65 30.42
CA THR B 573 17.28 -3.04 31.18
C THR B 573 17.53 -2.05 32.30
N ASP B 574 17.47 -2.52 33.55
CA ASP B 574 17.77 -1.64 34.67
C ASP B 574 19.11 -1.91 35.33
N ALA B 575 19.75 -3.04 35.04
CA ALA B 575 20.93 -3.43 35.80
C ALA B 575 21.89 -4.18 34.89
N VAL B 576 23.10 -3.63 34.71
CA VAL B 576 24.16 -4.31 34.00
C VAL B 576 25.40 -4.36 34.89
N ARG B 577 26.37 -5.13 34.42
CA ARG B 577 27.70 -5.17 34.99
C ARG B 577 28.69 -4.80 33.90
N ASP B 578 29.72 -4.06 34.27
CA ASP B 578 30.78 -3.70 33.32
C ASP B 578 31.48 -4.96 32.85
N PRO B 579 31.60 -5.19 31.54
CA PRO B 579 32.29 -6.39 31.06
C PRO B 579 33.80 -6.37 31.25
N GLN B 580 34.38 -5.41 31.98
CA GLN B 580 35.74 -5.57 32.44
C GLN B 580 35.91 -5.13 33.88
N THR B 581 34.82 -4.84 34.58
CA THR B 581 34.89 -4.48 35.99
C THR B 581 33.68 -5.07 36.70
N LEU B 582 33.91 -5.76 37.81
CA LEU B 582 32.83 -6.49 38.45
C LEU B 582 31.88 -5.60 39.25
N GLU B 583 31.96 -4.29 39.10
CA GLU B 583 30.95 -3.41 39.68
C GLU B 583 29.66 -3.49 38.89
N ILE B 584 28.55 -3.28 39.58
CA ILE B 584 27.22 -3.43 39.01
C ILE B 584 26.54 -2.07 39.06
N LEU B 585 25.96 -1.65 37.94
CA LEU B 585 25.33 -0.34 37.83
C LEU B 585 23.83 -0.48 37.67
N ASP B 586 23.10 0.51 38.19
CA ASP B 586 21.66 0.58 38.01
C ASP B 586 21.35 1.54 36.87
N ILE B 587 20.42 1.17 36.01
CA ILE B 587 20.01 2.01 34.89
C ILE B 587 18.68 2.65 35.27
N THR B 588 18.64 3.97 35.24
CA THR B 588 17.39 4.70 35.32
C THR B 588 17.25 5.56 34.09
N PRO B 589 16.10 5.54 33.41
CA PRO B 589 15.90 6.45 32.29
C PRO B 589 15.85 7.88 32.80
N CYS B 590 16.63 8.74 32.17
CA CYS B 590 16.76 10.11 32.66
C CYS B 590 15.45 10.86 32.46
N SER B 591 15.19 11.78 33.39
CA SER B 591 13.84 12.24 33.68
C SER B 591 13.26 13.05 32.53
N PHE B 592 11.93 12.98 32.41
CA PHE B 592 11.20 13.60 31.34
C PHE B 592 9.94 14.22 31.92
N GLY B 593 9.05 14.67 31.05
CA GLY B 593 7.78 15.18 31.54
C GLY B 593 6.94 15.89 30.51
N GLY B 594 5.66 16.04 30.83
CA GLY B 594 4.78 16.76 29.93
C GLY B 594 4.96 18.26 30.05
N VAL B 595 4.90 18.92 28.90
CA VAL B 595 5.06 20.36 28.81
C VAL B 595 3.68 20.99 28.77
N SER B 596 3.39 21.83 29.75
CA SER B 596 2.10 22.48 29.86
C SER B 596 2.28 23.96 30.14
N VAL B 597 1.42 24.76 29.53
CA VAL B 597 1.52 26.21 29.57
C VAL B 597 0.30 26.75 30.30
N ILE B 598 0.53 27.62 31.27
CA ILE B 598 -0.54 28.34 31.93
C ILE B 598 -0.55 29.77 31.41
N THR B 599 -1.73 30.25 31.05
CA THR B 599 -1.87 31.60 30.55
C THR B 599 -3.29 32.06 30.76
N PRO B 600 -3.52 33.36 30.86
CA PRO B 600 -4.86 33.88 30.63
C PRO B 600 -5.14 33.93 29.15
N GLY B 601 -6.30 34.48 28.78
CA GLY B 601 -6.63 34.64 27.39
C GLY B 601 -5.74 35.67 26.70
N THR B 602 -5.59 35.50 25.39
CA THR B 602 -4.81 36.43 24.57
C THR B 602 -5.42 37.82 24.50
N ASN B 603 -6.70 37.95 24.85
CA ASN B 603 -7.34 39.25 24.87
C ASN B 603 -7.09 39.98 26.18
N THR B 604 -6.13 39.51 26.99
CA THR B 604 -5.66 40.21 28.18
C THR B 604 -4.21 40.64 28.06
N SER B 605 -3.29 39.72 27.82
CA SER B 605 -1.87 40.04 27.71
C SER B 605 -1.20 38.93 26.91
N ASN B 606 0.13 38.86 27.00
CA ASN B 606 0.89 37.81 26.34
C ASN B 606 1.93 37.21 27.28
N GLN B 607 1.84 37.53 28.57
CA GLN B 607 2.74 36.91 29.53
C GLN B 607 2.30 35.48 29.75
N VAL B 608 3.26 34.62 30.10
CA VAL B 608 3.00 33.19 30.13
C VAL B 608 3.31 32.61 31.50
N ALA B 609 3.17 31.29 31.62
CA ALA B 609 3.61 30.56 32.80
C ALA B 609 3.88 29.12 32.39
N VAL B 610 5.03 28.61 32.78
CA VAL B 610 5.54 27.33 32.30
C VAL B 610 5.45 26.31 33.43
N LEU B 611 4.84 25.16 33.14
CA LEU B 611 4.68 24.09 34.11
C LEU B 611 5.30 22.80 33.60
N TYR B 612 6.21 22.23 34.39
CA TYR B 612 6.81 20.94 34.11
C TYR B 612 6.14 19.89 34.99
N GLN B 613 5.74 18.78 34.38
CA GLN B 613 4.95 17.76 35.06
C GLN B 613 5.86 16.71 35.69
N GLY B 614 5.65 16.45 36.97
CA GLY B 614 6.21 15.27 37.61
C GLY B 614 7.72 15.24 37.77
N VAL B 615 8.38 16.39 37.73
CA VAL B 615 9.81 16.47 37.94
C VAL B 615 10.11 17.85 38.53
N ASN B 616 11.06 17.91 39.46
CA ASN B 616 11.27 19.16 40.16
C ASN B 616 12.36 20.00 39.49
N CYS B 617 12.38 21.28 39.90
CA CYS B 617 12.97 22.40 39.16
C CYS B 617 14.49 22.36 39.08
N THR B 618 15.13 21.40 39.74
CA THR B 618 16.58 21.37 39.80
C THR B 618 17.24 20.92 38.50
N GLU B 619 16.47 20.58 37.47
CA GLU B 619 17.03 20.02 36.25
C GLU B 619 16.53 20.70 34.97
N VAL B 620 16.03 21.92 35.04
CA VAL B 620 15.59 22.58 33.83
C VAL B 620 16.63 23.59 33.36
N ASN B 641 12.19 33.23 38.84
CA ASN B 641 11.12 32.95 39.80
C ASN B 641 10.72 31.49 39.73
N VAL B 642 11.12 30.74 40.76
CA VAL B 642 11.05 29.29 40.78
C VAL B 642 10.14 28.86 41.92
N PHE B 643 9.15 28.03 41.60
CA PHE B 643 8.25 27.51 42.61
C PHE B 643 8.05 26.02 42.38
N GLN B 644 7.83 25.28 43.47
CA GLN B 644 7.75 23.84 43.43
C GLN B 644 6.40 23.38 43.98
N THR B 645 5.79 22.39 43.31
CA THR B 645 4.56 21.76 43.76
C THR B 645 4.75 20.25 43.76
N ARG B 646 3.67 19.55 44.13
CA ARG B 646 3.65 18.12 43.92
C ARG B 646 3.40 17.78 42.47
N ALA B 647 2.83 18.70 41.71
CA ALA B 647 2.64 18.47 40.29
C ALA B 647 3.97 18.53 39.54
N GLY B 648 4.91 19.30 40.06
CA GLY B 648 6.20 19.38 39.43
C GLY B 648 6.82 20.75 39.52
N CYS B 649 7.34 21.24 38.40
CA CYS B 649 8.06 22.51 38.37
C CYS B 649 7.22 23.55 37.64
N LEU B 650 6.96 24.66 38.30
CA LEU B 650 6.18 25.75 37.76
C LEU B 650 7.07 26.98 37.66
N ILE B 651 7.28 27.48 36.45
CA ILE B 651 8.18 28.61 36.21
C ILE B 651 7.39 29.71 35.51
N GLY B 652 7.47 30.91 36.06
CA GLY B 652 6.85 32.05 35.43
C GLY B 652 5.68 32.56 36.24
N ALA B 653 5.77 32.45 37.55
CA ALA B 653 4.68 32.85 38.42
C ALA B 653 5.26 33.35 39.73
N GLU B 654 4.37 33.68 40.66
CA GLU B 654 4.77 34.20 41.96
C GLU B 654 3.84 33.66 43.02
N HIS B 655 4.43 33.10 44.06
CA HIS B 655 3.69 32.49 45.15
C HIS B 655 3.09 33.55 46.03
N VAL B 656 1.78 33.47 46.24
CA VAL B 656 1.05 34.41 47.08
C VAL B 656 0.37 33.60 48.16
N ASN B 657 0.25 34.17 49.36
CA ASN B 657 -0.45 33.50 50.44
C ASN B 657 -1.81 34.10 50.74
N ASN B 658 -2.52 34.56 49.71
CA ASN B 658 -3.93 34.89 49.79
C ASN B 658 -4.76 33.82 49.10
N SER B 659 -5.93 33.57 49.65
CA SER B 659 -6.80 32.50 49.16
C SER B 659 -7.95 33.11 48.36
N TYR B 660 -8.04 32.74 47.09
CA TYR B 660 -9.12 33.13 46.21
C TYR B 660 -9.85 31.87 45.75
N GLU B 661 -10.92 32.07 44.99
CA GLU B 661 -11.51 30.96 44.27
C GLU B 661 -10.62 30.62 43.09
N CYS B 662 -10.76 29.40 42.59
CA CYS B 662 -9.87 28.94 41.53
C CYS B 662 -10.25 29.56 40.20
N ASP B 663 -9.24 29.82 39.38
CA ASP B 663 -9.45 30.32 38.03
C ASP B 663 -9.07 29.26 37.01
N ILE B 664 -7.84 28.75 37.06
CA ILE B 664 -7.42 27.63 36.23
C ILE B 664 -6.79 26.61 37.16
N PRO B 665 -7.26 25.36 37.16
CA PRO B 665 -6.65 24.36 38.03
C PRO B 665 -5.31 23.90 37.48
N ILE B 666 -4.42 23.54 38.40
CA ILE B 666 -3.08 23.09 38.04
C ILE B 666 -2.90 21.68 38.56
N GLY B 667 -3.21 21.49 39.82
CA GLY B 667 -3.05 20.23 40.51
C GLY B 667 -2.60 20.51 41.92
N ALA B 668 -2.92 19.57 42.82
CA ALA B 668 -2.53 19.59 44.23
C ALA B 668 -2.99 20.87 44.93
N GLY B 669 -4.22 21.26 44.65
CA GLY B 669 -4.79 22.43 45.29
C GLY B 669 -4.20 23.74 44.87
N ILE B 670 -3.57 23.80 43.70
CA ILE B 670 -2.89 25.00 43.24
C ILE B 670 -3.63 25.53 42.01
N CYS B 671 -3.94 26.82 42.02
CA CYS B 671 -4.57 27.48 40.90
C CYS B 671 -3.87 28.79 40.63
N ALA B 672 -3.92 29.23 39.38
CA ALA B 672 -3.23 30.43 38.95
C ALA B 672 -4.21 31.44 38.40
N SER B 673 -3.84 32.71 38.52
CA SER B 673 -4.64 33.79 37.95
C SER B 673 -3.72 34.91 37.49
N TYR B 674 -4.28 35.80 36.69
CA TYR B 674 -3.58 36.95 36.14
C TYR B 674 -4.32 38.20 36.57
N GLN B 675 -3.84 38.81 37.63
CA GLN B 675 -4.43 40.03 38.17
C GLN B 675 -3.39 41.15 38.08
N THR B 676 -3.71 42.28 38.70
CA THR B 676 -2.79 43.39 38.77
C THR B 676 -1.67 43.10 39.76
N SER B 689 2.78 45.90 38.42
CA SER B 689 2.04 45.94 37.16
C SER B 689 0.96 44.88 37.14
N GLN B 690 1.10 43.91 36.24
CA GLN B 690 0.22 42.75 36.15
C GLN B 690 1.06 41.54 35.82
N SER B 691 0.85 40.44 36.55
CA SER B 691 1.73 39.29 36.38
C SER B 691 0.98 38.02 36.73
N ILE B 692 1.66 36.89 36.51
CA ILE B 692 1.10 35.59 36.81
C ILE B 692 1.33 35.28 38.28
N ILE B 693 0.27 34.98 39.00
CA ILE B 693 0.38 34.56 40.39
C ILE B 693 -0.26 33.20 40.54
N ALA B 694 0.08 32.53 41.63
CA ALA B 694 -0.53 31.26 41.98
C ALA B 694 -0.53 31.12 43.49
N TYR B 695 -1.32 30.17 43.97
CA TYR B 695 -1.67 30.11 45.38
C TYR B 695 -2.34 28.78 45.67
N THR B 696 -2.71 28.58 46.92
CA THR B 696 -3.46 27.42 47.36
C THR B 696 -4.93 27.80 47.40
N MET B 697 -5.75 27.05 46.67
CA MET B 697 -7.13 27.45 46.44
C MET B 697 -7.99 27.24 47.67
N SER B 698 -8.93 28.15 47.86
CA SER B 698 -9.81 28.06 49.02
C SER B 698 -11.01 27.18 48.69
N LEU B 699 -11.94 27.14 49.63
CA LEU B 699 -13.26 26.59 49.36
C LEU B 699 -14.31 27.60 49.77
N GLY B 700 -14.13 28.83 49.32
CA GLY B 700 -15.07 29.89 49.65
C GLY B 700 -14.79 30.49 51.00
N ALA B 701 -15.74 31.31 51.44
CA ALA B 701 -15.57 32.05 52.67
C ALA B 701 -15.77 31.15 53.88
N GLU B 702 -14.86 31.28 54.85
CA GLU B 702 -15.05 30.64 56.14
C GLU B 702 -16.25 31.23 56.84
N ASN B 703 -17.18 30.37 57.26
CA ASN B 703 -18.36 30.85 57.94
C ASN B 703 -18.87 29.75 58.84
N SER B 704 -19.53 30.15 59.92
CA SER B 704 -20.17 29.22 60.83
C SER B 704 -21.44 29.86 61.38
N VAL B 705 -22.30 29.04 61.93
CA VAL B 705 -23.58 29.48 62.45
C VAL B 705 -23.60 29.27 63.94
N ALA B 706 -24.04 30.29 64.68
CA ALA B 706 -24.18 30.17 66.12
C ALA B 706 -25.25 29.15 66.46
N TYR B 707 -24.86 28.16 67.24
CA TYR B 707 -25.72 27.04 67.58
C TYR B 707 -25.99 27.05 69.08
N SER B 708 -27.21 26.71 69.44
CA SER B 708 -27.54 26.46 70.83
C SER B 708 -28.55 25.34 70.88
N ASN B 709 -29.13 25.16 72.04
CA ASN B 709 -30.28 24.27 72.17
C ASN B 709 -31.58 25.04 72.23
N ASN B 710 -31.52 26.36 72.07
CA ASN B 710 -32.70 27.21 72.02
C ASN B 710 -32.55 28.29 70.97
N SER B 711 -32.11 27.93 69.78
CA SER B 711 -31.99 28.87 68.67
C SER B 711 -32.32 28.18 67.36
N ILE B 712 -32.76 28.98 66.38
CA ILE B 712 -33.15 28.49 65.06
C ILE B 712 -33.12 29.67 64.10
N ALA B 713 -33.03 29.37 62.80
CA ALA B 713 -32.94 30.38 61.76
C ALA B 713 -34.25 30.40 60.97
N ILE B 714 -35.05 31.45 61.16
CA ILE B 714 -36.36 31.53 60.51
C ILE B 714 -36.44 32.75 59.62
N PRO B 715 -36.83 32.61 58.35
CA PRO B 715 -36.82 33.75 57.43
C PRO B 715 -38.08 34.59 57.52
N THR B 716 -37.97 35.82 57.03
CA THR B 716 -39.06 36.78 57.02
C THR B 716 -39.46 37.28 55.64
N ASN B 717 -38.51 37.42 54.73
CA ASN B 717 -38.81 37.87 53.38
C ASN B 717 -38.08 36.93 52.42
N PHE B 718 -38.29 37.11 51.13
CA PHE B 718 -37.76 36.15 50.18
C PHE B 718 -37.53 36.83 48.84
N THR B 719 -36.97 36.07 47.91
CA THR B 719 -36.85 36.46 46.52
C THR B 719 -37.32 35.32 45.65
N ILE B 720 -37.47 35.60 44.37
CA ILE B 720 -37.86 34.61 43.39
C ILE B 720 -36.78 34.65 42.31
N SER B 721 -35.86 33.70 42.35
CA SER B 721 -34.78 33.70 41.37
C SER B 721 -35.07 32.69 40.27
N VAL B 722 -34.37 32.84 39.15
CA VAL B 722 -34.46 31.92 38.03
C VAL B 722 -33.05 31.55 37.62
N THR B 723 -32.77 30.26 37.56
CA THR B 723 -31.46 29.75 37.20
C THR B 723 -31.52 29.10 35.84
N THR B 724 -30.57 29.43 34.98
CA THR B 724 -30.44 28.74 33.71
C THR B 724 -29.74 27.40 33.89
N GLU B 725 -30.38 26.35 33.41
CA GLU B 725 -29.76 25.04 33.30
C GLU B 725 -29.88 24.61 31.86
N ILE B 726 -28.88 23.91 31.34
CA ILE B 726 -28.85 23.51 29.94
C ILE B 726 -28.41 22.06 29.86
N LEU B 727 -29.18 21.24 29.17
CA LEU B 727 -28.80 19.86 28.94
C LEU B 727 -28.78 19.58 27.44
N PRO B 728 -27.75 18.93 26.94
CA PRO B 728 -27.72 18.57 25.52
C PRO B 728 -28.68 17.41 25.27
N VAL B 729 -29.35 17.45 24.13
CA VAL B 729 -30.37 16.47 23.79
C VAL B 729 -29.92 15.57 22.66
N SER B 730 -29.56 16.15 21.52
CA SER B 730 -29.28 15.35 20.34
C SER B 730 -27.95 15.75 19.74
N MET B 731 -27.53 15.03 18.71
CA MET B 731 -26.42 15.46 17.89
C MET B 731 -26.77 15.19 16.44
N THR B 732 -25.90 15.64 15.54
CA THR B 732 -26.18 15.56 14.11
C THR B 732 -26.09 14.12 13.64
N LYS B 733 -27.12 13.66 12.94
CA LYS B 733 -27.18 12.29 12.44
C LYS B 733 -26.22 12.15 11.29
N THR B 734 -24.96 11.91 11.63
CA THR B 734 -23.99 11.66 10.58
C THR B 734 -24.14 10.23 10.07
N SER B 735 -23.83 10.05 8.80
CA SER B 735 -23.94 8.76 8.15
C SER B 735 -22.84 8.65 7.13
N VAL B 736 -22.13 7.53 7.16
CA VAL B 736 -20.91 7.40 6.40
C VAL B 736 -21.04 6.23 5.45
N ASP B 737 -20.93 6.51 4.14
CA ASP B 737 -20.72 5.45 3.18
C ASP B 737 -19.37 4.80 3.45
N CYS B 738 -19.36 3.48 3.50
CA CYS B 738 -18.11 2.80 3.78
C CYS B 738 -17.24 2.74 2.53
N THR B 739 -17.85 2.56 1.36
CA THR B 739 -17.08 2.34 0.15
C THR B 739 -16.37 3.61 -0.28
N MET B 740 -17.08 4.74 -0.27
CA MET B 740 -16.55 6.00 -0.77
C MET B 740 -15.41 6.53 0.10
N TYR B 741 -15.47 6.31 1.40
CA TYR B 741 -14.40 6.79 2.28
C TYR B 741 -13.20 5.88 2.21
N ILE B 742 -13.43 4.59 2.02
CA ILE B 742 -12.31 3.67 1.86
C ILE B 742 -11.72 3.78 0.47
N CYS B 743 -12.57 3.76 -0.54
CA CYS B 743 -12.08 3.82 -1.91
C CYS B 743 -12.71 5.01 -2.63
N GLY B 744 -11.89 5.73 -3.38
CA GLY B 744 -12.41 6.89 -4.08
C GLY B 744 -13.34 6.52 -5.22
N ASP B 745 -12.78 5.99 -6.30
CA ASP B 745 -13.61 5.48 -7.38
C ASP B 745 -13.12 4.21 -8.03
N SER B 746 -11.96 3.69 -7.65
CA SER B 746 -11.42 2.53 -8.34
C SER B 746 -12.09 1.26 -7.85
N THR B 747 -12.57 0.46 -8.80
CA THR B 747 -13.13 -0.84 -8.46
C THR B 747 -12.08 -1.83 -7.98
N GLU B 748 -10.81 -1.60 -8.33
CA GLU B 748 -9.74 -2.46 -7.84
C GLU B 748 -9.56 -2.29 -6.34
N CYS B 749 -9.70 -1.06 -5.86
CA CYS B 749 -9.81 -0.84 -4.42
C CYS B 749 -11.07 -1.51 -3.89
N SER B 750 -12.17 -1.43 -4.64
CA SER B 750 -13.42 -1.99 -4.19
C SER B 750 -13.40 -3.52 -4.19
N ASN B 751 -12.58 -4.12 -5.04
CA ASN B 751 -12.48 -5.57 -5.04
C ASN B 751 -11.81 -6.08 -3.78
N LEU B 752 -10.75 -5.41 -3.34
CA LEU B 752 -10.06 -5.84 -2.14
C LEU B 752 -10.88 -5.62 -0.88
N LEU B 753 -11.75 -4.61 -0.89
CA LEU B 753 -12.65 -4.41 0.25
C LEU B 753 -13.66 -5.54 0.37
N LEU B 754 -14.12 -6.05 -0.78
CA LEU B 754 -15.15 -7.09 -0.78
C LEU B 754 -14.64 -8.38 -0.16
N GLN B 755 -13.39 -8.71 -0.39
CA GLN B 755 -12.86 -9.90 0.26
C GLN B 755 -12.34 -9.64 1.66
N TYR B 756 -12.57 -8.45 2.21
CA TYR B 756 -12.46 -8.27 3.65
C TYR B 756 -13.79 -8.50 4.36
N GLY B 757 -14.69 -9.26 3.76
CA GLY B 757 -15.87 -9.70 4.47
C GLY B 757 -16.89 -8.60 4.59
N SER B 758 -17.67 -8.67 5.66
CA SER B 758 -18.82 -7.81 5.81
C SER B 758 -18.53 -6.75 6.85
N PHE B 759 -17.32 -6.19 6.77
CA PHE B 759 -16.89 -5.19 7.74
C PHE B 759 -17.78 -3.96 7.74
N CYS B 760 -17.80 -3.24 6.63
CA CYS B 760 -18.32 -1.89 6.66
C CYS B 760 -19.83 -1.83 6.75
N THR B 761 -20.52 -2.94 6.49
CA THR B 761 -21.95 -3.00 6.75
C THR B 761 -22.25 -2.92 8.23
N GLN B 762 -21.38 -3.46 9.07
CA GLN B 762 -21.56 -3.33 10.51
C GLN B 762 -21.43 -1.89 10.96
N LEU B 763 -20.42 -1.20 10.43
CA LEU B 763 -20.25 0.22 10.74
C LEU B 763 -21.39 1.03 10.16
N ASN B 764 -21.91 0.59 9.02
CA ASN B 764 -23.11 1.19 8.47
C ASN B 764 -24.30 0.94 9.39
N ARG B 765 -24.31 -0.22 10.05
CA ARG B 765 -25.44 -0.58 10.89
C ARG B 765 -25.46 0.24 12.17
N ALA B 766 -24.33 0.35 12.84
CA ALA B 766 -24.34 0.97 14.16
C ALA B 766 -24.47 2.48 14.08
N LEU B 767 -23.95 3.09 13.01
CA LEU B 767 -24.16 4.51 12.82
C LEU B 767 -25.63 4.80 12.52
N THR B 768 -26.26 3.93 11.74
CA THR B 768 -27.70 3.99 11.58
C THR B 768 -28.39 3.71 12.90
N GLY B 769 -27.78 2.85 13.72
CA GLY B 769 -28.27 2.65 15.07
C GLY B 769 -28.21 3.91 15.90
N ILE B 770 -27.14 4.71 15.71
CA ILE B 770 -27.10 6.03 16.32
C ILE B 770 -28.19 6.91 15.74
N ALA B 771 -28.42 6.77 14.43
CA ALA B 771 -29.39 7.62 13.75
C ALA B 771 -30.80 7.36 14.24
N VAL B 772 -31.09 6.14 14.66
CA VAL B 772 -32.40 5.88 15.25
C VAL B 772 -32.49 6.47 16.64
N GLU B 773 -31.38 6.40 17.41
CA GLU B 773 -31.40 6.85 18.79
C GLU B 773 -31.55 8.37 18.89
N GLN B 774 -30.95 9.09 17.95
CA GLN B 774 -31.03 10.55 17.98
C GLN B 774 -32.46 11.03 17.75
N ASP B 775 -33.19 10.38 16.87
CA ASP B 775 -34.58 10.73 16.69
C ASP B 775 -35.41 10.26 17.88
N LYS B 776 -35.05 9.11 18.44
CA LYS B 776 -35.81 8.58 19.56
C LYS B 776 -35.59 9.41 20.82
N ASN B 777 -34.40 9.98 20.97
CA ASN B 777 -34.16 10.88 22.10
C ASN B 777 -34.98 12.15 21.95
N THR B 778 -35.10 12.66 20.73
CA THR B 778 -35.94 13.82 20.50
C THR B 778 -37.40 13.47 20.69
N GLN B 779 -37.75 12.24 20.34
CA GLN B 779 -39.12 11.75 20.53
C GLN B 779 -39.47 11.65 22.01
N GLU B 780 -38.53 11.22 22.84
CA GLU B 780 -38.85 10.99 24.24
C GLU B 780 -38.84 12.27 25.07
N VAL B 781 -38.14 13.30 24.61
CA VAL B 781 -38.03 14.51 25.42
C VAL B 781 -39.25 15.39 25.24
N PHE B 782 -39.58 15.74 24.01
CA PHE B 782 -40.58 16.77 23.82
C PHE B 782 -41.97 16.24 23.55
N ALA B 783 -42.11 14.99 23.13
CA ALA B 783 -43.44 14.46 22.86
C ALA B 783 -43.98 13.73 24.10
N GLN B 784 -43.85 14.37 25.25
CA GLN B 784 -44.41 13.86 26.48
C GLN B 784 -45.84 14.31 26.67
N VAL B 785 -46.44 14.90 25.65
CA VAL B 785 -47.79 15.42 25.75
C VAL B 785 -48.63 14.74 24.68
N LYS B 786 -49.92 14.57 24.99
CA LYS B 786 -50.81 13.92 24.05
C LYS B 786 -51.14 14.81 22.87
N GLN B 787 -51.37 16.10 23.13
CA GLN B 787 -51.92 16.97 22.12
C GLN B 787 -51.41 18.38 22.32
N ILE B 788 -51.77 19.25 21.39
CA ILE B 788 -51.22 20.60 21.33
C ILE B 788 -52.16 21.54 22.07
N TYR B 789 -51.59 22.51 22.77
CA TYR B 789 -52.35 23.60 23.36
C TYR B 789 -51.66 24.90 23.03
N LYS B 790 -52.36 25.78 22.30
CA LYS B 790 -51.81 27.12 22.10
C LYS B 790 -52.47 28.07 23.09
N THR B 791 -51.78 29.18 23.34
CA THR B 791 -52.15 30.05 24.43
C THR B 791 -53.43 30.82 24.13
N PRO B 792 -54.20 31.18 25.14
CA PRO B 792 -55.33 32.07 24.93
C PRO B 792 -54.87 33.48 24.58
N PRO B 793 -55.70 34.26 23.88
CA PRO B 793 -55.24 35.58 23.43
C PRO B 793 -55.19 36.62 24.54
N ILE B 794 -55.90 36.39 25.65
CA ILE B 794 -55.87 37.34 26.76
C ILE B 794 -54.53 37.23 27.47
N LYS B 795 -53.92 38.36 27.77
CA LYS B 795 -52.69 38.38 28.55
C LYS B 795 -52.92 38.85 29.98
N ASP B 796 -54.12 38.64 30.51
CA ASP B 796 -54.39 38.94 31.91
C ASP B 796 -53.97 37.77 32.78
N PHE B 797 -52.99 37.99 33.63
CA PHE B 797 -52.49 36.92 34.48
C PHE B 797 -52.16 37.43 35.87
N GLY B 798 -52.82 38.51 36.30
CA GLY B 798 -52.54 39.05 37.61
C GLY B 798 -51.19 39.70 37.74
N GLY B 799 -50.62 40.18 36.65
CA GLY B 799 -49.39 40.92 36.67
C GLY B 799 -48.19 40.15 36.15
N PHE B 800 -48.35 38.87 35.87
CA PHE B 800 -47.22 38.11 35.37
C PHE B 800 -47.05 38.35 33.86
N ASN B 801 -45.82 38.29 33.42
CA ASN B 801 -45.51 38.46 31.99
C ASN B 801 -45.00 37.12 31.51
N PHE B 802 -45.37 36.73 30.32
CA PHE B 802 -44.78 35.55 29.70
C PHE B 802 -44.41 35.80 28.26
N SER B 803 -44.40 37.05 27.81
CA SER B 803 -44.04 37.45 26.46
C SER B 803 -42.62 37.05 26.11
N GLN B 804 -41.75 36.96 27.09
CA GLN B 804 -40.39 36.54 26.83
C GLN B 804 -40.26 35.06 26.49
N ILE B 805 -41.17 34.22 26.98
CA ILE B 805 -41.08 32.79 26.75
C ILE B 805 -42.17 32.30 25.80
N LEU B 806 -43.27 33.04 25.69
CA LEU B 806 -44.23 32.76 24.62
C LEU B 806 -43.64 33.14 23.26
N PRO B 807 -43.95 32.38 22.23
CA PRO B 807 -43.55 32.79 20.89
C PRO B 807 -44.46 33.89 20.38
N ASP B 808 -43.88 34.79 19.61
CA ASP B 808 -44.66 35.85 18.99
C ASP B 808 -45.23 35.37 17.67
N PRO B 809 -46.46 35.74 17.32
CA PRO B 809 -46.94 35.50 15.96
C PRO B 809 -46.32 36.42 14.93
N SER B 810 -45.58 37.45 15.36
CA SER B 810 -44.97 38.39 14.44
C SER B 810 -43.82 37.78 13.65
N LYS B 811 -43.11 36.82 14.23
CA LYS B 811 -41.99 36.23 13.53
C LYS B 811 -42.49 35.21 12.51
N PRO B 812 -41.72 34.98 11.43
CA PRO B 812 -42.07 33.91 10.48
C PRO B 812 -41.98 32.54 11.13
N SER B 813 -40.82 32.23 11.68
CA SER B 813 -40.66 31.03 12.51
C SER B 813 -41.18 31.40 13.90
N LYS B 814 -42.30 30.81 14.29
CA LYS B 814 -43.05 31.23 15.47
C LYS B 814 -42.31 30.78 16.73
N ARG B 815 -41.25 31.51 17.04
CA ARG B 815 -40.36 31.18 18.14
C ARG B 815 -40.36 32.35 19.11
N SER B 816 -39.67 32.21 20.23
CA SER B 816 -39.64 33.24 21.25
C SER B 816 -38.34 34.02 21.18
N PHE B 817 -38.32 35.16 21.88
CA PHE B 817 -37.16 36.02 21.83
C PHE B 817 -35.97 35.40 22.57
N ILE B 818 -36.24 34.72 23.69
CA ILE B 818 -35.19 33.99 24.39
C ILE B 818 -34.64 32.89 23.50
N GLU B 819 -35.53 32.24 22.76
CA GLU B 819 -35.11 31.27 21.76
C GLU B 819 -34.30 31.93 20.66
N ASP B 820 -34.68 33.14 20.25
CA ASP B 820 -33.91 33.88 19.26
C ASP B 820 -32.52 34.23 19.80
N LEU B 821 -32.44 34.53 21.09
CA LEU B 821 -31.14 34.66 21.71
C LEU B 821 -30.41 33.33 21.73
N LEU B 822 -31.15 32.25 21.93
CA LEU B 822 -30.53 30.93 21.90
C LEU B 822 -30.27 30.44 20.49
N PHE B 823 -30.89 31.03 19.48
CA PHE B 823 -30.67 30.61 18.10
C PHE B 823 -29.66 31.47 17.38
N ASN B 824 -28.95 32.33 18.11
CA ASN B 824 -27.85 33.08 17.54
C ASN B 824 -26.56 32.99 18.34
N LYS B 825 -26.56 32.32 19.47
CA LYS B 825 -25.33 32.15 20.23
C LYS B 825 -24.68 30.79 20.02
N VAL B 826 -25.07 30.06 18.98
CA VAL B 826 -24.46 28.78 18.62
C VAL B 826 -24.19 28.82 17.11
N THR B 827 -22.92 28.64 16.74
CA THR B 827 -22.54 28.65 15.34
C THR B 827 -22.43 27.24 14.78
N LYS B 854 -17.22 16.65 3.10
CA LYS B 854 -17.92 16.63 1.83
C LYS B 854 -17.34 15.53 0.94
N PHE B 855 -18.21 14.95 0.09
CA PHE B 855 -17.91 14.03 -1.03
C PHE B 855 -17.07 12.82 -0.63
N ASN B 856 -17.01 12.49 0.64
CA ASN B 856 -16.18 11.38 1.05
C ASN B 856 -16.97 10.48 1.99
N GLY B 857 -18.19 10.15 1.61
CA GLY B 857 -19.10 9.40 2.45
C GLY B 857 -19.81 10.24 3.48
N LEU B 858 -19.41 11.49 3.66
CA LEU B 858 -20.03 12.34 4.66
C LEU B 858 -21.40 12.77 4.16
N THR B 859 -22.40 12.60 4.99
CA THR B 859 -23.78 12.89 4.61
C THR B 859 -24.54 13.33 5.84
N VAL B 860 -25.01 14.56 5.84
CA VAL B 860 -25.74 15.08 6.98
C VAL B 860 -27.21 14.78 6.72
N LEU B 861 -27.68 13.64 7.20
CA LEU B 861 -29.10 13.38 7.21
C LEU B 861 -29.77 14.34 8.19
N PRO B 862 -30.87 14.98 7.80
CA PRO B 862 -31.48 15.98 8.66
C PRO B 862 -32.15 15.33 9.85
N PRO B 863 -32.41 16.08 10.91
CA PRO B 863 -33.18 15.52 12.02
C PRO B 863 -34.61 15.23 11.61
N LEU B 864 -35.29 14.46 12.47
CA LEU B 864 -36.65 14.06 12.17
C LEU B 864 -37.61 15.23 12.23
N LEU B 865 -37.45 16.08 13.23
CA LEU B 865 -38.34 17.21 13.42
C LEU B 865 -37.58 18.50 13.18
N THR B 866 -38.21 19.43 12.48
CA THR B 866 -37.64 20.75 12.33
C THR B 866 -37.80 21.49 13.65
N ASP B 867 -36.98 22.52 13.83
CA ASP B 867 -37.04 23.25 15.09
C ASP B 867 -38.31 24.07 15.22
N GLU B 868 -39.00 24.39 14.12
CA GLU B 868 -40.35 24.93 14.21
C GLU B 868 -41.27 23.91 14.85
N MET B 869 -41.14 22.64 14.44
CA MET B 869 -41.92 21.60 15.07
C MET B 869 -41.47 21.38 16.51
N ILE B 870 -40.18 21.55 16.78
CA ILE B 870 -39.70 21.53 18.16
C ILE B 870 -40.32 22.67 18.94
N ALA B 871 -40.46 23.82 18.30
CA ALA B 871 -41.13 24.95 18.93
C ALA B 871 -42.61 24.68 19.15
N GLN B 872 -43.20 23.84 18.31
CA GLN B 872 -44.62 23.50 18.49
C GLN B 872 -44.84 22.74 19.78
N TYR B 873 -43.98 21.77 20.09
CA TYR B 873 -44.11 21.01 21.32
C TYR B 873 -43.91 21.91 22.54
N THR B 874 -42.92 22.81 22.47
CA THR B 874 -42.59 23.64 23.62
C THR B 874 -43.72 24.58 23.93
N SER B 875 -44.19 25.29 22.92
CA SER B 875 -45.35 26.17 23.06
C SER B 875 -46.57 25.41 23.53
N ALA B 876 -46.72 24.16 23.09
CA ALA B 876 -47.79 23.32 23.61
C ALA B 876 -47.56 23.02 25.08
N LEU B 877 -46.34 22.64 25.45
CA LEU B 877 -46.04 22.40 26.85
C LEU B 877 -46.05 23.69 27.64
N LEU B 878 -45.78 24.81 26.99
CA LEU B 878 -45.77 26.08 27.69
C LEU B 878 -47.16 26.46 28.13
N ALA B 879 -48.13 26.31 27.25
CA ALA B 879 -49.45 26.89 27.46
C ALA B 879 -50.21 26.17 28.55
N GLY B 880 -50.26 24.84 28.47
CA GLY B 880 -50.96 24.07 29.50
C GLY B 880 -50.31 24.20 30.85
N THR B 881 -49.01 24.43 30.89
CA THR B 881 -48.36 24.69 32.15
C THR B 881 -48.78 26.05 32.68
N ILE B 882 -49.02 26.99 31.79
CA ILE B 882 -49.58 28.27 32.22
C ILE B 882 -51.05 28.09 32.59
N THR B 883 -51.77 27.26 31.83
CA THR B 883 -53.22 27.32 31.90
C THR B 883 -53.88 26.14 32.57
N SER B 884 -53.20 25.02 32.74
CA SER B 884 -53.92 23.87 33.27
C SER B 884 -53.19 23.18 34.42
N GLY B 885 -52.45 23.96 35.21
CA GLY B 885 -51.92 23.43 36.46
C GLY B 885 -50.80 22.46 36.17
N TRP B 886 -50.84 21.30 36.82
CA TRP B 886 -50.03 20.18 36.39
C TRP B 886 -50.87 19.13 35.70
N THR B 887 -52.19 19.30 35.71
CA THR B 887 -53.14 18.22 35.50
C THR B 887 -53.11 17.66 34.09
N PHE B 888 -52.68 18.45 33.12
CA PHE B 888 -52.70 18.00 31.72
C PHE B 888 -51.68 16.90 31.48
N GLY B 889 -50.59 16.88 32.24
CA GLY B 889 -49.66 15.78 32.14
C GLY B 889 -50.25 14.49 32.67
N ALA B 890 -51.24 14.58 33.56
CA ALA B 890 -51.85 13.38 34.10
C ALA B 890 -52.91 12.84 33.15
N GLY B 891 -53.97 13.60 32.92
CA GLY B 891 -55.07 13.11 32.11
C GLY B 891 -55.61 14.13 31.15
N ALA B 892 -56.92 14.36 31.20
CA ALA B 892 -57.51 15.46 30.45
C ALA B 892 -57.11 16.78 31.08
N ALA B 893 -57.01 17.81 30.24
CA ALA B 893 -56.56 19.11 30.71
C ALA B 893 -57.63 19.77 31.56
N LEU B 894 -57.20 20.50 32.58
CA LEU B 894 -58.11 21.07 33.57
C LEU B 894 -57.69 22.50 33.88
N GLN B 895 -58.53 23.45 33.50
CA GLN B 895 -58.14 24.86 33.53
C GLN B 895 -58.10 25.43 34.95
N ILE B 896 -57.41 26.57 35.07
CA ILE B 896 -57.03 27.18 36.35
C ILE B 896 -56.54 28.61 36.12
N PRO B 897 -56.79 29.56 37.02
CA PRO B 897 -56.09 30.83 36.96
C PRO B 897 -54.65 30.67 37.43
N PHE B 898 -53.73 31.35 36.75
CA PHE B 898 -52.31 31.26 37.10
C PHE B 898 -52.04 31.87 38.47
N ALA B 899 -52.90 32.78 38.90
CA ALA B 899 -52.84 33.29 40.26
C ALA B 899 -53.05 32.19 41.28
N MET B 900 -53.80 31.16 40.91
CA MET B 900 -54.04 30.06 41.83
C MET B 900 -53.03 28.92 41.68
N GLN B 901 -52.30 28.87 40.58
CA GLN B 901 -51.40 27.73 40.39
C GLN B 901 -50.20 27.84 41.29
N MET B 902 -49.76 29.07 41.57
CA MET B 902 -48.76 29.26 42.61
C MET B 902 -49.32 28.90 43.98
N ALA B 903 -50.64 29.00 44.17
CA ALA B 903 -51.23 28.61 45.43
C ALA B 903 -51.31 27.10 45.56
N TYR B 904 -51.34 26.37 44.45
CA TYR B 904 -51.01 24.95 44.56
C TYR B 904 -49.60 24.78 45.07
N ARG B 905 -48.67 25.51 44.48
CA ARG B 905 -47.27 25.13 44.57
C ARG B 905 -46.66 25.56 45.89
N PHE B 906 -47.19 26.61 46.50
CA PHE B 906 -46.67 27.00 47.81
C PHE B 906 -47.11 26.00 48.87
N ASN B 907 -48.22 25.32 48.65
CA ASN B 907 -48.54 24.16 49.46
C ASN B 907 -47.57 23.01 49.19
N GLY B 908 -46.88 23.01 48.05
CA GLY B 908 -45.97 21.92 47.76
C GLY B 908 -44.68 21.98 48.55
N ILE B 909 -44.34 23.15 49.07
CA ILE B 909 -43.15 23.31 49.89
C ILE B 909 -43.50 23.78 51.28
N GLY B 910 -44.77 23.77 51.65
CA GLY B 910 -45.13 24.08 53.01
C GLY B 910 -45.20 25.57 53.27
N VAL B 911 -45.88 26.30 52.38
CA VAL B 911 -46.13 27.71 52.56
C VAL B 911 -47.63 27.92 52.51
N THR B 912 -48.16 28.61 53.51
CA THR B 912 -49.57 28.97 53.50
C THR B 912 -49.86 29.98 52.39
N GLN B 913 -51.02 29.83 51.78
CA GLN B 913 -51.31 30.48 50.52
C GLN B 913 -51.80 31.92 50.67
N ASN B 914 -51.96 32.39 51.91
CA ASN B 914 -52.08 33.82 52.14
C ASN B 914 -50.84 34.58 51.72
N VAL B 915 -49.67 33.96 51.89
CA VAL B 915 -48.40 34.65 51.62
C VAL B 915 -48.28 34.97 50.14
N LEU B 916 -48.73 34.06 49.29
CA LEU B 916 -48.89 34.38 47.88
C LEU B 916 -49.87 35.52 47.67
N TYR B 917 -51.08 35.38 48.21
CA TYR B 917 -52.14 36.31 47.88
C TYR B 917 -51.93 37.69 48.50
N GLU B 918 -51.41 37.75 49.73
CA GLU B 918 -51.15 39.05 50.34
C GLU B 918 -49.97 39.77 49.74
N ASN B 919 -49.17 39.12 48.91
CA ASN B 919 -48.03 39.79 48.31
C ASN B 919 -47.93 39.44 46.84
N GLN B 920 -49.07 39.42 46.16
CA GLN B 920 -49.11 39.04 44.75
C GLN B 920 -48.37 40.05 43.88
N LYS B 921 -48.60 41.34 44.11
CA LYS B 921 -47.90 42.39 43.39
C LYS B 921 -46.41 42.35 43.65
N LEU B 922 -46.00 41.94 44.85
CA LEU B 922 -44.59 41.86 45.19
C LEU B 922 -43.92 40.73 44.40
N ILE B 923 -44.59 39.60 44.30
CA ILE B 923 -44.01 38.44 43.65
C ILE B 923 -43.90 38.64 42.14
N ALA B 924 -44.90 39.28 41.55
CA ALA B 924 -44.99 39.36 40.09
C ALA B 924 -43.87 40.20 39.51
N ASN B 925 -43.64 41.39 40.08
CA ASN B 925 -42.56 42.25 39.59
C ASN B 925 -41.21 41.61 39.82
N GLN B 926 -41.04 40.90 40.94
CA GLN B 926 -39.81 40.17 41.14
C GLN B 926 -39.70 39.02 40.17
N PHE B 927 -40.82 38.40 39.82
CA PHE B 927 -40.80 37.38 38.78
C PHE B 927 -40.49 38.01 37.43
N ASN B 928 -40.99 39.22 37.19
CA ASN B 928 -40.71 39.90 35.94
C ASN B 928 -39.24 40.27 35.84
N SER B 929 -38.69 40.85 36.91
CA SER B 929 -37.29 41.28 36.87
C SER B 929 -36.35 40.09 36.90
N ALA B 930 -36.82 38.94 37.38
CA ALA B 930 -36.02 37.74 37.24
C ALA B 930 -35.89 37.33 35.79
N ILE B 931 -36.96 37.50 35.00
CA ILE B 931 -36.90 37.15 33.59
C ILE B 931 -35.98 38.10 32.84
N GLY B 932 -35.98 39.37 33.23
CA GLY B 932 -35.09 40.34 32.61
C GLY B 932 -33.63 40.04 32.85
N LYS B 933 -33.31 39.43 33.98
CA LYS B 933 -31.96 38.95 34.19
C LYS B 933 -31.64 37.78 33.28
N ILE B 934 -32.62 36.90 33.04
CA ILE B 934 -32.42 35.78 32.13
C ILE B 934 -32.18 36.28 30.72
N GLN B 935 -32.96 37.27 30.32
CA GLN B 935 -32.73 37.94 29.05
C GLN B 935 -31.39 38.64 29.02
N ASP B 936 -30.93 39.12 30.17
CA ASP B 936 -29.67 39.84 30.22
C ASP B 936 -28.50 38.86 30.14
N SER B 937 -28.52 37.80 30.95
CA SER B 937 -27.35 36.96 31.15
C SER B 937 -27.00 36.14 29.92
N LEU B 938 -27.95 35.93 29.02
CA LEU B 938 -27.70 35.12 27.85
C LEU B 938 -27.58 35.94 26.57
N SER B 939 -27.91 37.23 26.62
CA SER B 939 -27.74 38.13 25.49
C SER B 939 -26.42 38.90 25.54
N SER B 940 -25.69 38.81 26.65
CA SER B 940 -24.39 39.44 26.76
C SER B 940 -23.28 38.40 26.84
N THR B 941 -23.34 37.50 27.83
CA THR B 941 -22.32 36.50 28.01
C THR B 941 -22.55 35.34 27.06
N ALA B 942 -21.46 34.80 26.52
CA ALA B 942 -21.50 33.63 25.65
C ALA B 942 -20.93 32.39 26.31
N SER B 943 -20.41 32.53 27.53
CA SER B 943 -19.74 31.42 28.20
C SER B 943 -20.71 30.35 28.69
N ALA B 944 -21.90 30.75 29.14
CA ALA B 944 -22.86 29.81 29.72
C ALA B 944 -23.48 28.88 28.69
N LEU B 945 -23.36 29.19 27.41
CA LEU B 945 -23.82 28.29 26.37
C LEU B 945 -22.76 27.28 25.96
N GLY B 946 -21.70 27.13 26.74
CA GLY B 946 -20.60 26.28 26.36
C GLY B 946 -20.93 24.81 26.37
N LYS B 947 -21.94 24.42 27.15
CA LYS B 947 -22.32 23.01 27.24
C LYS B 947 -22.86 22.51 25.91
N LEU B 948 -23.74 23.30 25.27
CA LEU B 948 -24.13 22.96 23.91
C LEU B 948 -22.99 23.17 22.95
N GLN B 949 -22.15 24.17 23.21
CA GLN B 949 -21.08 24.52 22.29
C GLN B 949 -20.04 23.43 22.22
N ASP B 950 -19.83 22.70 23.32
CA ASP B 950 -18.89 21.59 23.31
C ASP B 950 -19.37 20.45 22.43
N VAL B 951 -20.67 20.16 22.47
CA VAL B 951 -21.23 18.98 21.80
C VAL B 951 -21.08 19.11 20.30
N VAL B 952 -21.33 20.29 19.76
CA VAL B 952 -21.08 20.52 18.35
C VAL B 952 -19.58 20.51 18.07
N ASN B 953 -18.78 21.07 18.98
CA ASN B 953 -17.34 21.08 18.79
C ASN B 953 -16.72 19.69 18.97
N GLN B 954 -17.19 18.92 19.95
CA GLN B 954 -16.75 17.53 20.07
C GLN B 954 -17.22 16.70 18.89
N ASN B 955 -18.33 17.08 18.27
CA ASN B 955 -18.70 16.46 17.00
C ASN B 955 -17.75 16.91 15.90
N ALA B 956 -17.47 18.22 15.85
CA ALA B 956 -16.80 18.77 14.69
C ALA B 956 -15.33 18.39 14.62
N GLN B 957 -14.68 18.23 15.77
CA GLN B 957 -13.26 17.88 15.76
C GLN B 957 -13.07 16.47 15.22
N ALA B 958 -14.02 15.57 15.51
CA ALA B 958 -13.93 14.22 15.01
C ALA B 958 -14.13 14.16 13.50
N LEU B 959 -14.93 15.08 12.94
CA LEU B 959 -15.13 15.08 11.50
C LEU B 959 -13.87 15.48 10.77
N ASN B 960 -13.19 16.52 11.25
CA ASN B 960 -12.02 17.03 10.56
C ASN B 960 -10.87 16.04 10.64
N THR B 961 -10.69 15.40 11.79
CA THR B 961 -9.66 14.39 11.87
C THR B 961 -10.05 13.11 11.15
N LEU B 962 -11.32 12.94 10.82
CA LEU B 962 -11.69 11.80 10.00
C LEU B 962 -11.23 11.99 8.57
N VAL B 963 -11.35 13.21 8.05
CA VAL B 963 -11.02 13.43 6.66
C VAL B 963 -9.52 13.48 6.47
N LYS B 964 -8.80 14.12 7.42
CA LYS B 964 -7.39 14.40 7.24
C LYS B 964 -6.51 13.16 7.27
N GLN B 965 -7.05 12.03 7.70
CA GLN B 965 -6.27 10.79 7.68
C GLN B 965 -5.96 10.33 6.26
N LEU B 966 -6.70 10.81 5.26
CA LEU B 966 -6.39 10.49 3.89
C LEU B 966 -5.10 11.13 3.40
N SER B 967 -4.59 12.11 4.14
CA SER B 967 -3.28 12.66 3.84
C SER B 967 -2.14 11.78 4.32
N SER B 968 -2.44 10.69 5.02
CA SER B 968 -1.43 9.82 5.58
C SER B 968 -1.18 8.64 4.66
N ASN B 969 0.07 8.21 4.59
CA ASN B 969 0.45 7.14 3.68
C ASN B 969 0.12 5.78 4.27
N PHE B 970 0.22 5.65 5.59
CA PHE B 970 0.31 4.36 6.29
C PHE B 970 1.37 3.47 5.67
N GLY B 971 2.54 4.06 5.40
CA GLY B 971 3.60 3.29 4.79
C GLY B 971 3.38 2.98 3.33
N ALA B 972 2.63 3.81 2.63
CA ALA B 972 2.51 3.68 1.19
C ALA B 972 3.41 4.69 0.50
N ILE B 973 3.55 4.54 -0.82
CA ILE B 973 4.36 5.48 -1.57
C ILE B 973 3.63 6.79 -1.81
N SER B 974 2.30 6.79 -1.65
CA SER B 974 1.52 8.02 -1.78
C SER B 974 0.22 7.84 -1.04
N SER B 975 -0.23 8.92 -0.40
CA SER B 975 -1.48 8.85 0.33
C SER B 975 -2.68 8.95 -0.58
N VAL B 976 -2.56 9.55 -1.75
CA VAL B 976 -3.68 9.63 -2.65
C VAL B 976 -3.76 8.32 -3.40
N LEU B 977 -4.97 7.90 -3.73
CA LEU B 977 -5.19 6.56 -4.26
C LEU B 977 -4.94 6.49 -5.76
N ASN B 978 -5.24 7.58 -6.47
CA ASN B 978 -5.23 7.55 -7.91
C ASN B 978 -3.82 7.49 -8.48
N ASP B 979 -2.81 7.90 -7.71
CA ASP B 979 -1.44 7.87 -8.20
C ASP B 979 -0.92 6.43 -8.27
N ILE B 980 -1.25 5.63 -7.25
CA ILE B 980 -0.78 4.26 -7.19
C ILE B 980 -1.45 3.40 -8.25
N LEU B 981 -2.71 3.70 -8.57
CA LEU B 981 -3.38 3.05 -9.69
C LEU B 981 -2.78 3.42 -11.03
N SER B 982 -2.12 4.56 -11.13
CA SER B 982 -1.67 5.10 -12.41
C SER B 982 -0.23 4.76 -12.73
N ARG B 983 0.57 4.31 -11.76
CA ARG B 983 2.00 4.13 -12.00
C ARG B 983 2.50 2.72 -11.71
N LEU B 984 1.65 1.82 -11.25
CA LEU B 984 2.07 0.46 -10.95
C LEU B 984 1.10 -0.53 -11.56
N ASP B 985 1.53 -1.79 -11.60
CA ASP B 985 0.73 -2.87 -12.17
C ASP B 985 -0.14 -3.48 -11.08
N LYS B 986 -0.72 -4.64 -11.38
CA LYS B 986 -1.71 -5.23 -10.48
C LYS B 986 -1.06 -5.79 -9.23
N VAL B 987 0.11 -6.41 -9.36
CA VAL B 987 0.66 -7.19 -8.27
C VAL B 987 1.25 -6.28 -7.19
N GLU B 988 2.17 -5.40 -7.57
CA GLU B 988 2.93 -4.64 -6.58
C GLU B 988 2.08 -3.56 -5.93
N ALA B 989 1.05 -3.06 -6.62
CA ALA B 989 0.19 -2.05 -6.03
C ALA B 989 -0.82 -2.66 -5.09
N GLU B 990 -1.09 -3.96 -5.24
CA GLU B 990 -2.00 -4.66 -4.36
C GLU B 990 -1.47 -4.69 -2.95
N VAL B 991 -0.15 -4.80 -2.80
CA VAL B 991 0.47 -4.68 -1.49
C VAL B 991 0.34 -3.25 -0.97
N GLN B 992 0.48 -2.27 -1.86
CA GLN B 992 0.38 -0.88 -1.46
C GLN B 992 -1.05 -0.50 -1.10
N ILE B 993 -2.02 -1.03 -1.85
CA ILE B 993 -3.41 -0.80 -1.50
C ILE B 993 -3.75 -1.55 -0.22
N ASP B 994 -3.11 -2.71 0.01
CA ASP B 994 -3.32 -3.47 1.25
C ASP B 994 -2.96 -2.64 2.45
N ARG B 995 -1.84 -1.91 2.39
CA ARG B 995 -1.50 -0.99 3.45
C ARG B 995 -2.46 0.18 3.53
N LEU B 996 -3.08 0.57 2.41
CA LEU B 996 -3.99 1.70 2.44
C LEU B 996 -5.29 1.37 3.13
N ILE B 997 -5.73 0.11 3.07
CA ILE B 997 -7.04 -0.21 3.64
C ILE B 997 -6.95 -0.27 5.16
N THR B 998 -6.02 -1.07 5.67
CA THR B 998 -5.77 -1.10 7.11
C THR B 998 -5.18 0.24 7.52
N GLY B 999 -5.98 1.01 8.23
CA GLY B 999 -5.59 2.33 8.68
C GLY B 999 -6.64 3.33 8.27
N ARG B 1000 -7.10 3.24 7.03
CA ARG B 1000 -8.30 3.98 6.67
C ARG B 1000 -9.51 3.33 7.30
N LEU B 1001 -9.63 2.02 7.12
CA LEU B 1001 -10.67 1.26 7.78
C LEU B 1001 -10.55 1.34 9.28
N GLN B 1002 -9.32 1.34 9.78
CA GLN B 1002 -9.10 1.41 11.21
C GLN B 1002 -9.50 2.77 11.77
N SER B 1003 -9.20 3.84 11.02
CA SER B 1003 -9.63 5.16 11.45
C SER B 1003 -11.14 5.27 11.40
N LEU B 1004 -11.77 4.63 10.43
CA LEU B 1004 -13.21 4.60 10.37
C LEU B 1004 -13.78 3.88 11.59
N GLN B 1005 -13.17 2.76 11.97
CA GLN B 1005 -13.59 2.06 13.17
C GLN B 1005 -13.26 2.87 14.41
N THR B 1006 -12.14 3.60 14.37
CA THR B 1006 -11.83 4.54 15.43
C THR B 1006 -12.87 5.64 15.49
N TYR B 1007 -13.35 6.08 14.33
CA TYR B 1007 -14.38 7.10 14.29
C TYR B 1007 -15.68 6.58 14.87
N VAL B 1008 -16.04 5.34 14.57
CA VAL B 1008 -17.28 4.75 15.05
C VAL B 1008 -17.25 4.61 16.57
N THR B 1009 -16.10 4.21 17.10
CA THR B 1009 -15.98 3.97 18.53
C THR B 1009 -16.07 5.27 19.32
N GLN B 1010 -15.48 6.34 18.77
CA GLN B 1010 -15.64 7.66 19.35
C GLN B 1010 -17.09 8.12 19.29
N GLN B 1011 -17.79 7.80 18.20
CA GLN B 1011 -19.17 8.21 18.08
C GLN B 1011 -20.06 7.46 19.05
N LEU B 1012 -19.83 6.15 19.19
CA LEU B 1012 -20.72 5.32 19.99
C LEU B 1012 -20.68 5.68 21.47
N ILE B 1013 -19.48 5.86 22.01
CA ILE B 1013 -19.32 6.15 23.43
C ILE B 1013 -19.91 7.51 23.75
N ARG B 1014 -19.67 8.48 22.87
CA ARG B 1014 -20.24 9.80 23.04
C ARG B 1014 -21.75 9.77 22.91
N ALA B 1015 -22.27 8.88 22.05
CA ALA B 1015 -23.72 8.74 21.90
C ALA B 1015 -24.37 8.23 23.18
N ALA B 1016 -23.68 7.32 23.87
CA ALA B 1016 -24.19 6.83 25.14
C ALA B 1016 -24.21 7.93 26.18
N GLU B 1017 -23.24 8.83 26.15
CA GLU B 1017 -23.29 10.01 27.00
C GLU B 1017 -24.45 10.90 26.63
N ILE B 1018 -24.70 11.07 25.34
CA ILE B 1018 -25.88 11.80 24.90
C ILE B 1018 -27.13 11.04 25.29
N ARG B 1019 -27.09 9.71 25.17
CA ARG B 1019 -28.20 8.88 25.63
C ARG B 1019 -28.39 9.01 27.13
N ALA B 1020 -27.29 9.10 27.88
CA ALA B 1020 -27.39 9.35 29.31
C ALA B 1020 -27.84 10.78 29.57
N SER B 1021 -27.51 11.69 28.67
CA SER B 1021 -27.97 13.06 28.85
C SER B 1021 -29.48 13.17 28.67
N ALA B 1022 -30.03 12.41 27.73
CA ALA B 1022 -31.39 12.66 27.29
C ALA B 1022 -32.41 12.23 28.34
N ASN B 1023 -32.20 11.06 28.94
CA ASN B 1023 -33.15 10.55 29.92
C ASN B 1023 -33.18 11.41 31.16
N LEU B 1024 -32.04 12.03 31.50
CA LEU B 1024 -32.03 13.01 32.57
C LEU B 1024 -32.86 14.23 32.19
N ALA B 1025 -32.85 14.59 30.90
CA ALA B 1025 -33.59 15.76 30.47
C ALA B 1025 -35.09 15.51 30.52
N ALA B 1026 -35.54 14.38 29.98
CA ALA B 1026 -36.96 14.12 29.90
C ALA B 1026 -37.56 13.83 31.27
N THR B 1027 -36.75 13.33 32.20
CA THR B 1027 -37.23 13.22 33.57
C THR B 1027 -37.42 14.59 34.18
N LYS B 1028 -36.57 15.54 33.82
CA LYS B 1028 -36.77 16.91 34.29
C LYS B 1028 -37.92 17.56 33.55
N MET B 1029 -38.15 17.18 32.29
CA MET B 1029 -39.41 17.52 31.64
C MET B 1029 -40.57 16.86 32.35
N SER B 1030 -40.36 15.68 32.91
CA SER B 1030 -41.43 15.06 33.70
C SER B 1030 -41.52 15.69 35.09
N GLU B 1031 -40.46 15.56 35.90
CA GLU B 1031 -40.56 15.91 37.31
C GLU B 1031 -40.64 17.41 37.55
N CYS B 1032 -40.12 18.24 36.65
CA CYS B 1032 -40.05 19.66 36.94
C CYS B 1032 -40.87 20.54 36.03
N VAL B 1033 -41.41 20.02 34.93
CA VAL B 1033 -42.30 20.78 34.07
C VAL B 1033 -43.73 20.31 34.21
N LEU B 1034 -43.94 19.00 34.11
CA LEU B 1034 -45.27 18.44 34.21
C LEU B 1034 -45.82 18.38 35.61
N GLY B 1035 -45.03 18.79 36.61
CA GLY B 1035 -45.47 18.66 37.98
C GLY B 1035 -44.40 19.21 38.90
N GLN B 1036 -44.63 19.02 40.19
CA GLN B 1036 -43.86 19.70 41.22
C GLN B 1036 -43.13 18.67 42.05
N SER B 1037 -41.86 18.48 41.76
CA SER B 1037 -41.07 17.48 42.47
C SER B 1037 -40.71 17.93 43.87
N LYS B 1038 -40.71 16.99 44.80
CA LYS B 1038 -40.22 17.24 46.14
C LYS B 1038 -38.70 17.25 46.19
N ARG B 1039 -38.05 16.61 45.21
CA ARG B 1039 -36.62 16.35 45.25
C ARG B 1039 -35.79 17.61 45.23
N VAL B 1040 -35.19 17.93 46.35
CA VAL B 1040 -34.40 19.14 46.46
C VAL B 1040 -33.08 18.92 45.72
N ASP B 1041 -32.50 20.03 45.24
CA ASP B 1041 -31.24 20.06 44.50
C ASP B 1041 -31.35 19.27 43.20
N PHE B 1042 -32.46 19.42 42.53
CA PHE B 1042 -32.63 18.65 41.31
C PHE B 1042 -32.97 19.49 40.11
N CYS B 1043 -33.68 20.59 40.29
CA CYS B 1043 -33.98 21.52 39.22
C CYS B 1043 -33.74 22.92 39.78
N GLY B 1044 -32.54 23.42 39.60
CA GLY B 1044 -32.16 24.67 40.20
C GLY B 1044 -31.83 24.52 41.68
N LYS B 1045 -31.47 25.63 42.30
CA LYS B 1045 -31.17 25.63 43.71
C LYS B 1045 -32.29 26.30 44.48
N GLY B 1046 -32.85 25.58 45.44
CA GLY B 1046 -33.95 26.05 46.25
C GLY B 1046 -35.11 25.08 46.23
N TYR B 1047 -36.09 25.37 47.07
CA TYR B 1047 -37.37 24.69 47.01
C TYR B 1047 -37.99 24.90 45.65
N HIS B 1048 -38.25 23.80 44.94
CA HIS B 1048 -38.68 23.87 43.55
C HIS B 1048 -40.15 24.23 43.45
N LEU B 1049 -40.44 25.26 42.66
CA LEU B 1049 -41.83 25.63 42.41
C LEU B 1049 -42.33 25.11 41.07
N MET B 1050 -41.71 25.54 39.98
CA MET B 1050 -42.18 25.23 38.64
C MET B 1050 -41.08 25.60 37.66
N SER B 1051 -41.31 25.31 36.39
CA SER B 1051 -40.30 25.52 35.37
C SER B 1051 -40.96 25.88 34.05
N PHE B 1052 -40.14 26.16 33.04
CA PHE B 1052 -40.60 26.47 31.71
C PHE B 1052 -39.54 25.96 30.74
N PRO B 1053 -39.92 25.19 29.75
CA PRO B 1053 -38.95 24.73 28.76
C PRO B 1053 -38.89 25.63 27.54
N GLN B 1054 -37.73 25.73 26.90
CA GLN B 1054 -37.57 26.51 25.69
C GLN B 1054 -36.78 25.73 24.66
N SER B 1055 -37.04 26.02 23.39
CA SER B 1055 -36.36 25.32 22.32
C SER B 1055 -34.90 25.75 22.25
N ALA B 1056 -34.09 24.88 21.64
CA ALA B 1056 -32.64 25.06 21.64
C ALA B 1056 -32.08 24.17 20.54
N PRO B 1057 -31.02 24.58 19.86
CA PRO B 1057 -30.44 23.71 18.82
C PRO B 1057 -29.75 22.52 19.45
N HIS B 1058 -30.23 21.33 19.07
CA HIS B 1058 -29.81 20.02 19.58
C HIS B 1058 -30.02 19.85 21.08
N GLY B 1059 -30.76 20.75 21.72
CA GLY B 1059 -30.83 20.73 23.16
C GLY B 1059 -32.13 21.25 23.70
N VAL B 1060 -32.15 21.52 25.00
CA VAL B 1060 -33.31 22.09 25.66
C VAL B 1060 -32.78 23.00 26.75
N VAL B 1061 -33.51 24.07 27.04
CA VAL B 1061 -33.14 24.97 28.12
C VAL B 1061 -34.32 25.10 29.05
N PHE B 1062 -34.14 24.66 30.28
CA PHE B 1062 -35.15 24.81 31.31
C PHE B 1062 -34.93 26.13 32.04
N LEU B 1063 -36.02 26.69 32.56
CA LEU B 1063 -35.95 27.89 33.38
C LEU B 1063 -36.67 27.60 34.68
N HIS B 1064 -35.92 27.30 35.72
CA HIS B 1064 -36.50 26.86 36.97
C HIS B 1064 -36.76 28.05 37.87
N VAL B 1065 -37.81 27.94 38.68
CA VAL B 1065 -38.23 28.99 39.59
C VAL B 1065 -38.24 28.41 40.99
N THR B 1066 -37.40 28.94 41.87
CA THR B 1066 -37.30 28.42 43.23
C THR B 1066 -37.77 29.47 44.24
N TYR B 1067 -37.74 29.07 45.50
CA TYR B 1067 -38.19 29.91 46.61
C TYR B 1067 -37.03 30.05 47.59
N VAL B 1068 -36.18 31.04 47.34
CA VAL B 1068 -34.99 31.25 48.16
C VAL B 1068 -35.31 32.33 49.18
N PRO B 1069 -35.26 32.03 50.46
CA PRO B 1069 -35.59 33.02 51.48
C PRO B 1069 -34.36 33.82 51.90
N ALA B 1070 -34.62 34.95 52.55
CA ALA B 1070 -33.54 35.79 53.08
C ALA B 1070 -34.09 36.61 54.24
N GLN B 1071 -33.22 37.49 54.77
CA GLN B 1071 -33.55 38.52 55.75
C GLN B 1071 -34.14 37.92 57.03
N GLU B 1072 -33.27 37.23 57.74
CA GLU B 1072 -33.64 36.42 58.90
C GLU B 1072 -33.40 37.20 60.19
N LYS B 1073 -34.06 36.77 61.24
CA LYS B 1073 -33.66 37.14 62.59
C LYS B 1073 -33.28 35.88 63.35
N ASN B 1074 -32.84 36.06 64.59
CA ASN B 1074 -32.55 34.93 65.45
C ASN B 1074 -33.72 34.76 66.41
N PHE B 1075 -33.96 33.52 66.82
CA PHE B 1075 -35.22 33.21 67.50
C PHE B 1075 -34.97 32.14 68.55
N THR B 1076 -35.28 32.47 69.80
CA THR B 1076 -35.28 31.47 70.86
C THR B 1076 -36.40 30.47 70.61
N THR B 1077 -36.05 29.18 70.65
CA THR B 1077 -37.04 28.15 70.35
C THR B 1077 -37.27 27.21 71.52
N ALA B 1078 -38.21 26.29 71.36
CA ALA B 1078 -38.65 25.41 72.43
C ALA B 1078 -39.32 24.20 71.79
N PRO B 1079 -39.23 23.02 72.38
CA PRO B 1079 -39.79 21.84 71.72
C PRO B 1079 -41.27 21.66 71.94
N ALA B 1080 -41.79 22.15 73.06
CA ALA B 1080 -43.18 21.94 73.43
C ALA B 1080 -43.53 22.92 74.54
N ILE B 1081 -44.81 22.90 74.94
CA ILE B 1081 -45.34 23.76 75.99
C ILE B 1081 -46.28 22.95 76.86
N CYS B 1082 -46.11 23.03 78.17
CA CYS B 1082 -47.04 22.43 79.11
C CYS B 1082 -47.93 23.51 79.70
N HIS B 1083 -49.22 23.20 79.84
CA HIS B 1083 -50.18 24.16 80.34
C HIS B 1083 -50.82 23.71 81.65
N ASP B 1084 -51.46 22.55 81.67
CA ASP B 1084 -52.13 22.07 82.87
C ASP B 1084 -51.68 20.66 83.23
N GLY B 1085 -50.38 20.40 83.13
CA GLY B 1085 -49.84 19.06 83.23
C GLY B 1085 -49.78 18.35 81.89
N LYS B 1086 -50.65 18.72 80.97
CA LYS B 1086 -50.66 18.12 79.66
C LYS B 1086 -49.67 18.84 78.76
N ALA B 1087 -48.95 18.08 77.95
CA ALA B 1087 -48.04 18.67 77.00
C ALA B 1087 -48.80 19.23 75.81
N HIS B 1088 -48.08 19.93 74.95
CA HIS B 1088 -48.64 20.41 73.68
C HIS B 1088 -47.59 20.29 72.60
N PHE B 1089 -47.88 19.51 71.60
CA PHE B 1089 -47.04 19.54 70.43
C PHE B 1089 -47.76 20.29 69.33
N PRO B 1090 -47.07 21.17 68.62
CA PRO B 1090 -47.73 21.91 67.54
C PRO B 1090 -48.03 21.01 66.35
N ARG B 1091 -49.17 21.25 65.71
CA ARG B 1091 -49.56 20.44 64.57
C ARG B 1091 -48.63 20.67 63.39
N GLU B 1092 -48.35 21.93 63.09
CA GLU B 1092 -47.30 22.28 62.15
C GLU B 1092 -46.53 23.46 62.75
N GLY B 1093 -45.29 23.60 62.31
CA GLY B 1093 -44.48 24.71 62.76
C GLY B 1093 -43.88 24.49 64.13
N VAL B 1094 -43.23 25.55 64.62
CA VAL B 1094 -42.60 25.52 65.93
C VAL B 1094 -43.04 26.74 66.71
N PHE B 1095 -42.51 26.90 67.92
CA PHE B 1095 -42.83 28.03 68.79
C PHE B 1095 -41.66 28.98 68.76
N VAL B 1096 -41.95 30.26 68.55
CA VAL B 1096 -41.00 31.19 67.97
C VAL B 1096 -40.80 32.38 68.91
N SER B 1097 -40.02 33.35 68.45
CA SER B 1097 -39.68 34.51 69.26
C SER B 1097 -40.20 35.81 68.63
N ASN B 1098 -40.82 36.61 69.48
CA ASN B 1098 -41.30 37.97 69.18
C ASN B 1098 -40.65 38.99 70.09
N GLY B 1099 -39.47 38.66 70.58
CA GLY B 1099 -38.92 39.28 71.75
C GLY B 1099 -38.82 38.14 72.73
N THR B 1100 -39.03 38.44 74.01
CA THR B 1100 -39.02 37.40 75.02
C THR B 1100 -40.49 37.07 75.29
N HIS B 1101 -41.10 36.34 74.36
CA HIS B 1101 -42.44 35.77 74.49
C HIS B 1101 -42.52 34.50 73.65
N TRP B 1102 -43.44 33.61 73.99
CA TRP B 1102 -43.55 32.35 73.28
C TRP B 1102 -44.79 32.32 72.43
N PHE B 1103 -44.64 32.73 71.17
CA PHE B 1103 -45.75 32.67 70.23
C PHE B 1103 -45.38 31.66 69.14
N VAL B 1104 -46.21 31.52 68.10
CA VAL B 1104 -46.17 30.32 67.27
C VAL B 1104 -46.43 30.64 65.81
N THR B 1105 -45.66 29.99 64.92
CA THR B 1105 -45.89 30.02 63.48
C THR B 1105 -45.26 28.83 62.78
N GLN B 1106 -45.39 28.80 61.45
CA GLN B 1106 -44.90 27.71 60.62
C GLN B 1106 -43.39 27.76 60.41
N ARG B 1107 -42.85 26.75 59.73
CA ARG B 1107 -41.41 26.52 59.70
C ARG B 1107 -40.68 27.11 58.51
N ASN B 1108 -41.36 27.81 57.61
CA ASN B 1108 -40.66 28.36 56.48
C ASN B 1108 -41.04 29.78 56.12
N PHE B 1109 -41.99 30.37 56.84
CA PHE B 1109 -42.26 31.79 56.69
C PHE B 1109 -42.71 32.33 58.03
N TYR B 1110 -42.25 33.53 58.36
CA TYR B 1110 -42.54 34.12 59.66
C TYR B 1110 -43.90 34.80 59.61
N GLU B 1111 -44.84 34.29 60.38
CA GLU B 1111 -46.16 34.93 60.52
C GLU B 1111 -46.76 34.45 61.82
N PRO B 1112 -46.41 35.08 62.93
CA PRO B 1112 -46.74 34.53 64.25
C PRO B 1112 -48.22 34.54 64.57
N GLN B 1113 -48.61 33.62 65.45
CA GLN B 1113 -50.00 33.38 65.81
C GLN B 1113 -50.15 33.32 67.32
N ILE B 1114 -51.40 33.31 67.76
CA ILE B 1114 -51.73 33.05 69.15
C ILE B 1114 -51.93 31.56 69.34
N ILE B 1115 -51.45 31.02 70.46
CA ILE B 1115 -51.57 29.60 70.73
C ILE B 1115 -53.02 29.24 71.00
N THR B 1116 -53.60 28.44 70.12
CA THR B 1116 -54.95 27.95 70.26
C THR B 1116 -54.92 26.42 70.29
N THR B 1117 -56.06 25.83 70.60
CA THR B 1117 -56.14 24.39 70.67
C THR B 1117 -56.03 23.74 69.29
N ASP B 1118 -56.59 24.36 68.27
CA ASP B 1118 -56.57 23.77 66.93
C ASP B 1118 -55.21 23.87 66.26
N ASN B 1119 -54.25 24.56 66.85
CA ASN B 1119 -52.90 24.57 66.32
C ASN B 1119 -52.03 23.50 66.92
N THR B 1120 -52.43 22.92 68.04
CA THR B 1120 -51.65 21.88 68.68
C THR B 1120 -52.46 20.62 68.91
N PHE B 1121 -51.86 19.65 69.59
CA PHE B 1121 -52.59 18.52 70.15
C PHE B 1121 -51.84 18.06 71.39
N VAL B 1122 -52.49 17.14 72.11
CA VAL B 1122 -52.07 16.78 73.46
C VAL B 1122 -51.74 15.29 73.49
N SER B 1123 -50.55 14.96 73.98
CA SER B 1123 -50.18 13.55 74.15
C SER B 1123 -49.25 13.45 75.36
N GLY B 1124 -49.84 13.14 76.51
CA GLY B 1124 -49.06 12.74 77.66
C GLY B 1124 -48.74 13.86 78.63
N ASN B 1125 -48.20 13.44 79.77
CA ASN B 1125 -47.75 14.36 80.79
C ASN B 1125 -46.54 15.15 80.29
N CYS B 1126 -46.37 16.35 80.83
CA CYS B 1126 -45.29 17.24 80.44
C CYS B 1126 -44.07 17.12 81.33
N ASP B 1127 -43.80 15.94 81.88
CA ASP B 1127 -42.64 15.77 82.74
C ASP B 1127 -41.52 14.97 82.10
N VAL B 1128 -41.83 14.10 81.15
CA VAL B 1128 -40.78 13.40 80.44
C VAL B 1128 -40.17 14.31 79.38
N VAL B 1129 -40.85 15.37 79.00
CA VAL B 1129 -40.42 16.24 77.93
C VAL B 1129 -39.29 17.14 78.44
N ILE B 1130 -38.14 17.00 77.84
CA ILE B 1130 -36.96 17.75 78.24
C ILE B 1130 -37.00 19.08 77.50
N GLY B 1131 -36.45 20.12 78.11
CA GLY B 1131 -36.31 21.41 77.47
C GLY B 1131 -37.58 22.21 77.32
N ILE B 1132 -38.67 21.79 77.94
CA ILE B 1132 -39.96 22.44 77.77
C ILE B 1132 -39.96 23.78 78.52
N VAL B 1133 -40.76 24.73 78.04
CA VAL B 1133 -40.86 26.04 78.67
C VAL B 1133 -42.27 26.21 79.21
N ASN B 1134 -42.51 27.32 79.88
CA ASN B 1134 -43.79 27.62 80.50
C ASN B 1134 -44.47 28.73 79.73
N ASN B 1135 -45.78 28.57 79.50
CA ASN B 1135 -46.60 29.59 78.87
C ASN B 1135 -48.05 29.22 79.17
N THR B 1136 -48.93 30.21 79.07
CA THR B 1136 -50.35 29.94 79.10
C THR B 1136 -50.78 29.51 77.70
N VAL B 1137 -51.93 28.85 77.64
CA VAL B 1137 -52.54 28.47 76.38
C VAL B 1137 -53.91 29.11 76.31
N TYR B 1138 -54.12 29.92 75.28
CA TYR B 1138 -55.41 30.54 75.05
C TYR B 1138 -56.36 29.53 74.41
N ASP B 1139 -57.63 29.64 74.77
CA ASP B 1139 -58.67 28.79 74.25
C ASP B 1139 -59.70 29.62 73.50
N PRO B 1140 -60.20 29.16 72.36
CA PRO B 1140 -61.23 29.94 71.66
C PRO B 1140 -62.61 29.77 72.26
N LEU B 1141 -62.90 28.62 72.85
CA LEU B 1141 -64.27 28.31 73.24
C LEU B 1141 -64.69 29.04 74.51
N GLN B 1142 -63.81 29.10 75.50
CA GLN B 1142 -64.06 29.72 76.81
C GLN B 1142 -64.54 31.18 76.76
N PRO B 1143 -63.99 32.08 75.93
CA PRO B 1143 -64.60 33.42 75.87
C PRO B 1143 -65.94 33.44 75.20
N GLU B 1144 -66.20 32.51 74.28
CA GLU B 1144 -67.54 32.37 73.76
C GLU B 1144 -68.46 31.73 74.81
N LEU B 1145 -67.89 30.89 75.66
CA LEU B 1145 -68.63 30.41 76.82
C LEU B 1145 -68.80 31.52 77.84
N ASP B 1146 -67.85 32.45 77.89
CA ASP B 1146 -67.91 33.53 78.88
C ASP B 1146 -69.03 34.51 78.53
N SER B 1147 -69.38 34.61 77.25
CA SER B 1147 -70.52 35.42 76.82
C SER B 1147 -71.84 34.86 77.32
N PHE B 1148 -71.89 33.56 77.62
CA PHE B 1148 -73.12 32.99 78.18
C PHE B 1148 -73.25 33.30 79.66
N LYS B 1149 -72.18 33.15 80.44
CA LYS B 1149 -72.29 33.30 81.89
C LYS B 1149 -72.37 34.76 82.33
N GLU B 1150 -72.11 35.72 81.44
CA GLU B 1150 -72.30 37.11 81.80
C GLU B 1150 -73.79 37.44 81.87
N GLU B 1151 -74.58 36.90 80.95
CA GLU B 1151 -76.00 37.19 80.90
C GLU B 1151 -76.77 36.34 81.92
N GLN C 1 33.11 -21.24 -29.60
CA GLN C 1 34.50 -21.67 -29.69
C GLN C 1 35.40 -20.93 -28.71
N VAL C 2 35.97 -21.68 -27.76
CA VAL C 2 37.02 -21.13 -26.91
C VAL C 2 38.23 -20.82 -27.78
N GLN C 3 38.68 -19.57 -27.72
CA GLN C 3 39.61 -19.07 -28.71
C GLN C 3 40.45 -17.96 -28.10
N LEU C 4 41.75 -18.00 -28.36
CA LEU C 4 42.70 -16.99 -27.92
C LEU C 4 43.49 -16.51 -29.13
N VAL C 5 43.47 -15.20 -29.37
CA VAL C 5 44.10 -14.60 -30.54
C VAL C 5 45.14 -13.61 -30.06
N GLU C 6 46.42 -13.94 -30.25
CA GLU C 6 47.51 -13.05 -29.88
C GLU C 6 47.56 -11.84 -30.79
N SER C 7 48.21 -10.78 -30.30
CA SER C 7 48.46 -9.58 -31.07
C SER C 7 49.66 -8.86 -30.46
N GLY C 8 50.26 -7.99 -31.25
CA GLY C 8 51.38 -7.19 -30.81
C GLY C 8 52.75 -7.69 -31.23
N GLY C 9 52.82 -8.78 -31.99
CA GLY C 9 54.11 -9.28 -32.43
C GLY C 9 54.69 -8.47 -33.57
N GLY C 10 55.96 -8.74 -33.86
CA GLY C 10 56.64 -8.05 -34.93
C GLY C 10 58.14 -8.29 -34.87
N VAL C 11 58.87 -7.35 -35.46
CA VAL C 11 60.34 -7.37 -35.47
C VAL C 11 60.79 -6.04 -34.88
N VAL C 12 61.45 -6.08 -33.72
CA VAL C 12 61.92 -4.88 -33.05
C VAL C 12 63.43 -4.95 -32.92
N GLN C 13 64.02 -3.81 -32.50
CA GLN C 13 65.45 -3.65 -32.26
C GLN C 13 65.75 -3.78 -30.76
N PRO C 14 66.97 -4.21 -30.40
CA PRO C 14 67.35 -4.27 -28.99
C PRO C 14 67.46 -2.88 -28.37
N GLY C 15 66.98 -2.76 -27.14
CA GLY C 15 66.91 -1.49 -26.45
C GLY C 15 65.57 -0.80 -26.53
N ARG C 16 64.68 -1.26 -27.41
CA ARG C 16 63.37 -0.64 -27.57
C ARG C 16 62.32 -1.37 -26.74
N SER C 17 61.06 -1.04 -26.98
CA SER C 17 59.94 -1.58 -26.23
C SER C 17 58.87 -2.11 -27.17
N LEU C 18 57.94 -2.89 -26.62
CA LEU C 18 56.85 -3.47 -27.38
C LEU C 18 55.73 -3.83 -26.41
N ARG C 19 54.50 -3.83 -26.91
CA ARG C 19 53.34 -4.22 -26.11
C ARG C 19 52.50 -5.24 -26.88
N LEU C 20 52.37 -6.44 -26.30
CA LEU C 20 51.52 -7.49 -26.86
C LEU C 20 50.18 -7.55 -26.14
N SER C 21 49.28 -8.36 -26.71
CA SER C 21 47.95 -8.53 -26.17
C SER C 21 47.38 -9.86 -26.62
N CYS C 22 46.21 -10.20 -26.09
CA CYS C 22 45.49 -11.40 -26.48
C CYS C 22 44.01 -11.20 -26.18
N ALA C 23 43.17 -11.44 -27.19
CA ALA C 23 41.72 -11.36 -27.04
C ALA C 23 41.15 -12.76 -26.80
N ALA C 24 40.14 -12.81 -25.94
CA ALA C 24 39.51 -14.08 -25.55
C ALA C 24 38.08 -14.12 -26.05
N SER C 25 37.63 -15.32 -26.44
CA SER C 25 36.24 -15.54 -26.84
C SER C 25 35.88 -16.98 -26.52
N GLY C 26 34.58 -17.22 -26.34
CA GLY C 26 34.08 -18.56 -26.11
C GLY C 26 34.07 -19.01 -24.67
N PHE C 27 34.74 -18.28 -23.77
CA PHE C 27 34.75 -18.64 -22.36
C PHE C 27 34.76 -17.36 -21.53
N THR C 28 34.31 -17.49 -20.29
CA THR C 28 34.33 -16.36 -19.35
C THR C 28 35.78 -16.14 -18.95
N PHE C 29 36.37 -15.09 -19.52
CA PHE C 29 37.80 -14.85 -19.35
C PHE C 29 38.11 -14.30 -17.96
N SER C 30 37.10 -13.74 -17.29
CA SER C 30 37.32 -13.16 -15.98
C SER C 30 37.48 -14.19 -14.87
N ASN C 31 37.22 -15.47 -15.12
CA ASN C 31 37.26 -16.49 -14.07
C ASN C 31 38.45 -17.44 -14.19
N TYR C 32 39.35 -17.23 -15.14
CA TYR C 32 40.48 -18.14 -15.31
C TYR C 32 41.72 -17.36 -15.70
N ALA C 33 42.88 -17.82 -15.23
CA ALA C 33 44.13 -17.14 -15.46
C ALA C 33 44.66 -17.42 -16.86
N ILE C 34 45.19 -16.39 -17.50
CA ILE C 34 45.92 -16.53 -18.73
C ILE C 34 47.40 -16.31 -18.41
N HIS C 35 48.27 -16.94 -19.19
CA HIS C 35 49.70 -16.87 -19.00
C HIS C 35 50.37 -16.50 -20.32
N TRP C 36 51.65 -16.14 -20.24
CA TRP C 36 52.50 -16.08 -21.41
C TRP C 36 53.57 -17.15 -21.30
N VAL C 37 53.62 -18.02 -22.30
CA VAL C 37 54.65 -19.05 -22.39
C VAL C 37 55.34 -18.88 -23.73
N ARG C 38 56.63 -18.62 -23.70
CA ARG C 38 57.38 -18.33 -24.91
C ARG C 38 58.19 -19.55 -25.35
N GLN C 39 58.38 -19.65 -26.66
CA GLN C 39 59.15 -20.74 -27.25
C GLN C 39 59.98 -20.17 -28.38
N ALA C 40 61.30 -20.27 -28.25
CA ALA C 40 62.19 -19.95 -29.36
C ALA C 40 62.02 -20.99 -30.46
N PRO C 41 62.25 -20.60 -31.74
CA PRO C 41 62.04 -21.55 -32.85
C PRO C 41 62.97 -22.76 -32.82
N GLY C 42 62.39 -23.93 -32.58
CA GLY C 42 63.16 -25.15 -32.46
C GLY C 42 63.68 -25.45 -31.08
N LYS C 43 63.25 -24.70 -30.07
CA LYS C 43 63.75 -24.85 -28.70
C LYS C 43 62.58 -25.17 -27.77
N GLY C 44 62.89 -25.21 -26.47
CA GLY C 44 61.92 -25.63 -25.49
C GLY C 44 60.97 -24.52 -25.07
N LEU C 45 60.18 -24.82 -24.04
CA LEU C 45 59.13 -23.94 -23.58
C LEU C 45 59.58 -23.14 -22.37
N GLU C 46 59.07 -21.91 -22.24
CA GLU C 46 59.50 -20.99 -21.20
C GLU C 46 58.33 -20.08 -20.82
N TRP C 47 57.88 -20.19 -19.58
CA TRP C 47 56.80 -19.36 -19.09
C TRP C 47 57.29 -17.94 -18.81
N VAL C 48 56.41 -16.96 -18.99
CA VAL C 48 56.77 -15.57 -18.74
C VAL C 48 56.01 -15.01 -17.54
N ALA C 49 54.68 -14.88 -17.64
CA ALA C 49 53.97 -14.05 -16.67
C ALA C 49 52.55 -14.56 -16.43
N VAL C 50 51.84 -13.83 -15.56
CA VAL C 50 50.47 -14.11 -15.14
C VAL C 50 49.91 -12.84 -14.48
N VAL C 51 48.62 -12.59 -14.69
CA VAL C 51 47.94 -11.41 -14.15
C VAL C 51 46.63 -11.89 -13.50
N SER C 52 46.26 -11.25 -12.39
CA SER C 52 45.01 -11.59 -11.71
C SER C 52 43.91 -10.59 -12.07
N TYR C 53 42.66 -10.96 -11.76
CA TYR C 53 41.52 -10.14 -12.20
C TYR C 53 41.42 -8.86 -11.40
N ASP C 54 41.86 -8.87 -10.14
CA ASP C 54 41.91 -7.65 -9.36
C ASP C 54 43.12 -6.80 -9.70
N GLY C 55 44.08 -7.36 -10.44
CA GLY C 55 45.28 -6.64 -10.83
C GLY C 55 46.34 -6.54 -9.75
N SER C 56 46.27 -7.37 -8.72
CA SER C 56 47.23 -7.27 -7.62
C SER C 56 48.30 -8.37 -7.70
N ASN C 57 47.90 -9.61 -7.91
CA ASN C 57 48.82 -10.75 -7.86
C ASN C 57 49.37 -11.03 -9.26
N LYS C 58 50.66 -10.81 -9.44
CA LYS C 58 51.36 -11.12 -10.68
C LYS C 58 52.67 -11.80 -10.34
N TYR C 59 52.99 -12.86 -11.10
CA TYR C 59 54.25 -13.56 -10.89
C TYR C 59 55.02 -13.59 -12.20
N TYR C 60 56.32 -13.34 -12.11
CA TYR C 60 57.21 -13.26 -13.26
C TYR C 60 58.29 -14.30 -13.10
N ALA C 61 58.94 -14.64 -14.22
CA ALA C 61 60.08 -15.54 -14.18
C ALA C 61 61.35 -14.77 -13.85
N GLU C 62 62.47 -15.49 -13.78
CA GLU C 62 63.72 -14.87 -13.35
C GLU C 62 64.34 -14.01 -14.45
N SER C 63 64.13 -14.40 -15.72
CA SER C 63 64.58 -13.57 -16.82
C SER C 63 63.52 -12.56 -17.25
N VAL C 64 62.50 -12.35 -16.44
CA VAL C 64 61.36 -11.51 -16.79
C VAL C 64 61.24 -10.27 -15.91
N LYS C 65 61.58 -10.37 -14.61
CA LYS C 65 61.29 -9.33 -13.62
C LYS C 65 62.02 -8.01 -13.94
N GLY C 66 61.31 -6.91 -13.71
CA GLY C 66 61.85 -5.59 -13.94
C GLY C 66 61.70 -5.07 -15.35
N ARG C 67 61.27 -5.90 -16.29
CA ARG C 67 61.15 -5.46 -17.68
C ARG C 67 59.76 -5.66 -18.25
N PHE C 68 59.11 -6.77 -17.94
CA PHE C 68 57.85 -7.13 -18.59
C PHE C 68 56.71 -6.88 -17.61
N THR C 69 55.61 -6.38 -18.15
CA THR C 69 54.45 -6.01 -17.33
C THR C 69 53.18 -6.49 -18.01
N ILE C 70 52.49 -7.41 -17.36
CA ILE C 70 51.22 -7.94 -17.86
C ILE C 70 50.08 -7.22 -17.15
N SER C 71 49.01 -6.96 -17.89
CA SER C 71 47.78 -6.46 -17.32
C SER C 71 46.62 -7.03 -18.11
N ARG C 72 45.41 -6.88 -17.58
CA ARG C 72 44.24 -7.45 -18.21
C ARG C 72 43.06 -6.51 -18.01
N ASP C 73 42.06 -6.66 -18.87
CA ASP C 73 40.80 -5.93 -18.76
C ASP C 73 39.69 -6.95 -18.79
N ASN C 74 39.06 -7.19 -17.63
CA ASN C 74 37.99 -8.17 -17.51
C ASN C 74 36.72 -7.76 -18.23
N SER C 75 36.52 -6.47 -18.45
CA SER C 75 35.31 -6.01 -19.12
C SER C 75 35.38 -6.26 -20.63
N LYS C 76 36.52 -6.00 -21.24
CA LYS C 76 36.69 -6.18 -22.69
C LYS C 76 37.19 -7.56 -23.06
N ASN C 77 37.51 -8.40 -22.06
CA ASN C 77 37.97 -9.79 -22.24
C ASN C 77 39.26 -9.87 -23.05
N THR C 78 40.10 -8.84 -22.93
CA THR C 78 41.41 -8.78 -23.54
C THR C 78 42.43 -8.54 -22.43
N LEU C 79 43.67 -8.28 -22.84
CA LEU C 79 44.77 -8.10 -21.90
C LEU C 79 45.86 -7.28 -22.56
N SER C 80 46.98 -7.15 -21.85
CA SER C 80 48.16 -6.49 -22.40
C SER C 80 49.41 -7.08 -21.75
N LEU C 81 50.52 -6.99 -22.48
CA LEU C 81 51.83 -7.35 -21.97
C LEU C 81 52.81 -6.25 -22.35
N GLN C 82 53.08 -5.34 -21.42
CA GLN C 82 54.00 -4.23 -21.64
C GLN C 82 55.42 -4.71 -21.43
N MET C 83 56.26 -4.53 -22.43
CA MET C 83 57.60 -5.10 -22.46
C MET C 83 58.59 -4.00 -22.80
N ILE C 84 59.55 -3.76 -21.90
CA ILE C 84 60.61 -2.78 -22.15
C ILE C 84 61.96 -3.48 -22.01
N SER C 85 62.99 -2.81 -22.52
CA SER C 85 64.40 -3.24 -22.46
C SER C 85 64.59 -4.61 -23.10
N LEU C 86 64.31 -4.68 -24.39
CA LEU C 86 64.27 -5.94 -25.10
C LEU C 86 65.66 -6.40 -25.51
N ARG C 87 65.94 -7.68 -25.30
CA ARG C 87 67.21 -8.29 -25.63
C ARG C 87 67.01 -9.42 -26.65
N PRO C 88 68.04 -9.77 -27.43
CA PRO C 88 67.85 -10.78 -28.49
C PRO C 88 67.57 -12.20 -28.01
N GLU C 89 67.79 -12.51 -26.73
CA GLU C 89 67.38 -13.83 -26.24
C GLU C 89 65.89 -13.92 -26.00
N ASP C 90 65.18 -12.79 -26.02
CA ASP C 90 63.73 -12.77 -25.87
C ASP C 90 63.01 -13.06 -27.18
N THR C 91 63.73 -13.29 -28.27
CA THR C 91 63.13 -13.65 -29.54
C THR C 91 62.52 -15.03 -29.47
N ALA C 92 61.20 -15.10 -29.41
CA ALA C 92 60.47 -16.35 -29.22
C ALA C 92 59.05 -16.16 -29.71
N VAL C 93 58.42 -17.28 -30.07
CA VAL C 93 57.00 -17.28 -30.42
C VAL C 93 56.21 -17.21 -29.12
N TYR C 94 55.41 -16.16 -28.98
CA TYR C 94 54.74 -15.86 -27.71
C TYR C 94 53.32 -16.38 -27.77
N TYR C 95 52.94 -17.16 -26.76
CA TYR C 95 51.60 -17.71 -26.66
C TYR C 95 50.89 -17.15 -25.44
N CYS C 96 49.68 -16.63 -25.65
CA CYS C 96 48.78 -16.36 -24.54
C CYS C 96 48.10 -17.68 -24.16
N ALA C 97 48.31 -18.10 -22.92
CA ALA C 97 47.96 -19.46 -22.52
C ALA C 97 47.02 -19.44 -21.33
N SER C 98 45.81 -19.94 -21.53
CA SER C 98 44.76 -19.95 -20.52
C SER C 98 44.13 -21.33 -20.48
N VAL C 99 42.96 -21.45 -19.85
CA VAL C 99 42.24 -22.71 -19.81
C VAL C 99 40.79 -22.46 -20.22
N ALA C 100 40.21 -23.45 -20.90
CA ALA C 100 38.82 -23.39 -21.30
C ALA C 100 37.92 -23.81 -20.14
N ASP C 101 36.62 -23.90 -20.44
CA ASP C 101 35.65 -24.17 -19.37
C ASP C 101 35.38 -25.67 -19.23
N THR C 102 35.24 -26.37 -20.37
CA THR C 102 34.80 -27.77 -20.40
C THR C 102 35.72 -28.69 -19.60
N ALA C 103 37.01 -28.38 -19.56
CA ALA C 103 37.94 -29.20 -18.80
C ALA C 103 37.78 -28.97 -17.30
N MET C 104 38.04 -30.02 -16.53
CA MET C 104 38.32 -29.94 -15.10
C MET C 104 39.67 -29.31 -14.81
N VAL C 105 40.47 -29.07 -15.85
CA VAL C 105 41.81 -28.51 -15.77
C VAL C 105 41.76 -27.11 -15.16
N PRO C 106 42.55 -26.83 -14.14
CA PRO C 106 42.58 -25.49 -13.56
C PRO C 106 43.43 -24.55 -14.40
N GLU C 107 43.57 -23.35 -13.87
CA GLU C 107 44.24 -22.28 -14.59
C GLU C 107 45.75 -22.34 -14.49
N TRP C 108 46.30 -23.05 -13.50
CA TRP C 108 47.74 -23.13 -13.37
C TRP C 108 48.34 -24.18 -14.31
N TYR C 109 47.55 -25.13 -14.77
CA TYR C 109 47.93 -25.98 -15.89
C TYR C 109 47.63 -25.25 -17.20
N PHE C 110 47.80 -25.97 -18.31
CA PHE C 110 47.82 -25.36 -19.64
C PHE C 110 47.06 -26.24 -20.63
N ASP C 111 45.78 -25.92 -20.84
CA ASP C 111 44.98 -26.65 -21.81
C ASP C 111 44.66 -25.83 -23.05
N LEU C 112 44.08 -24.64 -22.87
CA LEU C 112 43.62 -23.80 -23.97
C LEU C 112 44.77 -22.92 -24.44
N TRP C 113 45.29 -23.20 -25.63
CA TRP C 113 46.43 -22.50 -26.17
C TRP C 113 46.00 -21.52 -27.24
N GLY C 114 46.90 -20.58 -27.55
CA GLY C 114 46.72 -19.67 -28.66
C GLY C 114 47.50 -20.12 -29.88
N ARG C 115 47.32 -19.38 -30.98
CA ARG C 115 48.03 -19.67 -32.21
C ARG C 115 49.42 -19.06 -32.25
N GLY C 116 49.69 -18.05 -31.43
CA GLY C 116 51.02 -17.51 -31.30
C GLY C 116 51.32 -16.41 -32.30
N THR C 117 52.24 -15.54 -31.91
CA THR C 117 52.80 -14.52 -32.77
C THR C 117 54.31 -14.46 -32.54
N LEU C 118 55.03 -13.96 -33.52
CA LEU C 118 56.49 -13.93 -33.47
C LEU C 118 56.99 -12.54 -33.10
N VAL C 119 57.83 -12.49 -32.08
CA VAL C 119 58.53 -11.27 -31.68
C VAL C 119 60.01 -11.48 -31.90
N THR C 120 60.61 -10.61 -32.72
CA THR C 120 62.01 -10.70 -33.09
C THR C 120 62.73 -9.46 -32.57
N VAL C 121 63.72 -9.67 -31.71
CA VAL C 121 64.54 -8.59 -31.17
C VAL C 121 65.92 -8.75 -31.82
N SER C 122 66.17 -8.00 -32.89
CA SER C 122 67.42 -8.15 -33.64
C SER C 122 67.80 -6.83 -34.26
N SER C 123 69.11 -6.64 -34.44
CA SER C 123 69.66 -5.43 -35.05
C SER C 123 70.34 -5.70 -36.39
N ALA C 124 70.20 -6.90 -36.94
CA ALA C 124 70.84 -7.24 -38.20
C ALA C 124 70.10 -6.58 -39.36
N SER C 125 70.86 -6.15 -40.36
CA SER C 125 70.32 -5.51 -41.56
C SER C 125 70.64 -6.36 -42.78
N THR C 126 70.32 -5.82 -43.96
CA THR C 126 70.47 -6.54 -45.22
C THR C 126 71.95 -6.62 -45.57
N LYS C 127 72.54 -7.77 -45.25
CA LYS C 127 73.97 -7.99 -45.46
C LYS C 127 74.19 -9.05 -46.54
N GLY C 128 75.16 -8.78 -47.42
CA GLY C 128 75.56 -9.73 -48.42
C GLY C 128 76.44 -10.82 -47.86
N PRO C 129 76.37 -12.01 -48.44
CA PRO C 129 77.15 -13.14 -47.91
C PRO C 129 78.62 -13.06 -48.28
N SER C 130 79.44 -13.74 -47.49
CA SER C 130 80.87 -13.90 -47.76
C SER C 130 81.12 -15.35 -48.16
N VAL C 131 81.49 -15.56 -49.42
CA VAL C 131 81.60 -16.89 -49.99
C VAL C 131 83.05 -17.33 -49.88
N PHE C 132 83.28 -18.38 -49.10
CA PHE C 132 84.61 -18.88 -48.81
C PHE C 132 84.75 -20.32 -49.28
N PRO C 133 85.69 -20.60 -50.20
CA PRO C 133 85.75 -21.93 -50.81
C PRO C 133 86.32 -23.00 -49.89
N LEU C 134 85.48 -23.98 -49.52
CA LEU C 134 85.91 -25.09 -48.67
C LEU C 134 86.83 -25.97 -49.52
N ALA C 135 88.13 -25.87 -49.27
CA ALA C 135 89.10 -26.56 -50.11
C ALA C 135 89.11 -28.05 -49.79
N PRO C 136 89.10 -28.90 -50.81
CA PRO C 136 89.08 -30.36 -50.59
C PRO C 136 90.45 -30.89 -50.19
N SER C 137 90.52 -32.22 -50.08
CA SER C 137 91.73 -32.91 -49.66
C SER C 137 92.00 -34.08 -50.61
N SER C 138 91.89 -33.81 -51.91
CA SER C 138 92.09 -34.86 -52.91
C SER C 138 93.56 -35.13 -53.20
N LYS C 139 94.45 -34.29 -52.68
CA LYS C 139 95.87 -34.38 -53.03
C LYS C 139 96.58 -35.55 -52.35
N SER C 140 95.96 -36.16 -51.33
CA SER C 140 96.58 -37.28 -50.63
C SER C 140 95.88 -38.60 -50.87
N THR C 141 94.57 -38.59 -51.08
CA THR C 141 93.78 -39.80 -51.26
C THR C 141 93.12 -39.78 -52.64
N SER C 142 93.91 -39.44 -53.65
CA SER C 142 93.41 -39.39 -55.02
C SER C 142 93.14 -40.80 -55.55
N GLY C 143 92.15 -40.91 -56.42
CA GLY C 143 91.77 -42.19 -56.99
C GLY C 143 90.40 -42.64 -56.55
N GLY C 144 89.93 -42.11 -55.43
CA GLY C 144 88.64 -42.49 -54.89
C GLY C 144 87.58 -41.42 -55.01
N THR C 145 87.30 -40.72 -53.91
CA THR C 145 86.23 -39.74 -53.86
C THR C 145 86.65 -38.58 -52.98
N ALA C 146 86.49 -37.36 -53.50
CA ALA C 146 86.80 -36.15 -52.76
C ALA C 146 85.53 -35.34 -52.56
N ALA C 147 85.53 -34.53 -51.50
CA ALA C 147 84.40 -33.67 -51.18
C ALA C 147 84.86 -32.22 -51.17
N LEU C 148 84.20 -31.38 -51.96
CA LEU C 148 84.55 -29.97 -52.04
C LEU C 148 83.27 -29.13 -51.96
N GLY C 149 83.43 -27.90 -51.50
CA GLY C 149 82.31 -27.00 -51.41
C GLY C 149 82.77 -25.57 -51.22
N CYS C 150 81.80 -24.71 -50.94
CA CYS C 150 82.10 -23.33 -50.59
C CYS C 150 81.18 -22.91 -49.46
N LEU C 151 81.72 -22.12 -48.53
CA LEU C 151 81.04 -21.74 -47.30
C LEU C 151 80.38 -20.39 -47.48
N VAL C 152 79.05 -20.36 -47.31
CA VAL C 152 78.28 -19.13 -47.33
C VAL C 152 78.10 -18.66 -45.89
N LYS C 153 78.46 -17.41 -45.62
CA LYS C 153 78.54 -16.91 -44.26
C LYS C 153 78.15 -15.44 -44.20
N ASP C 154 77.46 -15.08 -43.09
CA ASP C 154 77.16 -13.69 -42.70
C ASP C 154 76.28 -12.97 -43.73
N TYR C 155 75.06 -13.48 -43.92
CA TYR C 155 74.07 -12.81 -44.75
C TYR C 155 72.75 -12.69 -44.00
N PHE C 156 71.86 -11.84 -44.53
CA PHE C 156 70.53 -11.58 -44.01
C PHE C 156 69.75 -10.88 -45.10
N PRO C 157 68.48 -11.27 -45.34
CA PRO C 157 67.77 -12.43 -44.81
C PRO C 157 67.79 -13.64 -45.74
N GLU C 158 66.89 -14.59 -45.44
CA GLU C 158 66.54 -15.73 -46.27
C GLU C 158 65.94 -15.24 -47.59
N PRO C 159 66.24 -15.91 -48.72
CA PRO C 159 67.13 -17.04 -49.01
C PRO C 159 68.38 -16.69 -49.80
N VAL C 160 69.27 -17.69 -49.92
CA VAL C 160 70.40 -17.65 -50.83
C VAL C 160 70.41 -18.94 -51.65
N THR C 161 70.34 -18.80 -52.97
CA THR C 161 70.32 -19.92 -53.90
C THR C 161 71.73 -20.21 -54.39
N VAL C 162 72.12 -21.48 -54.32
CA VAL C 162 73.46 -21.90 -54.72
C VAL C 162 73.33 -22.91 -55.85
N SER C 163 73.91 -22.59 -57.00
CA SER C 163 74.02 -23.52 -58.12
C SER C 163 75.49 -23.80 -58.39
N TRP C 164 75.75 -24.92 -59.07
CA TRP C 164 77.10 -25.40 -59.29
C TRP C 164 77.40 -25.48 -60.78
N ASN C 165 78.47 -24.77 -61.18
CA ASN C 165 78.95 -24.70 -62.57
C ASN C 165 77.86 -24.22 -63.53
N SER C 166 77.20 -23.12 -63.13
CA SER C 166 76.08 -22.51 -63.86
C SER C 166 74.94 -23.50 -64.07
N GLY C 167 74.67 -24.33 -63.06
CA GLY C 167 73.61 -25.30 -63.11
C GLY C 167 73.93 -26.58 -63.85
N ALA C 168 75.11 -26.68 -64.48
CA ALA C 168 75.44 -27.89 -65.23
C ALA C 168 75.82 -29.03 -64.30
N LEU C 169 76.44 -28.74 -63.17
CA LEU C 169 76.81 -29.74 -62.17
C LEU C 169 75.59 -29.99 -61.28
N THR C 170 74.97 -31.15 -61.45
CA THR C 170 73.75 -31.49 -60.71
C THR C 170 73.92 -32.71 -59.82
N SER C 171 74.67 -33.72 -60.25
CA SER C 171 74.85 -34.94 -59.47
C SER C 171 75.78 -34.67 -58.29
N GLY C 172 75.36 -35.09 -57.10
CA GLY C 172 76.13 -34.89 -55.90
C GLY C 172 75.85 -33.59 -55.18
N VAL C 173 75.07 -32.69 -55.77
CA VAL C 173 74.76 -31.39 -55.19
C VAL C 173 73.76 -31.57 -54.06
N HIS C 174 74.08 -31.04 -52.89
CA HIS C 174 73.16 -31.02 -51.75
C HIS C 174 73.44 -29.76 -50.94
N THR C 175 72.63 -28.73 -51.16
CA THR C 175 72.75 -27.46 -50.47
C THR C 175 71.96 -27.55 -49.17
N PHE C 176 72.61 -27.19 -48.06
CA PHE C 176 72.06 -27.40 -46.73
C PHE C 176 71.27 -26.17 -46.26
N PRO C 177 70.29 -26.36 -45.38
CA PRO C 177 69.67 -25.20 -44.73
C PRO C 177 70.63 -24.50 -43.79
N ALA C 178 70.34 -23.25 -43.48
CA ALA C 178 71.30 -22.40 -42.80
C ALA C 178 71.18 -22.51 -41.28
N VAL C 179 72.13 -21.87 -40.60
CA VAL C 179 72.11 -21.71 -39.15
C VAL C 179 71.64 -20.30 -38.84
N LEU C 180 71.32 -20.05 -37.58
CA LEU C 180 71.01 -18.69 -37.10
C LEU C 180 71.90 -18.39 -35.90
N GLN C 181 72.96 -17.62 -36.12
CA GLN C 181 73.94 -17.33 -35.10
C GLN C 181 73.46 -16.20 -34.18
N SER C 182 74.36 -15.76 -33.30
CA SER C 182 74.00 -14.77 -32.29
C SER C 182 73.85 -13.38 -32.88
N SER C 183 74.49 -13.11 -34.02
CA SER C 183 74.46 -11.76 -34.58
C SER C 183 73.18 -11.46 -35.36
N GLY C 184 72.32 -12.46 -35.53
CA GLY C 184 71.13 -12.29 -36.33
C GLY C 184 71.33 -12.60 -37.80
N LEU C 185 72.49 -13.13 -38.18
CA LEU C 185 72.79 -13.46 -39.57
C LEU C 185 72.58 -14.95 -39.81
N TYR C 186 72.75 -15.35 -41.06
CA TYR C 186 72.57 -16.73 -41.48
C TYR C 186 73.82 -17.23 -42.18
N SER C 187 73.96 -18.54 -42.26
CA SER C 187 75.12 -19.17 -42.88
C SER C 187 74.76 -20.58 -43.33
N LEU C 188 74.82 -20.83 -44.63
CA LEU C 188 74.51 -22.14 -45.19
C LEU C 188 75.79 -22.79 -45.70
N SER C 189 75.66 -24.04 -46.14
CA SER C 189 76.77 -24.77 -46.73
C SER C 189 76.27 -25.60 -47.90
N SER C 190 77.05 -25.59 -48.98
CA SER C 190 76.78 -26.40 -50.15
C SER C 190 78.04 -27.16 -50.52
N VAL C 191 77.95 -28.49 -50.52
CA VAL C 191 79.07 -29.37 -50.83
C VAL C 191 78.62 -30.38 -51.87
N VAL C 192 79.33 -30.42 -52.99
CA VAL C 192 79.10 -31.41 -54.03
C VAL C 192 80.11 -32.53 -53.86
N THR C 193 79.67 -33.76 -54.13
CA THR C 193 80.51 -34.94 -54.04
C THR C 193 81.04 -35.26 -55.43
N VAL C 194 82.36 -35.19 -55.59
CA VAL C 194 82.99 -35.34 -56.90
C VAL C 194 83.94 -36.53 -56.87
N PRO C 195 84.19 -37.14 -58.01
CA PRO C 195 85.29 -38.12 -58.10
C PRO C 195 86.64 -37.41 -57.93
N SER C 196 87.55 -38.08 -57.22
CA SER C 196 88.84 -37.46 -56.90
C SER C 196 89.79 -37.40 -58.08
N SER C 197 89.50 -38.10 -59.18
CA SER C 197 90.34 -38.09 -60.36
C SER C 197 89.95 -37.00 -61.36
N SER C 198 89.01 -36.12 -60.99
CA SER C 198 88.53 -35.08 -61.89
C SER C 198 88.85 -33.67 -61.41
N LEU C 199 89.69 -33.52 -60.38
CA LEU C 199 89.98 -32.18 -59.87
C LEU C 199 91.15 -31.51 -60.57
N GLY C 200 91.95 -32.28 -61.32
CA GLY C 200 93.08 -31.70 -62.03
C GLY C 200 92.70 -31.19 -63.40
N THR C 201 91.48 -31.48 -63.85
CA THR C 201 91.00 -31.08 -65.16
C THR C 201 89.76 -30.20 -65.09
N GLN C 202 88.84 -30.47 -64.17
CA GLN C 202 87.58 -29.76 -64.08
C GLN C 202 87.64 -28.70 -62.99
N THR C 203 87.21 -27.48 -63.34
CA THR C 203 87.11 -26.38 -62.39
C THR C 203 85.70 -26.32 -61.85
N TYR C 204 85.58 -26.28 -60.53
CA TYR C 204 84.28 -26.30 -59.85
C TYR C 204 83.98 -24.94 -59.26
N ILE C 205 82.91 -24.32 -59.73
CA ILE C 205 82.50 -22.98 -59.32
C ILE C 205 81.11 -23.07 -58.73
N CYS C 206 80.92 -22.53 -57.54
CA CYS C 206 79.61 -22.40 -56.94
C CYS C 206 79.08 -20.99 -57.19
N ASN C 207 77.82 -20.90 -57.58
CA ASN C 207 77.20 -19.63 -57.94
C ASN C 207 76.26 -19.24 -56.80
N VAL C 208 76.70 -18.29 -55.98
CA VAL C 208 75.97 -17.86 -54.79
C VAL C 208 75.22 -16.59 -55.13
N ASN C 209 73.89 -16.64 -55.00
CA ASN C 209 73.02 -15.52 -55.34
C ASN C 209 72.21 -15.17 -54.11
N HIS C 210 72.25 -13.89 -53.71
CA HIS C 210 71.45 -13.37 -52.61
C HIS C 210 70.58 -12.26 -53.19
N LYS C 211 69.31 -12.57 -53.42
CA LYS C 211 68.42 -11.65 -54.12
C LYS C 211 67.96 -10.43 -53.31
N PRO C 212 67.66 -10.49 -51.99
CA PRO C 212 67.32 -9.24 -51.30
C PRO C 212 68.49 -8.28 -51.11
N SER C 213 69.74 -8.75 -51.25
CA SER C 213 70.89 -7.87 -51.13
C SER C 213 71.60 -7.63 -52.46
N ASN C 214 71.13 -8.28 -53.54
CA ASN C 214 71.70 -8.17 -54.89
C ASN C 214 73.18 -8.56 -54.92
N THR C 215 73.50 -9.71 -54.35
CA THR C 215 74.88 -10.19 -54.24
C THR C 215 75.03 -11.47 -55.04
N LYS C 216 75.85 -11.42 -56.09
CA LYS C 216 76.18 -12.60 -56.89
C LYS C 216 77.70 -12.78 -56.90
N VAL C 217 78.18 -13.69 -56.06
CA VAL C 217 79.61 -13.96 -55.93
C VAL C 217 79.89 -15.32 -56.55
N ASP C 218 80.76 -15.34 -57.55
CA ASP C 218 81.22 -16.58 -58.17
C ASP C 218 82.60 -16.90 -57.61
N LYS C 219 82.68 -17.98 -56.84
CA LYS C 219 83.92 -18.37 -56.18
C LYS C 219 84.36 -19.75 -56.67
N ARG C 220 85.63 -19.87 -57.01
CA ARG C 220 86.18 -21.14 -57.46
C ARG C 220 86.68 -21.95 -56.28
N VAL C 221 86.54 -23.28 -56.39
CA VAL C 221 86.96 -24.19 -55.34
C VAL C 221 88.11 -25.02 -55.90
N GLU C 222 89.32 -24.69 -55.50
CA GLU C 222 90.54 -25.34 -55.95
C GLU C 222 91.17 -26.11 -54.81
N PRO C 223 91.86 -27.23 -55.09
CA PRO C 223 92.55 -27.95 -54.02
C PRO C 223 93.79 -27.20 -53.56
N LYS C 224 94.16 -27.45 -52.31
CA LYS C 224 95.31 -26.79 -51.70
C LYS C 224 96.63 -27.28 -52.31
N GLN D 1 66.49 -28.51 -11.97
CA GLN D 1 66.10 -27.37 -11.17
C GLN D 1 65.57 -26.23 -12.04
N SER D 2 66.47 -25.59 -12.78
CA SER D 2 66.06 -24.51 -13.67
C SER D 2 65.32 -25.05 -14.89
N VAL D 3 65.86 -26.11 -15.49
CA VAL D 3 65.21 -26.82 -16.58
C VAL D 3 65.09 -28.29 -16.18
N LEU D 4 63.88 -28.84 -16.29
CA LEU D 4 63.66 -30.23 -15.93
C LEU D 4 64.36 -31.16 -16.92
N THR D 5 65.02 -32.18 -16.38
CA THR D 5 65.87 -33.06 -17.16
C THR D 5 64.99 -34.08 -17.88
N GLN D 6 65.10 -34.10 -19.20
CA GLN D 6 64.42 -35.04 -20.08
C GLN D 6 65.43 -35.69 -21.02
N PRO D 7 65.12 -36.88 -21.55
CA PRO D 7 65.88 -37.35 -22.71
C PRO D 7 65.60 -36.49 -23.92
N ARG D 8 66.63 -36.30 -24.75
CA ARG D 8 66.49 -35.42 -25.91
C ARG D 8 65.62 -36.05 -26.98
N SER D 9 65.66 -37.37 -27.09
CA SER D 9 64.86 -38.10 -28.07
C SER D 9 64.66 -39.52 -27.58
N VAL D 10 63.48 -40.07 -27.88
CA VAL D 10 63.17 -41.46 -27.59
C VAL D 10 62.64 -42.10 -28.86
N SER D 11 63.32 -43.16 -29.31
CA SER D 11 62.94 -43.89 -30.50
C SER D 11 62.18 -45.14 -30.09
N GLY D 12 61.08 -45.42 -30.77
CA GLY D 12 60.26 -46.58 -30.45
C GLY D 12 59.55 -47.11 -31.69
N SER D 13 59.35 -48.41 -31.70
CA SER D 13 58.63 -49.05 -32.78
C SER D 13 57.14 -48.73 -32.69
N PRO D 14 56.45 -48.63 -33.82
CA PRO D 14 55.00 -48.32 -33.77
C PRO D 14 54.20 -49.47 -33.19
N GLY D 15 53.22 -49.12 -32.35
CA GLY D 15 52.46 -50.10 -31.61
C GLY D 15 53.07 -50.52 -30.29
N GLN D 16 54.32 -50.13 -30.02
CA GLN D 16 55.00 -50.53 -28.80
C GLN D 16 54.80 -49.47 -27.71
N SER D 17 55.56 -49.59 -26.62
CA SER D 17 55.48 -48.66 -25.50
C SER D 17 56.84 -48.01 -25.29
N VAL D 18 56.81 -46.72 -24.96
CA VAL D 18 58.01 -45.98 -24.60
C VAL D 18 57.79 -45.29 -23.26
N THR D 19 58.88 -45.05 -22.56
CA THR D 19 58.85 -44.40 -21.25
C THR D 19 59.83 -43.24 -21.26
N ILE D 20 59.33 -42.03 -21.02
CA ILE D 20 60.10 -40.81 -21.12
C ILE D 20 60.18 -40.17 -19.75
N SER D 21 61.41 -39.97 -19.27
CA SER D 21 61.61 -39.51 -17.91
C SER D 21 61.51 -37.99 -17.82
N CYS D 22 61.08 -37.52 -16.65
CA CYS D 22 61.07 -36.09 -16.35
C CYS D 22 61.73 -35.92 -14.99
N THR D 23 63.06 -35.75 -14.99
CA THR D 23 63.84 -35.73 -13.76
C THR D 23 63.95 -34.30 -13.26
N GLY D 24 63.44 -34.05 -12.06
CA GLY D 24 63.54 -32.75 -11.45
C GLY D 24 64.17 -32.79 -10.07
N THR D 25 63.77 -31.88 -9.18
CA THR D 25 64.30 -31.82 -7.83
C THR D 25 63.17 -31.99 -6.82
N SER D 26 63.55 -32.02 -5.54
CA SER D 26 62.57 -32.15 -4.47
C SER D 26 61.73 -30.89 -4.30
N SER D 27 62.28 -29.73 -4.64
CA SER D 27 61.52 -28.49 -4.62
C SER D 27 60.70 -28.29 -5.87
N ASP D 28 60.83 -29.19 -6.85
CA ASP D 28 60.14 -29.04 -8.12
C ASP D 28 59.17 -30.20 -8.28
N VAL D 29 59.60 -31.44 -8.05
CA VAL D 29 58.75 -32.59 -8.36
C VAL D 29 58.20 -33.21 -7.08
N GLY D 30 59.06 -33.49 -6.11
CA GLY D 30 58.63 -34.20 -4.92
C GLY D 30 57.87 -33.36 -3.92
N ALA D 31 57.82 -32.04 -4.13
CA ALA D 31 57.10 -31.17 -3.21
C ALA D 31 55.60 -31.38 -3.31
N TYR D 32 55.04 -31.21 -4.51
CA TYR D 32 53.60 -31.33 -4.71
C TYR D 32 53.33 -32.51 -5.63
N ASN D 33 52.06 -32.61 -6.07
CA ASN D 33 51.64 -33.61 -7.03
C ASN D 33 51.28 -33.01 -8.39
N TYR D 34 51.74 -31.80 -8.67
CA TYR D 34 51.28 -31.07 -9.86
C TYR D 34 52.34 -31.10 -10.97
N VAL D 35 52.29 -32.19 -11.74
CA VAL D 35 53.20 -32.41 -12.87
C VAL D 35 52.34 -32.62 -14.11
N SER D 36 52.73 -31.97 -15.21
CA SER D 36 51.96 -32.05 -16.44
C SER D 36 52.78 -32.70 -17.53
N TRP D 37 52.11 -32.99 -18.65
CA TRP D 37 52.77 -33.47 -19.85
C TRP D 37 52.11 -32.82 -21.07
N TYR D 38 52.95 -32.33 -21.98
CA TYR D 38 52.53 -31.45 -23.07
C TYR D 38 53.05 -31.97 -24.39
N GLN D 39 52.14 -32.26 -25.32
CA GLN D 39 52.48 -32.66 -26.68
C GLN D 39 52.38 -31.45 -27.59
N GLN D 40 53.46 -31.14 -28.29
CA GLN D 40 53.51 -29.98 -29.17
C GLN D 40 53.90 -30.42 -30.58
N HIS D 41 52.94 -30.36 -31.50
CA HIS D 41 53.24 -30.58 -32.91
C HIS D 41 54.09 -29.44 -33.45
N PRO D 42 54.98 -29.73 -34.38
CA PRO D 42 55.77 -28.66 -35.00
C PRO D 42 54.91 -27.77 -35.89
N GLY D 43 55.08 -26.46 -35.74
CA GLY D 43 54.24 -25.51 -36.42
C GLY D 43 52.91 -25.24 -35.76
N LYS D 44 52.68 -25.81 -34.59
CA LYS D 44 51.43 -25.63 -33.85
C LYS D 44 51.74 -25.36 -32.39
N ALA D 45 50.67 -25.12 -31.63
CA ALA D 45 50.77 -24.89 -30.20
C ALA D 45 50.96 -26.24 -29.47
N PRO D 46 51.38 -26.22 -28.20
CA PRO D 46 51.34 -27.45 -27.41
C PRO D 46 49.93 -27.91 -27.10
N LYS D 47 49.83 -29.11 -26.54
CA LYS D 47 48.56 -29.70 -26.16
C LYS D 47 48.74 -30.53 -24.90
N LEU D 48 47.85 -30.31 -23.93
CA LEU D 48 47.87 -31.04 -22.67
C LEU D 48 47.46 -32.49 -22.86
N MET D 49 48.15 -33.39 -22.18
CA MET D 49 47.83 -34.81 -22.22
C MET D 49 47.72 -35.45 -20.84
N ILE D 50 48.41 -34.93 -19.83
CA ILE D 50 48.45 -35.53 -18.49
C ILE D 50 48.46 -34.43 -17.45
N TYR D 51 47.53 -34.50 -16.50
CA TYR D 51 47.65 -33.79 -15.23
C TYR D 51 47.97 -34.80 -14.14
N ASP D 52 48.54 -34.30 -13.03
CA ASP D 52 48.44 -34.89 -11.68
C ASP D 52 48.72 -36.39 -11.64
N VAL D 53 49.99 -36.74 -11.83
CA VAL D 53 50.52 -37.71 -12.80
C VAL D 53 49.56 -38.85 -13.21
N SER D 54 48.80 -39.39 -12.26
CA SER D 54 47.84 -40.47 -12.46
C SER D 54 46.88 -40.35 -13.66
N ALA D 55 46.07 -39.30 -13.76
CA ALA D 55 44.94 -39.34 -14.69
C ALA D 55 45.13 -38.41 -15.90
N ARG D 56 44.10 -38.41 -16.82
CA ARG D 56 44.06 -37.77 -18.14
C ARG D 56 42.91 -36.78 -18.24
N PRO D 57 43.03 -35.71 -19.06
CA PRO D 57 41.87 -34.83 -19.30
C PRO D 57 40.89 -35.40 -20.31
N SER D 58 39.88 -34.59 -20.65
CA SER D 58 38.90 -35.00 -21.65
C SER D 58 39.51 -34.95 -23.05
N GLY D 59 39.12 -35.91 -23.90
CA GLY D 59 39.61 -35.97 -25.26
C GLY D 59 40.95 -36.65 -25.43
N VAL D 60 41.70 -36.85 -24.35
CA VAL D 60 43.00 -37.51 -24.39
C VAL D 60 42.75 -39.01 -24.43
N PRO D 61 43.30 -39.74 -25.41
CA PRO D 61 43.17 -41.20 -25.42
C PRO D 61 43.93 -41.84 -24.26
N ASP D 62 43.50 -43.06 -23.90
CA ASP D 62 44.08 -43.78 -22.77
C ASP D 62 45.47 -44.34 -23.04
N ARG D 63 46.01 -44.16 -24.25
CA ARG D 63 47.40 -44.50 -24.54
C ARG D 63 48.39 -43.69 -23.72
N PHE D 64 48.05 -42.46 -23.38
CA PHE D 64 48.88 -41.62 -22.54
C PHE D 64 48.73 -42.06 -21.09
N SER D 65 49.85 -42.27 -20.40
CA SER D 65 49.84 -42.65 -19.00
C SER D 65 51.13 -42.21 -18.33
N GLY D 66 51.05 -41.99 -17.04
CA GLY D 66 52.19 -41.46 -16.29
C GLY D 66 52.45 -42.26 -15.03
N SER D 67 53.69 -42.16 -14.54
CA SER D 67 54.08 -42.75 -13.27
C SER D 67 55.14 -41.87 -12.62
N LYS D 68 54.99 -41.62 -11.33
CA LYS D 68 55.90 -40.76 -10.59
C LYS D 68 56.25 -41.39 -9.25
N SER D 69 57.55 -41.45 -8.96
CA SER D 69 58.04 -41.83 -7.64
C SER D 69 59.26 -40.99 -7.33
N GLY D 70 59.22 -40.29 -6.20
CA GLY D 70 60.32 -39.43 -5.81
C GLY D 70 60.41 -38.14 -6.59
N ASN D 71 61.44 -37.99 -7.42
CA ASN D 71 61.67 -36.77 -8.17
C ASN D 71 61.78 -37.01 -9.67
N THR D 72 61.17 -38.09 -10.18
CA THR D 72 61.22 -38.39 -11.60
C THR D 72 59.84 -38.83 -12.06
N ALA D 73 59.27 -38.06 -12.98
CA ALA D 73 58.03 -38.44 -13.65
C ALA D 73 58.37 -39.29 -14.86
N SER D 74 57.38 -40.06 -15.31
CA SER D 74 57.60 -41.01 -16.40
C SER D 74 56.34 -41.13 -17.23
N LEU D 75 56.30 -40.43 -18.36
CA LEU D 75 55.22 -40.55 -19.32
C LEU D 75 55.36 -41.87 -20.06
N THR D 76 54.28 -42.64 -20.12
CA THR D 76 54.27 -43.92 -20.80
C THR D 76 53.16 -43.90 -21.86
N ILE D 77 53.56 -44.04 -23.12
CA ILE D 77 52.62 -44.08 -24.24
C ILE D 77 52.67 -45.47 -24.85
N SER D 78 51.62 -46.25 -24.63
CA SER D 78 51.49 -47.57 -25.21
C SER D 78 50.78 -47.50 -26.55
N GLY D 79 51.20 -48.37 -27.47
CA GLY D 79 50.64 -48.37 -28.80
C GLY D 79 50.97 -47.12 -29.58
N LEU D 80 52.23 -46.97 -29.96
CA LEU D 80 52.69 -45.77 -30.65
C LEU D 80 52.07 -45.65 -32.04
N GLN D 81 51.43 -44.52 -32.30
CA GLN D 81 50.90 -44.20 -33.61
C GLN D 81 51.77 -43.11 -34.22
N ALA D 82 51.60 -42.91 -35.53
CA ALA D 82 52.41 -41.91 -36.24
C ALA D 82 51.99 -40.49 -35.89
N GLU D 83 50.81 -40.30 -35.31
CA GLU D 83 50.36 -38.97 -34.94
C GLU D 83 50.92 -38.52 -33.59
N ASP D 84 51.60 -39.41 -32.88
CA ASP D 84 52.27 -39.04 -31.63
C ASP D 84 53.66 -38.48 -31.85
N GLU D 85 54.14 -38.45 -33.09
CA GLU D 85 55.49 -37.99 -33.42
C GLU D 85 55.56 -36.47 -33.34
N ALA D 86 56.00 -35.95 -32.20
CA ALA D 86 56.05 -34.52 -31.95
C ALA D 86 57.04 -34.28 -30.81
N ASP D 87 57.03 -33.05 -30.30
CA ASP D 87 57.85 -32.66 -29.16
C ASP D 87 57.05 -32.84 -27.87
N TYR D 88 57.71 -33.32 -26.83
CA TYR D 88 57.06 -33.62 -25.55
C TYR D 88 57.68 -32.76 -24.46
N TYR D 89 56.84 -32.24 -23.58
CA TYR D 89 57.27 -31.32 -22.55
C TYR D 89 56.54 -31.63 -21.25
N CYS D 90 57.30 -31.71 -20.16
CA CYS D 90 56.76 -31.86 -18.82
C CYS D 90 56.96 -30.57 -18.03
N CYS D 91 55.94 -30.22 -17.24
CA CYS D 91 55.99 -28.99 -16.47
C CYS D 91 55.47 -29.27 -15.06
N SER D 92 56.06 -28.60 -14.09
CA SER D 92 55.69 -28.73 -12.69
C SER D 92 55.43 -27.34 -12.12
N TYR D 93 54.48 -27.26 -11.19
CA TYR D 93 54.16 -26.01 -10.51
C TYR D 93 54.06 -26.25 -9.01
N ALA D 94 55.13 -25.90 -8.28
CA ALA D 94 55.07 -25.82 -6.84
C ALA D 94 54.94 -24.34 -6.48
N GLY D 95 55.87 -23.50 -6.91
CA GLY D 95 55.74 -22.07 -6.76
C GLY D 95 55.83 -21.38 -8.11
N SER D 96 56.48 -22.04 -9.06
CA SER D 96 56.66 -21.51 -10.41
C SER D 96 56.54 -22.64 -11.42
N TRP D 97 56.31 -22.27 -12.67
CA TRP D 97 56.18 -23.23 -13.76
C TRP D 97 57.54 -23.47 -14.40
N VAL D 98 58.07 -24.67 -14.18
CA VAL D 98 59.37 -25.07 -14.70
C VAL D 98 59.15 -26.13 -15.77
N PHE D 99 59.52 -25.83 -17.01
CA PHE D 99 59.33 -26.76 -18.11
C PHE D 99 60.49 -27.75 -18.20
N GLY D 100 60.36 -28.69 -19.13
CA GLY D 100 61.37 -29.69 -19.36
C GLY D 100 62.33 -29.33 -20.47
N GLY D 101 63.34 -30.18 -20.63
CA GLY D 101 64.35 -29.97 -21.65
C GLY D 101 63.90 -30.17 -23.07
N GLY D 102 62.83 -30.91 -23.28
CA GLY D 102 62.38 -31.20 -24.64
C GLY D 102 62.71 -32.62 -25.07
N THR D 103 61.72 -33.28 -25.64
CA THR D 103 61.85 -34.68 -26.06
C THR D 103 61.15 -34.86 -27.40
N LYS D 104 61.92 -35.21 -28.43
CA LYS D 104 61.39 -35.48 -29.76
C LYS D 104 61.13 -36.97 -29.89
N LEU D 105 59.85 -37.35 -29.89
CA LEU D 105 59.46 -38.74 -30.15
C LEU D 105 59.56 -39.00 -31.65
N THR D 106 60.27 -40.07 -32.01
CA THR D 106 60.43 -40.46 -33.41
C THR D 106 59.75 -41.80 -33.63
N VAL D 107 58.64 -41.77 -34.36
CA VAL D 107 57.90 -42.99 -34.71
C VAL D 107 58.60 -43.61 -35.91
N LEU D 108 59.21 -44.78 -35.71
CA LEU D 108 60.03 -45.40 -36.75
C LEU D 108 59.16 -45.95 -37.86
N SER D 109 59.40 -45.46 -39.07
CA SER D 109 58.66 -45.92 -40.25
C SER D 109 59.57 -46.49 -41.32
N GLN D 110 60.89 -46.46 -41.12
CA GLN D 110 61.86 -46.95 -42.08
C GLN D 110 63.09 -47.38 -41.29
N PRO D 111 63.92 -48.28 -41.84
CA PRO D 111 65.08 -48.79 -41.08
C PRO D 111 66.13 -47.73 -40.77
N LYS D 112 67.00 -48.07 -39.82
CA LYS D 112 67.92 -47.10 -39.24
C LYS D 112 69.06 -46.79 -40.21
N ALA D 113 69.39 -45.50 -40.33
CA ALA D 113 70.44 -45.02 -41.21
C ALA D 113 71.51 -44.30 -40.41
N ALA D 114 72.77 -44.65 -40.65
CA ALA D 114 73.88 -44.05 -39.95
C ALA D 114 74.32 -42.76 -40.63
N PRO D 115 74.65 -41.72 -39.86
CA PRO D 115 75.00 -40.43 -40.46
C PRO D 115 76.39 -40.44 -41.09
N SER D 116 76.46 -39.89 -42.30
CA SER D 116 77.71 -39.65 -42.98
C SER D 116 78.21 -38.26 -42.65
N VAL D 117 79.40 -38.19 -42.05
CA VAL D 117 79.96 -36.95 -41.55
C VAL D 117 81.15 -36.56 -42.42
N THR D 118 81.17 -35.32 -42.90
CA THR D 118 82.29 -34.80 -43.65
C THR D 118 82.71 -33.47 -43.03
N LEU D 119 83.89 -33.44 -42.43
CA LEU D 119 84.40 -32.28 -41.73
C LEU D 119 85.33 -31.50 -42.64
N PHE D 120 85.16 -30.18 -42.69
CA PHE D 120 85.98 -29.31 -43.50
C PHE D 120 86.74 -28.32 -42.64
N PRO D 121 88.00 -28.06 -42.91
CA PRO D 121 88.71 -26.96 -42.25
C PRO D 121 88.25 -25.63 -42.81
N PRO D 122 88.41 -24.54 -42.08
CA PRO D 122 88.16 -23.21 -42.67
C PRO D 122 89.21 -22.89 -43.73
N SER D 123 88.80 -22.11 -44.73
CA SER D 123 89.64 -21.86 -45.88
C SER D 123 90.79 -20.93 -45.53
N SER D 124 91.80 -20.91 -46.42
CA SER D 124 92.92 -20.00 -46.24
C SER D 124 92.51 -18.56 -46.48
N GLU D 125 91.50 -18.35 -47.33
CA GLU D 125 91.00 -17.00 -47.57
C GLU D 125 90.24 -16.48 -46.36
N GLU D 126 89.63 -17.38 -45.57
CA GLU D 126 89.02 -16.97 -44.32
C GLU D 126 90.08 -16.70 -43.25
N LEU D 127 91.16 -17.48 -43.27
CA LEU D 127 92.23 -17.28 -42.31
C LEU D 127 92.99 -15.98 -42.58
N GLN D 128 93.01 -15.52 -43.83
CA GLN D 128 93.53 -14.20 -44.13
C GLN D 128 92.55 -13.09 -43.73
N ALA D 129 91.26 -13.42 -43.58
CA ALA D 129 90.24 -12.48 -43.14
C ALA D 129 90.07 -12.47 -41.63
N ASN D 130 91.05 -13.02 -40.90
CA ASN D 130 91.08 -13.08 -39.42
C ASN D 130 89.87 -13.80 -38.83
N LYS D 131 89.36 -14.81 -39.54
CA LYS D 131 88.22 -15.60 -39.09
C LYS D 131 88.49 -17.08 -39.35
N ALA D 132 87.68 -17.92 -38.71
CA ALA D 132 87.75 -19.36 -38.88
C ALA D 132 86.39 -19.97 -38.58
N THR D 133 85.89 -20.80 -39.49
CA THR D 133 84.63 -21.49 -39.29
C THR D 133 84.81 -22.95 -39.67
N LEU D 134 84.74 -23.84 -38.67
CA LEU D 134 84.82 -25.28 -38.91
C LEU D 134 83.46 -25.76 -39.40
N VAL D 135 83.48 -26.63 -40.40
CA VAL D 135 82.27 -27.04 -41.12
C VAL D 135 82.09 -28.54 -40.94
N CYS D 136 81.16 -28.91 -40.07
CA CYS D 136 80.82 -30.32 -39.81
C CYS D 136 79.41 -30.58 -40.33
N LEU D 137 79.30 -31.54 -41.25
CA LEU D 137 78.07 -31.75 -42.01
C LEU D 137 77.52 -33.14 -41.73
N ILE D 138 76.21 -33.23 -41.49
CA ILE D 138 75.56 -34.47 -41.13
C ILE D 138 74.46 -34.73 -42.15
N SER D 139 74.41 -35.94 -42.69
CA SER D 139 73.41 -36.28 -43.70
C SER D 139 73.14 -37.78 -43.68
N ASP D 140 72.00 -38.16 -44.26
CA ASP D 140 71.58 -39.55 -44.51
C ASP D 140 71.45 -40.36 -43.22
N PHE D 141 70.67 -39.85 -42.27
CA PHE D 141 70.51 -40.51 -40.97
C PHE D 141 69.03 -40.59 -40.59
N TYR D 142 68.66 -41.72 -39.99
CA TYR D 142 67.32 -41.93 -39.45
C TYR D 142 67.49 -42.95 -38.33
N PRO D 143 66.83 -42.76 -37.17
CA PRO D 143 65.92 -41.71 -36.67
C PRO D 143 66.59 -40.34 -36.50
N GLY D 144 65.77 -39.29 -36.46
CA GLY D 144 66.29 -37.94 -36.48
C GLY D 144 66.77 -37.42 -35.15
N ALA D 145 67.96 -37.86 -34.73
CA ALA D 145 68.51 -37.47 -33.44
C ALA D 145 70.03 -37.55 -33.50
N VAL D 146 70.68 -36.39 -33.60
CA VAL D 146 72.13 -36.30 -33.52
C VAL D 146 72.51 -35.23 -32.50
N THR D 147 73.62 -35.48 -31.80
CA THR D 147 74.24 -34.49 -30.92
C THR D 147 75.69 -34.33 -31.33
N VAL D 148 76.09 -33.10 -31.60
CA VAL D 148 77.41 -32.77 -32.12
C VAL D 148 78.34 -32.51 -30.95
N ALA D 149 79.48 -33.21 -30.94
CA ALA D 149 80.50 -33.05 -29.91
C ALA D 149 81.82 -32.67 -30.56
N TRP D 150 82.20 -31.41 -30.41
CA TRP D 150 83.49 -30.92 -30.88
C TRP D 150 84.58 -31.38 -29.93
N LYS D 151 85.82 -31.43 -30.41
CA LYS D 151 86.93 -31.93 -29.60
C LYS D 151 88.23 -31.25 -30.03
N ALA D 152 89.05 -30.86 -29.05
CA ALA D 152 90.37 -30.32 -29.33
C ALA D 152 91.45 -31.25 -28.77
N ASP D 153 91.78 -32.28 -29.54
CA ASP D 153 92.84 -33.29 -29.37
C ASP D 153 92.62 -34.29 -28.23
N SER D 154 91.89 -33.91 -27.19
CA SER D 154 91.20 -34.82 -26.28
C SER D 154 90.00 -34.18 -25.62
N SER D 155 89.73 -32.90 -25.91
CA SER D 155 88.96 -32.16 -24.92
C SER D 155 87.72 -31.52 -25.53
N PRO D 156 86.59 -31.59 -24.84
CA PRO D 156 85.35 -31.03 -25.39
C PRO D 156 85.34 -29.50 -25.38
N VAL D 157 84.87 -28.93 -26.49
CA VAL D 157 84.75 -27.48 -26.65
C VAL D 157 83.27 -27.19 -26.89
N LYS D 158 82.69 -26.30 -26.08
CA LYS D 158 81.28 -26.00 -26.15
C LYS D 158 80.95 -24.57 -26.57
N ALA D 159 81.93 -23.67 -26.56
CA ALA D 159 81.70 -22.28 -26.91
C ALA D 159 81.84 -22.08 -28.40
N GLY D 160 81.00 -21.18 -28.94
CA GLY D 160 81.02 -20.91 -30.37
C GLY D 160 80.46 -22.01 -31.23
N VAL D 161 79.38 -22.66 -30.82
CA VAL D 161 78.80 -23.80 -31.52
C VAL D 161 77.43 -23.41 -32.05
N GLU D 162 77.26 -23.48 -33.36
CA GLU D 162 75.98 -23.25 -34.02
C GLU D 162 75.62 -24.49 -34.83
N THR D 163 74.52 -25.14 -34.48
CA THR D 163 74.14 -26.41 -35.08
C THR D 163 72.69 -26.35 -35.53
N THR D 164 72.43 -26.85 -36.73
CA THR D 164 71.08 -26.85 -37.29
C THR D 164 70.28 -28.02 -36.75
N THR D 165 69.05 -27.74 -36.33
CA THR D 165 68.07 -28.79 -36.02
C THR D 165 67.80 -29.61 -37.27
N PRO D 166 67.78 -30.95 -37.16
CA PRO D 166 67.66 -31.80 -38.36
C PRO D 166 66.34 -31.64 -39.10
N SER D 167 66.44 -31.29 -40.38
CA SER D 167 65.31 -31.09 -41.27
C SER D 167 65.35 -32.15 -42.37
N LYS D 168 64.24 -32.29 -43.08
CA LYS D 168 64.09 -33.38 -44.05
C LYS D 168 64.92 -33.12 -45.30
N GLN D 169 65.61 -34.17 -45.76
CA GLN D 169 66.17 -34.16 -47.11
C GLN D 169 65.21 -34.92 -48.03
N SER D 170 65.64 -35.20 -49.26
CA SER D 170 64.70 -35.62 -50.31
C SER D 170 64.29 -37.08 -50.15
N ASN D 171 65.19 -37.94 -49.68
CA ASN D 171 64.93 -39.38 -49.63
C ASN D 171 64.42 -39.86 -48.28
N ASN D 172 63.62 -39.04 -47.58
CA ASN D 172 62.95 -39.30 -46.30
C ASN D 172 63.91 -39.49 -45.14
N LYS D 173 65.21 -39.27 -45.32
CA LYS D 173 66.14 -39.15 -44.21
C LYS D 173 66.27 -37.67 -43.87
N TYR D 174 67.13 -37.34 -42.91
CA TYR D 174 67.26 -35.96 -42.50
C TYR D 174 68.66 -35.44 -42.81
N ALA D 175 68.83 -34.13 -42.70
CA ALA D 175 70.11 -33.48 -42.93
C ALA D 175 70.37 -32.48 -41.83
N ALA D 176 71.65 -32.20 -41.58
CA ALA D 176 72.03 -31.31 -40.51
C ALA D 176 73.39 -30.68 -40.83
N SER D 177 73.79 -29.74 -39.98
CA SER D 177 75.08 -29.07 -40.10
C SER D 177 75.42 -28.44 -38.76
N SER D 178 76.71 -28.37 -38.46
CA SER D 178 77.21 -27.77 -37.24
C SER D 178 78.43 -26.92 -37.54
N TYR D 179 78.48 -25.73 -36.92
CA TYR D 179 79.54 -24.77 -37.18
C TYR D 179 80.29 -24.47 -35.89
N LEU D 180 81.61 -24.43 -35.98
CA LEU D 180 82.47 -24.01 -34.88
C LEU D 180 83.23 -22.77 -35.32
N SER D 181 82.88 -21.62 -34.76
CA SER D 181 83.54 -20.36 -35.07
C SER D 181 84.68 -20.13 -34.08
N LEU D 182 85.89 -19.98 -34.60
CA LEU D 182 87.09 -19.81 -33.79
C LEU D 182 87.94 -18.70 -34.37
N THR D 183 89.04 -18.39 -33.69
CA THR D 183 90.03 -17.47 -34.20
C THR D 183 91.09 -18.26 -34.97
N PRO D 184 91.80 -17.61 -35.91
CA PRO D 184 92.91 -18.31 -36.57
C PRO D 184 94.09 -18.61 -35.66
N GLU D 185 94.19 -17.94 -34.51
CA GLU D 185 95.29 -18.21 -33.59
C GLU D 185 95.02 -19.48 -32.78
N GLN D 186 93.74 -19.77 -32.50
CA GLN D 186 93.41 -21.02 -31.82
C GLN D 186 93.43 -22.20 -32.79
N TRP D 187 93.27 -21.92 -34.09
CA TRP D 187 93.33 -22.97 -35.09
C TRP D 187 94.75 -23.53 -35.23
N LYS D 188 95.74 -22.65 -35.29
CA LYS D 188 97.13 -23.06 -35.49
C LYS D 188 97.86 -23.38 -34.20
N SER D 189 97.16 -23.39 -33.06
CA SER D 189 97.82 -23.67 -31.79
C SER D 189 97.82 -25.16 -31.46
N HIS D 190 96.66 -25.82 -31.59
CA HIS D 190 96.55 -27.22 -31.24
C HIS D 190 96.92 -28.11 -32.42
N ARG D 191 96.66 -29.42 -32.28
CA ARG D 191 97.14 -30.38 -33.26
C ARG D 191 96.05 -30.91 -34.18
N SER D 192 94.88 -31.24 -33.65
CA SER D 192 93.80 -31.76 -34.48
C SER D 192 92.47 -31.48 -33.81
N TYR D 193 91.45 -31.22 -34.63
CA TYR D 193 90.10 -30.95 -34.17
C TYR D 193 89.17 -32.02 -34.73
N SER D 194 88.22 -32.46 -33.89
CA SER D 194 87.33 -33.55 -34.24
C SER D 194 85.88 -33.15 -34.01
N CYS D 195 85.01 -33.62 -34.90
CA CYS D 195 83.56 -33.43 -34.78
C CYS D 195 82.90 -34.78 -34.59
N GLN D 196 82.46 -35.05 -33.36
CA GLN D 196 81.83 -36.31 -33.01
C GLN D 196 80.32 -36.13 -33.02
N VAL D 197 79.62 -37.05 -33.68
CA VAL D 197 78.17 -37.09 -33.68
C VAL D 197 77.76 -38.28 -32.84
N THR D 198 76.52 -38.27 -32.36
CA THR D 198 75.96 -39.39 -31.62
C THR D 198 74.54 -39.63 -32.11
N HIS D 199 74.34 -40.73 -32.83
CA HIS D 199 73.07 -41.04 -33.47
C HIS D 199 72.60 -42.40 -32.98
N GLU D 200 71.59 -42.39 -32.10
CA GLU D 200 71.03 -43.59 -31.46
C GLU D 200 72.09 -44.41 -30.73
N GLY D 201 73.05 -43.69 -30.13
CA GLY D 201 74.15 -44.31 -29.44
C GLY D 201 75.38 -44.60 -30.28
N SER D 202 75.29 -44.47 -31.61
CA SER D 202 76.39 -44.73 -32.50
C SER D 202 77.19 -43.46 -32.75
N THR D 203 78.50 -43.58 -32.75
CA THR D 203 79.40 -42.43 -32.85
C THR D 203 80.25 -42.53 -34.10
N VAL D 204 80.19 -41.52 -34.95
CA VAL D 204 81.03 -41.39 -36.14
C VAL D 204 81.87 -40.13 -35.98
N GLU D 205 83.19 -40.30 -36.01
CA GLU D 205 84.13 -39.21 -35.74
C GLU D 205 84.98 -38.93 -36.96
N LYS D 206 85.09 -37.64 -37.31
CA LYS D 206 85.95 -37.18 -38.39
C LYS D 206 86.92 -36.14 -37.85
N THR D 207 88.16 -36.18 -38.33
CA THR D 207 89.24 -35.36 -37.78
C THR D 207 90.00 -34.69 -38.93
N VAL D 208 90.22 -33.39 -38.79
CA VAL D 208 91.00 -32.62 -39.76
C VAL D 208 92.25 -32.09 -39.07
N ALA D 209 93.14 -31.52 -39.87
CA ALA D 209 94.42 -31.01 -39.40
C ALA D 209 94.66 -29.61 -39.95
N PRO D 210 95.31 -28.74 -39.16
CA PRO D 210 95.63 -27.39 -39.66
C PRO D 210 96.75 -27.35 -40.70
N THR D 211 97.44 -28.45 -40.94
CA THR D 211 98.54 -28.49 -41.90
C THR D 211 98.03 -28.39 -43.34
N GLN E 1 20.70 37.97 -56.67
CA GLN E 1 20.31 37.33 -57.92
C GLN E 1 21.36 36.37 -58.42
N VAL E 2 20.99 35.09 -58.49
CA VAL E 2 21.82 34.10 -59.16
C VAL E 2 21.89 34.44 -60.65
N GLN E 3 23.10 34.60 -61.16
CA GLN E 3 23.29 35.22 -62.45
C GLN E 3 24.56 34.70 -63.08
N LEU E 4 24.48 34.39 -64.37
CA LEU E 4 25.62 33.94 -65.16
C LEU E 4 25.70 34.81 -66.41
N VAL E 5 26.86 35.43 -66.62
CA VAL E 5 27.07 36.36 -67.73
C VAL E 5 28.21 35.83 -68.59
N GLU E 6 27.88 35.37 -69.79
CA GLU E 6 28.88 34.88 -70.73
C GLU E 6 29.73 36.02 -71.27
N SER E 7 30.91 35.66 -71.76
CA SER E 7 31.81 36.60 -72.42
C SER E 7 32.73 35.82 -73.34
N GLY E 8 33.31 36.52 -74.30
CA GLY E 8 34.26 35.93 -75.23
C GLY E 8 33.71 35.57 -76.59
N GLY E 9 32.42 35.85 -76.85
CA GLY E 9 31.86 35.54 -78.14
C GLY E 9 32.26 36.53 -79.21
N GLY E 10 31.96 36.17 -80.46
CA GLY E 10 32.29 37.03 -81.57
C GLY E 10 32.15 36.28 -82.89
N VAL E 11 32.86 36.79 -83.89
CA VAL E 11 32.91 36.18 -85.22
C VAL E 11 34.37 35.93 -85.54
N VAL E 12 34.74 34.65 -85.68
CA VAL E 12 36.11 34.26 -85.96
C VAL E 12 36.15 33.49 -87.27
N GLN E 13 37.38 33.25 -87.76
CA GLN E 13 37.66 32.51 -88.98
C GLN E 13 38.05 31.07 -88.65
N PRO E 14 37.80 30.13 -89.58
CA PRO E 14 38.24 28.75 -89.35
C PRO E 14 39.75 28.62 -89.34
N GLY E 15 40.25 27.79 -88.42
CA GLY E 15 41.67 27.63 -88.21
C GLY E 15 42.24 28.46 -87.10
N ARG E 16 41.49 29.43 -86.59
CA ARG E 16 41.96 30.31 -85.52
C ARG E 16 41.50 29.79 -84.16
N SER E 17 41.69 30.63 -83.14
CA SER E 17 41.38 30.27 -81.76
C SER E 17 40.54 31.36 -81.11
N LEU E 18 39.95 31.01 -79.97
CA LEU E 18 39.10 31.93 -79.22
C LEU E 18 39.05 31.44 -77.78
N ARG E 19 38.82 32.37 -76.85
CA ARG E 19 38.68 32.05 -75.44
C ARG E 19 37.43 32.71 -74.88
N LEU E 20 36.49 31.90 -74.40
CA LEU E 20 35.29 32.40 -73.75
C LEU E 20 35.40 32.32 -72.23
N SER E 21 34.42 32.92 -71.56
CA SER E 21 34.38 32.94 -70.11
C SER E 21 32.95 33.16 -69.64
N CYS E 22 32.77 33.07 -68.32
CA CYS E 22 31.48 33.32 -67.70
C CYS E 22 31.71 33.74 -66.25
N ALA E 23 31.12 34.87 -65.86
CA ALA E 23 31.18 35.36 -64.49
C ALA E 23 29.92 34.95 -63.73
N ALA E 24 30.11 34.60 -62.46
CA ALA E 24 29.03 34.14 -61.61
C ALA E 24 28.78 35.13 -60.49
N SER E 25 27.50 35.28 -60.12
CA SER E 25 27.09 36.12 -59.00
C SER E 25 25.83 35.54 -58.39
N GLY E 26 25.61 35.84 -57.12
CA GLY E 26 24.41 35.43 -56.43
C GLY E 26 24.46 34.06 -55.80
N PHE E 27 25.47 33.25 -56.12
CA PHE E 27 25.59 31.92 -55.54
C PHE E 27 27.07 31.61 -55.34
N THR E 28 27.34 30.69 -54.41
CA THR E 28 28.72 30.24 -54.17
C THR E 28 29.11 29.37 -55.36
N PHE E 29 29.94 29.95 -56.23
CA PHE E 29 30.27 29.29 -57.49
C PHE E 29 31.26 28.14 -57.28
N SER E 30 31.97 28.17 -56.15
CA SER E 30 32.97 27.13 -55.87
C SER E 30 32.37 25.79 -55.47
N ASN E 31 31.05 25.71 -55.22
CA ASN E 31 30.45 24.48 -54.73
C ASN E 31 29.55 23.79 -55.76
N TYR E 32 29.47 24.29 -56.99
CA TYR E 32 28.61 23.70 -57.99
C TYR E 32 29.26 23.77 -59.36
N ALA E 33 29.02 22.73 -60.17
CA ALA E 33 29.64 22.64 -61.49
C ALA E 33 28.92 23.52 -62.50
N ILE E 34 29.72 24.18 -63.32
CA ILE E 34 29.20 24.90 -64.47
C ILE E 34 29.57 24.08 -65.72
N HIS E 35 28.76 24.20 -66.75
CA HIS E 35 28.94 23.47 -68.00
C HIS E 35 28.89 24.44 -69.17
N TRP E 36 29.30 23.96 -70.33
CA TRP E 36 29.01 24.63 -71.59
C TRP E 36 28.07 23.76 -72.41
N VAL E 37 26.91 24.32 -72.76
CA VAL E 37 25.95 23.66 -73.64
C VAL E 37 25.70 24.58 -74.81
N ARG E 38 26.01 24.10 -76.01
CA ARG E 38 25.91 24.92 -77.21
C ARG E 38 24.65 24.57 -77.99
N GLN E 39 24.13 25.59 -78.67
CA GLN E 39 22.95 25.43 -79.50
C GLN E 39 23.14 26.23 -80.77
N ALA E 40 23.14 25.55 -81.91
CA ALA E 40 23.11 26.23 -83.19
C ALA E 40 21.76 26.93 -83.36
N PRO E 41 21.71 28.05 -84.13
CA PRO E 41 20.44 28.78 -84.29
C PRO E 41 19.35 28.00 -85.00
N GLY E 42 18.30 27.67 -84.26
CA GLY E 42 17.22 26.86 -84.78
C GLY E 42 17.41 25.37 -84.68
N LYS E 43 18.44 24.92 -83.96
CA LYS E 43 18.75 23.50 -83.86
C LYS E 43 18.72 23.08 -82.39
N GLY E 44 19.13 21.82 -82.15
CA GLY E 44 19.02 21.25 -80.83
C GLY E 44 20.17 21.63 -79.90
N LEU E 45 20.18 20.97 -78.74
CA LEU E 45 21.13 21.30 -77.69
C LEU E 45 22.30 20.32 -77.70
N GLU E 46 23.47 20.81 -77.31
CA GLU E 46 24.71 20.03 -77.38
C GLU E 46 25.64 20.47 -76.26
N TRP E 47 25.93 19.55 -75.34
CA TRP E 47 26.84 19.85 -74.23
C TRP E 47 28.28 19.85 -74.73
N VAL E 48 29.12 20.68 -74.09
CA VAL E 48 30.52 20.75 -74.46
C VAL E 48 31.42 20.22 -73.34
N ALA E 49 31.45 20.88 -72.18
CA ALA E 49 32.53 20.61 -71.24
C ALA E 49 32.08 20.83 -69.80
N VAL E 50 33.03 20.60 -68.88
CA VAL E 50 32.85 20.72 -67.44
C VAL E 50 34.24 20.78 -66.79
N VAL E 51 34.36 21.57 -65.73
CA VAL E 51 35.61 21.75 -65.00
C VAL E 51 35.33 21.59 -63.52
N SER E 52 36.28 21.00 -62.78
CA SER E 52 36.14 20.82 -61.35
C SER E 52 36.93 21.89 -60.59
N TYR E 53 36.63 22.03 -59.29
CA TYR E 53 37.21 23.12 -58.51
C TYR E 53 38.68 22.88 -58.24
N ASP E 54 39.09 21.63 -58.11
CA ASP E 54 40.51 21.32 -57.99
C ASP E 54 41.24 21.38 -59.32
N GLY E 55 40.52 21.44 -60.43
CA GLY E 55 41.11 21.51 -61.74
C GLY E 55 41.60 20.19 -62.29
N SER E 56 41.15 19.06 -61.72
CA SER E 56 41.64 17.76 -62.19
C SER E 56 40.62 17.05 -63.08
N ASN E 57 39.36 17.00 -62.66
CA ASN E 57 38.34 16.22 -63.37
C ASN E 57 37.64 17.11 -64.39
N LYS E 58 37.84 16.80 -65.67
CA LYS E 58 37.17 17.47 -66.77
C LYS E 58 36.68 16.43 -67.77
N TYR E 59 35.45 16.61 -68.25
CA TYR E 59 34.91 15.70 -69.24
C TYR E 59 34.48 16.50 -70.46
N TYR E 60 34.80 15.97 -71.63
CA TYR E 60 34.53 16.62 -72.91
C TYR E 60 33.63 15.70 -73.74
N ALA E 61 32.97 16.29 -74.73
CA ALA E 61 32.18 15.49 -75.66
C ALA E 61 33.07 14.94 -76.77
N GLU E 62 32.45 14.19 -77.69
CA GLU E 62 33.23 13.51 -78.72
C GLU E 62 33.69 14.47 -79.80
N SER E 63 32.91 15.52 -80.08
CA SER E 63 33.35 16.54 -81.02
C SER E 63 34.11 17.67 -80.33
N VAL E 64 34.55 17.45 -79.09
CA VAL E 64 35.17 18.49 -78.28
C VAL E 64 36.63 18.17 -77.95
N LYS E 65 36.97 16.89 -77.72
CA LYS E 65 38.27 16.49 -77.19
C LYS E 65 39.43 16.87 -78.10
N GLY E 66 40.53 17.30 -77.47
CA GLY E 66 41.71 17.70 -78.19
C GLY E 66 41.73 19.13 -78.67
N ARG E 67 40.63 19.85 -78.58
CA ARG E 67 40.58 21.23 -79.06
C ARG E 67 40.16 22.24 -78.00
N PHE E 68 39.17 21.88 -77.18
CA PHE E 68 38.58 22.83 -76.25
C PHE E 68 39.10 22.55 -74.85
N THR E 69 39.35 23.63 -74.10
CA THR E 69 39.92 23.51 -72.76
C THR E 69 39.20 24.46 -71.83
N ILE E 70 38.51 23.90 -70.84
CA ILE E 70 37.80 24.68 -69.83
C ILE E 70 38.67 24.76 -68.59
N SER E 71 38.63 25.93 -67.94
CA SER E 71 39.25 26.09 -66.63
C SER E 71 38.40 27.07 -65.84
N ARG E 72 38.67 27.15 -64.54
CA ARG E 72 37.88 28.00 -63.66
C ARG E 72 38.78 28.61 -62.61
N ASP E 73 38.32 29.70 -62.02
CA ASP E 73 39.00 30.36 -60.90
C ASP E 73 37.97 30.52 -59.79
N ASN E 74 38.11 29.71 -58.75
CA ASN E 74 37.18 29.73 -57.61
C ASN E 74 37.28 31.00 -56.79
N SER E 75 38.42 31.69 -56.82
CA SER E 75 38.60 32.90 -56.04
C SER E 75 37.87 34.08 -56.67
N LYS E 76 37.96 34.22 -57.99
CA LYS E 76 37.31 35.33 -58.69
C LYS E 76 35.90 35.00 -59.17
N ASN E 77 35.45 33.76 -58.97
CA ASN E 77 34.10 33.29 -59.33
C ASN E 77 33.81 33.43 -60.82
N THR E 78 34.85 33.30 -61.62
CA THR E 78 34.76 33.30 -63.07
C THR E 78 35.39 32.01 -63.60
N LEU E 79 35.55 31.94 -64.91
CA LEU E 79 36.06 30.74 -65.55
C LEU E 79 36.67 31.11 -66.89
N SER E 80 37.06 30.09 -67.64
CA SER E 80 37.55 30.27 -69.00
C SER E 80 37.26 29.02 -69.82
N LEU E 81 37.15 29.23 -71.14
CA LEU E 81 37.04 28.12 -72.09
C LEU E 81 37.98 28.40 -73.25
N GLN E 82 39.16 27.79 -73.21
CA GLN E 82 40.17 27.95 -74.25
C GLN E 82 39.83 27.03 -75.41
N MET E 83 39.71 27.60 -76.60
CA MET E 83 39.22 26.89 -77.77
C MET E 83 40.18 27.12 -78.93
N ILE E 84 40.74 26.04 -79.47
CA ILE E 84 41.63 26.12 -80.63
C ILE E 84 41.06 25.24 -81.73
N SER E 85 41.56 25.46 -82.94
CA SER E 85 41.23 24.68 -84.16
C SER E 85 39.74 24.73 -84.45
N LEU E 86 39.24 25.93 -84.70
CA LEU E 86 37.80 26.15 -84.81
C LEU E 86 37.29 25.80 -86.21
N ARG E 87 36.17 25.10 -86.24
CA ARG E 87 35.53 24.66 -87.48
C ARG E 87 34.13 25.26 -87.58
N PRO E 88 33.58 25.39 -88.79
CA PRO E 88 32.27 26.07 -88.93
C PRO E 88 31.08 25.32 -88.35
N GLU E 89 31.21 24.03 -88.01
CA GLU E 89 30.11 23.37 -87.30
C GLU E 89 30.05 23.75 -85.83
N ASP E 90 31.08 24.41 -85.31
CA ASP E 90 31.10 24.89 -83.94
C ASP E 90 30.36 26.21 -83.77
N THR E 91 29.81 26.77 -84.84
CA THR E 91 29.03 28.00 -84.78
C THR E 91 27.73 27.75 -84.04
N ALA E 92 27.63 28.22 -82.81
CA ALA E 92 26.48 27.95 -81.95
C ALA E 92 26.45 29.02 -80.87
N VAL E 93 25.25 29.24 -80.32
CA VAL E 93 25.08 30.12 -79.17
C VAL E 93 25.54 29.36 -77.93
N TYR E 94 26.55 29.88 -77.25
CA TYR E 94 27.23 29.17 -76.17
C TYR E 94 26.66 29.64 -74.84
N TYR E 95 26.24 28.69 -74.01
CA TYR E 95 25.70 28.99 -72.70
C TYR E 95 26.61 28.41 -71.62
N CYS E 96 26.99 29.24 -70.65
CA CYS E 96 27.56 28.75 -69.41
C CYS E 96 26.42 28.28 -68.51
N ALA E 97 26.43 27.00 -68.17
CA ALA E 97 25.27 26.38 -67.55
C ALA E 97 25.66 25.76 -66.22
N SER E 98 25.06 26.27 -65.15
CA SER E 98 25.35 25.83 -63.78
C SER E 98 24.03 25.61 -63.05
N VAL E 99 24.08 25.53 -61.72
CA VAL E 99 22.87 25.39 -60.93
C VAL E 99 22.92 26.40 -59.79
N ALA E 100 21.74 26.92 -59.44
CA ALA E 100 21.62 27.85 -58.33
C ALA E 100 21.56 27.09 -57.00
N ASP E 101 21.33 27.84 -55.93
CA ASP E 101 21.39 27.24 -54.61
C ASP E 101 20.02 26.77 -54.13
N THR E 102 18.97 27.57 -54.39
CA THR E 102 17.62 27.34 -53.87
C THR E 102 17.05 25.99 -54.29
N ALA E 103 17.40 25.52 -55.48
CA ALA E 103 16.92 24.23 -55.94
C ALA E 103 17.62 23.10 -55.22
N MET E 104 16.89 21.99 -55.04
CA MET E 104 17.45 20.68 -54.73
C MET E 104 18.19 20.08 -55.91
N VAL E 105 18.12 20.72 -57.08
CA VAL E 105 18.71 20.27 -58.33
C VAL E 105 20.23 20.22 -58.18
N PRO E 106 20.86 19.11 -58.53
CA PRO E 106 22.32 19.03 -58.46
C PRO E 106 22.97 19.68 -59.66
N GLU E 107 24.28 19.55 -59.71
CA GLU E 107 25.08 20.23 -60.70
C GLU E 107 25.10 19.50 -62.03
N TRP E 108 24.78 18.20 -62.07
CA TRP E 108 24.81 17.48 -63.32
C TRP E 108 23.54 17.71 -64.15
N TYR E 109 22.45 18.14 -63.50
CA TYR E 109 21.30 18.68 -64.21
C TYR E 109 21.54 20.14 -64.53
N PHE E 110 20.50 20.79 -65.06
CA PHE E 110 20.65 22.11 -65.67
C PHE E 110 19.46 23.00 -65.29
N ASP E 111 19.65 23.80 -64.23
CA ASP E 111 18.59 24.73 -63.82
C ASP E 111 18.96 26.19 -64.11
N LEU E 112 20.12 26.64 -63.62
CA LEU E 112 20.54 28.04 -63.73
C LEU E 112 21.26 28.24 -65.06
N TRP E 113 20.62 28.95 -65.98
CA TRP E 113 21.14 29.17 -67.31
C TRP E 113 21.71 30.58 -67.45
N GLY E 114 22.52 30.77 -68.48
CA GLY E 114 23.00 32.08 -68.85
C GLY E 114 22.22 32.66 -70.01
N ARG E 115 22.54 33.90 -70.34
CA ARG E 115 21.89 34.58 -71.46
C ARG E 115 22.50 34.23 -72.81
N GLY E 116 23.73 33.74 -72.82
CA GLY E 116 24.35 33.25 -74.03
C GLY E 116 25.07 34.34 -74.82
N THR E 117 26.05 33.88 -75.59
CA THR E 117 26.75 34.72 -76.55
C THR E 117 26.94 33.92 -77.84
N LEU E 118 27.12 34.63 -78.94
CA LEU E 118 27.21 34.00 -80.25
C LEU E 118 28.66 33.90 -80.70
N VAL E 119 29.09 32.70 -81.07
CA VAL E 119 30.40 32.46 -81.67
C VAL E 119 30.18 31.98 -83.09
N THR E 120 30.76 32.70 -84.05
CA THR E 120 30.61 32.41 -85.46
C THR E 120 31.97 32.07 -86.04
N VAL E 121 32.10 30.86 -86.57
CA VAL E 121 33.32 30.41 -87.23
C VAL E 121 33.02 30.35 -88.72
N SER E 122 33.38 31.39 -89.45
CA SER E 122 33.04 31.47 -90.87
C SER E 122 34.10 32.27 -91.61
N SER E 123 34.27 31.94 -92.89
CA SER E 123 35.23 32.62 -93.75
C SER E 123 34.56 33.41 -94.88
N ALA E 124 33.24 33.55 -94.84
CA ALA E 124 32.54 34.26 -95.90
C ALA E 124 32.74 35.76 -95.75
N SER E 125 32.86 36.45 -96.89
CA SER E 125 33.04 37.89 -96.94
C SER E 125 31.85 38.54 -97.64
N THR E 126 31.96 39.85 -97.87
CA THR E 126 30.87 40.64 -98.44
C THR E 126 30.73 40.30 -99.92
N LYS E 127 29.78 39.43 -100.22
CA LYS E 127 29.55 38.95 -101.57
C LYS E 127 28.21 39.45 -102.10
N GLY E 128 28.21 39.89 -103.36
CA GLY E 128 27.00 40.29 -104.03
C GLY E 128 26.19 39.10 -104.50
N PRO E 129 24.87 39.24 -104.55
CA PRO E 129 24.01 38.12 -104.92
C PRO E 129 24.03 37.86 -106.42
N SER E 130 23.67 36.64 -106.79
CA SER E 130 23.48 36.23 -108.17
C SER E 130 22.00 36.02 -108.42
N VAL E 131 21.40 36.88 -109.24
CA VAL E 131 19.96 36.90 -109.44
C VAL E 131 19.64 36.08 -110.66
N PHE E 132 18.92 34.98 -110.46
CA PHE E 132 18.59 34.01 -111.50
C PHE E 132 17.07 33.92 -111.67
N PRO E 133 16.55 34.23 -112.87
CA PRO E 133 15.09 34.30 -113.03
C PRO E 133 14.42 32.95 -113.06
N LEU E 134 13.57 32.68 -112.06
CA LEU E 134 12.82 31.43 -111.99
C LEU E 134 11.75 31.49 -113.07
N ALA E 135 11.98 30.78 -114.18
CA ALA E 135 11.09 30.88 -115.32
C ALA E 135 9.79 30.13 -115.06
N PRO E 136 8.65 30.73 -115.37
CA PRO E 136 7.35 30.10 -115.11
C PRO E 136 7.02 29.04 -116.16
N SER E 137 5.82 28.49 -116.03
CA SER E 137 5.35 27.42 -116.90
C SER E 137 3.93 27.74 -117.41
N SER E 138 3.76 28.99 -117.85
CA SER E 138 2.46 29.44 -118.32
C SER E 138 2.16 29.00 -119.74
N LYS E 139 3.15 28.46 -120.45
CA LYS E 139 3.01 28.14 -121.87
C LYS E 139 2.15 26.89 -122.12
N SER E 140 1.90 26.09 -121.10
CA SER E 140 1.10 24.87 -121.26
C SER E 140 -0.27 24.95 -120.57
N THR E 141 -0.36 25.68 -119.46
CA THR E 141 -1.61 25.78 -118.70
C THR E 141 -2.06 27.23 -118.66
N SER E 142 -2.06 27.88 -119.82
CA SER E 142 -2.48 29.28 -119.90
C SER E 142 -3.98 29.40 -119.73
N GLY E 143 -4.41 30.52 -119.16
CA GLY E 143 -5.82 30.75 -118.92
C GLY E 143 -6.16 30.80 -117.45
N GLY E 144 -5.29 30.19 -116.62
CA GLY E 144 -5.54 30.14 -115.19
C GLY E 144 -4.60 31.01 -114.39
N THR E 145 -3.60 30.41 -113.76
CA THR E 145 -2.70 31.12 -112.86
C THR E 145 -1.29 30.55 -113.01
N ALA E 146 -0.32 31.45 -113.20
CA ALA E 146 1.08 31.08 -113.32
C ALA E 146 1.86 31.68 -112.16
N ALA E 147 2.97 31.03 -111.81
CA ALA E 147 3.84 31.49 -110.75
C ALA E 147 5.23 31.74 -111.32
N LEU E 148 5.74 32.95 -111.12
CA LEU E 148 7.07 33.32 -111.60
C LEU E 148 7.82 34.05 -110.50
N GLY E 149 9.15 33.96 -110.58
CA GLY E 149 9.98 34.63 -109.62
C GLY E 149 11.41 34.74 -110.10
N CYS E 150 12.28 35.17 -109.20
CA CYS E 150 13.71 35.18 -109.47
C CYS E 150 14.45 34.72 -108.21
N LEU E 151 15.51 33.95 -108.43
CA LEU E 151 16.24 33.30 -107.35
C LEU E 151 17.43 34.15 -106.96
N VAL E 152 17.47 34.55 -105.68
CA VAL E 152 18.59 35.28 -105.12
C VAL E 152 19.50 34.27 -104.43
N LYS E 153 20.79 34.28 -104.78
CA LYS E 153 21.71 33.24 -104.35
C LYS E 153 23.11 33.81 -104.12
N ASP E 154 23.78 33.27 -103.09
CA ASP E 154 25.20 33.49 -102.79
C ASP E 154 25.51 34.97 -102.49
N TYR E 155 24.93 35.46 -101.40
CA TYR E 155 25.24 36.79 -100.89
C TYR E 155 25.56 36.72 -99.40
N PHE E 156 26.15 37.81 -98.90
CA PHE E 156 26.51 37.99 -97.50
C PHE E 156 26.79 39.47 -97.29
N PRO E 157 26.29 40.07 -96.20
CA PRO E 157 25.34 39.54 -95.21
C PRO E 157 23.88 39.94 -95.48
N GLU E 158 23.06 39.76 -94.45
CA GLU E 158 21.70 40.26 -94.35
C GLU E 158 21.71 41.79 -94.36
N PRO E 159 20.72 42.43 -95.02
CA PRO E 159 19.59 41.94 -95.83
C PRO E 159 19.70 42.23 -97.33
N VAL E 160 18.76 41.66 -98.08
CA VAL E 160 18.54 41.97 -99.48
C VAL E 160 17.05 42.27 -99.68
N THR E 161 16.75 43.48 -100.16
CA THR E 161 15.38 43.91 -100.40
C THR E 161 15.01 43.68 -101.85
N VAL E 162 13.85 43.05 -102.06
CA VAL E 162 13.36 42.71 -103.39
C VAL E 162 12.03 43.41 -103.62
N SER E 163 11.98 44.27 -104.64
CA SER E 163 10.75 44.89 -105.09
C SER E 163 10.44 44.42 -106.51
N TRP E 164 9.18 44.55 -106.90
CA TRP E 164 8.70 44.02 -108.17
C TRP E 164 8.16 45.15 -109.03
N ASN E 165 8.73 45.29 -110.24
CA ASN E 165 8.35 46.29 -111.24
C ASN E 165 8.45 47.71 -110.69
N SER E 166 9.60 47.99 -110.04
CA SER E 166 9.88 49.27 -109.36
C SER E 166 8.83 49.60 -108.31
N GLY E 167 8.38 48.58 -107.58
CA GLY E 167 7.40 48.75 -106.53
C GLY E 167 5.96 48.87 -106.98
N ALA E 168 5.71 48.88 -108.30
CA ALA E 168 4.33 49.00 -108.78
C ALA E 168 3.57 47.70 -108.64
N LEU E 169 4.25 46.56 -108.79
CA LEU E 169 3.65 45.25 -108.62
C LEU E 169 3.66 44.90 -107.14
N THR E 170 2.49 44.93 -106.51
CA THR E 170 2.36 44.69 -105.08
C THR E 170 1.51 43.48 -104.75
N SER E 171 0.44 43.23 -105.50
CA SER E 171 -0.44 42.10 -105.23
C SER E 171 0.23 40.80 -105.63
N GLY E 172 0.21 39.82 -104.73
CA GLY E 172 0.83 38.53 -104.98
C GLY E 172 2.29 38.44 -104.56
N VAL E 173 2.91 39.55 -104.18
CA VAL E 173 4.31 39.59 -103.80
C VAL E 173 4.46 38.98 -102.42
N HIS E 174 5.37 38.01 -102.29
CA HIS E 174 5.72 37.41 -101.01
C HIS E 174 7.19 37.01 -101.06
N THR E 175 8.06 37.85 -100.51
CA THR E 175 9.49 37.61 -100.48
C THR E 175 9.80 36.78 -99.23
N PHE E 176 10.54 35.69 -99.41
CA PHE E 176 10.75 34.71 -98.37
C PHE E 176 12.03 35.02 -97.58
N PRO E 177 12.11 34.61 -96.32
CA PRO E 177 13.39 34.67 -95.61
C PRO E 177 14.39 33.69 -96.19
N ALA E 178 15.67 33.94 -95.93
CA ALA E 178 16.74 33.24 -96.62
C ALA E 178 17.13 31.96 -95.88
N VAL E 179 17.99 31.18 -96.53
CA VAL E 179 18.61 29.99 -95.96
C VAL E 179 20.04 30.37 -95.55
N LEU E 180 20.67 29.49 -94.78
CA LEU E 180 22.08 29.63 -94.45
C LEU E 180 22.80 28.34 -94.82
N GLN E 181 23.50 28.35 -95.95
CA GLN E 181 24.15 27.16 -96.46
C GLN E 181 25.49 26.92 -95.76
N SER E 182 26.24 25.94 -96.28
CA SER E 182 27.49 25.54 -95.65
C SER E 182 28.61 26.54 -95.89
N SER E 183 28.51 27.33 -96.96
CA SER E 183 29.59 28.25 -97.29
C SER E 183 29.56 29.54 -96.47
N GLY E 184 28.54 29.72 -95.65
CA GLY E 184 28.38 30.96 -94.90
C GLY E 184 27.62 32.03 -95.64
N LEU E 185 27.04 31.72 -96.79
CA LEU E 185 26.29 32.67 -97.60
C LEU E 185 24.80 32.49 -97.35
N TYR E 186 24.01 33.38 -97.96
CA TYR E 186 22.57 33.37 -97.82
C TYR E 186 21.92 33.30 -99.20
N SER E 187 20.65 32.89 -99.22
CA SER E 187 19.90 32.76 -100.45
C SER E 187 18.41 32.84 -100.16
N LEU E 188 17.75 33.86 -100.71
CA LEU E 188 16.32 34.04 -100.52
C LEU E 188 15.59 33.76 -101.82
N SER E 189 14.25 33.78 -101.75
CA SER E 189 13.42 33.60 -102.92
C SER E 189 12.24 34.56 -102.85
N SER E 190 11.91 35.16 -104.00
CA SER E 190 10.74 36.02 -104.13
C SER E 190 9.96 35.58 -105.36
N VAL E 191 8.70 35.20 -105.14
CA VAL E 191 7.81 34.73 -106.19
C VAL E 191 6.50 35.48 -106.09
N VAL E 192 6.12 36.14 -107.19
CA VAL E 192 4.84 36.82 -107.29
C VAL E 192 3.87 35.91 -108.03
N THR E 193 2.61 35.92 -107.60
CA THR E 193 1.55 35.13 -108.22
C THR E 193 0.82 36.00 -109.23
N VAL E 194 0.88 35.62 -110.49
CA VAL E 194 0.35 36.43 -111.59
C VAL E 194 -0.73 35.64 -112.30
N PRO E 195 -1.69 36.33 -112.94
CA PRO E 195 -2.59 35.64 -113.87
C PRO E 195 -1.82 35.17 -115.10
N SER E 196 -2.17 33.98 -115.58
CA SER E 196 -1.44 33.36 -116.68
C SER E 196 -1.73 34.01 -118.04
N SER E 197 -2.77 34.84 -118.14
CA SER E 197 -3.11 35.52 -119.37
C SER E 197 -2.42 36.87 -119.52
N SER E 198 -1.52 37.22 -118.61
CA SER E 198 -0.84 38.51 -118.64
C SER E 198 0.66 38.41 -118.88
N LEU E 199 1.17 37.23 -119.26
CA LEU E 199 2.61 37.10 -119.45
C LEU E 199 3.05 37.42 -120.87
N GLY E 200 2.11 37.50 -121.81
CA GLY E 200 2.47 37.83 -123.18
C GLY E 200 2.49 39.33 -123.44
N THR E 201 2.01 40.12 -122.48
CA THR E 201 1.95 41.56 -122.60
C THR E 201 2.76 42.28 -121.54
N GLN E 202 2.77 41.78 -120.30
CA GLN E 202 3.42 42.45 -119.19
C GLN E 202 4.79 41.83 -118.92
N THR E 203 5.79 42.69 -118.79
CA THR E 203 7.14 42.26 -118.45
C THR E 203 7.33 42.39 -116.94
N TYR E 204 7.80 41.33 -116.29
CA TYR E 204 7.94 41.28 -114.85
C TYR E 204 9.41 41.32 -114.48
N ILE E 205 9.81 42.37 -113.75
CA ILE E 205 11.18 42.60 -113.36
C ILE E 205 11.24 42.64 -111.84
N CYS E 206 12.14 41.85 -111.25
CA CYS E 206 12.40 41.93 -109.83
C CYS E 206 13.63 42.80 -109.60
N ASN E 207 13.54 43.68 -108.61
CA ASN E 207 14.60 44.64 -108.31
C ASN E 207 15.31 44.18 -107.05
N VAL E 208 16.48 43.59 -107.21
CA VAL E 208 17.26 43.01 -106.12
C VAL E 208 18.32 44.01 -105.69
N ASN E 209 18.25 44.43 -104.43
CA ASN E 209 19.17 45.43 -103.89
C ASN E 209 19.88 44.82 -102.68
N HIS E 210 21.20 44.86 -102.70
CA HIS E 210 22.03 44.41 -101.59
C HIS E 210 22.85 45.62 -101.14
N LYS E 211 22.44 46.23 -100.04
CA LYS E 211 23.05 47.48 -99.60
C LYS E 211 24.44 47.37 -98.99
N PRO E 212 24.80 46.35 -98.17
CA PRO E 212 26.21 46.29 -97.72
C PRO E 212 27.22 45.94 -98.81
N SER E 213 26.77 45.41 -99.95
CA SER E 213 27.68 45.10 -101.05
C SER E 213 27.50 46.03 -102.25
N ASN E 214 26.52 46.94 -102.19
CA ASN E 214 26.19 47.90 -103.25
C ASN E 214 25.87 47.20 -104.58
N THR E 215 24.99 46.21 -104.52
CA THR E 215 24.63 45.41 -105.69
C THR E 215 23.16 45.63 -106.02
N LYS E 216 22.89 46.19 -107.18
CA LYS E 216 21.53 46.38 -107.68
C LYS E 216 21.43 45.71 -109.05
N VAL E 217 20.86 44.51 -109.07
CA VAL E 217 20.70 43.72 -110.28
C VAL E 217 19.22 43.70 -110.65
N ASP E 218 18.90 44.20 -111.84
CA ASP E 218 17.55 44.15 -112.38
C ASP E 218 17.48 43.01 -113.38
N LYS E 219 16.73 41.97 -113.04
CA LYS E 219 16.62 40.78 -113.87
C LYS E 219 15.18 40.59 -114.31
N ARG E 220 15.00 40.31 -115.61
CA ARG E 220 13.67 40.08 -116.15
C ARG E 220 13.31 38.61 -116.06
N VAL E 221 12.03 38.33 -115.84
CA VAL E 221 11.52 36.97 -115.70
C VAL E 221 10.59 36.73 -116.89
N GLU E 222 11.10 35.99 -117.87
CA GLU E 222 10.38 35.67 -119.10
C GLU E 222 10.05 34.18 -119.14
N PRO E 223 8.92 33.81 -119.75
CA PRO E 223 8.61 32.38 -119.90
C PRO E 223 9.54 31.71 -120.90
N LYS E 224 9.72 30.41 -120.73
CA LYS E 224 10.59 29.62 -121.61
C LYS E 224 9.97 29.44 -122.98
N GLN F 1 20.90 6.90 -79.30
CA GLN F 1 22.24 6.74 -78.74
C GLN F 1 23.01 8.05 -78.72
N SER F 2 23.41 8.52 -79.90
CA SER F 2 24.12 9.79 -79.99
C SER F 2 23.17 10.96 -79.76
N VAL F 3 21.99 10.93 -80.37
CA VAL F 3 20.94 11.91 -80.14
C VAL F 3 19.69 11.14 -79.73
N LEU F 4 19.09 11.56 -78.62
CA LEU F 4 17.88 10.90 -78.13
C LEU F 4 16.71 11.17 -79.05
N THR F 5 15.95 10.11 -79.34
CA THR F 5 14.88 10.15 -80.34
C THR F 5 13.66 10.82 -79.73
N GLN F 6 13.21 11.90 -80.34
CA GLN F 6 12.02 12.63 -80.00
C GLN F 6 11.12 12.81 -81.21
N PRO F 7 9.82 13.02 -81.03
CA PRO F 7 9.02 13.55 -82.14
C PRO F 7 9.43 14.98 -82.45
N ARG F 8 9.36 15.33 -83.74
CA ARG F 8 9.81 16.65 -84.17
C ARG F 8 8.83 17.73 -83.74
N SER F 9 7.55 17.40 -83.67
CA SER F 9 6.50 18.32 -83.27
C SER F 9 5.32 17.54 -82.74
N VAL F 10 4.66 18.11 -81.73
CA VAL F 10 3.44 17.55 -81.19
C VAL F 10 2.39 18.66 -81.15
N SER F 11 1.27 18.43 -81.84
CA SER F 11 0.16 19.37 -81.88
C SER F 11 -0.91 18.94 -80.91
N GLY F 12 -1.43 19.88 -80.15
CA GLY F 12 -2.46 19.58 -79.16
C GLY F 12 -3.38 20.76 -78.96
N SER F 13 -4.62 20.45 -78.64
CA SER F 13 -5.61 21.47 -78.36
C SER F 13 -5.33 22.10 -76.99
N PRO F 14 -5.64 23.38 -76.81
CA PRO F 14 -5.39 24.03 -75.52
C PRO F 14 -6.31 23.50 -74.44
N GLY F 15 -5.75 23.29 -73.25
CA GLY F 15 -6.46 22.66 -72.16
C GLY F 15 -6.39 21.15 -72.14
N GLN F 16 -5.90 20.53 -73.21
CA GLN F 16 -5.84 19.07 -73.30
C GLN F 16 -4.48 18.56 -72.79
N SER F 17 -4.21 17.28 -73.04
CA SER F 17 -2.97 16.65 -72.61
C SER F 17 -2.23 16.11 -73.83
N VAL F 18 -0.92 16.24 -73.81
CA VAL F 18 -0.04 15.69 -74.83
C VAL F 18 1.04 14.85 -74.16
N THR F 19 1.54 13.87 -74.91
CA THR F 19 2.58 12.97 -74.43
C THR F 19 3.71 12.94 -75.44
N ILE F 20 4.90 13.32 -75.00
CA ILE F 20 6.05 13.48 -75.88
C ILE F 20 7.12 12.47 -75.47
N SER F 21 7.50 11.62 -76.41
CA SER F 21 8.39 10.52 -76.11
C SER F 21 9.85 10.97 -76.13
N CYS F 22 10.67 10.29 -75.33
CA CYS F 22 12.12 10.49 -75.34
C CYS F 22 12.75 9.09 -75.42
N THR F 23 12.96 8.61 -76.63
CA THR F 23 13.42 7.25 -76.87
C THR F 23 14.93 7.22 -76.91
N GLY F 24 15.54 6.49 -75.99
CA GLY F 24 16.98 6.33 -75.98
C GLY F 24 17.40 4.88 -75.99
N THR F 25 18.54 4.58 -75.37
CA THR F 25 19.07 3.21 -75.32
C THR F 25 19.19 2.75 -73.86
N SER F 26 19.60 1.50 -73.69
CA SER F 26 19.79 0.94 -72.36
C SER F 26 21.00 1.53 -71.66
N SER F 27 22.01 1.96 -72.40
CA SER F 27 23.16 2.64 -71.84
C SER F 27 22.90 4.12 -71.61
N ASP F 28 21.74 4.63 -72.03
CA ASP F 28 21.43 6.05 -71.92
C ASP F 28 20.25 6.21 -70.98
N VAL F 29 19.17 5.44 -71.16
CA VAL F 29 17.96 5.69 -70.39
C VAL F 29 17.77 4.63 -69.32
N GLY F 30 17.85 3.36 -69.69
CA GLY F 30 17.55 2.30 -68.74
C GLY F 30 18.65 2.01 -67.74
N ALA F 31 19.82 2.64 -67.91
CA ALA F 31 20.92 2.42 -66.98
C ALA F 31 20.64 3.06 -65.62
N TYR F 32 20.38 4.36 -65.61
CA TYR F 32 20.15 5.09 -64.37
C TYR F 32 18.72 5.61 -64.37
N ASN F 33 18.43 6.47 -63.39
CA ASN F 33 17.15 7.16 -63.27
C ASN F 33 17.26 8.65 -63.55
N TYR F 34 18.33 9.09 -64.21
CA TYR F 34 18.62 10.52 -64.35
C TYR F 34 18.26 11.03 -65.74
N VAL F 35 16.97 11.36 -65.90
CA VAL F 35 16.42 11.89 -67.14
C VAL F 35 15.78 13.24 -66.83
N SER F 36 16.05 14.22 -67.69
CA SER F 36 15.55 15.57 -67.48
C SER F 36 14.60 15.96 -68.59
N TRP F 37 13.94 17.10 -68.41
CA TRP F 37 13.11 17.71 -69.43
C TRP F 37 13.30 19.22 -69.39
N TYR F 38 13.50 19.81 -70.57
CA TYR F 38 13.95 21.19 -70.71
C TYR F 38 13.05 21.95 -71.67
N GLN F 39 12.44 23.02 -71.17
CA GLN F 39 11.62 23.92 -71.98
C GLN F 39 12.46 25.13 -72.37
N GLN F 40 12.57 25.38 -73.68
CA GLN F 40 13.37 26.48 -74.19
C GLN F 40 12.50 27.39 -75.06
N HIS F 41 12.22 28.59 -74.56
CA HIS F 41 11.56 29.60 -75.36
C HIS F 41 12.50 30.07 -76.47
N PRO F 42 11.95 30.42 -77.64
CA PRO F 42 12.79 30.97 -78.72
C PRO F 42 13.30 32.36 -78.37
N GLY F 43 14.60 32.56 -78.59
CA GLY F 43 15.24 33.80 -78.20
C GLY F 43 15.66 33.86 -76.75
N LYS F 44 15.49 32.77 -76.01
CA LYS F 44 15.85 32.72 -74.61
C LYS F 44 16.60 31.41 -74.33
N ALA F 45 17.04 31.29 -73.08
CA ALA F 45 17.72 30.08 -72.62
C ALA F 45 16.71 28.97 -72.37
N PRO F 46 17.16 27.72 -72.25
CA PRO F 46 16.25 26.66 -71.77
C PRO F 46 15.86 26.83 -70.31
N LYS F 47 14.91 26.01 -69.87
CA LYS F 47 14.43 26.02 -68.50
C LYS F 47 14.08 24.61 -68.08
N LEU F 48 14.57 24.22 -66.91
CA LEU F 48 14.30 22.90 -66.34
C LEU F 48 12.85 22.78 -65.89
N MET F 49 12.25 21.62 -66.17
CA MET F 49 10.89 21.33 -65.74
C MET F 49 10.73 20.00 -65.02
N ILE F 50 11.58 19.01 -65.31
CA ILE F 50 11.45 17.66 -64.75
C ILE F 50 12.84 17.12 -64.45
N TYR F 51 13.05 16.67 -63.22
CA TYR F 51 14.13 15.75 -62.90
C TYR F 51 13.54 14.37 -62.66
N ASP F 52 14.41 13.34 -62.78
CA ASP F 52 14.30 12.04 -62.09
C ASP F 52 12.90 11.43 -62.18
N VAL F 53 12.55 10.95 -63.37
CA VAL F 53 11.34 11.27 -64.14
C VAL F 53 10.10 11.65 -63.32
N SER F 54 9.87 10.97 -62.18
CA SER F 54 8.74 11.20 -61.29
C SER F 54 8.43 12.66 -60.90
N ALA F 55 9.36 13.41 -60.31
CA ALA F 55 8.97 14.66 -59.65
C ALA F 55 9.46 15.90 -60.40
N ARG F 56 9.12 17.11 -59.83
CA ARG F 56 9.29 18.46 -60.38
C ARG F 56 10.14 19.33 -59.47
N PRO F 57 10.88 20.32 -60.01
CA PRO F 57 11.59 21.28 -59.15
C PRO F 57 10.69 22.37 -58.59
N SER F 58 11.29 23.33 -57.90
CA SER F 58 10.54 24.46 -57.37
C SER F 58 10.15 25.42 -58.48
N GLY F 59 8.96 26.00 -58.37
CA GLY F 59 8.47 26.95 -59.36
C GLY F 59 7.82 26.33 -60.57
N VAL F 60 8.02 25.04 -60.80
CA VAL F 60 7.44 24.33 -61.94
C VAL F 60 5.99 23.99 -61.58
N PRO F 61 5.01 24.37 -62.40
CA PRO F 61 3.62 23.97 -62.13
C PRO F 61 3.42 22.47 -62.30
N ASP F 62 2.38 21.96 -61.64
CA ASP F 62 2.10 20.52 -61.64
C ASP F 62 1.53 20.01 -62.96
N ARG F 63 1.33 20.88 -63.95
CA ARG F 63 0.95 20.46 -65.29
C ARG F 63 2.02 19.61 -65.95
N PHE F 64 3.29 19.84 -65.63
CA PHE F 64 4.39 19.04 -66.15
C PHE F 64 4.44 17.72 -65.38
N SER F 65 4.52 16.60 -66.10
CA SER F 65 4.62 15.29 -65.50
C SER F 65 5.31 14.33 -66.45
N GLY F 66 5.94 13.31 -65.89
CA GLY F 66 6.72 12.38 -66.67
C GLY F 66 6.41 10.94 -66.33
N SER F 67 6.70 10.05 -67.27
CA SER F 67 6.58 8.61 -67.06
C SER F 67 7.66 7.91 -67.86
N LYS F 68 8.31 6.94 -67.22
CA LYS F 68 9.39 6.21 -67.86
C LYS F 68 9.26 4.72 -67.57
N SER F 69 9.36 3.92 -68.63
CA SER F 69 9.44 2.47 -68.52
C SER F 69 10.39 1.96 -69.59
N GLY F 70 11.42 1.23 -69.17
CA GLY F 70 12.39 0.71 -70.11
C GLY F 70 13.37 1.76 -70.63
N ASN F 71 13.27 2.08 -71.91
CA ASN F 71 14.18 3.02 -72.55
C ASN F 71 13.46 4.18 -73.22
N THR F 72 12.26 4.53 -72.77
CA THR F 72 11.51 5.63 -73.35
C THR F 72 10.90 6.46 -72.22
N ALA F 73 11.29 7.73 -72.15
CA ALA F 73 10.67 8.68 -71.25
C ALA F 73 9.48 9.31 -71.94
N SER F 74 8.57 9.85 -71.15
CA SER F 74 7.33 10.40 -71.69
C SER F 74 6.88 11.59 -70.86
N LEU F 75 7.17 12.79 -71.35
CA LEU F 75 6.70 14.02 -70.74
C LEU F 75 5.22 14.18 -71.03
N THR F 76 4.44 14.43 -69.98
CA THR F 76 3.00 14.62 -70.12
C THR F 76 2.62 15.97 -69.53
N ILE F 77 2.09 16.86 -70.38
CA ILE F 77 1.65 18.18 -69.97
C ILE F 77 0.14 18.25 -70.13
N SER F 78 -0.56 18.25 -69.00
CA SER F 78 -2.01 18.37 -68.98
C SER F 78 -2.40 19.84 -68.87
N GLY F 79 -3.51 20.18 -69.53
CA GLY F 79 -3.97 21.55 -69.55
C GLY F 79 -3.03 22.48 -70.29
N LEU F 80 -2.97 22.33 -71.61
CA LEU F 80 -2.04 23.12 -72.43
C LEU F 80 -2.42 24.59 -72.43
N GLN F 81 -1.46 25.42 -72.07
CA GLN F 81 -1.61 26.87 -72.13
C GLN F 81 -0.75 27.38 -73.28
N ALA F 82 -0.99 28.64 -73.67
CA ALA F 82 -0.25 29.22 -74.79
C ALA F 82 1.19 29.55 -74.42
N GLU F 83 1.51 29.60 -73.13
CA GLU F 83 2.87 29.88 -72.71
C GLU F 83 3.76 28.64 -72.72
N ASP F 84 3.18 27.46 -72.98
CA ASP F 84 3.96 26.23 -73.12
C ASP F 84 4.48 26.04 -74.54
N GLU F 85 4.11 26.92 -75.46
CA GLU F 85 4.49 26.79 -76.87
C GLU F 85 5.96 27.16 -77.06
N ALA F 86 6.84 26.17 -77.06
CA ALA F 86 8.28 26.38 -77.16
C ALA F 86 8.92 25.08 -77.62
N ASP F 87 10.24 25.04 -77.54
CA ASP F 87 11.01 23.84 -77.86
C ASP F 87 11.24 23.02 -76.60
N TYR F 88 11.15 21.71 -76.74
CA TYR F 88 11.26 20.78 -75.62
C TYR F 88 12.46 19.86 -75.83
N TYR F 89 13.20 19.61 -74.76
CA TYR F 89 14.43 18.85 -74.83
C TYR F 89 14.53 17.93 -73.61
N CYS F 90 14.85 16.67 -73.87
CA CYS F 90 15.13 15.70 -72.83
C CYS F 90 16.61 15.35 -72.82
N CYS F 91 17.16 15.20 -71.62
CA CYS F 91 18.58 14.90 -71.48
C CYS F 91 18.75 13.83 -70.42
N SER F 92 19.73 12.96 -70.64
CA SER F 92 20.06 11.87 -69.73
C SER F 92 21.55 11.93 -69.40
N TYR F 93 21.90 11.55 -68.18
CA TYR F 93 23.28 11.49 -67.74
C TYR F 93 23.54 10.17 -67.03
N ALA F 94 24.15 9.22 -67.74
CA ALA F 94 24.70 8.04 -67.11
C ALA F 94 26.20 8.26 -67.02
N GLY F 95 26.90 8.50 -68.12
CA GLY F 95 28.29 8.88 -68.08
C GLY F 95 28.50 10.21 -68.77
N SER F 96 27.59 10.56 -69.68
CA SER F 96 27.66 11.80 -70.43
C SER F 96 26.25 12.36 -70.61
N TRP F 97 26.18 13.64 -70.93
CA TRP F 97 24.92 14.32 -71.16
C TRP F 97 24.53 14.23 -72.62
N VAL F 98 23.48 13.46 -72.90
CA VAL F 98 22.99 13.24 -74.26
C VAL F 98 21.63 13.91 -74.37
N PHE F 99 21.53 14.91 -75.24
CA PHE F 99 20.27 15.64 -75.40
C PHE F 99 19.35 14.93 -76.39
N GLY F 100 18.16 15.49 -76.55
CA GLY F 100 17.17 14.95 -77.46
C GLY F 100 17.18 15.62 -78.82
N GLY F 101 16.37 15.08 -79.72
CA GLY F 101 16.28 15.60 -81.07
C GLY F 101 15.60 16.94 -81.20
N GLY F 102 14.78 17.33 -80.24
CA GLY F 102 14.05 18.58 -80.33
C GLY F 102 12.59 18.37 -80.68
N THR F 103 11.73 19.06 -79.93
CA THR F 103 10.29 18.92 -80.07
C THR F 103 9.64 20.29 -79.95
N LYS F 104 9.01 20.74 -81.02
CA LYS F 104 8.30 22.02 -81.04
C LYS F 104 6.83 21.77 -80.69
N LEU F 105 6.43 22.18 -79.50
CA LEU F 105 5.02 22.12 -79.11
C LEU F 105 4.28 23.27 -79.77
N THR F 106 3.18 22.96 -80.46
CA THR F 106 2.36 23.96 -81.11
C THR F 106 0.99 24.02 -80.46
N VAL F 107 0.74 25.10 -79.73
CA VAL F 107 -0.56 25.32 -79.08
C VAL F 107 -1.51 25.87 -80.13
N LEU F 108 -2.52 25.08 -80.48
CA LEU F 108 -3.41 25.44 -81.58
C LEU F 108 -4.33 26.57 -81.18
N SER F 109 -4.26 27.67 -81.93
CA SER F 109 -5.11 28.83 -81.68
C SER F 109 -5.97 29.20 -82.88
N GLN F 110 -5.82 28.50 -84.00
CA GLN F 110 -6.57 28.76 -85.22
C GLN F 110 -6.67 27.44 -85.99
N PRO F 111 -7.66 27.29 -86.87
CA PRO F 111 -7.85 26.00 -87.56
C PRO F 111 -6.71 25.63 -88.51
N LYS F 112 -6.69 24.36 -88.89
CA LYS F 112 -5.54 23.79 -89.60
C LYS F 112 -5.52 24.25 -91.05
N ALA F 113 -4.32 24.63 -91.54
CA ALA F 113 -4.12 25.11 -92.89
C ALA F 113 -3.14 24.20 -93.63
N ALA F 114 -3.50 23.79 -94.83
CA ALA F 114 -2.66 22.91 -95.62
C ALA F 114 -1.64 23.72 -96.42
N PRO F 115 -0.40 23.24 -96.52
CA PRO F 115 0.63 24.03 -97.21
C PRO F 115 0.47 24.00 -98.73
N SER F 116 0.60 25.18 -99.33
CA SER F 116 0.63 25.32 -100.78
C SER F 116 2.09 25.27 -101.23
N VAL F 117 2.39 24.30 -102.09
CA VAL F 117 3.75 24.03 -102.53
C VAL F 117 3.86 24.40 -103.99
N THR F 118 4.88 25.19 -104.33
CA THR F 118 5.18 25.55 -105.71
C THR F 118 6.64 25.26 -105.97
N LEU F 119 6.91 24.27 -106.81
CA LEU F 119 8.27 23.83 -107.11
C LEU F 119 8.74 24.48 -108.41
N PHE F 120 9.96 25.00 -108.40
CA PHE F 120 10.54 25.63 -109.57
C PHE F 120 11.80 24.89 -110.01
N PRO F 121 12.00 24.69 -111.30
CA PRO F 121 13.28 24.19 -111.78
C PRO F 121 14.33 25.28 -111.74
N PRO F 122 15.61 24.93 -111.70
CA PRO F 122 16.65 25.96 -111.84
C PRO F 122 16.65 26.53 -113.25
N SER F 123 17.04 27.80 -113.36
CA SER F 123 16.93 28.52 -114.62
C SER F 123 17.97 28.05 -115.62
N SER F 124 17.74 28.39 -116.89
CA SER F 124 18.70 28.07 -117.94
C SER F 124 19.96 28.89 -117.80
N GLU F 125 19.84 30.10 -117.25
CA GLU F 125 21.02 30.94 -117.02
C GLU F 125 21.88 30.38 -115.89
N GLU F 126 21.26 29.67 -114.94
CA GLU F 126 22.05 28.98 -113.91
C GLU F 126 22.68 27.72 -114.47
N LEU F 127 21.99 27.03 -115.39
CA LEU F 127 22.54 25.84 -116.02
C LEU F 127 23.70 26.17 -116.94
N GLN F 128 23.72 27.38 -117.50
CA GLN F 128 24.90 27.84 -118.23
C GLN F 128 26.03 28.24 -117.29
N ALA F 129 25.71 28.54 -116.03
CA ALA F 129 26.71 28.88 -115.03
C ALA F 129 27.20 27.66 -114.26
N ASN F 130 26.97 26.46 -114.79
CA ASN F 130 27.40 25.17 -114.24
C ASN F 130 26.86 24.93 -112.82
N LYS F 131 25.66 25.42 -112.54
CA LYS F 131 25.02 25.25 -111.24
C LYS F 131 23.55 24.91 -111.43
N ALA F 132 22.93 24.43 -110.35
CA ALA F 132 21.52 24.09 -110.35
C ALA F 132 20.99 24.19 -108.92
N THR F 133 19.89 24.93 -108.75
CA THR F 133 19.25 25.04 -107.45
C THR F 133 17.76 24.83 -107.62
N LEU F 134 17.25 23.73 -107.08
CA LEU F 134 15.82 23.46 -107.08
C LEU F 134 15.14 24.28 -105.99
N VAL F 135 13.99 24.86 -106.32
CA VAL F 135 13.33 25.84 -105.47
C VAL F 135 11.97 25.29 -105.08
N CYS F 136 11.86 24.80 -103.83
CA CYS F 136 10.61 24.28 -103.29
C CYS F 136 10.14 25.22 -102.19
N LEU F 137 8.92 25.75 -102.35
CA LEU F 137 8.42 26.84 -101.52
C LEU F 137 7.18 26.38 -100.77
N ILE F 138 7.14 26.68 -99.47
CA ILE F 138 6.05 26.26 -98.60
C ILE F 138 5.43 27.51 -97.98
N SER F 139 4.10 27.61 -98.02
CA SER F 139 3.41 28.77 -97.48
C SER F 139 2.00 28.38 -97.08
N ASP F 140 1.40 29.23 -96.22
CA ASP F 140 0.01 29.18 -95.81
C ASP F 140 -0.35 27.88 -95.09
N PHE F 141 0.40 27.54 -94.04
CA PHE F 141 0.22 26.30 -93.32
C PHE F 141 0.21 26.55 -91.81
N TYR F 142 -0.67 25.83 -91.12
CA TYR F 142 -0.75 25.85 -89.66
C TYR F 142 -1.33 24.50 -89.26
N PRO F 143 -0.80 23.84 -88.22
CA PRO F 143 0.32 24.12 -87.30
C PRO F 143 1.69 24.12 -87.97
N GLY F 144 2.66 24.76 -87.33
CA GLY F 144 3.95 24.99 -87.94
C GLY F 144 4.89 23.80 -87.90
N ALA F 145 4.66 22.83 -88.78
CA ALA F 145 5.48 21.62 -88.79
C ALA F 145 5.45 21.02 -90.19
N VAL F 146 6.53 21.21 -90.96
CA VAL F 146 6.70 20.56 -92.25
C VAL F 146 8.05 19.88 -92.30
N THR F 147 8.10 18.75 -93.00
CA THR F 147 9.33 18.06 -93.31
C THR F 147 9.42 17.85 -94.81
N VAL F 148 10.50 18.32 -95.41
CA VAL F 148 10.69 18.33 -96.86
C VAL F 148 11.35 17.02 -97.28
N ALA F 149 10.74 16.32 -98.23
CA ALA F 149 11.27 15.08 -98.76
C ALA F 149 11.47 15.21 -100.27
N TRP F 150 12.72 15.32 -100.69
CA TRP F 150 13.08 15.35 -102.10
C TRP F 150 13.01 13.94 -102.66
N LYS F 151 12.84 13.83 -103.98
CA LYS F 151 12.68 12.52 -104.61
C LYS F 151 13.23 12.57 -106.03
N ALA F 152 13.95 11.52 -106.43
CA ALA F 152 14.41 11.39 -107.81
C ALA F 152 13.78 10.17 -108.47
N ASP F 153 12.55 10.37 -108.97
CA ASP F 153 11.69 9.47 -109.76
C ASP F 153 11.12 8.27 -109.01
N SER F 154 11.80 7.80 -107.96
CA SER F 154 11.21 7.02 -106.89
C SER F 154 12.00 7.15 -105.59
N SER F 155 13.09 7.91 -105.59
CA SER F 155 14.08 7.62 -104.57
C SER F 155 14.44 8.85 -103.75
N PRO F 156 14.55 8.70 -102.43
CA PRO F 156 14.86 9.86 -101.59
C PRO F 156 16.30 10.32 -101.73
N VAL F 157 16.45 11.65 -101.81
CA VAL F 157 17.76 12.29 -101.89
C VAL F 157 17.90 13.20 -100.68
N LYS F 158 18.99 13.02 -99.92
CA LYS F 158 19.19 13.75 -98.68
C LYS F 158 20.39 14.70 -98.71
N ALA F 159 21.28 14.57 -99.69
CA ALA F 159 22.48 15.41 -99.75
C ALA F 159 22.17 16.71 -100.50
N GLY F 160 22.81 17.78 -100.04
CA GLY F 160 22.61 19.08 -100.66
C GLY F 160 21.26 19.70 -100.39
N VAL F 161 20.74 19.59 -99.16
CA VAL F 161 19.41 20.06 -98.81
C VAL F 161 19.54 21.20 -97.80
N GLU F 162 19.04 22.37 -98.16
CA GLU F 162 19.00 23.52 -97.28
C GLU F 162 17.55 23.99 -97.16
N THR F 163 17.01 23.93 -95.94
CA THR F 163 15.60 24.20 -95.71
C THR F 163 15.45 25.20 -94.58
N THR F 164 14.57 26.19 -94.77
CA THR F 164 14.34 27.21 -93.76
C THR F 164 13.37 26.71 -92.70
N THR F 165 13.73 26.94 -91.43
CA THR F 165 12.82 26.75 -90.32
C THR F 165 11.61 27.66 -90.48
N PRO F 166 10.39 27.16 -90.29
CA PRO F 166 9.18 27.97 -90.56
C PRO F 166 9.05 29.20 -89.67
N SER F 167 8.94 30.35 -90.32
CA SER F 167 8.79 31.65 -89.65
C SER F 167 7.45 32.24 -90.03
N LYS F 168 7.03 33.26 -89.28
CA LYS F 168 5.68 33.80 -89.42
C LYS F 168 5.54 34.61 -90.70
N GLN F 169 4.43 34.40 -91.41
CA GLN F 169 4.02 35.32 -92.46
C GLN F 169 2.96 36.27 -91.87
N SER F 170 2.31 37.06 -92.73
CA SER F 170 1.54 38.20 -92.25
C SER F 170 0.19 37.78 -91.66
N ASN F 171 -0.43 36.73 -92.21
CA ASN F 171 -1.79 36.36 -91.80
C ASN F 171 -1.81 35.25 -90.75
N ASN F 172 -0.84 35.24 -89.83
CA ASN F 172 -0.69 34.33 -88.69
C ASN F 172 -0.44 32.88 -89.07
N LYS F 173 -0.26 32.58 -90.35
CA LYS F 173 0.26 31.28 -90.76
C LYS F 173 1.77 31.41 -90.91
N TYR F 174 2.43 30.33 -91.33
CA TYR F 174 3.89 30.37 -91.43
C TYR F 174 4.31 30.21 -92.89
N ALA F 175 5.60 30.48 -93.13
CA ALA F 175 6.18 30.35 -94.45
C ALA F 175 7.50 29.61 -94.35
N ALA F 176 7.90 28.96 -95.44
CA ALA F 176 9.12 28.17 -95.45
C ALA F 176 9.64 28.08 -96.88
N SER F 177 10.82 27.49 -97.01
CA SER F 177 11.47 27.27 -98.30
C SER F 177 12.52 26.18 -98.14
N SER F 178 12.72 25.42 -99.21
CA SER F 178 13.72 24.35 -99.23
C SER F 178 14.47 24.38 -100.55
N TYR F 179 15.79 24.20 -100.47
CA TYR F 179 16.67 24.30 -101.63
C TYR F 179 17.39 22.98 -101.83
N LEU F 180 17.46 22.52 -103.07
CA LEU F 180 18.25 21.36 -103.47
C LEU F 180 19.30 21.82 -104.47
N SER F 181 20.56 21.84 -104.04
CA SER F 181 21.67 22.24 -104.89
C SER F 181 22.25 21.00 -105.55
N LEU F 182 22.27 20.99 -106.88
CA LEU F 182 22.75 19.86 -107.67
C LEU F 182 23.64 20.37 -108.79
N THR F 183 24.19 19.42 -109.54
CA THR F 183 24.93 19.75 -110.75
C THR F 183 23.98 19.73 -111.94
N PRO F 184 24.30 20.44 -113.02
CA PRO F 184 23.48 20.34 -114.24
C PRO F 184 23.54 18.97 -114.91
N GLU F 185 24.55 18.16 -114.62
CA GLU F 185 24.64 16.83 -115.21
C GLU F 185 23.70 15.84 -114.52
N GLN F 186 23.47 16.05 -113.22
CA GLN F 186 22.50 15.21 -112.51
C GLN F 186 21.07 15.65 -112.81
N TRP F 187 20.90 16.92 -113.20
CA TRP F 187 19.57 17.42 -113.56
C TRP F 187 19.06 16.78 -114.84
N LYS F 188 19.91 16.70 -115.87
CA LYS F 188 19.51 16.19 -117.16
C LYS F 188 19.65 14.67 -117.27
N SER F 189 19.99 13.98 -116.19
CA SER F 189 20.18 12.53 -116.25
C SER F 189 18.88 11.78 -115.96
N HIS F 190 18.17 12.17 -114.91
CA HIS F 190 16.96 11.46 -114.51
C HIS F 190 15.74 12.04 -115.23
N ARG F 191 14.55 11.62 -114.80
CA ARG F 191 13.34 11.96 -115.54
C ARG F 191 12.49 13.03 -114.86
N SER F 192 12.31 12.95 -113.55
CA SER F 192 11.50 13.95 -112.85
C SER F 192 11.94 14.00 -111.39
N TYR F 193 11.87 15.20 -110.82
CA TYR F 193 12.22 15.44 -109.43
C TYR F 193 11.00 15.96 -108.69
N SER F 194 10.82 15.51 -107.46
CA SER F 194 9.64 15.82 -106.67
C SER F 194 10.04 16.35 -105.30
N CYS F 195 9.27 17.32 -104.80
CA CYS F 195 9.43 17.88 -103.47
C CYS F 195 8.19 17.55 -102.65
N GLN F 196 8.32 16.59 -101.73
CA GLN F 196 7.22 16.15 -100.88
C GLN F 196 7.33 16.83 -99.53
N VAL F 197 6.23 17.40 -99.07
CA VAL F 197 6.14 17.99 -97.73
C VAL F 197 5.27 17.06 -96.90
N THR F 198 5.40 17.15 -95.59
CA THR F 198 4.55 16.41 -94.67
C THR F 198 4.11 17.33 -93.55
N HIS F 199 2.83 17.67 -93.53
CA HIS F 199 2.27 18.65 -92.60
C HIS F 199 1.13 18.01 -91.84
N GLU F 200 1.39 17.66 -90.57
CA GLU F 200 0.46 16.97 -89.68
C GLU F 200 -0.04 15.66 -90.28
N GLY F 201 0.87 14.98 -90.98
CA GLY F 201 0.55 13.73 -91.65
C GLY F 201 0.06 13.86 -93.07
N SER F 202 -0.26 15.07 -93.52
CA SER F 202 -0.76 15.30 -94.87
C SER F 202 0.39 15.59 -95.82
N THR F 203 0.33 15.00 -97.01
CA THR F 203 1.41 15.09 -97.98
C THR F 203 0.93 15.78 -99.25
N VAL F 204 1.61 16.85 -99.63
CA VAL F 204 1.38 17.56 -100.88
C VAL F 204 2.65 17.48 -101.72
N GLU F 205 2.53 16.91 -102.91
CA GLU F 205 3.68 16.63 -103.77
C GLU F 205 3.58 17.42 -105.06
N LYS F 206 4.68 18.08 -105.44
CA LYS F 206 4.80 18.79 -106.69
C LYS F 206 6.00 18.26 -107.46
N THR F 207 5.85 18.16 -108.79
CA THR F 207 6.84 17.50 -109.63
C THR F 207 7.13 18.37 -110.85
N VAL F 208 8.41 18.58 -111.13
CA VAL F 208 8.85 19.33 -112.30
C VAL F 208 9.62 18.39 -113.22
N ALA F 209 9.92 18.89 -114.42
CA ALA F 209 10.61 18.13 -115.44
C ALA F 209 11.76 18.93 -116.03
N PRO F 210 12.87 18.28 -116.39
CA PRO F 210 14.00 19.00 -117.02
C PRO F 210 13.73 19.44 -118.44
N THR F 211 12.64 19.02 -119.07
CA THR F 211 12.33 19.37 -120.45
C THR F 211 11.93 20.85 -120.58
N ALA G 27 12.65 -49.32 42.39
CA ALA G 27 12.73 -48.32 43.45
C ALA G 27 12.26 -46.96 42.94
N TYR G 28 11.57 -46.22 43.80
CA TYR G 28 10.99 -44.95 43.44
C TYR G 28 10.90 -44.08 44.68
N THR G 29 11.02 -42.77 44.50
CA THR G 29 10.79 -41.80 45.56
C THR G 29 10.04 -40.61 44.96
N ASN G 30 9.68 -39.67 45.83
CA ASN G 30 8.81 -38.57 45.44
C ASN G 30 9.63 -37.33 45.10
N SER G 31 9.55 -36.89 43.85
CA SER G 31 10.25 -35.68 43.41
C SER G 31 9.49 -34.48 43.95
N PHE G 32 9.88 -34.03 45.13
CA PHE G 32 9.09 -33.03 45.84
C PHE G 32 9.02 -31.69 45.12
N THR G 33 10.10 -30.90 45.18
CA THR G 33 10.13 -29.59 44.54
C THR G 33 11.51 -29.16 44.07
N ARG G 34 12.55 -29.97 44.27
CA ARG G 34 13.92 -29.55 44.03
C ARG G 34 14.41 -29.97 42.65
N GLY G 35 13.50 -29.99 41.68
CA GLY G 35 13.80 -30.14 40.28
C GLY G 35 13.79 -28.84 39.52
N VAL G 36 14.07 -27.73 40.19
CA VAL G 36 13.87 -26.38 39.66
C VAL G 36 15.22 -25.69 39.56
N TYR G 37 15.34 -24.79 38.58
CA TYR G 37 16.57 -24.04 38.37
C TYR G 37 16.26 -22.72 37.70
N TYR G 38 17.28 -21.89 37.62
CA TYR G 38 17.18 -20.66 36.85
C TYR G 38 17.17 -21.02 35.36
N PRO G 39 16.14 -20.66 34.60
CA PRO G 39 16.10 -21.08 33.20
C PRO G 39 16.96 -20.26 32.26
N ASP G 40 17.41 -19.08 32.69
CA ASP G 40 18.13 -18.17 31.82
C ASP G 40 19.02 -17.29 32.67
N LYS G 41 19.87 -16.52 32.00
CA LYS G 41 20.90 -15.70 32.63
C LYS G 41 20.45 -14.26 32.79
N VAL G 42 19.18 -14.06 33.09
CA VAL G 42 18.54 -12.75 33.10
C VAL G 42 18.04 -12.51 34.52
N PHE G 43 18.46 -11.40 35.11
CA PHE G 43 18.14 -11.11 36.50
C PHE G 43 16.75 -10.53 36.62
N ARG G 44 16.07 -10.92 37.70
CA ARG G 44 14.78 -10.35 38.04
C ARG G 44 14.67 -10.37 39.55
N SER G 45 13.85 -9.47 40.08
CA SER G 45 13.68 -9.34 41.52
C SER G 45 12.23 -9.05 41.86
N SER G 46 11.69 -9.80 42.80
CA SER G 46 10.42 -9.47 43.44
C SER G 46 9.26 -9.51 42.46
N VAL G 47 9.32 -10.41 41.49
CA VAL G 47 8.28 -10.56 40.48
C VAL G 47 8.04 -12.03 40.24
N LEU G 48 6.78 -12.38 40.00
CA LEU G 48 6.41 -13.71 39.57
C LEU G 48 6.40 -13.72 38.06
N HIS G 49 7.30 -14.50 37.47
CA HIS G 49 7.53 -14.51 36.03
C HIS G 49 7.23 -15.89 35.50
N SER G 50 6.18 -16.00 34.70
CA SER G 50 5.97 -17.23 33.96
C SER G 50 7.11 -17.42 32.98
N THR G 51 7.39 -18.67 32.69
CA THR G 51 8.44 -19.06 31.78
C THR G 51 8.02 -20.42 31.28
N GLN G 52 8.68 -20.90 30.24
CA GLN G 52 8.59 -22.31 29.94
C GLN G 52 9.97 -22.79 29.54
N ASP G 53 10.28 -23.99 29.97
CA ASP G 53 11.59 -24.62 29.83
C ASP G 53 11.38 -26.07 30.22
N LEU G 54 12.47 -26.83 30.25
CA LEU G 54 12.42 -28.20 30.70
C LEU G 54 12.54 -28.23 32.22
N PHE G 55 11.76 -29.11 32.84
CA PHE G 55 11.74 -29.18 34.28
C PHE G 55 11.34 -30.58 34.71
N LEU G 56 11.70 -30.90 35.94
CA LEU G 56 11.25 -32.13 36.55
C LEU G 56 9.90 -31.86 37.21
N PRO G 57 8.82 -32.52 36.79
CA PRO G 57 7.50 -32.14 37.31
C PRO G 57 7.33 -32.48 38.78
N PHE G 58 6.67 -31.57 39.50
CA PHE G 58 6.53 -31.69 40.93
C PHE G 58 5.68 -32.90 41.30
N PHE G 59 6.07 -33.56 42.39
CA PHE G 59 5.30 -34.65 42.99
C PHE G 59 5.00 -35.75 41.97
N SER G 60 6.02 -36.05 41.17
CA SER G 60 6.01 -37.21 40.29
C SER G 60 6.95 -38.22 40.93
N ASN G 61 7.22 -39.32 40.25
CA ASN G 61 8.18 -40.30 40.75
C ASN G 61 9.56 -39.89 40.27
N VAL G 62 10.58 -40.28 41.02
CA VAL G 62 11.96 -40.23 40.58
C VAL G 62 12.57 -41.58 40.91
N THR G 63 13.15 -42.25 39.90
CA THR G 63 13.70 -43.57 40.11
C THR G 63 14.93 -43.47 41.00
N TRP G 64 15.05 -44.40 41.93
CA TRP G 64 16.11 -44.46 42.91
C TRP G 64 16.98 -45.68 42.64
N PHE G 65 18.26 -45.56 42.95
CA PHE G 65 19.21 -46.65 42.79
C PHE G 65 20.13 -46.65 44.01
N HIS G 66 20.95 -47.69 44.09
CA HIS G 66 21.88 -47.89 45.20
C HIS G 66 23.27 -48.14 44.67
N ALA G 67 24.26 -47.53 45.32
CA ALA G 67 25.65 -47.83 45.03
C ALA G 67 26.03 -49.12 45.75
N ILE G 68 26.42 -50.12 44.98
CA ILE G 68 26.76 -51.45 45.49
C ILE G 68 28.20 -51.75 45.09
N HIS G 69 28.91 -52.45 45.97
CA HIS G 69 30.34 -52.69 45.82
C HIS G 69 31.08 -51.37 45.78
N ASP G 80 28.02 -52.01 40.62
CA ASP G 80 27.35 -52.06 39.32
C ASP G 80 27.44 -50.73 38.59
N ASN G 81 26.88 -50.67 37.39
CA ASN G 81 26.72 -49.41 36.68
C ASN G 81 25.50 -49.53 35.77
N PRO G 82 24.28 -49.32 36.28
CA PRO G 82 23.09 -49.64 35.49
C PRO G 82 22.92 -48.74 34.28
N VAL G 83 22.19 -49.25 33.28
CA VAL G 83 22.06 -48.52 32.02
C VAL G 83 20.88 -47.58 32.09
N LEU G 84 21.15 -46.30 31.86
CA LEU G 84 20.18 -45.22 32.00
C LEU G 84 20.14 -44.41 30.70
N PRO G 85 18.92 -44.14 30.14
CA PRO G 85 18.88 -43.27 28.95
C PRO G 85 18.89 -41.80 29.31
N PHE G 86 19.26 -40.96 28.35
CA PHE G 86 19.23 -39.51 28.47
C PHE G 86 18.06 -39.02 27.63
N ASN G 87 17.01 -38.54 28.30
CA ASN G 87 15.74 -38.18 27.66
C ASN G 87 15.43 -36.72 27.94
N ASP G 88 15.79 -35.85 26.99
CA ASP G 88 15.44 -34.43 27.02
C ASP G 88 15.89 -33.79 28.33
N GLY G 89 17.12 -34.09 28.72
CA GLY G 89 17.67 -33.62 29.97
C GLY G 89 17.48 -34.67 31.06
N VAL G 90 18.32 -34.60 32.09
CA VAL G 90 18.29 -35.54 33.19
C VAL G 90 18.48 -34.78 34.49
N TYR G 91 17.69 -35.17 35.49
CA TYR G 91 17.92 -34.79 36.87
C TYR G 91 18.72 -35.88 37.54
N PHE G 92 19.73 -35.47 38.31
CA PHE G 92 20.56 -36.42 39.02
C PHE G 92 20.90 -35.85 40.38
N ALA G 93 21.06 -36.72 41.35
CA ALA G 93 21.49 -36.29 42.66
C ALA G 93 22.09 -37.46 43.40
N SER G 94 22.86 -37.14 44.43
CA SER G 94 23.51 -38.14 45.25
C SER G 94 23.66 -37.58 46.65
N THR G 95 23.12 -38.29 47.63
CA THR G 95 23.39 -37.97 49.02
C THR G 95 24.74 -38.59 49.36
N GLU G 96 25.73 -37.74 49.60
CA GLU G 96 27.08 -38.20 49.85
C GLU G 96 27.87 -37.05 50.42
N LYS G 97 28.94 -37.41 51.11
CA LYS G 97 29.92 -36.43 51.58
C LYS G 97 31.34 -36.94 51.43
N SER G 98 31.55 -38.10 50.82
CA SER G 98 32.84 -38.78 50.76
C SER G 98 33.29 -39.06 49.33
N ASN G 99 32.51 -38.66 48.32
CA ASN G 99 32.90 -38.73 46.92
C ASN G 99 33.19 -40.17 46.50
N ILE G 100 32.20 -41.02 46.70
CA ILE G 100 32.25 -42.34 46.07
C ILE G 100 32.19 -42.17 44.57
N ILE G 101 31.34 -41.26 44.12
CA ILE G 101 31.25 -40.93 42.71
C ILE G 101 32.47 -40.13 42.30
N ARG G 102 33.08 -40.54 41.19
CA ARG G 102 34.26 -39.89 40.64
C ARG G 102 33.96 -39.05 39.42
N GLY G 103 32.76 -39.14 38.86
CA GLY G 103 32.42 -38.34 37.69
C GLY G 103 31.26 -38.95 36.95
N TRP G 104 31.13 -38.57 35.68
CA TRP G 104 29.99 -38.95 34.85
C TRP G 104 30.47 -39.31 33.46
N ILE G 105 29.63 -40.09 32.80
CA ILE G 105 29.89 -40.64 31.48
C ILE G 105 28.69 -40.30 30.62
N PHE G 106 28.96 -39.72 29.45
CA PHE G 106 27.90 -39.36 28.51
C PHE G 106 28.33 -39.76 27.12
N GLY G 107 27.38 -40.24 26.36
CA GLY G 107 27.67 -40.71 25.02
C GLY G 107 26.43 -41.28 24.38
N THR G 108 26.67 -42.04 23.32
CA THR G 108 25.60 -42.62 22.53
C THR G 108 25.83 -44.09 22.17
N THR G 109 27.07 -44.57 22.13
CA THR G 109 27.35 -46.00 22.05
C THR G 109 28.43 -46.43 23.04
N LEU G 110 29.36 -45.54 23.37
CA LEU G 110 30.43 -45.80 24.32
C LEU G 110 31.32 -46.99 23.94
N ASP G 111 32.01 -46.88 22.79
CA ASP G 111 32.94 -47.93 22.37
C ASP G 111 34.18 -47.37 21.67
N SER G 112 34.55 -46.13 21.99
CA SER G 112 35.66 -45.42 21.34
C SER G 112 35.39 -45.09 19.87
N LYS G 113 34.16 -45.30 19.39
CA LYS G 113 33.80 -45.02 18.01
C LYS G 113 32.74 -43.94 17.87
N THR G 114 32.42 -43.23 18.95
CA THR G 114 31.64 -42.00 18.88
C THR G 114 32.33 -40.95 19.72
N GLN G 115 31.96 -39.70 19.46
CA GLN G 115 32.45 -38.59 20.26
C GLN G 115 31.66 -38.56 21.56
N SER G 116 32.21 -39.18 22.61
CA SER G 116 31.56 -39.29 23.90
C SER G 116 32.19 -38.30 24.89
N LEU G 117 31.34 -37.58 25.60
CA LEU G 117 31.78 -36.60 26.58
C LEU G 117 31.92 -37.26 27.93
N LEU G 118 32.98 -36.89 28.65
CA LEU G 118 33.32 -37.50 29.93
C LEU G 118 33.55 -36.40 30.95
N ILE G 119 33.09 -36.64 32.18
CA ILE G 119 33.38 -35.80 33.33
C ILE G 119 34.10 -36.66 34.36
N VAL G 120 35.13 -36.12 34.96
CA VAL G 120 35.91 -36.80 35.97
C VAL G 120 36.22 -35.80 37.08
N ASN G 121 36.17 -36.29 38.32
CA ASN G 121 36.56 -35.53 39.50
C ASN G 121 37.97 -35.94 39.86
N ASN G 122 38.89 -35.00 39.82
CA ASN G 122 40.28 -35.18 40.22
C ASN G 122 40.50 -34.89 41.70
N ALA G 123 39.49 -34.35 42.40
CA ALA G 123 39.56 -33.73 43.73
C ALA G 123 40.31 -32.40 43.70
N THR G 124 40.68 -31.90 42.52
CA THR G 124 41.24 -30.57 42.35
C THR G 124 40.43 -29.82 41.30
N ASN G 125 40.03 -30.51 40.23
CA ASN G 125 39.31 -29.90 39.12
C ASN G 125 38.29 -30.86 38.56
N VAL G 126 37.04 -30.41 38.50
CA VAL G 126 36.01 -31.10 37.73
C VAL G 126 36.36 -30.89 36.25
N VAL G 127 36.86 -31.93 35.61
CA VAL G 127 37.39 -31.84 34.26
C VAL G 127 36.40 -32.47 33.30
N ILE G 128 36.17 -31.78 32.18
CA ILE G 128 35.31 -32.26 31.11
C ILE G 128 36.17 -32.45 29.87
N LYS G 129 36.01 -33.59 29.22
CA LYS G 129 36.73 -33.91 28.00
C LYS G 129 35.75 -34.51 27.01
N VAL G 130 35.98 -34.21 25.73
CA VAL G 130 35.16 -34.73 24.64
C VAL G 130 36.13 -35.45 23.71
N CYS G 131 36.32 -36.75 23.95
CA CYS G 131 37.17 -37.59 23.13
C CYS G 131 36.49 -38.94 22.99
N GLU G 132 36.97 -39.72 22.03
CA GLU G 132 36.56 -41.11 21.93
C GLU G 132 37.31 -41.92 22.98
N PHE G 133 36.57 -42.70 23.76
CA PHE G 133 37.09 -43.35 24.96
C PHE G 133 36.72 -44.82 24.95
N GLN G 134 37.58 -45.64 25.56
CA GLN G 134 37.38 -47.08 25.68
C GLN G 134 36.72 -47.42 27.01
N PHE G 135 35.57 -48.06 26.96
CA PHE G 135 34.78 -48.35 28.14
C PHE G 135 34.44 -49.83 28.21
N CYS G 136 34.20 -50.28 29.45
CA CYS G 136 33.83 -51.66 29.74
C CYS G 136 32.52 -51.67 30.51
N ASN G 137 32.14 -52.83 31.05
CA ASN G 137 30.90 -52.97 31.82
C ASN G 137 31.09 -52.66 33.30
N ASP G 138 32.29 -52.22 33.71
CA ASP G 138 32.50 -51.70 35.06
C ASP G 138 33.63 -50.67 35.04
N PRO G 139 33.50 -49.60 34.26
CA PRO G 139 34.63 -48.67 34.08
C PRO G 139 34.68 -47.57 35.13
N PHE G 140 35.71 -47.52 35.99
CA PHE G 140 35.79 -46.40 36.92
C PHE G 140 37.16 -46.29 37.57
N LEU G 141 37.39 -45.11 38.17
CA LEU G 141 38.51 -44.87 39.07
C LEU G 141 38.13 -45.30 40.49
N GLY G 142 39.06 -45.98 41.14
CA GLY G 142 38.77 -46.53 42.45
C GLY G 142 40.05 -46.98 43.13
N VAL G 143 39.86 -47.73 44.22
CA VAL G 143 40.96 -48.22 45.03
C VAL G 143 40.94 -49.74 44.95
N ASN G 165 41.36 -38.65 19.08
CA ASN G 165 40.41 -37.84 18.34
C ASN G 165 39.76 -36.83 19.27
N CYS G 166 40.52 -36.30 20.22
CA CYS G 166 39.99 -35.33 21.16
C CYS G 166 39.59 -34.05 20.43
N THR G 167 38.50 -33.43 20.90
CA THR G 167 38.07 -32.15 20.37
C THR G 167 37.60 -31.20 21.48
N PHE G 168 37.94 -31.48 22.73
CA PHE G 168 37.63 -30.54 23.80
C PHE G 168 38.46 -30.87 25.01
N GLU G 169 38.84 -29.83 25.74
CA GLU G 169 39.54 -29.94 27.01
C GLU G 169 39.06 -28.81 27.89
N TYR G 170 38.80 -29.12 29.16
CA TYR G 170 38.43 -28.08 30.10
C TYR G 170 38.75 -28.53 31.50
N VAL G 171 39.40 -27.63 32.24
CA VAL G 171 39.72 -27.79 33.64
C VAL G 171 38.94 -26.74 34.41
N SER G 172 38.21 -27.18 35.44
CA SER G 172 37.42 -26.26 36.23
C SER G 172 38.27 -25.58 37.29
N PHE G 186 24.50 -39.28 55.19
CA PHE G 186 25.18 -38.29 54.35
C PHE G 186 24.46 -36.95 54.52
N LYS G 187 25.20 -35.96 55.00
CA LYS G 187 24.62 -34.71 55.47
C LYS G 187 24.49 -33.67 54.37
N ASN G 188 24.71 -34.05 53.10
CA ASN G 188 24.72 -33.09 52.00
C ASN G 188 24.15 -33.74 50.76
N LEU G 189 23.19 -33.08 50.12
CA LEU G 189 22.80 -33.42 48.75
C LEU G 189 23.63 -32.60 47.78
N ARG G 190 24.28 -33.30 46.86
CA ARG G 190 25.02 -32.69 45.77
C ARG G 190 24.14 -32.84 44.53
N GLU G 191 23.15 -31.96 44.41
CA GLU G 191 22.14 -32.04 43.37
C GLU G 191 22.64 -31.40 42.08
N PHE G 192 22.57 -32.16 40.99
CA PHE G 192 23.11 -31.72 39.70
C PHE G 192 22.03 -31.89 38.64
N VAL G 193 22.07 -31.05 37.62
CA VAL G 193 21.24 -31.22 36.43
C VAL G 193 22.07 -30.98 35.19
N PHE G 194 21.83 -31.83 34.20
CA PHE G 194 22.53 -31.85 32.93
C PHE G 194 21.45 -31.75 31.85
N LYS G 195 21.66 -30.90 30.86
CA LYS G 195 20.76 -30.85 29.72
C LYS G 195 21.50 -30.41 28.47
N ASN G 196 21.08 -30.98 27.34
CA ASN G 196 21.73 -30.77 26.05
C ASN G 196 20.70 -30.27 25.05
N ILE G 197 20.89 -29.04 24.58
CA ILE G 197 19.99 -28.33 23.69
C ILE G 197 20.79 -27.42 22.77
N ASP G 198 20.40 -27.42 21.47
CA ASP G 198 20.94 -26.59 20.40
C ASP G 198 22.47 -26.55 20.40
N GLY G 199 23.09 -27.67 20.70
CA GLY G 199 24.53 -27.72 20.80
C GLY G 199 25.11 -27.12 22.05
N TYR G 200 24.27 -26.81 23.04
CA TYR G 200 24.72 -26.38 24.36
C TYR G 200 24.50 -27.49 25.36
N PHE G 201 25.57 -27.82 26.09
CA PHE G 201 25.52 -28.73 27.23
C PHE G 201 25.64 -27.90 28.50
N LYS G 202 24.53 -27.77 29.22
CA LYS G 202 24.43 -26.89 30.37
C LYS G 202 24.46 -27.71 31.65
N ILE G 203 25.31 -27.30 32.59
CA ILE G 203 25.55 -28.04 33.82
C ILE G 203 25.13 -27.14 34.97
N TYR G 204 24.23 -27.64 35.79
CA TYR G 204 23.74 -26.95 36.98
C TYR G 204 24.09 -27.78 38.21
N SER G 205 24.06 -27.10 39.36
CA SER G 205 24.46 -27.72 40.60
C SER G 205 23.85 -27.03 41.80
N LYS G 206 23.96 -27.73 42.94
CA LYS G 206 23.73 -27.14 44.25
C LYS G 206 24.29 -28.09 45.29
N HIS G 207 25.01 -27.53 46.26
CA HIS G 207 25.50 -28.23 47.43
C HIS G 207 24.78 -27.67 48.63
N THR G 208 23.93 -28.50 49.24
CA THR G 208 23.00 -28.08 50.29
C THR G 208 23.18 -28.98 51.50
N PRO G 209 22.98 -28.46 52.72
CA PRO G 209 23.02 -29.33 53.89
C PRO G 209 21.67 -29.96 54.19
N ILE G 210 21.73 -31.19 54.67
CA ILE G 210 20.55 -31.85 55.22
C ILE G 210 20.97 -32.67 56.42
N ASN G 211 20.01 -33.38 57.03
CA ASN G 211 20.30 -34.34 58.07
C ASN G 211 19.69 -35.72 57.81
N LEU G 212 18.92 -35.90 56.74
CA LEU G 212 18.25 -37.17 56.44
C LEU G 212 19.02 -37.81 55.28
N VAL G 213 18.73 -39.09 54.96
CA VAL G 213 19.54 -39.78 53.94
C VAL G 213 18.83 -40.73 52.95
N ARG G 214 17.62 -41.19 53.29
CA ARG G 214 17.05 -42.35 52.53
C ARG G 214 16.43 -41.81 51.24
N ASP G 215 15.81 -40.65 51.33
CA ASP G 215 15.14 -39.98 50.22
C ASP G 215 15.50 -38.50 50.29
N LEU G 216 15.32 -37.83 49.16
CA LEU G 216 15.32 -36.38 49.18
C LEU G 216 14.19 -35.89 50.09
N PRO G 217 14.40 -34.88 50.92
CA PRO G 217 13.35 -34.49 51.88
C PRO G 217 12.36 -33.51 51.30
N GLN G 218 11.20 -33.42 51.97
CA GLN G 218 10.32 -32.27 51.79
C GLN G 218 11.12 -31.00 52.06
N GLY G 219 11.03 -30.05 51.16
CA GLY G 219 11.81 -28.84 51.25
C GLY G 219 12.08 -28.29 49.88
N PHE G 220 12.59 -27.06 49.86
CA PHE G 220 12.85 -26.34 48.63
C PHE G 220 14.34 -26.14 48.43
N SER G 221 14.76 -26.23 47.17
CA SER G 221 16.12 -25.92 46.76
C SER G 221 16.05 -25.40 45.35
N ALA G 222 17.03 -24.60 44.97
CA ALA G 222 17.08 -23.97 43.65
C ALA G 222 18.48 -24.19 43.09
N LEU G 223 18.57 -25.08 42.10
CA LEU G 223 19.82 -25.29 41.40
C LEU G 223 20.22 -24.03 40.67
N GLU G 224 21.50 -23.67 40.78
CA GLU G 224 22.08 -22.60 40.00
C GLU G 224 22.96 -23.18 38.90
N PRO G 225 23.17 -22.47 37.80
CA PRO G 225 24.17 -22.91 36.83
C PRO G 225 25.57 -22.71 37.38
N LEU G 226 26.44 -23.66 37.06
CA LEU G 226 27.87 -23.51 37.23
C LEU G 226 28.55 -23.25 35.90
N VAL G 227 28.19 -24.04 34.89
CA VAL G 227 28.94 -24.11 33.65
C VAL G 227 27.94 -24.13 32.50
N ASP G 228 28.25 -23.35 31.47
CA ASP G 228 27.64 -23.51 30.16
C ASP G 228 28.75 -23.92 29.21
N LEU G 229 28.79 -25.21 28.88
CA LEU G 229 29.65 -25.70 27.81
C LEU G 229 28.80 -25.74 26.55
N PRO G 230 29.10 -24.98 25.52
CA PRO G 230 28.59 -25.37 24.21
C PRO G 230 29.40 -26.56 23.78
N ILE G 231 28.81 -27.67 23.31
CA ILE G 231 29.62 -28.78 22.80
C ILE G 231 29.16 -29.24 21.41
N GLY G 232 27.94 -29.79 21.32
CA GLY G 232 27.37 -30.14 20.04
C GLY G 232 27.46 -31.58 19.58
N ILE G 233 27.49 -32.54 20.51
CA ILE G 233 27.44 -33.96 20.20
C ILE G 233 26.06 -34.49 20.60
N ASN G 234 25.60 -35.60 20.00
CA ASN G 234 24.35 -36.20 20.44
C ASN G 234 24.61 -36.96 21.72
N ILE G 235 23.67 -36.87 22.65
CA ILE G 235 23.67 -37.62 23.90
C ILE G 235 22.26 -38.18 24.05
N THR G 236 22.17 -39.49 24.17
CA THR G 236 20.88 -40.14 24.41
C THR G 236 20.98 -41.26 25.44
N ARG G 237 22.15 -41.51 26.01
CA ARG G 237 22.31 -42.48 27.08
C ARG G 237 23.42 -41.97 27.99
N PHE G 238 23.46 -42.50 29.21
CA PHE G 238 24.55 -42.14 30.09
C PHE G 238 24.77 -43.22 31.12
N GLN G 239 25.92 -43.13 31.76
CA GLN G 239 26.33 -43.94 32.88
C GLN G 239 26.82 -42.99 33.96
N THR G 240 27.37 -43.54 35.02
CA THR G 240 28.00 -42.74 36.05
C THR G 240 29.05 -43.58 36.74
N LEU G 241 30.02 -42.90 37.33
CA LEU G 241 31.14 -43.57 37.96
C LEU G 241 30.80 -43.94 39.39
N LEU G 242 31.34 -45.05 39.84
CA LEU G 242 31.32 -45.46 41.23
C LEU G 242 32.78 -45.63 41.66
N ALA G 243 33.00 -46.09 42.89
CA ALA G 243 34.36 -46.29 43.37
C ALA G 243 34.39 -47.42 44.37
N LEU G 244 35.53 -48.11 44.41
CA LEU G 244 35.83 -49.11 45.42
C LEU G 244 36.64 -48.46 46.52
N HIS G 245 36.22 -48.67 47.77
CA HIS G 245 36.92 -48.16 48.94
C HIS G 245 37.00 -49.23 50.01
N ALA G 264 24.00 -44.15 47.23
CA ALA G 264 22.57 -44.28 46.96
C ALA G 264 21.98 -43.09 46.20
N TYR G 265 22.36 -42.97 44.93
CA TYR G 265 21.99 -41.86 44.06
C TYR G 265 20.58 -42.01 43.51
N TYR G 266 20.06 -40.88 42.99
CA TYR G 266 18.74 -40.77 42.36
C TYR G 266 18.89 -40.45 40.88
N VAL G 267 17.76 -40.43 40.18
CA VAL G 267 17.73 -39.96 38.79
C VAL G 267 16.29 -39.72 38.37
N GLY G 268 16.07 -38.62 37.65
CA GLY G 268 14.81 -38.33 37.02
C GLY G 268 14.99 -37.61 35.70
N TYR G 269 13.89 -37.41 34.96
CA TYR G 269 13.93 -36.85 33.62
C TYR G 269 13.09 -35.59 33.56
N LEU G 270 13.64 -34.58 32.90
CA LEU G 270 12.96 -33.31 32.70
C LEU G 270 12.08 -33.44 31.47
N GLN G 271 10.99 -32.68 31.47
CA GLN G 271 10.07 -32.65 30.35
C GLN G 271 9.49 -31.25 30.21
N PRO G 272 8.95 -30.90 29.04
CA PRO G 272 8.46 -29.54 28.84
C PRO G 272 7.32 -29.20 29.78
N ARG G 273 7.51 -28.12 30.53
CA ARG G 273 6.50 -27.64 31.46
C ARG G 273 6.52 -26.13 31.45
N THR G 274 5.34 -25.54 31.53
CA THR G 274 5.23 -24.13 31.87
C THR G 274 5.29 -24.00 33.38
N PHE G 275 6.17 -23.13 33.85
CA PHE G 275 6.41 -22.93 35.27
C PHE G 275 6.27 -21.47 35.59
N LEU G 276 5.87 -21.20 36.83
CA LEU G 276 5.83 -19.87 37.40
C LEU G 276 6.93 -19.76 38.44
N LEU G 277 7.72 -18.71 38.34
CA LEU G 277 8.92 -18.53 39.14
C LEU G 277 8.79 -17.26 39.95
N LYS G 278 8.95 -17.36 41.27
CA LYS G 278 8.88 -16.21 42.16
C LYS G 278 10.30 -15.79 42.56
N TYR G 279 10.84 -14.82 41.83
CA TYR G 279 12.03 -14.13 42.28
C TYR G 279 11.69 -13.27 43.49
N ASN G 280 12.53 -13.35 44.52
CA ASN G 280 12.33 -12.62 45.76
C ASN G 280 13.08 -11.30 45.71
N GLU G 281 13.22 -10.65 46.87
CA GLU G 281 13.94 -9.38 46.97
C GLU G 281 15.39 -9.54 46.52
N ASN G 282 16.02 -10.65 46.90
CA ASN G 282 17.42 -10.87 46.56
C ASN G 282 17.61 -11.27 45.12
N GLY G 283 16.54 -11.66 44.43
CA GLY G 283 16.63 -12.16 43.08
C GLY G 283 16.85 -13.65 42.99
N THR G 284 16.66 -14.38 44.08
CA THR G 284 16.76 -15.83 44.10
C THR G 284 15.37 -16.43 44.07
N ILE G 285 15.23 -17.55 43.36
CA ILE G 285 13.96 -18.25 43.38
C ILE G 285 13.75 -18.83 44.76
N THR G 286 12.52 -18.72 45.25
CA THR G 286 12.11 -19.24 46.55
C THR G 286 11.02 -20.28 46.46
N ASP G 287 10.13 -20.15 45.48
CA ASP G 287 9.08 -21.14 45.27
C ASP G 287 8.59 -20.99 43.84
N ALA G 288 8.05 -22.09 43.32
CA ALA G 288 7.52 -22.12 41.97
C ALA G 288 6.29 -23.01 41.96
N VAL G 289 5.58 -22.96 40.83
CA VAL G 289 4.38 -23.76 40.63
C VAL G 289 4.45 -24.42 39.26
N ASP G 290 4.21 -25.72 39.22
CA ASP G 290 4.13 -26.45 37.97
C ASP G 290 2.73 -26.25 37.41
N CYS G 291 2.63 -25.48 36.32
CA CYS G 291 1.35 -24.95 35.88
C CYS G 291 0.38 -26.06 35.50
N ALA G 292 0.88 -27.15 34.93
CA ALA G 292 0.07 -28.30 34.56
C ALA G 292 0.39 -29.46 35.49
N LEU G 293 -0.22 -29.43 36.67
CA LEU G 293 -0.09 -30.48 37.66
C LEU G 293 -1.47 -30.92 38.15
N ASP G 294 -2.34 -29.94 38.36
CA ASP G 294 -3.63 -30.10 38.96
C ASP G 294 -4.36 -28.77 38.77
N PRO G 295 -5.69 -28.75 38.91
CA PRO G 295 -6.43 -27.53 38.55
C PRO G 295 -6.02 -26.27 39.30
N LEU G 296 -5.72 -26.45 40.59
CA LEU G 296 -5.32 -25.31 41.42
C LEU G 296 -4.05 -24.68 40.90
N SER G 297 -3.12 -25.51 40.44
CA SER G 297 -1.89 -24.98 39.88
C SER G 297 -2.15 -24.25 38.58
N GLU G 298 -3.12 -24.72 37.79
CA GLU G 298 -3.49 -24.01 36.57
C GLU G 298 -4.03 -22.65 36.90
N THR G 299 -4.85 -22.55 37.95
CA THR G 299 -5.37 -21.25 38.36
C THR G 299 -4.24 -20.35 38.83
N LYS G 300 -3.33 -20.88 39.65
CA LYS G 300 -2.23 -20.08 40.16
C LYS G 300 -1.36 -19.56 39.02
N CYS G 301 -1.17 -20.39 38.00
CA CYS G 301 -0.41 -19.98 36.83
C CYS G 301 -1.15 -18.93 36.03
N THR G 302 -2.48 -19.07 35.94
CA THR G 302 -3.28 -18.14 35.16
C THR G 302 -3.32 -16.77 35.80
N LEU G 303 -3.50 -16.73 37.12
CA LEU G 303 -3.64 -15.48 37.85
C LEU G 303 -2.32 -14.78 38.11
N LYS G 304 -1.20 -15.47 37.90
CA LYS G 304 0.12 -14.96 38.25
C LYS G 304 0.17 -14.56 39.73
N SER G 305 -0.34 -15.46 40.56
CA SER G 305 -0.10 -15.37 42.00
C SER G 305 -0.18 -16.76 42.60
N PHE G 306 0.45 -16.89 43.77
CA PHE G 306 0.38 -18.10 44.57
C PHE G 306 -0.83 -18.13 45.49
N THR G 307 -1.69 -17.12 45.42
CA THR G 307 -2.87 -17.04 46.27
C THR G 307 -4.10 -16.91 45.39
N VAL G 308 -5.10 -17.72 45.70
CA VAL G 308 -6.34 -17.79 44.95
C VAL G 308 -7.45 -17.55 45.96
N GLU G 309 -8.34 -16.62 45.64
CA GLU G 309 -9.40 -16.24 46.55
C GLU G 309 -10.64 -17.09 46.30
N LYS G 310 -11.59 -17.00 47.22
CA LYS G 310 -12.87 -17.66 47.03
C LYS G 310 -13.52 -17.11 45.79
N GLY G 311 -13.76 -17.98 44.82
CA GLY G 311 -14.42 -17.57 43.60
C GLY G 311 -14.23 -18.62 42.54
N ILE G 312 -14.84 -18.35 41.40
CA ILE G 312 -14.74 -19.18 40.22
C ILE G 312 -13.85 -18.46 39.23
N TYR G 313 -12.84 -19.17 38.73
CA TYR G 313 -11.90 -18.63 37.76
C TYR G 313 -11.80 -19.57 36.57
N GLN G 314 -11.96 -18.99 35.38
CA GLN G 314 -11.72 -19.70 34.14
C GLN G 314 -10.23 -19.76 33.90
N THR G 315 -9.74 -20.93 33.51
CA THR G 315 -8.31 -21.20 33.43
C THR G 315 -7.85 -21.73 32.09
N SER G 316 -8.65 -22.54 31.42
CA SER G 316 -8.17 -23.30 30.28
C SER G 316 -9.35 -23.72 29.42
N ASN G 317 -9.07 -24.51 28.39
CA ASN G 317 -10.07 -25.13 27.54
C ASN G 317 -9.76 -26.61 27.43
N PHE G 318 -10.82 -27.41 27.38
CA PHE G 318 -10.72 -28.84 27.15
C PHE G 318 -11.22 -29.16 25.76
N ARG G 319 -10.51 -30.06 25.10
CA ARG G 319 -10.79 -30.43 23.72
C ARG G 319 -10.44 -31.89 23.53
N VAL G 320 -11.40 -32.66 23.05
CA VAL G 320 -11.14 -34.06 22.77
C VAL G 320 -10.18 -34.16 21.60
N GLN G 321 -9.11 -34.89 21.78
CA GLN G 321 -8.08 -35.03 20.77
C GLN G 321 -8.45 -36.14 19.80
N PRO G 322 -7.84 -36.17 18.62
CA PRO G 322 -8.01 -37.33 17.75
C PRO G 322 -7.36 -38.55 18.37
N THR G 323 -7.85 -39.71 17.94
CA THR G 323 -7.33 -41.00 18.37
C THR G 323 -6.40 -41.63 17.35
N GLU G 324 -6.69 -41.42 16.07
CA GLU G 324 -5.80 -41.86 15.00
C GLU G 324 -6.00 -40.93 13.81
N SER G 325 -5.35 -41.28 12.73
CA SER G 325 -5.55 -40.65 11.43
C SER G 325 -6.25 -41.63 10.50
N ILE G 326 -7.16 -41.09 9.69
CA ILE G 326 -7.78 -41.83 8.59
C ILE G 326 -7.56 -41.00 7.35
N VAL G 327 -6.96 -41.63 6.34
CA VAL G 327 -6.65 -40.99 5.06
C VAL G 327 -7.50 -41.66 4.00
N ARG G 328 -8.10 -40.83 3.16
CA ARG G 328 -9.01 -41.29 2.12
C ARG G 328 -8.71 -40.51 0.86
N PHE G 329 -8.76 -41.19 -0.28
CA PHE G 329 -8.51 -40.54 -1.55
C PHE G 329 -9.22 -41.32 -2.64
N PRO G 330 -9.56 -40.69 -3.76
CA PRO G 330 -9.93 -41.48 -4.94
C PRO G 330 -8.72 -42.20 -5.48
N ASN G 331 -8.96 -43.34 -6.10
CA ASN G 331 -7.90 -44.22 -6.59
C ASN G 331 -8.20 -44.55 -8.06
N ILE G 332 -7.23 -44.28 -8.93
CA ILE G 332 -7.33 -44.60 -10.35
C ILE G 332 -6.23 -45.59 -10.68
N THR G 333 -6.54 -46.51 -11.59
CA THR G 333 -5.58 -47.52 -12.03
C THR G 333 -4.62 -47.00 -13.10
N ASN G 334 -4.68 -45.72 -13.44
CA ASN G 334 -3.81 -45.11 -14.44
C ASN G 334 -2.87 -44.14 -13.75
N LEU G 335 -1.68 -44.02 -14.32
CA LEU G 335 -0.65 -43.11 -13.86
C LEU G 335 -0.56 -41.94 -14.82
N CYS G 336 -0.32 -40.80 -14.28
CA CYS G 336 -0.43 -39.59 -15.09
C CYS G 336 0.80 -39.46 -15.99
N PRO G 337 0.64 -39.32 -17.33
CA PRO G 337 1.83 -39.37 -18.22
C PRO G 337 2.60 -38.06 -18.26
N PHE G 338 3.38 -37.82 -17.21
CA PHE G 338 4.23 -36.65 -17.13
C PHE G 338 5.60 -36.87 -17.78
N GLY G 339 6.09 -38.10 -17.74
CA GLY G 339 7.33 -38.39 -18.44
C GLY G 339 7.19 -38.23 -19.94
N GLU G 340 5.97 -38.42 -20.45
CA GLU G 340 5.72 -38.30 -21.87
C GLU G 340 5.89 -36.87 -22.38
N VAL G 341 5.78 -35.87 -21.50
CA VAL G 341 5.87 -34.47 -21.92
C VAL G 341 7.28 -33.91 -21.70
N PHE G 342 7.91 -34.22 -20.58
CA PHE G 342 9.24 -33.67 -20.33
C PHE G 342 10.28 -34.32 -21.23
N ASN G 343 10.08 -35.58 -21.58
CA ASN G 343 11.02 -36.33 -22.40
C ASN G 343 10.61 -36.39 -23.86
N ALA G 344 9.58 -35.66 -24.28
CA ALA G 344 9.18 -35.70 -25.68
C ALA G 344 10.32 -35.17 -26.54
N THR G 345 10.52 -35.81 -27.68
CA THR G 345 11.74 -35.55 -28.45
C THR G 345 11.68 -34.22 -29.16
N ARG G 346 10.49 -33.80 -29.59
CA ARG G 346 10.27 -32.51 -30.23
C ARG G 346 9.23 -31.75 -29.43
N PHE G 347 9.51 -30.48 -29.16
CA PHE G 347 8.72 -29.65 -28.27
C PHE G 347 7.99 -28.57 -29.05
N ALA G 348 7.10 -27.88 -28.33
CA ALA G 348 6.33 -26.77 -28.86
C ALA G 348 7.13 -25.48 -28.76
N SER G 349 7.04 -24.66 -29.79
CA SER G 349 7.56 -23.31 -29.70
C SER G 349 6.68 -22.48 -28.78
N VAL G 350 7.24 -21.38 -28.28
CA VAL G 350 6.46 -20.49 -27.43
C VAL G 350 5.36 -19.78 -28.19
N TYR G 351 5.54 -19.53 -29.49
CA TYR G 351 4.47 -18.95 -30.30
C TYR G 351 3.25 -19.86 -30.32
N ALA G 352 3.46 -21.13 -30.60
CA ALA G 352 2.40 -22.15 -30.61
C ALA G 352 2.75 -23.15 -29.53
N TRP G 353 2.35 -22.81 -28.31
CA TRP G 353 2.73 -23.61 -27.14
C TRP G 353 1.70 -24.69 -26.89
N ASN G 354 2.16 -25.83 -26.39
CA ASN G 354 1.30 -26.98 -26.21
C ASN G 354 0.65 -26.99 -24.84
N ARG G 355 -0.67 -27.16 -24.84
CA ARG G 355 -1.45 -27.42 -23.64
C ARG G 355 -1.91 -28.86 -23.71
N LYS G 356 -1.27 -29.75 -22.97
CA LYS G 356 -1.80 -31.07 -22.74
C LYS G 356 -2.52 -31.05 -21.40
N ARG G 357 -3.56 -31.84 -21.34
CA ARG G 357 -4.48 -31.93 -20.23
C ARG G 357 -4.34 -33.27 -19.53
N ILE G 358 -4.55 -33.26 -18.22
CA ILE G 358 -4.37 -34.43 -17.37
C ILE G 358 -5.59 -34.56 -16.49
N SER G 359 -6.10 -35.77 -16.39
CA SER G 359 -7.16 -36.11 -15.45
C SER G 359 -7.12 -37.63 -15.33
N ASN G 360 -8.14 -38.18 -14.66
CA ASN G 360 -8.43 -39.62 -14.49
C ASN G 360 -7.15 -40.47 -14.36
N CYS G 361 -6.29 -40.07 -13.45
CA CYS G 361 -5.04 -40.78 -13.21
C CYS G 361 -4.57 -40.51 -11.79
N VAL G 362 -3.72 -41.40 -11.30
CA VAL G 362 -3.01 -41.20 -10.04
C VAL G 362 -1.70 -40.51 -10.36
N ALA G 363 -1.51 -39.35 -9.77
CA ALA G 363 -0.26 -38.64 -9.93
C ALA G 363 0.84 -39.33 -9.15
N ASP G 364 2.07 -39.11 -9.61
CA ASP G 364 3.23 -39.37 -8.78
C ASP G 364 4.27 -38.31 -9.05
N TYR G 365 4.18 -37.22 -8.31
CA TYR G 365 5.09 -36.09 -8.43
C TYR G 365 6.38 -36.33 -7.69
N SER G 366 6.34 -37.17 -6.65
CA SER G 366 7.49 -37.36 -5.79
C SER G 366 8.67 -37.89 -6.57
N VAL G 367 8.44 -38.84 -7.46
CA VAL G 367 9.53 -39.33 -8.29
C VAL G 367 9.99 -38.27 -9.27
N LEU G 368 9.10 -37.39 -9.71
CA LEU G 368 9.50 -36.27 -10.56
C LEU G 368 10.21 -35.19 -9.78
N TYR G 369 9.71 -34.86 -8.59
CA TYR G 369 10.51 -34.05 -7.70
C TYR G 369 11.83 -34.75 -7.44
N ASN G 370 11.81 -35.90 -6.76
CA ASN G 370 13.02 -36.42 -6.08
C ASN G 370 14.19 -36.62 -7.04
N SER G 371 13.91 -36.77 -8.33
CA SER G 371 14.94 -36.83 -9.36
C SER G 371 15.48 -35.45 -9.68
N ALA G 372 16.77 -35.39 -10.00
CA ALA G 372 17.47 -34.15 -10.29
C ALA G 372 17.80 -34.08 -11.78
N SER G 373 16.99 -33.34 -12.51
CA SER G 373 17.28 -33.02 -13.91
C SER G 373 16.92 -31.58 -14.23
N PHE G 374 16.56 -30.79 -13.22
CA PHE G 374 15.86 -29.52 -13.41
C PHE G 374 16.62 -28.39 -12.76
N SER G 375 16.86 -27.33 -13.54
CA SER G 375 17.61 -26.19 -13.05
C SER G 375 16.89 -25.49 -11.92
N THR G 376 15.57 -25.37 -12.03
CA THR G 376 14.76 -24.72 -11.01
C THR G 376 13.38 -25.37 -10.98
N PHE G 377 12.79 -25.41 -9.79
CA PHE G 377 11.49 -26.02 -9.57
C PHE G 377 10.74 -25.16 -8.56
N LYS G 378 9.96 -24.22 -9.07
CA LYS G 378 9.30 -23.21 -8.26
C LYS G 378 7.78 -23.36 -8.42
N CYS G 379 7.09 -23.18 -7.31
CA CYS G 379 5.63 -23.28 -7.26
C CYS G 379 5.08 -22.11 -6.46
N TYR G 380 3.93 -21.62 -6.93
CA TYR G 380 3.37 -20.35 -6.48
C TYR G 380 1.96 -20.58 -5.96
N GLY G 381 1.72 -20.13 -4.73
CA GLY G 381 0.51 -20.46 -4.01
C GLY G 381 0.51 -21.87 -3.44
N VAL G 382 1.56 -22.63 -3.72
CA VAL G 382 1.66 -24.03 -3.36
C VAL G 382 3.15 -24.33 -3.19
N SER G 383 3.46 -25.24 -2.27
CA SER G 383 4.85 -25.61 -2.00
C SER G 383 5.18 -26.93 -2.66
N PRO G 384 6.35 -27.07 -3.31
CA PRO G 384 6.53 -28.21 -4.23
C PRO G 384 6.54 -29.56 -3.54
N THR G 385 6.91 -29.59 -2.26
CA THR G 385 6.88 -30.83 -1.50
C THR G 385 5.45 -31.27 -1.17
N LYS G 386 4.50 -30.35 -1.14
CA LYS G 386 3.16 -30.60 -0.63
C LYS G 386 2.19 -31.14 -1.67
N LEU G 387 2.58 -31.19 -2.94
CA LEU G 387 1.61 -31.49 -3.99
C LEU G 387 1.11 -32.91 -3.87
N ASN G 388 1.96 -33.80 -3.39
CA ASN G 388 1.59 -35.18 -3.21
C ASN G 388 0.47 -35.37 -2.20
N ASP G 389 0.22 -34.38 -1.33
CA ASP G 389 -0.88 -34.43 -0.37
C ASP G 389 -2.22 -33.99 -0.94
N LEU G 390 -2.26 -32.95 -1.77
CA LEU G 390 -3.53 -32.40 -2.22
C LEU G 390 -4.16 -33.30 -3.26
N CYS G 391 -5.38 -32.97 -3.66
CA CYS G 391 -6.06 -33.75 -4.69
C CYS G 391 -7.00 -32.88 -5.50
N PHE G 392 -6.81 -32.91 -6.83
CA PHE G 392 -7.28 -31.90 -7.75
C PHE G 392 -8.29 -32.49 -8.75
N THR G 393 -8.94 -31.57 -9.46
CA THR G 393 -9.97 -31.88 -10.44
C THR G 393 -9.42 -31.92 -11.85
N ASN G 394 -8.50 -31.01 -12.18
CA ASN G 394 -7.82 -31.00 -13.46
C ASN G 394 -6.36 -30.67 -13.24
N VAL G 395 -5.54 -31.03 -14.21
CA VAL G 395 -4.17 -30.56 -14.30
C VAL G 395 -3.84 -30.35 -15.77
N TYR G 396 -3.24 -29.20 -16.07
CA TYR G 396 -2.84 -28.82 -17.42
C TYR G 396 -1.32 -28.71 -17.44
N ALA G 397 -0.70 -29.42 -18.36
CA ALA G 397 0.74 -29.32 -18.59
C ALA G 397 0.95 -28.43 -19.82
N ASP G 398 1.55 -27.27 -19.59
CA ASP G 398 1.74 -26.25 -20.60
C ASP G 398 3.20 -26.30 -21.04
N SER G 399 3.45 -26.90 -22.20
CA SER G 399 4.80 -27.26 -22.62
C SER G 399 5.30 -26.31 -23.69
N PHE G 400 6.52 -25.83 -23.53
CA PHE G 400 7.22 -25.07 -24.58
C PHE G 400 8.67 -24.89 -24.14
N VAL G 401 9.44 -24.18 -24.98
CA VAL G 401 10.85 -23.94 -24.77
C VAL G 401 11.09 -22.44 -24.88
N ILE G 402 12.16 -21.97 -24.25
CA ILE G 402 12.41 -20.54 -24.11
C ILE G 402 13.90 -20.31 -23.85
N ARG G 403 14.35 -19.09 -24.12
CA ARG G 403 15.71 -18.67 -23.84
C ARG G 403 15.90 -18.39 -22.34
N GLY G 404 17.15 -18.26 -21.92
CA GLY G 404 17.46 -18.30 -20.50
C GLY G 404 17.21 -16.99 -19.79
N ASP G 405 17.63 -15.88 -20.39
CA ASP G 405 17.41 -14.58 -19.78
C ASP G 405 15.92 -14.23 -19.68
N GLU G 406 15.06 -14.95 -20.38
CA GLU G 406 13.63 -14.71 -20.41
C GLU G 406 12.85 -15.54 -19.40
N VAL G 407 13.49 -16.48 -18.68
CA VAL G 407 12.83 -17.13 -17.54
C VAL G 407 12.83 -16.26 -16.31
N ARG G 408 13.61 -15.18 -16.31
CA ARG G 408 13.41 -14.08 -15.37
C ARG G 408 12.03 -13.46 -15.50
N GLN G 409 11.40 -13.63 -16.66
CA GLN G 409 10.23 -12.91 -17.13
C GLN G 409 8.97 -13.76 -17.10
N ILE G 410 9.12 -15.09 -17.01
CA ILE G 410 8.00 -16.02 -17.09
C ILE G 410 7.11 -16.03 -15.84
N ALA G 411 7.51 -15.35 -14.76
CA ALA G 411 6.79 -15.46 -13.51
C ALA G 411 5.41 -14.83 -13.62
N PRO G 412 4.43 -15.28 -12.79
CA PRO G 412 3.06 -14.82 -12.96
C PRO G 412 2.85 -13.40 -12.46
N GLY G 413 2.24 -12.57 -13.29
CA GLY G 413 2.06 -11.17 -13.02
C GLY G 413 3.26 -10.32 -13.40
N GLN G 414 4.42 -10.94 -13.58
CA GLN G 414 5.59 -10.20 -14.05
C GLN G 414 5.42 -9.83 -15.52
N THR G 415 5.69 -8.57 -15.83
CA THR G 415 5.55 -8.07 -17.18
C THR G 415 6.82 -8.27 -17.97
N GLY G 416 6.71 -8.11 -19.28
CA GLY G 416 7.80 -8.31 -20.20
C GLY G 416 7.28 -8.82 -21.53
N LYS G 417 8.20 -9.03 -22.47
CA LYS G 417 7.81 -9.31 -23.85
C LYS G 417 7.13 -10.66 -23.98
N ILE G 418 7.76 -11.69 -23.44
CA ILE G 418 7.23 -13.04 -23.59
C ILE G 418 5.97 -13.18 -22.74
N ALA G 419 5.95 -12.51 -21.60
CA ALA G 419 4.83 -12.64 -20.68
C ALA G 419 3.55 -12.05 -21.24
N ASP G 420 3.62 -10.93 -21.96
CA ASP G 420 2.42 -10.20 -22.37
C ASP G 420 1.99 -10.46 -23.80
N TYR G 421 2.93 -10.82 -24.68
CA TYR G 421 2.65 -11.04 -26.08
C TYR G 421 2.54 -12.50 -26.47
N ASN G 422 3.26 -13.39 -25.81
CA ASN G 422 3.32 -14.80 -26.17
C ASN G 422 2.50 -15.70 -25.26
N TYR G 423 2.75 -15.65 -23.95
CA TYR G 423 2.09 -16.55 -23.01
C TYR G 423 2.03 -15.88 -21.65
N LYS G 424 0.87 -15.95 -21.00
CA LYS G 424 0.61 -15.22 -19.77
C LYS G 424 0.15 -16.18 -18.69
N LEU G 425 0.56 -15.86 -17.46
CA LEU G 425 0.13 -16.55 -16.26
C LEU G 425 -0.62 -15.52 -15.43
N PRO G 426 -1.81 -15.83 -14.90
CA PRO G 426 -2.55 -14.81 -14.14
C PRO G 426 -1.86 -14.51 -12.82
N ASP G 427 -2.17 -13.35 -12.28
CA ASP G 427 -1.61 -12.96 -11.00
C ASP G 427 -2.09 -13.85 -9.85
N ASP G 428 -3.28 -14.42 -9.97
CA ASP G 428 -3.79 -15.39 -9.00
C ASP G 428 -3.43 -16.82 -9.38
N PHE G 429 -2.33 -17.00 -10.11
CA PHE G 429 -1.96 -18.32 -10.59
C PHE G 429 -1.58 -19.23 -9.44
N THR G 430 -2.03 -20.47 -9.53
CA THR G 430 -1.56 -21.54 -8.66
C THR G 430 -1.06 -22.69 -9.52
N GLY G 431 0.11 -23.19 -9.19
CA GLY G 431 0.71 -24.27 -9.94
C GLY G 431 2.22 -24.21 -9.80
N CYS G 432 2.88 -25.04 -10.60
CA CYS G 432 4.33 -25.18 -10.57
C CYS G 432 4.91 -24.88 -11.93
N VAL G 433 6.03 -24.16 -11.93
CA VAL G 433 6.83 -23.93 -13.12
C VAL G 433 8.14 -24.69 -12.96
N ILE G 434 8.45 -25.51 -13.95
CA ILE G 434 9.72 -26.21 -14.05
C ILE G 434 10.45 -25.62 -15.24
N ALA G 435 11.77 -25.49 -15.10
CA ALA G 435 12.63 -25.16 -16.22
C ALA G 435 13.91 -25.97 -16.09
N TRP G 436 14.39 -26.52 -17.20
CA TRP G 436 15.68 -27.19 -17.22
C TRP G 436 16.43 -26.87 -18.51
N ASN G 437 17.74 -26.75 -18.34
CA ASN G 437 18.61 -26.33 -19.41
C ASN G 437 18.71 -27.40 -20.50
N SER G 438 18.75 -26.92 -21.75
CA SER G 438 18.81 -27.78 -22.92
C SER G 438 20.05 -27.43 -23.72
N ASN G 439 21.01 -28.35 -23.74
CA ASN G 439 22.26 -28.15 -24.46
C ASN G 439 22.57 -29.29 -25.41
N ASN G 440 21.80 -30.38 -25.38
CA ASN G 440 21.91 -31.46 -26.34
C ASN G 440 20.53 -31.94 -26.78
N LEU G 441 19.47 -31.17 -26.44
CA LEU G 441 18.09 -31.54 -26.72
C LEU G 441 17.45 -30.57 -27.70
N ASP G 442 17.42 -29.29 -27.36
CA ASP G 442 16.96 -28.22 -28.23
C ASP G 442 18.09 -27.32 -28.70
N SER G 443 19.31 -27.55 -28.20
CA SER G 443 20.52 -26.89 -28.68
C SER G 443 21.29 -27.88 -29.53
N LYS G 444 21.72 -27.46 -30.71
CA LYS G 444 22.54 -28.30 -31.55
C LYS G 444 23.38 -27.39 -32.44
N VAL G 445 24.55 -27.91 -32.82
CA VAL G 445 25.47 -27.19 -33.69
C VAL G 445 24.78 -26.86 -35.01
N GLY G 446 25.21 -25.79 -35.66
CA GLY G 446 24.54 -25.34 -36.87
C GLY G 446 23.20 -24.68 -36.62
N GLY G 447 23.00 -24.14 -35.41
CA GLY G 447 21.77 -23.45 -35.08
C GLY G 447 20.60 -24.40 -34.91
N ASN G 448 19.49 -23.83 -34.45
CA ASN G 448 18.24 -24.56 -34.29
C ASN G 448 17.09 -23.57 -34.45
N TYR G 449 16.42 -23.62 -35.59
CA TYR G 449 15.36 -22.67 -35.94
C TYR G 449 14.00 -23.35 -36.02
N ASN G 450 13.84 -24.51 -35.39
CA ASN G 450 12.53 -25.15 -35.27
C ASN G 450 11.63 -24.47 -34.24
N TYR G 451 12.16 -23.54 -33.45
CA TYR G 451 11.45 -22.89 -32.36
C TYR G 451 11.39 -21.39 -32.60
N LEU G 452 10.17 -20.85 -32.56
CA LEU G 452 9.88 -19.46 -32.90
C LEU G 452 9.37 -18.71 -31.67
N TYR G 453 9.68 -17.42 -31.63
CA TYR G 453 9.20 -16.50 -30.63
C TYR G 453 8.60 -15.28 -31.30
N ARG G 454 7.47 -14.80 -30.77
CA ARG G 454 6.81 -13.62 -31.29
C ARG G 454 7.35 -12.40 -30.57
N LEU G 455 8.02 -11.52 -31.30
CA LEU G 455 8.76 -10.43 -30.68
C LEU G 455 7.84 -9.23 -30.42
N PHE G 456 6.91 -8.96 -31.34
CA PHE G 456 5.90 -7.91 -31.27
C PHE G 456 4.48 -8.49 -31.27
N ARG G 457 3.53 -7.68 -30.80
CA ARG G 457 2.11 -7.97 -30.92
C ARG G 457 1.30 -6.70 -30.64
N LYS G 458 0.15 -6.59 -31.33
CA LYS G 458 -0.73 -5.43 -31.19
C LYS G 458 -1.62 -5.48 -29.97
N SER G 459 -1.61 -6.56 -29.19
CA SER G 459 -2.49 -6.68 -28.04
C SER G 459 -1.91 -7.68 -27.07
N ASN G 460 -2.47 -7.70 -25.87
CA ASN G 460 -2.03 -8.56 -24.79
C ASN G 460 -3.02 -9.70 -24.59
N LEU G 461 -2.59 -10.70 -23.85
CA LEU G 461 -3.32 -11.95 -23.71
C LEU G 461 -4.27 -11.89 -22.52
N LYS G 462 -5.44 -12.53 -22.68
CA LYS G 462 -6.10 -13.04 -21.49
C LYS G 462 -5.31 -14.27 -21.03
N PRO G 463 -5.01 -14.43 -19.73
CA PRO G 463 -4.16 -15.56 -19.31
C PRO G 463 -4.71 -16.94 -19.70
N PHE G 464 -3.80 -17.79 -20.13
CA PHE G 464 -4.05 -19.10 -20.73
C PHE G 464 -4.74 -18.97 -22.08
N GLU G 465 -4.20 -18.13 -22.97
CA GLU G 465 -4.61 -18.09 -24.37
C GLU G 465 -3.41 -18.14 -25.29
N ARG G 466 -3.65 -18.69 -26.47
CA ARG G 466 -2.70 -18.83 -27.55
C ARG G 466 -3.21 -18.01 -28.73
N ASP G 467 -2.29 -17.29 -29.37
CA ASP G 467 -2.60 -16.44 -30.51
C ASP G 467 -1.95 -17.00 -31.76
N ILE G 468 -2.78 -17.28 -32.77
CA ILE G 468 -2.33 -17.71 -34.09
C ILE G 468 -2.57 -16.54 -35.03
N TYR G 489 7.00 -4.99 -40.20
CA TYR G 489 7.75 -6.14 -39.72
C TYR G 489 6.79 -7.26 -39.35
N PHE G 490 7.25 -8.49 -39.56
CA PHE G 490 6.51 -9.70 -39.27
C PHE G 490 6.68 -10.06 -37.79
N PRO G 491 5.58 -10.22 -37.03
CA PRO G 491 5.73 -10.32 -35.56
C PRO G 491 6.53 -11.53 -35.07
N LEU G 492 6.67 -12.57 -35.88
CA LEU G 492 7.32 -13.81 -35.46
C LEU G 492 8.78 -13.81 -35.89
N GLN G 493 9.67 -14.16 -34.95
CA GLN G 493 11.09 -14.29 -35.22
C GLN G 493 11.61 -15.57 -34.58
N SER G 494 12.85 -15.92 -34.92
CA SER G 494 13.48 -17.16 -34.49
C SER G 494 14.75 -16.85 -33.70
N TYR G 495 15.21 -17.87 -32.98
CA TYR G 495 16.45 -17.81 -32.22
C TYR G 495 17.40 -18.88 -32.72
N GLY G 496 18.69 -18.57 -32.67
CA GLY G 496 19.74 -19.55 -32.92
C GLY G 496 20.24 -20.14 -31.61
N PHE G 497 20.21 -21.47 -31.56
CA PHE G 497 20.59 -22.22 -30.36
C PHE G 497 21.70 -23.19 -30.73
N GLN G 498 22.93 -22.74 -30.57
CA GLN G 498 24.10 -23.59 -30.55
C GLN G 498 24.56 -23.80 -29.11
N PRO G 499 25.19 -24.92 -28.79
CA PRO G 499 25.84 -25.05 -27.48
C PRO G 499 27.11 -24.23 -27.32
N THR G 500 27.56 -23.57 -28.39
CA THR G 500 28.74 -22.70 -28.32
C THR G 500 28.43 -21.40 -27.59
N ASN G 501 27.20 -20.92 -27.65
CA ASN G 501 26.84 -19.66 -27.04
C ASN G 501 26.81 -19.79 -25.52
N GLY G 502 26.80 -18.64 -24.85
CA GLY G 502 26.77 -18.61 -23.40
C GLY G 502 25.47 -19.14 -22.84
N VAL G 503 25.44 -19.25 -21.50
CA VAL G 503 24.33 -19.90 -20.83
C VAL G 503 23.04 -19.11 -21.02
N GLY G 504 23.15 -17.78 -21.04
CA GLY G 504 21.97 -16.95 -21.23
C GLY G 504 21.28 -17.15 -22.57
N TYR G 505 22.00 -17.69 -23.56
CA TYR G 505 21.48 -17.84 -24.91
C TYR G 505 21.09 -19.27 -25.21
N GLN G 506 21.44 -20.22 -24.34
CA GLN G 506 21.03 -21.60 -24.53
C GLN G 506 19.51 -21.69 -24.44
N PRO G 507 18.88 -22.72 -25.03
CA PRO G 507 17.45 -22.92 -24.83
C PRO G 507 17.18 -23.71 -23.56
N TYR G 508 16.02 -23.44 -22.99
CA TYR G 508 15.58 -24.01 -21.72
C TYR G 508 14.18 -24.55 -21.90
N ARG G 509 14.04 -25.84 -21.67
CA ARG G 509 12.74 -26.49 -21.71
C ARG G 509 12.01 -26.18 -20.42
N VAL G 510 10.85 -25.55 -20.56
CA VAL G 510 10.07 -25.03 -19.45
C VAL G 510 8.65 -25.55 -19.59
N VAL G 511 8.07 -25.96 -18.47
CA VAL G 511 6.73 -26.54 -18.46
C VAL G 511 6.03 -26.04 -17.21
N VAL G 512 4.74 -25.76 -17.34
CA VAL G 512 3.94 -25.13 -16.31
C VAL G 512 2.80 -26.08 -15.99
N LEU G 513 2.65 -26.42 -14.72
CA LEU G 513 1.59 -27.30 -14.26
C LEU G 513 0.59 -26.46 -13.48
N SER G 514 -0.44 -26.01 -14.18
CA SER G 514 -1.49 -25.18 -13.60
C SER G 514 -2.61 -26.09 -13.14
N PHE G 515 -2.75 -26.21 -11.83
CA PHE G 515 -3.84 -26.97 -11.24
C PHE G 515 -5.02 -26.05 -11.03
N GLU G 516 -6.20 -26.64 -11.01
CA GLU G 516 -7.39 -26.02 -10.46
C GLU G 516 -7.67 -26.76 -9.17
N LEU G 517 -7.80 -26.03 -8.07
CA LEU G 517 -7.98 -26.72 -6.80
C LEU G 517 -9.34 -27.39 -6.78
N LEU G 518 -9.53 -28.26 -5.79
CA LEU G 518 -10.81 -28.95 -5.64
C LEU G 518 -11.94 -27.95 -5.46
N HIS G 519 -12.87 -27.96 -6.40
CA HIS G 519 -14.18 -27.33 -6.23
C HIS G 519 -15.22 -28.24 -6.88
N ALA G 520 -14.88 -29.53 -6.97
CA ALA G 520 -15.58 -30.53 -7.77
C ALA G 520 -14.88 -31.84 -7.53
N PRO G 521 -15.43 -32.96 -8.00
CA PRO G 521 -14.77 -34.25 -7.71
C PRO G 521 -13.37 -34.36 -8.27
N ALA G 522 -12.43 -34.60 -7.35
CA ALA G 522 -11.03 -34.72 -7.65
C ALA G 522 -10.74 -36.11 -8.22
N THR G 523 -9.78 -36.14 -9.13
CA THR G 523 -9.41 -37.36 -9.84
C THR G 523 -7.90 -37.46 -10.05
N VAL G 524 -7.12 -36.63 -9.36
CA VAL G 524 -5.68 -36.51 -9.60
C VAL G 524 -4.99 -36.25 -8.27
N CYS G 525 -4.26 -37.24 -7.76
CA CYS G 525 -3.45 -37.10 -6.56
C CYS G 525 -2.59 -38.31 -6.29
N GLY G 526 -1.67 -38.12 -5.35
CA GLY G 526 -0.45 -38.86 -5.23
C GLY G 526 -0.64 -40.33 -4.93
N PRO G 527 0.48 -41.03 -4.69
CA PRO G 527 0.45 -42.49 -4.62
C PRO G 527 -0.08 -43.06 -3.30
N LYS G 528 -0.76 -42.28 -2.46
CA LYS G 528 -1.11 -42.76 -1.13
C LYS G 528 -2.15 -43.87 -1.19
N LYS G 529 -2.30 -44.54 -0.05
CA LYS G 529 -3.25 -45.61 0.15
C LYS G 529 -4.31 -45.08 1.11
N SER G 530 -5.56 -45.44 0.88
CA SER G 530 -6.59 -45.06 1.83
C SER G 530 -6.45 -45.86 3.11
N THR G 531 -7.17 -45.43 4.13
CA THR G 531 -7.35 -46.17 5.36
C THR G 531 -8.85 -46.29 5.58
N ASN G 532 -9.28 -47.41 6.16
CA ASN G 532 -10.71 -47.65 6.31
C ASN G 532 -11.32 -46.66 7.29
N LEU G 533 -12.49 -46.15 6.92
CA LEU G 533 -13.16 -45.15 7.75
C LEU G 533 -13.69 -45.75 9.04
N VAL G 534 -13.98 -44.87 9.99
CA VAL G 534 -14.63 -45.21 11.24
C VAL G 534 -15.75 -44.20 11.47
N LYS G 535 -16.69 -44.58 12.34
CA LYS G 535 -17.75 -43.69 12.78
C LYS G 535 -17.73 -43.64 14.29
N ASN G 536 -18.22 -42.53 14.85
CA ASN G 536 -18.43 -42.39 16.28
C ASN G 536 -17.14 -42.51 17.08
N LYS G 537 -16.05 -42.01 16.52
CA LYS G 537 -14.80 -41.84 17.25
C LYS G 537 -14.04 -40.70 16.60
N CYS G 538 -13.56 -39.75 17.43
CA CYS G 538 -12.87 -38.59 16.90
C CYS G 538 -11.57 -39.01 16.21
N VAL G 539 -11.40 -38.57 14.97
CA VAL G 539 -10.24 -38.93 14.16
C VAL G 539 -9.80 -37.71 13.38
N ASN G 540 -8.64 -37.85 12.74
CA ASN G 540 -8.04 -36.82 11.91
C ASN G 540 -8.23 -37.25 10.46
N PHE G 541 -9.29 -36.74 9.83
CA PHE G 541 -9.67 -37.18 8.50
C PHE G 541 -8.83 -36.50 7.43
N ASN G 542 -8.98 -37.00 6.20
CA ASN G 542 -8.41 -36.38 5.02
C ASN G 542 -9.23 -36.86 3.83
N PHE G 543 -10.10 -35.98 3.34
CA PHE G 543 -11.01 -36.29 2.24
C PHE G 543 -10.63 -35.42 1.05
N ASN G 544 -10.03 -36.03 0.04
CA ASN G 544 -9.64 -35.36 -1.20
C ASN G 544 -8.67 -34.21 -0.91
N GLY G 545 -7.86 -34.37 0.14
CA GLY G 545 -6.83 -33.44 0.51
C GLY G 545 -7.21 -32.51 1.65
N LEU G 546 -8.51 -32.37 1.93
CA LEU G 546 -8.95 -31.56 3.04
C LEU G 546 -8.77 -32.35 4.32
N THR G 547 -7.72 -32.07 5.06
CA THR G 547 -7.54 -32.69 6.36
C THR G 547 -8.55 -32.11 7.33
N GLY G 548 -8.42 -32.48 8.60
CA GLY G 548 -9.27 -31.92 9.62
C GLY G 548 -9.54 -32.95 10.70
N THR G 549 -10.26 -32.50 11.72
CA THR G 549 -10.54 -33.32 12.89
C THR G 549 -12.01 -33.20 13.26
N GLY G 550 -12.53 -34.30 13.78
CA GLY G 550 -13.91 -34.36 14.20
C GLY G 550 -14.31 -35.82 14.34
N VAL G 551 -15.59 -36.03 14.62
CA VAL G 551 -16.19 -37.36 14.68
C VAL G 551 -17.16 -37.49 13.52
N LEU G 552 -17.03 -38.59 12.80
CA LEU G 552 -17.83 -38.85 11.62
C LEU G 552 -18.99 -39.77 11.99
N THR G 553 -20.11 -39.57 11.34
CA THR G 553 -21.31 -40.35 11.58
C THR G 553 -22.13 -40.40 10.31
N GLU G 554 -23.01 -41.39 10.23
CA GLU G 554 -23.87 -41.53 9.07
C GLU G 554 -24.80 -40.34 8.94
N SER G 555 -25.18 -40.04 7.71
CA SER G 555 -25.98 -38.86 7.42
C SER G 555 -27.47 -39.17 7.46
N ASN G 556 -28.20 -38.33 8.19
CA ASN G 556 -29.64 -38.23 8.03
C ASN G 556 -30.02 -37.35 6.85
N LYS G 557 -29.06 -36.66 6.25
CA LYS G 557 -29.34 -35.75 5.15
C LYS G 557 -29.62 -36.53 3.88
N LYS G 558 -30.16 -35.82 2.89
CA LYS G 558 -30.37 -36.34 1.55
C LYS G 558 -29.49 -35.53 0.62
N PHE G 559 -28.53 -36.20 -0.02
CA PHE G 559 -27.44 -35.57 -0.71
C PHE G 559 -27.69 -35.60 -2.22
N LEU G 560 -27.11 -34.59 -2.96
CA LEU G 560 -27.37 -34.44 -4.38
C LEU G 560 -26.25 -35.06 -5.20
N PRO G 561 -27.10 -35.30 -6.24
CA PRO G 561 -26.36 -36.22 -6.81
C PRO G 561 -25.50 -35.63 -7.61
N PHE G 562 -24.94 -34.64 -7.11
CA PHE G 562 -23.89 -34.25 -7.88
C PHE G 562 -23.24 -33.60 -6.83
N GLN G 563 -22.48 -34.30 -6.00
CA GLN G 563 -21.96 -33.53 -4.91
C GLN G 563 -20.82 -33.88 -3.95
N GLN G 564 -20.17 -32.73 -3.27
CA GLN G 564 -19.37 -33.46 -2.31
C GLN G 564 -19.44 -32.92 -0.91
N PHE G 565 -19.48 -31.61 -0.76
CA PHE G 565 -19.20 -30.99 0.52
C PHE G 565 -20.40 -30.16 0.93
N GLY G 566 -20.83 -30.39 2.15
CA GLY G 566 -21.81 -29.53 2.79
C GLY G 566 -21.08 -28.60 3.73
N ARG G 567 -21.38 -27.32 3.62
CA ARG G 567 -20.61 -26.25 4.22
C ARG G 567 -21.50 -25.33 5.05
N ASP G 568 -20.91 -24.84 6.13
CA ASP G 568 -21.60 -24.14 7.20
C ASP G 568 -21.55 -22.63 7.03
N ILE G 569 -22.30 -21.98 7.92
CA ILE G 569 -22.20 -20.55 8.12
C ILE G 569 -20.78 -20.20 8.54
N ALA G 570 -20.18 -21.05 9.38
CA ALA G 570 -18.79 -20.86 9.80
C ALA G 570 -17.79 -21.09 8.67
N ASP G 571 -18.25 -21.62 7.52
CA ASP G 571 -17.40 -21.89 6.37
C ASP G 571 -16.37 -22.96 6.74
N THR G 572 -16.87 -24.04 7.34
CA THR G 572 -16.10 -25.26 7.52
C THR G 572 -16.99 -26.43 7.15
N THR G 573 -16.36 -27.52 6.78
CA THR G 573 -17.09 -28.69 6.30
C THR G 573 -17.96 -29.28 7.40
N ASP G 574 -19.19 -29.64 7.04
CA ASP G 574 -20.13 -30.30 7.93
C ASP G 574 -20.54 -31.68 7.42
N ALA G 575 -20.57 -31.87 6.11
CA ALA G 575 -21.05 -33.11 5.53
C ALA G 575 -20.27 -33.37 4.25
N VAL G 576 -19.74 -34.59 4.13
CA VAL G 576 -18.97 -35.01 2.97
C VAL G 576 -19.60 -36.26 2.39
N ARG G 577 -19.18 -36.59 1.18
CA ARG G 577 -19.40 -37.89 0.58
C ARG G 577 -18.04 -38.55 0.41
N ASP G 578 -18.02 -39.86 0.55
CA ASP G 578 -16.78 -40.60 0.55
C ASP G 578 -16.13 -40.48 -0.84
N PRO G 579 -14.82 -40.20 -0.94
CA PRO G 579 -14.18 -40.14 -2.26
C PRO G 579 -14.22 -41.44 -3.06
N GLN G 580 -14.46 -42.58 -2.39
CA GLN G 580 -14.59 -43.85 -3.12
C GLN G 580 -15.76 -44.69 -2.62
N THR G 581 -16.72 -44.11 -1.91
CA THR G 581 -17.97 -44.76 -1.60
C THR G 581 -19.08 -43.75 -1.80
N LEU G 582 -20.30 -44.24 -1.93
CA LEU G 582 -21.46 -43.39 -2.17
C LEU G 582 -22.20 -43.03 -0.90
N GLU G 583 -21.70 -43.46 0.26
CA GLU G 583 -22.33 -43.10 1.52
C GLU G 583 -21.93 -41.68 1.90
N ILE G 584 -22.79 -41.06 2.69
CA ILE G 584 -22.73 -39.65 3.07
C ILE G 584 -22.63 -39.58 4.58
N LEU G 585 -21.66 -38.80 5.05
CA LEU G 585 -21.26 -38.78 6.43
C LEU G 585 -21.39 -37.36 6.95
N ASP G 586 -22.02 -37.22 8.11
CA ASP G 586 -22.09 -35.96 8.81
C ASP G 586 -20.86 -35.81 9.70
N ILE G 587 -20.27 -34.62 9.65
CA ILE G 587 -19.05 -34.31 10.38
C ILE G 587 -19.43 -33.42 11.54
N THR G 588 -19.10 -33.88 12.73
CA THR G 588 -19.28 -33.15 13.97
C THR G 588 -17.90 -33.01 14.60
N PRO G 589 -17.46 -31.82 14.95
CA PRO G 589 -16.21 -31.73 15.72
C PRO G 589 -16.38 -32.37 17.07
N CYS G 590 -15.38 -33.14 17.47
CA CYS G 590 -15.50 -33.85 18.73
C CYS G 590 -15.39 -32.86 19.87
N SER G 591 -15.91 -33.27 21.02
CA SER G 591 -16.42 -32.32 22.00
C SER G 591 -15.31 -31.46 22.58
N PHE G 592 -15.70 -30.28 23.00
CA PHE G 592 -14.80 -29.34 23.65
C PHE G 592 -15.63 -28.55 24.64
N GLY G 593 -14.94 -27.72 25.41
CA GLY G 593 -15.63 -26.75 26.22
C GLY G 593 -14.64 -26.01 27.08
N GLY G 594 -15.04 -24.82 27.47
CA GLY G 594 -14.27 -24.08 28.44
C GLY G 594 -14.22 -24.81 29.75
N VAL G 595 -13.17 -24.52 30.51
CA VAL G 595 -12.90 -25.16 31.78
C VAL G 595 -12.71 -24.06 32.80
N SER G 596 -13.37 -24.18 33.93
CA SER G 596 -13.25 -23.23 35.02
C SER G 596 -13.20 -23.99 36.33
N VAL G 597 -12.56 -23.37 37.30
CA VAL G 597 -12.28 -23.97 38.59
C VAL G 597 -13.17 -23.31 39.62
N ILE G 598 -13.86 -24.13 40.40
CA ILE G 598 -14.55 -23.69 41.59
C ILE G 598 -13.62 -23.99 42.75
N THR G 599 -13.44 -22.99 43.62
CA THR G 599 -12.56 -23.15 44.76
C THR G 599 -12.93 -22.10 45.79
N PRO G 600 -12.69 -22.36 47.07
CA PRO G 600 -12.65 -21.28 48.06
C PRO G 600 -11.24 -20.70 48.12
N GLY G 601 -11.06 -19.75 49.01
CA GLY G 601 -9.75 -19.17 49.19
C GLY G 601 -8.75 -20.18 49.71
N THR G 602 -7.48 -19.90 49.42
CA THR G 602 -6.39 -20.80 49.76
C THR G 602 -6.01 -20.74 51.23
N ASN G 603 -6.44 -19.71 51.96
CA ASN G 603 -6.16 -19.63 53.38
C ASN G 603 -7.11 -20.48 54.22
N THR G 604 -7.93 -21.32 53.59
CA THR G 604 -8.79 -22.26 54.29
C THR G 604 -8.45 -23.67 53.87
N SER G 605 -8.21 -23.88 52.59
CA SER G 605 -7.97 -25.22 52.06
C SER G 605 -7.43 -25.10 50.65
N ASN G 606 -6.88 -26.22 50.17
CA ASN G 606 -6.42 -26.39 48.81
C ASN G 606 -7.36 -27.26 47.99
N GLN G 607 -8.45 -27.75 48.58
CA GLN G 607 -9.36 -28.60 47.83
C GLN G 607 -10.12 -27.78 46.82
N VAL G 608 -10.43 -28.42 45.69
CA VAL G 608 -10.98 -27.73 44.53
C VAL G 608 -12.07 -28.57 43.90
N ALA G 609 -12.70 -27.99 42.90
CA ALA G 609 -13.61 -28.67 42.01
C ALA G 609 -13.44 -28.06 40.63
N VAL G 610 -13.96 -28.77 39.64
CA VAL G 610 -13.78 -28.41 38.25
C VAL G 610 -15.13 -28.40 37.56
N LEU G 611 -15.30 -27.46 36.65
CA LEU G 611 -16.49 -27.32 35.83
C LEU G 611 -16.09 -27.40 34.38
N TYR G 612 -16.53 -28.46 33.72
CA TYR G 612 -16.29 -28.65 32.30
C TYR G 612 -17.51 -28.12 31.56
N GLN G 613 -17.45 -26.88 31.13
CA GLN G 613 -18.62 -26.15 30.65
C GLN G 613 -19.13 -26.77 29.36
N GLY G 614 -20.45 -26.88 29.25
CA GLY G 614 -21.08 -27.24 28.00
C GLY G 614 -20.76 -28.63 27.50
N VAL G 615 -20.30 -29.51 28.37
CA VAL G 615 -19.93 -30.87 28.02
C VAL G 615 -20.27 -31.75 29.21
N ASN G 616 -21.03 -32.81 28.96
CA ASN G 616 -21.53 -33.61 30.06
C ASN G 616 -20.57 -34.74 30.39
N CYS G 617 -20.96 -35.52 31.40
CA CYS G 617 -20.05 -36.37 32.13
C CYS G 617 -19.84 -37.75 31.51
N THR G 618 -20.23 -37.93 30.25
CA THR G 618 -19.99 -39.17 29.53
C THR G 618 -18.79 -39.08 28.59
N GLU G 619 -18.02 -37.99 28.67
CA GLU G 619 -16.94 -37.71 27.74
C GLU G 619 -15.66 -37.24 28.39
N VAL G 620 -15.65 -36.98 29.69
CA VAL G 620 -14.49 -36.45 30.39
C VAL G 620 -13.82 -37.55 31.21
N ASN G 641 -16.82 -38.68 42.70
CA ASN G 641 -18.03 -37.87 42.72
C ASN G 641 -18.19 -37.06 41.46
N VAL G 642 -19.36 -37.20 40.84
CA VAL G 642 -19.70 -36.50 39.61
C VAL G 642 -21.13 -35.99 39.75
N PHE G 643 -21.40 -34.86 39.12
CA PHE G 643 -22.69 -34.22 39.15
C PHE G 643 -22.94 -33.55 37.81
N GLN G 644 -24.13 -33.76 37.27
CA GLN G 644 -24.51 -33.21 35.97
C GLN G 644 -25.39 -31.99 36.23
N THR G 645 -24.97 -30.87 35.66
CA THR G 645 -25.71 -29.61 35.71
C THR G 645 -25.92 -29.11 34.29
N ARG G 646 -26.88 -28.19 34.18
CA ARG G 646 -27.15 -27.54 32.90
C ARG G 646 -26.08 -26.53 32.54
N ALA G 647 -25.17 -26.21 33.46
CA ALA G 647 -23.93 -25.54 33.13
C ALA G 647 -22.97 -26.46 32.39
N GLY G 648 -22.86 -27.69 32.82
CA GLY G 648 -21.92 -28.65 32.28
C GLY G 648 -21.70 -29.76 33.28
N CYS G 649 -20.55 -30.41 33.16
CA CYS G 649 -20.15 -31.48 34.06
C CYS G 649 -19.36 -30.85 35.21
N LEU G 650 -19.82 -31.09 36.43
CA LEU G 650 -19.19 -30.59 37.63
C LEU G 650 -18.60 -31.74 38.41
N ILE G 651 -17.30 -31.67 38.67
CA ILE G 651 -16.56 -32.74 39.31
C ILE G 651 -15.77 -32.13 40.47
N GLY G 652 -15.70 -32.86 41.58
CA GLY G 652 -15.08 -32.40 42.79
C GLY G 652 -16.04 -31.86 43.83
N ALA G 653 -17.34 -31.90 43.56
CA ALA G 653 -18.36 -31.42 44.47
C ALA G 653 -19.43 -32.48 44.64
N GLU G 654 -20.12 -32.40 45.77
CA GLU G 654 -21.14 -33.37 46.17
C GLU G 654 -22.48 -32.65 46.27
N HIS G 655 -23.51 -33.22 45.68
CA HIS G 655 -24.82 -32.60 45.71
C HIS G 655 -25.49 -32.79 47.06
N VAL G 656 -26.21 -31.77 47.48
CA VAL G 656 -26.93 -31.75 48.74
C VAL G 656 -28.32 -31.21 48.49
N ASN G 657 -29.32 -31.89 49.03
CA ASN G 657 -30.72 -31.58 48.79
C ASN G 657 -31.28 -30.59 49.80
N ASN G 658 -30.47 -30.16 50.76
CA ASN G 658 -30.74 -28.91 51.47
C ASN G 658 -30.41 -27.73 50.57
N SER G 659 -30.92 -26.56 50.96
CA SER G 659 -30.71 -25.31 50.23
C SER G 659 -30.09 -24.30 51.16
N TYR G 660 -28.83 -23.98 50.91
CA TYR G 660 -28.12 -22.93 51.62
C TYR G 660 -27.93 -21.76 50.65
N GLU G 661 -27.93 -20.55 51.20
CA GLU G 661 -27.82 -19.37 50.37
C GLU G 661 -26.47 -19.33 49.66
N CYS G 662 -26.43 -18.64 48.53
CA CYS G 662 -25.32 -18.75 47.61
C CYS G 662 -24.05 -18.16 48.21
N ASP G 663 -22.93 -18.84 47.94
CA ASP G 663 -21.60 -18.41 48.36
C ASP G 663 -20.68 -18.31 47.15
N ILE G 664 -20.80 -19.24 46.22
CA ILE G 664 -20.14 -19.20 44.93
C ILE G 664 -21.22 -19.43 43.88
N PRO G 665 -21.36 -18.56 42.87
CA PRO G 665 -22.26 -18.88 41.76
C PRO G 665 -21.58 -19.73 40.71
N ILE G 666 -22.41 -20.54 40.04
CA ILE G 666 -21.96 -21.47 39.01
C ILE G 666 -22.77 -21.22 37.75
N GLY G 667 -24.06 -21.42 37.86
CA GLY G 667 -24.97 -21.36 36.74
C GLY G 667 -26.16 -22.25 36.96
N ALA G 668 -27.26 -21.88 36.33
CA ALA G 668 -28.47 -22.71 36.30
C ALA G 668 -29.04 -22.93 37.68
N GLY G 669 -28.85 -21.98 38.58
CA GLY G 669 -29.39 -22.08 39.91
C GLY G 669 -28.58 -22.89 40.90
N ILE G 670 -27.36 -23.28 40.55
CA ILE G 670 -26.48 -24.04 41.41
C ILE G 670 -25.44 -23.10 41.99
N CYS G 671 -25.18 -23.25 43.28
CA CYS G 671 -24.11 -22.54 43.96
C CYS G 671 -23.32 -23.54 44.79
N ALA G 672 -22.06 -23.21 45.02
CA ALA G 672 -21.13 -24.05 45.76
C ALA G 672 -20.65 -23.36 47.01
N SER G 673 -20.06 -24.16 47.89
CA SER G 673 -19.47 -23.66 49.12
C SER G 673 -18.54 -24.73 49.66
N TYR G 674 -17.77 -24.34 50.67
CA TYR G 674 -16.85 -25.23 51.36
C TYR G 674 -17.20 -25.22 52.84
N GLN G 675 -17.99 -26.22 53.25
CA GLN G 675 -18.42 -26.36 54.62
C GLN G 675 -18.16 -27.79 55.07
N THR G 676 -18.29 -28.01 56.36
CA THR G 676 -17.97 -29.29 56.96
C THR G 676 -19.03 -30.33 56.62
N SER G 689 -15.80 -34.80 56.81
CA SER G 689 -14.82 -33.83 57.24
C SER G 689 -15.13 -32.44 56.64
N GLN G 690 -14.53 -32.11 55.50
CA GLN G 690 -14.81 -30.88 54.79
C GLN G 690 -14.65 -31.16 53.31
N SER G 691 -15.49 -30.54 52.50
CA SER G 691 -15.44 -30.76 51.06
C SER G 691 -16.20 -29.65 50.38
N ILE G 692 -16.03 -29.58 49.07
CA ILE G 692 -16.89 -28.74 48.24
C ILE G 692 -18.21 -29.47 48.07
N ILE G 693 -19.29 -28.70 48.15
CA ILE G 693 -20.63 -29.22 47.91
C ILE G 693 -21.33 -28.30 46.94
N ALA G 694 -22.31 -28.87 46.25
CA ALA G 694 -23.17 -28.14 45.34
C ALA G 694 -24.61 -28.28 45.80
N TYR G 695 -25.42 -27.29 45.47
CA TYR G 695 -26.77 -27.26 45.96
C TYR G 695 -27.57 -26.26 45.14
N THR G 696 -28.88 -26.41 45.18
CA THR G 696 -29.77 -25.41 44.60
C THR G 696 -29.98 -24.30 45.60
N MET G 697 -29.65 -23.09 45.17
CA MET G 697 -29.73 -21.91 46.00
C MET G 697 -31.12 -21.67 46.55
N SER G 698 -31.18 -21.26 47.81
CA SER G 698 -32.40 -20.72 48.38
C SER G 698 -32.49 -19.24 48.08
N LEU G 699 -33.72 -18.71 48.19
CA LEU G 699 -34.03 -17.32 47.92
C LEU G 699 -34.47 -16.60 49.17
N GLY G 700 -33.95 -17.01 50.32
CA GLY G 700 -34.54 -16.67 51.60
C GLY G 700 -35.57 -17.70 52.02
N ALA G 701 -36.01 -17.58 53.26
CA ALA G 701 -36.84 -18.61 53.85
C ALA G 701 -38.27 -18.49 53.36
N GLU G 702 -38.89 -19.65 53.14
CA GLU G 702 -40.31 -19.68 52.85
C GLU G 702 -41.07 -19.08 54.02
N ASN G 703 -42.00 -18.19 53.71
CA ASN G 703 -42.77 -17.49 54.71
C ASN G 703 -44.07 -17.07 54.05
N SER G 704 -45.01 -16.62 54.87
CA SER G 704 -46.24 -16.07 54.34
C SER G 704 -46.80 -15.10 55.36
N VAL G 705 -47.51 -14.10 54.87
CA VAL G 705 -48.10 -13.08 55.70
C VAL G 705 -49.53 -13.51 55.98
N ALA G 706 -49.90 -13.49 57.26
CA ALA G 706 -51.29 -13.73 57.61
C ALA G 706 -52.14 -12.61 57.04
N TYR G 707 -53.37 -12.95 56.70
CA TYR G 707 -54.22 -12.04 55.95
C TYR G 707 -55.67 -12.29 56.28
N SER G 708 -56.42 -11.20 56.29
CA SER G 708 -57.87 -11.23 56.34
C SER G 708 -58.33 -9.84 55.96
N ASN G 709 -59.64 -9.60 55.96
CA ASN G 709 -60.20 -8.30 55.65
C ASN G 709 -60.52 -7.50 56.90
N ASN G 710 -60.14 -8.01 58.08
CA ASN G 710 -60.41 -7.34 59.34
C ASN G 710 -59.25 -7.52 60.31
N SER G 711 -58.03 -7.63 59.80
CA SER G 711 -56.86 -7.78 60.66
C SER G 711 -55.74 -6.93 60.10
N ILE G 712 -55.10 -6.18 60.99
CA ILE G 712 -54.00 -5.30 60.66
C ILE G 712 -52.93 -5.45 61.73
N ALA G 713 -51.72 -5.05 61.37
CA ALA G 713 -50.57 -5.05 62.25
C ALA G 713 -49.99 -3.65 62.29
N ILE G 714 -49.72 -3.18 63.50
CA ILE G 714 -49.15 -1.86 63.73
C ILE G 714 -47.91 -2.06 64.60
N PRO G 715 -46.82 -1.34 64.39
CA PRO G 715 -45.69 -1.48 65.30
C PRO G 715 -46.01 -0.92 66.67
N THR G 716 -45.32 -1.45 67.68
CA THR G 716 -45.34 -0.90 69.03
C THR G 716 -44.01 -0.29 69.41
N ASN G 717 -42.94 -0.68 68.74
CA ASN G 717 -41.61 -0.18 68.99
C ASN G 717 -40.99 0.12 67.64
N PHE G 718 -39.70 0.38 67.63
CA PHE G 718 -38.99 0.61 66.39
C PHE G 718 -37.50 0.39 66.66
N THR G 719 -36.70 0.65 65.65
CA THR G 719 -35.26 0.57 65.77
C THR G 719 -34.67 1.47 64.70
N ILE G 720 -33.53 2.06 65.04
CA ILE G 720 -32.79 2.91 64.12
C ILE G 720 -31.62 2.09 63.62
N SER G 721 -31.65 1.77 62.35
CA SER G 721 -30.52 1.15 61.70
C SER G 721 -29.66 2.23 61.05
N VAL G 722 -28.46 1.84 60.67
CA VAL G 722 -27.60 2.68 59.86
C VAL G 722 -27.01 1.80 58.78
N THR G 723 -27.39 2.07 57.55
CA THR G 723 -26.87 1.36 56.40
C THR G 723 -25.66 2.11 55.84
N THR G 724 -24.75 1.34 55.28
CA THR G 724 -23.61 1.86 54.55
C THR G 724 -23.91 1.71 53.08
N GLU G 725 -23.57 2.73 52.30
CA GLU G 725 -23.76 2.70 50.85
C GLU G 725 -22.56 3.39 50.22
N ILE G 726 -21.73 2.59 49.60
CA ILE G 726 -20.48 3.06 49.01
C ILE G 726 -20.69 3.17 47.51
N LEU G 727 -20.10 4.19 46.92
CA LEU G 727 -20.14 4.40 45.50
C LEU G 727 -18.79 4.93 45.09
N PRO G 728 -18.33 4.64 43.88
CA PRO G 728 -17.15 5.33 43.35
C PRO G 728 -17.56 6.58 42.59
N VAL G 729 -16.61 7.51 42.55
CA VAL G 729 -16.84 8.84 41.99
C VAL G 729 -15.80 9.19 40.95
N SER G 730 -14.63 8.58 41.03
CA SER G 730 -13.52 8.95 40.18
C SER G 730 -12.56 7.77 40.11
N MET G 731 -11.59 7.90 39.22
CA MET G 731 -10.51 6.93 39.10
C MET G 731 -9.25 7.69 38.74
N THR G 732 -8.16 6.95 38.61
CA THR G 732 -6.86 7.60 38.50
C THR G 732 -6.72 8.24 37.13
N LYS G 733 -6.29 9.49 37.12
CA LYS G 733 -6.14 10.24 35.88
C LYS G 733 -4.85 9.80 35.23
N THR G 734 -4.96 8.89 34.28
CA THR G 734 -3.82 8.38 33.54
C THR G 734 -3.71 9.11 32.22
N SER G 735 -2.48 9.41 31.84
CA SER G 735 -2.18 10.00 30.54
C SER G 735 -0.97 9.29 29.99
N VAL G 736 -1.01 8.99 28.70
CA VAL G 736 0.01 8.23 28.02
C VAL G 736 0.46 9.03 26.81
N ASP G 737 1.77 9.01 26.55
CA ASP G 737 2.33 9.55 25.34
C ASP G 737 2.52 8.39 24.37
N CYS G 738 1.87 8.50 23.22
CA CYS G 738 1.92 7.44 22.23
C CYS G 738 3.34 7.23 21.73
N THR G 739 4.01 8.33 21.40
CA THR G 739 5.33 8.26 20.80
C THR G 739 6.30 7.59 21.77
N MET G 740 6.19 7.92 23.05
CA MET G 740 6.94 7.23 24.09
C MET G 740 6.65 5.74 24.13
N TYR G 741 5.36 5.37 24.14
CA TYR G 741 5.00 3.98 24.42
C TYR G 741 5.47 3.09 23.29
N ILE G 742 5.36 3.59 22.07
CA ILE G 742 5.72 2.81 20.91
C ILE G 742 7.21 2.89 20.67
N CYS G 743 7.69 4.10 20.40
CA CYS G 743 9.09 4.38 20.19
C CYS G 743 9.74 4.75 21.51
N GLY G 744 10.86 4.11 21.83
CA GLY G 744 11.56 4.50 23.05
C GLY G 744 11.99 5.94 23.00
N ASP G 745 13.01 6.23 22.18
CA ASP G 745 13.40 7.59 21.84
C ASP G 745 13.72 7.70 20.36
N SER G 746 13.57 6.61 19.60
CA SER G 746 14.21 6.50 18.31
C SER G 746 13.55 7.42 17.29
N THR G 747 14.38 8.18 16.59
CA THR G 747 13.86 9.07 15.57
C THR G 747 13.27 8.28 14.40
N GLU G 748 13.85 7.11 14.09
CA GLU G 748 13.36 6.33 12.97
C GLU G 748 11.92 5.87 13.22
N CYS G 749 11.69 5.32 14.42
CA CYS G 749 10.36 4.90 14.78
C CYS G 749 9.40 6.07 14.81
N SER G 750 9.87 7.23 15.28
CA SER G 750 9.01 8.40 15.35
C SER G 750 8.63 8.89 13.96
N ASN G 751 9.58 8.85 13.03
CA ASN G 751 9.28 9.26 11.67
C ASN G 751 8.28 8.32 11.02
N LEU G 752 8.40 7.04 11.33
CA LEU G 752 7.52 6.06 10.72
C LEU G 752 6.17 6.05 11.43
N LEU G 753 6.11 6.61 12.63
CA LEU G 753 4.83 6.83 13.30
C LEU G 753 4.16 8.09 12.80
N LEU G 754 4.95 9.11 12.46
CA LEU G 754 4.37 10.32 11.88
C LEU G 754 3.55 10.01 10.66
N GLN G 755 4.02 9.08 9.83
CA GLN G 755 3.43 8.77 8.51
C GLN G 755 2.11 8.07 8.65
N TYR G 756 1.80 7.54 9.85
CA TYR G 756 0.43 7.24 10.19
C TYR G 756 -0.39 8.50 10.45
N GLY G 757 0.21 9.67 10.42
CA GLY G 757 -0.54 10.89 10.62
C GLY G 757 -0.92 11.03 12.06
N SER G 758 -2.17 11.39 12.28
CA SER G 758 -2.63 11.89 13.57
C SER G 758 -3.62 10.93 14.23
N PHE G 759 -3.34 9.63 14.18
CA PHE G 759 -4.00 8.74 15.13
C PHE G 759 -3.72 9.17 16.55
N CYS G 760 -2.45 9.18 16.91
CA CYS G 760 -2.19 9.08 18.33
C CYS G 760 -2.27 10.42 19.03
N THR G 761 -2.63 11.49 18.32
CA THR G 761 -3.20 12.66 18.97
C THR G 761 -4.60 12.37 19.48
N GLN G 762 -5.36 11.56 18.75
CA GLN G 762 -6.72 11.21 19.16
C GLN G 762 -6.71 10.48 20.50
N LEU G 763 -5.72 9.63 20.72
CA LEU G 763 -5.67 8.83 21.93
C LEU G 763 -5.35 9.71 23.14
N ASN G 764 -4.35 10.57 22.98
CA ASN G 764 -4.02 11.55 24.00
C ASN G 764 -5.21 12.46 24.28
N ARG G 765 -5.93 12.84 23.22
CA ARG G 765 -7.10 13.70 23.36
C ARG G 765 -8.17 13.02 24.21
N ALA G 766 -8.44 11.75 23.93
CA ALA G 766 -9.45 11.03 24.68
C ALA G 766 -9.06 10.89 26.15
N LEU G 767 -7.79 10.56 26.40
CA LEU G 767 -7.33 10.43 27.78
C LEU G 767 -7.44 11.76 28.51
N THR G 768 -7.14 12.85 27.82
CA THR G 768 -7.27 14.18 28.42
C THR G 768 -8.72 14.48 28.77
N GLY G 769 -9.64 14.09 27.88
CA GLY G 769 -11.05 14.27 28.18
C GLY G 769 -11.44 13.50 29.43
N ILE G 770 -10.95 12.28 29.55
CA ILE G 770 -11.22 11.47 30.74
C ILE G 770 -10.67 12.18 31.97
N ALA G 771 -9.46 12.72 31.86
CA ALA G 771 -8.79 13.31 33.01
C ALA G 771 -9.55 14.51 33.53
N VAL G 772 -10.01 15.38 32.62
CA VAL G 772 -10.84 16.50 33.03
C VAL G 772 -12.14 16.00 33.64
N GLU G 773 -12.68 14.94 33.04
CA GLU G 773 -14.02 14.50 33.36
C GLU G 773 -14.07 13.93 34.77
N GLN G 774 -12.97 13.29 35.18
CA GLN G 774 -12.86 12.74 36.53
C GLN G 774 -12.76 13.81 37.58
N ASP G 775 -12.26 14.99 37.24
CA ASP G 775 -12.29 16.11 38.17
C ASP G 775 -13.69 16.69 38.25
N LYS G 776 -14.38 16.74 37.11
CA LYS G 776 -15.74 17.27 37.11
C LYS G 776 -16.66 16.42 37.97
N ASN G 777 -16.50 15.09 37.91
CA ASN G 777 -17.35 14.20 38.70
C ASN G 777 -17.20 14.49 40.19
N THR G 778 -15.96 14.58 40.64
CA THR G 778 -15.68 14.85 42.05
C THR G 778 -16.24 16.21 42.45
N GLN G 779 -16.08 17.19 41.56
CA GLN G 779 -16.60 18.52 41.82
C GLN G 779 -18.10 18.49 41.99
N GLU G 780 -18.80 17.79 41.10
CA GLU G 780 -20.25 17.75 41.16
C GLU G 780 -20.74 17.07 42.42
N VAL G 781 -20.05 16.02 42.84
CA VAL G 781 -20.46 15.32 44.04
C VAL G 781 -20.26 16.19 45.27
N PHE G 782 -19.03 16.66 45.49
CA PHE G 782 -18.68 17.21 46.78
C PHE G 782 -18.94 18.70 46.91
N ALA G 783 -18.90 19.44 45.80
CA ALA G 783 -19.18 20.88 45.82
C ALA G 783 -20.65 21.15 45.61
N GLN G 784 -21.49 20.50 46.40
CA GLN G 784 -22.89 20.82 46.47
C GLN G 784 -23.19 21.94 47.45
N VAL G 785 -22.17 22.48 48.11
CA VAL G 785 -22.32 23.43 49.19
C VAL G 785 -21.78 24.77 48.73
N LYS G 786 -22.45 25.83 49.14
CA LYS G 786 -22.08 27.19 48.78
C LYS G 786 -20.95 27.73 49.63
N GLN G 787 -20.92 27.37 50.92
CA GLN G 787 -19.97 27.92 51.87
C GLN G 787 -19.48 26.83 52.80
N ILE G 788 -18.29 27.04 53.34
CA ILE G 788 -17.77 26.13 54.36
C ILE G 788 -18.43 26.44 55.68
N TYR G 789 -18.88 25.38 56.35
CA TYR G 789 -19.35 25.44 57.72
C TYR G 789 -18.43 24.60 58.58
N LYS G 790 -18.04 25.15 59.72
CA LYS G 790 -17.27 24.43 60.72
C LYS G 790 -18.20 24.13 61.89
N THR G 791 -18.02 22.96 62.48
CA THR G 791 -18.89 22.56 63.56
C THR G 791 -18.66 23.49 64.77
N PRO G 792 -19.66 23.71 65.61
CA PRO G 792 -19.40 24.41 66.85
C PRO G 792 -18.61 23.50 67.80
N PRO G 793 -18.00 24.09 68.83
CA PRO G 793 -17.36 23.23 69.86
C PRO G 793 -18.34 22.71 70.88
N ILE G 794 -19.63 23.03 70.71
CA ILE G 794 -20.69 22.49 71.55
C ILE G 794 -21.05 21.12 71.01
N LYS G 795 -21.06 20.12 71.89
CA LYS G 795 -21.40 18.74 71.53
C LYS G 795 -22.64 18.26 72.27
N ASP G 796 -23.58 19.17 72.54
CA ASP G 796 -24.89 18.83 73.09
C ASP G 796 -25.92 18.87 71.98
N PHE G 797 -26.43 17.70 71.62
CA PHE G 797 -27.35 17.54 70.50
C PHE G 797 -28.58 16.74 70.90
N GLY G 798 -28.86 16.65 72.18
CA GLY G 798 -29.90 15.78 72.67
C GLY G 798 -29.46 14.35 72.91
N GLY G 799 -28.16 14.12 73.08
CA GLY G 799 -27.62 12.80 73.32
C GLY G 799 -26.97 12.17 72.11
N PHE G 800 -27.20 12.71 70.92
CA PHE G 800 -26.60 12.14 69.73
C PHE G 800 -25.11 12.44 69.70
N ASN G 801 -24.36 11.47 69.24
CA ASN G 801 -22.90 11.50 69.22
C ASN G 801 -22.40 11.52 67.79
N PHE G 802 -21.55 12.49 67.48
CA PHE G 802 -21.02 12.66 66.13
C PHE G 802 -19.51 12.87 66.13
N SER G 803 -18.82 12.47 67.19
CA SER G 803 -17.38 12.62 67.25
C SER G 803 -16.65 11.53 66.47
N GLN G 804 -17.37 10.53 65.97
CA GLN G 804 -16.80 9.51 65.11
C GLN G 804 -16.92 9.84 63.64
N ILE G 805 -17.52 10.97 63.28
CA ILE G 805 -17.61 11.42 61.90
C ILE G 805 -17.21 12.87 61.71
N LEU G 806 -17.16 13.67 62.77
CA LEU G 806 -16.58 15.00 62.68
C LEU G 806 -15.06 14.90 62.77
N PRO G 807 -14.29 15.77 62.11
CA PRO G 807 -12.83 15.67 62.24
C PRO G 807 -12.36 15.99 63.64
N ASP G 808 -11.27 15.35 64.04
CA ASP G 808 -10.53 15.81 65.19
C ASP G 808 -9.66 17.00 64.78
N PRO G 809 -9.69 18.14 65.51
CA PRO G 809 -8.76 19.22 65.16
C PRO G 809 -7.29 18.86 65.35
N SER G 810 -7.01 17.79 66.10
CA SER G 810 -5.65 17.42 66.45
C SER G 810 -4.86 16.84 65.29
N LYS G 811 -5.52 16.35 64.23
CA LYS G 811 -4.78 15.69 63.18
C LYS G 811 -4.06 16.72 62.29
N PRO G 812 -2.91 16.36 61.69
CA PRO G 812 -2.37 17.24 60.65
C PRO G 812 -3.24 17.31 59.42
N SER G 813 -3.88 16.21 59.04
CA SER G 813 -4.82 16.14 57.93
C SER G 813 -6.18 15.84 58.53
N LYS G 814 -7.03 16.86 58.59
CA LYS G 814 -8.20 16.79 59.46
C LYS G 814 -9.20 15.81 58.91
N ARG G 815 -9.42 14.75 59.67
CA ARG G 815 -10.18 13.59 59.23
C ARG G 815 -10.78 12.97 60.49
N SER G 816 -11.76 12.12 60.29
CA SER G 816 -12.43 11.45 61.39
C SER G 816 -12.00 10.01 61.47
N PHE G 817 -12.43 9.36 62.56
CA PHE G 817 -12.06 7.99 62.83
C PHE G 817 -12.51 7.06 61.71
N ILE G 818 -13.76 7.22 61.29
CA ILE G 818 -14.31 6.38 60.24
C ILE G 818 -13.61 6.67 58.92
N GLU G 819 -13.30 7.95 58.67
CA GLU G 819 -12.56 8.31 57.46
C GLU G 819 -11.19 7.64 57.45
N ASP G 820 -10.55 7.56 58.61
CA ASP G 820 -9.23 6.94 58.67
C ASP G 820 -9.32 5.44 58.46
N LEU G 821 -10.39 4.81 58.95
CA LEU G 821 -10.59 3.40 58.59
C LEU G 821 -10.80 3.25 57.09
N LEU G 822 -11.49 4.19 56.48
CA LEU G 822 -11.75 4.08 55.05
C LEU G 822 -10.48 4.23 54.23
N PHE G 823 -9.66 5.24 54.53
CA PHE G 823 -8.49 5.52 53.73
C PHE G 823 -7.37 4.51 53.91
N ASN G 824 -7.49 3.59 54.87
CA ASN G 824 -6.48 2.56 55.10
C ASN G 824 -6.90 1.19 54.62
N LYS G 825 -8.18 0.98 54.32
CA LYS G 825 -8.67 -0.27 53.77
C LYS G 825 -8.90 -0.17 52.26
N VAL G 826 -8.16 0.71 51.59
CA VAL G 826 -8.10 0.77 50.15
C VAL G 826 -6.62 0.76 49.78
N THR G 827 -6.20 -0.28 49.09
CA THR G 827 -4.80 -0.58 48.83
C THR G 827 -4.39 -0.19 47.42
N LYS G 854 6.40 2.86 34.19
CA LYS G 854 6.97 4.19 34.05
C LYS G 854 7.92 4.19 32.85
N PHE G 855 8.30 5.39 32.39
CA PHE G 855 9.03 5.65 31.14
C PHE G 855 8.52 4.78 30.00
N ASN G 856 7.22 4.83 29.83
CA ASN G 856 6.58 4.45 28.59
C ASN G 856 5.59 5.52 28.12
N GLY G 857 5.65 6.72 28.70
CA GLY G 857 4.63 7.74 28.52
C GLY G 857 3.65 7.83 29.66
N LEU G 858 3.71 6.90 30.60
CA LEU G 858 2.78 6.88 31.73
C LEU G 858 3.01 8.08 32.62
N THR G 859 2.12 9.05 32.53
CA THR G 859 2.12 10.23 33.39
C THR G 859 0.85 10.17 34.20
N VAL G 860 1.00 9.95 35.50
CA VAL G 860 -0.13 9.79 36.41
C VAL G 860 -0.48 11.18 36.92
N LEU G 861 -1.43 11.81 36.26
CA LEU G 861 -1.84 13.13 36.66
C LEU G 861 -2.53 13.05 38.02
N PRO G 862 -2.19 13.88 38.99
CA PRO G 862 -2.86 13.80 40.27
C PRO G 862 -4.19 14.53 40.20
N PRO G 863 -5.11 14.26 41.12
CA PRO G 863 -6.38 14.96 41.09
C PRO G 863 -6.21 16.42 41.46
N LEU G 864 -7.18 17.21 41.03
CA LEU G 864 -7.19 18.62 41.42
C LEU G 864 -7.49 18.77 42.90
N LEU G 865 -8.33 17.91 43.44
CA LEU G 865 -8.79 17.99 44.82
C LEU G 865 -8.11 16.88 45.60
N THR G 866 -7.24 17.26 46.52
CA THR G 866 -6.59 16.30 47.37
C THR G 866 -7.55 15.84 48.46
N ASP G 867 -7.19 14.73 49.11
CA ASP G 867 -8.10 14.10 50.06
C ASP G 867 -8.43 15.02 51.23
N GLU G 868 -7.51 15.91 51.60
CA GLU G 868 -7.82 16.89 52.63
C GLU G 868 -8.97 17.80 52.21
N MET G 869 -8.97 18.23 50.94
CA MET G 869 -10.02 19.12 50.47
C MET G 869 -11.36 18.43 50.46
N ILE G 870 -11.36 17.16 50.04
CA ILE G 870 -12.57 16.35 50.07
C ILE G 870 -13.08 16.28 51.50
N ALA G 871 -12.17 16.11 52.45
CA ALA G 871 -12.57 16.06 53.85
C ALA G 871 -13.14 17.38 54.31
N GLN G 872 -12.58 18.49 53.82
CA GLN G 872 -13.14 19.81 54.16
C GLN G 872 -14.56 19.92 53.68
N TYR G 873 -14.80 19.53 52.42
CA TYR G 873 -16.13 19.65 51.84
C TYR G 873 -17.12 18.77 52.60
N THR G 874 -16.72 17.54 52.91
CA THR G 874 -17.62 16.63 53.59
C THR G 874 -17.91 17.10 55.00
N SER G 875 -16.90 17.62 55.70
CA SER G 875 -17.12 18.15 57.03
C SER G 875 -18.07 19.34 56.97
N ALA G 876 -17.97 20.15 55.93
CA ALA G 876 -18.87 21.28 55.79
C ALA G 876 -20.30 20.83 55.57
N LEU G 877 -20.50 19.87 54.67
CA LEU G 877 -21.82 19.33 54.42
C LEU G 877 -22.39 18.73 55.68
N LEU G 878 -21.57 17.99 56.40
CA LEU G 878 -22.00 17.27 57.59
C LEU G 878 -22.41 18.26 58.68
N ALA G 879 -21.60 19.30 58.89
CA ALA G 879 -21.92 20.28 59.91
C ALA G 879 -23.18 21.05 59.54
N GLY G 880 -23.34 21.38 58.27
CA GLY G 880 -24.55 22.05 57.85
C GLY G 880 -25.77 21.19 58.06
N THR G 881 -25.64 19.90 57.79
CA THR G 881 -26.73 18.97 58.04
C THR G 881 -27.10 18.95 59.51
N ILE G 882 -26.08 18.94 60.37
CA ILE G 882 -26.32 18.80 61.79
C ILE G 882 -26.94 20.05 62.37
N THR G 883 -26.51 21.23 61.92
CA THR G 883 -26.88 22.48 62.55
C THR G 883 -28.01 23.22 61.85
N SER G 884 -28.31 22.88 60.61
CA SER G 884 -29.19 23.70 59.77
C SER G 884 -30.27 22.89 59.08
N GLY G 885 -30.45 21.63 59.44
CA GLY G 885 -31.45 20.82 58.75
C GLY G 885 -31.12 20.66 57.30
N TRP G 886 -32.16 20.69 56.48
CA TRP G 886 -32.02 20.73 55.04
C TRP G 886 -32.08 22.13 54.48
N THR G 887 -32.14 23.16 55.32
CA THR G 887 -32.44 24.49 54.84
C THR G 887 -31.29 25.08 54.03
N PHE G 888 -30.05 24.67 54.34
CA PHE G 888 -28.92 25.16 53.58
C PHE G 888 -28.83 24.53 52.20
N GLY G 889 -29.60 23.48 51.94
CA GLY G 889 -29.74 23.02 50.57
C GLY G 889 -30.48 24.02 49.70
N ALA G 890 -31.52 24.63 50.25
CA ALA G 890 -32.36 25.54 49.50
C ALA G 890 -31.76 26.93 49.42
N GLY G 891 -31.61 27.57 50.56
CA GLY G 891 -31.15 28.94 50.66
C GLY G 891 -30.08 29.10 51.70
N ALA G 892 -30.08 30.27 52.33
CA ALA G 892 -29.09 30.53 53.37
C ALA G 892 -29.31 29.60 54.55
N ALA G 893 -28.22 29.22 55.21
CA ALA G 893 -28.31 28.29 56.31
C ALA G 893 -29.08 28.91 57.47
N LEU G 894 -29.99 28.13 58.03
CA LEU G 894 -30.84 28.55 59.12
C LEU G 894 -30.67 27.58 60.27
N GLN G 895 -30.21 28.09 61.40
CA GLN G 895 -29.84 27.22 62.51
C GLN G 895 -31.08 26.56 63.09
N ILE G 896 -30.83 25.45 63.78
CA ILE G 896 -31.90 24.73 64.44
C ILE G 896 -31.31 23.67 65.38
N PRO G 897 -31.94 23.36 66.52
CA PRO G 897 -31.47 22.24 67.31
C PRO G 897 -31.65 20.92 66.59
N PHE G 898 -30.78 19.97 66.94
CA PHE G 898 -30.83 18.66 66.31
C PHE G 898 -32.09 17.89 66.67
N ALA G 899 -32.53 18.00 67.92
CA ALA G 899 -33.70 17.24 68.34
C ALA G 899 -34.93 17.66 67.56
N MET G 900 -35.08 18.96 67.35
CA MET G 900 -36.19 19.44 66.57
C MET G 900 -36.05 19.07 65.10
N GLN G 901 -34.83 19.01 64.60
CA GLN G 901 -34.59 18.54 63.25
C GLN G 901 -35.00 17.08 63.13
N MET G 902 -34.72 16.30 64.17
CA MET G 902 -35.09 14.90 64.17
C MET G 902 -36.59 14.77 64.16
N ALA G 903 -37.25 15.63 64.93
CA ALA G 903 -38.71 15.69 64.97
C ALA G 903 -39.25 16.01 63.59
N TYR G 904 -38.56 16.92 62.90
CA TYR G 904 -39.02 17.36 61.59
C TYR G 904 -39.05 16.13 60.69
N ARG G 905 -37.95 15.39 60.76
CA ARG G 905 -37.72 14.28 59.86
C ARG G 905 -38.66 13.12 60.16
N PHE G 906 -39.05 12.96 61.42
CA PHE G 906 -40.02 11.93 61.76
C PHE G 906 -41.42 12.34 61.32
N ASN G 907 -41.72 13.63 61.40
CA ASN G 907 -42.97 14.12 60.87
C ASN G 907 -43.06 13.89 59.38
N GLY G 908 -41.91 13.88 58.71
CA GLY G 908 -41.90 13.62 57.29
C GLY G 908 -42.33 12.23 56.90
N ILE G 909 -42.17 11.25 57.79
CA ILE G 909 -42.42 9.84 57.48
C ILE G 909 -43.72 9.33 58.10
N GLY G 910 -44.58 10.21 58.59
CA GLY G 910 -45.85 9.81 59.14
C GLY G 910 -45.86 9.48 60.61
N VAL G 911 -44.82 9.83 61.34
CA VAL G 911 -44.75 9.65 62.79
C VAL G 911 -44.76 11.02 63.42
N THR G 912 -45.60 11.19 64.44
CA THR G 912 -45.69 12.47 65.10
C THR G 912 -44.46 12.71 65.96
N GLN G 913 -44.12 13.98 66.11
CA GLN G 913 -42.86 14.36 66.75
C GLN G 913 -42.86 14.09 68.24
N ASN G 914 -44.04 13.95 68.84
CA ASN G 914 -44.09 13.57 70.24
C ASN G 914 -43.46 12.20 70.47
N VAL G 915 -43.56 11.32 69.48
CA VAL G 915 -42.95 10.00 69.59
C VAL G 915 -41.46 10.12 69.77
N LEU G 916 -40.86 11.09 69.09
CA LEU G 916 -39.47 11.40 69.36
C LEU G 916 -39.31 11.94 70.77
N TYR G 917 -39.96 13.08 71.05
CA TYR G 917 -39.66 13.83 72.26
C TYR G 917 -39.88 13.01 73.53
N GLU G 918 -40.70 11.98 73.46
CA GLU G 918 -40.86 11.05 74.57
C GLU G 918 -39.84 9.91 74.57
N ASN G 919 -39.23 9.59 73.42
CA ASN G 919 -38.31 8.46 73.28
C ASN G 919 -36.91 8.90 72.86
N GLN G 920 -36.59 10.16 73.16
CA GLN G 920 -35.38 10.80 72.66
C GLN G 920 -34.12 10.06 73.08
N LYS G 921 -34.00 9.73 74.37
CA LYS G 921 -32.78 9.07 74.85
C LYS G 921 -32.63 7.69 74.25
N LEU G 922 -33.74 6.97 74.13
CA LEU G 922 -33.71 5.66 73.50
C LEU G 922 -33.21 5.75 72.08
N ILE G 923 -33.72 6.74 71.35
CA ILE G 923 -33.35 6.91 69.95
C ILE G 923 -31.87 7.26 69.85
N ALA G 924 -31.40 8.15 70.72
CA ALA G 924 -30.01 8.55 70.69
C ALA G 924 -29.10 7.38 70.99
N ASN G 925 -29.48 6.55 71.96
CA ASN G 925 -28.66 5.40 72.31
C ASN G 925 -28.63 4.40 71.16
N GLN G 926 -29.75 4.17 70.50
CA GLN G 926 -29.78 3.28 69.35
C GLN G 926 -28.88 3.82 68.25
N PHE G 927 -28.93 5.12 68.02
CA PHE G 927 -28.13 5.74 66.96
C PHE G 927 -26.64 5.59 67.26
N ASN G 928 -26.25 5.88 68.49
CA ASN G 928 -24.86 5.77 68.89
C ASN G 928 -24.38 4.33 68.78
N SER G 929 -25.22 3.38 69.18
CA SER G 929 -24.85 1.98 69.07
C SER G 929 -24.66 1.58 67.62
N ALA G 930 -25.55 2.03 66.74
CA ALA G 930 -25.43 1.68 65.33
C ALA G 930 -24.16 2.27 64.74
N ILE G 931 -23.80 3.48 65.15
CA ILE G 931 -22.56 4.09 64.67
C ILE G 931 -21.38 3.25 65.14
N GLY G 932 -21.45 2.76 66.38
CA GLY G 932 -20.43 1.85 66.86
C GLY G 932 -20.35 0.57 66.03
N LYS G 933 -21.51 0.10 65.56
CA LYS G 933 -21.52 -1.10 64.73
C LYS G 933 -20.81 -0.84 63.41
N ILE G 934 -21.05 0.33 62.82
CA ILE G 934 -20.34 0.70 61.58
C ILE G 934 -18.85 0.72 61.84
N GLN G 935 -18.47 1.34 62.96
CA GLN G 935 -17.06 1.49 63.29
C GLN G 935 -16.41 0.12 63.47
N ASP G 936 -17.13 -0.82 64.09
CA ASP G 936 -16.63 -2.18 64.24
C ASP G 936 -16.47 -2.87 62.89
N SER G 937 -17.54 -2.85 62.08
CA SER G 937 -17.54 -3.59 60.83
C SER G 937 -16.47 -3.08 59.88
N LEU G 938 -16.17 -1.79 59.96
CA LEU G 938 -15.07 -1.24 59.19
C LEU G 938 -13.72 -1.51 59.83
N SER G 939 -13.66 -1.53 61.16
CA SER G 939 -12.39 -1.73 61.84
C SER G 939 -11.88 -3.15 61.73
N SER G 940 -12.72 -4.11 61.31
CA SER G 940 -12.25 -5.47 61.08
C SER G 940 -12.18 -5.83 59.60
N THR G 941 -13.32 -5.74 58.91
CA THR G 941 -13.40 -6.30 57.56
C THR G 941 -13.17 -5.22 56.50
N ALA G 942 -12.40 -5.61 55.48
CA ALA G 942 -12.15 -4.77 54.31
C ALA G 942 -12.93 -5.23 53.08
N SER G 943 -13.75 -6.28 53.19
CA SER G 943 -14.55 -6.72 52.06
C SER G 943 -15.58 -5.67 51.65
N ALA G 944 -15.99 -4.82 52.59
CA ALA G 944 -17.08 -3.89 52.32
C ALA G 944 -16.68 -2.80 51.34
N LEU G 945 -15.38 -2.60 51.11
CA LEU G 945 -14.87 -1.56 50.23
C LEU G 945 -14.76 -2.03 48.77
N GLY G 946 -15.48 -3.10 48.42
CA GLY G 946 -15.25 -3.75 47.14
C GLY G 946 -15.60 -2.87 45.97
N LYS G 947 -16.58 -1.99 46.15
CA LYS G 947 -17.01 -1.12 45.07
C LYS G 947 -15.87 -0.25 44.55
N LEU G 948 -15.14 0.38 45.45
CA LEU G 948 -13.97 1.17 45.08
C LEU G 948 -12.82 0.27 44.66
N GLN G 949 -12.65 -0.84 45.38
CA GLN G 949 -11.46 -1.65 45.23
C GLN G 949 -11.41 -2.29 43.86
N ASP G 950 -12.55 -2.70 43.34
CA ASP G 950 -12.58 -3.29 42.01
C ASP G 950 -12.18 -2.28 40.97
N VAL G 951 -12.56 -1.02 41.15
CA VAL G 951 -12.17 0.03 40.21
C VAL G 951 -10.66 0.20 40.20
N VAL G 952 -10.07 0.27 41.39
CA VAL G 952 -8.63 0.46 41.50
C VAL G 952 -7.91 -0.72 40.83
N ASN G 953 -8.39 -1.92 41.09
CA ASN G 953 -7.81 -3.12 40.46
C ASN G 953 -7.97 -3.08 38.95
N GLN G 954 -9.15 -2.68 38.48
CA GLN G 954 -9.41 -2.64 37.04
C GLN G 954 -8.45 -1.73 36.32
N ASN G 955 -8.11 -0.60 36.93
CA ASN G 955 -7.15 0.30 36.31
C ASN G 955 -5.72 -0.23 36.38
N ALA G 956 -5.28 -0.63 37.58
CA ALA G 956 -3.90 -1.08 37.74
C ALA G 956 -3.61 -2.35 36.93
N GLN G 957 -4.66 -3.11 36.62
CA GLN G 957 -4.52 -4.29 35.79
C GLN G 957 -4.39 -3.91 34.32
N ALA G 958 -5.17 -2.91 33.90
CA ALA G 958 -5.11 -2.44 32.53
C ALA G 958 -3.73 -1.89 32.19
N LEU G 959 -3.15 -1.13 33.12
CA LEU G 959 -1.81 -0.61 32.90
C LEU G 959 -0.82 -1.74 32.72
N ASN G 960 -0.92 -2.77 33.56
CA ASN G 960 0.04 -3.86 33.52
C ASN G 960 -0.05 -4.63 32.22
N THR G 961 -1.26 -4.90 31.74
CA THR G 961 -1.37 -5.65 30.49
C THR G 961 -0.86 -4.81 29.31
N LEU G 962 -1.14 -3.50 29.34
CA LEU G 962 -0.63 -2.62 28.31
C LEU G 962 0.88 -2.65 28.27
N VAL G 963 1.50 -2.57 29.44
CA VAL G 963 2.94 -2.52 29.51
C VAL G 963 3.53 -3.85 29.10
N LYS G 964 2.86 -4.94 29.47
CA LYS G 964 3.36 -6.26 29.13
C LYS G 964 3.30 -6.51 27.63
N GLN G 965 2.46 -5.78 26.91
CA GLN G 965 2.48 -5.91 25.46
C GLN G 965 3.78 -5.45 24.80
N LEU G 966 4.63 -4.73 25.51
CA LEU G 966 5.91 -4.36 24.93
C LEU G 966 6.85 -5.56 24.79
N SER G 967 6.51 -6.67 25.43
CA SER G 967 7.34 -7.86 25.40
C SER G 967 7.06 -8.77 24.21
N SER G 968 6.15 -8.41 23.31
CA SER G 968 5.71 -9.28 22.23
C SER G 968 6.22 -8.75 20.90
N ASN G 969 6.50 -9.69 19.99
CA ASN G 969 7.28 -9.38 18.80
C ASN G 969 6.43 -8.78 17.69
N PHE G 970 5.16 -9.17 17.63
CA PHE G 970 4.19 -8.67 16.64
C PHE G 970 4.53 -9.05 15.21
N GLY G 971 5.40 -10.04 15.03
CA GLY G 971 5.79 -10.47 13.70
C GLY G 971 7.15 -9.94 13.33
N ALA G 972 7.99 -9.70 14.31
CA ALA G 972 9.27 -9.06 14.14
C ALA G 972 10.38 -10.07 14.45
N ILE G 973 11.61 -9.57 14.44
CA ILE G 973 12.76 -10.37 14.85
C ILE G 973 13.04 -10.24 16.34
N SER G 974 12.37 -9.32 17.03
CA SER G 974 12.65 -9.07 18.44
C SER G 974 11.58 -8.13 18.98
N SER G 975 11.21 -8.35 20.24
CA SER G 975 10.22 -7.52 20.91
C SER G 975 10.79 -6.22 21.44
N VAL G 976 12.10 -6.03 21.34
CA VAL G 976 12.75 -4.79 21.78
C VAL G 976 13.21 -4.06 20.53
N LEU G 977 12.90 -2.77 20.48
CA LEU G 977 13.14 -1.97 19.29
C LEU G 977 14.63 -1.73 19.09
N ASN G 978 15.33 -1.53 20.19
CA ASN G 978 16.68 -1.00 20.12
C ASN G 978 17.66 -2.06 19.64
N ASP G 979 17.31 -3.34 19.82
CA ASP G 979 18.07 -4.40 19.19
C ASP G 979 17.98 -4.30 17.68
N ILE G 980 16.77 -4.05 17.17
CA ILE G 980 16.58 -3.96 15.72
C ILE G 980 17.36 -2.79 15.16
N LEU G 981 17.30 -1.65 15.84
CA LEU G 981 18.04 -0.48 15.36
C LEU G 981 19.53 -0.73 15.32
N SER G 982 20.04 -1.61 16.16
CA SER G 982 21.46 -1.88 16.28
C SER G 982 21.95 -2.99 15.36
N ARG G 983 21.08 -3.56 14.51
CA ARG G 983 21.43 -4.71 13.71
C ARG G 983 20.91 -4.70 12.28
N LEU G 984 20.33 -3.60 11.80
CA LEU G 984 19.81 -3.57 10.45
C LEU G 984 19.89 -2.18 9.83
N ASP G 985 19.97 -2.16 8.51
CA ASP G 985 19.86 -0.95 7.72
C ASP G 985 18.40 -0.58 7.52
N LYS G 986 18.16 0.44 6.69
CA LYS G 986 16.90 1.16 6.71
C LYS G 986 15.74 0.32 6.19
N VAL G 987 15.92 -0.30 5.03
CA VAL G 987 14.79 -0.79 4.25
C VAL G 987 14.11 -1.97 4.90
N GLU G 988 14.78 -2.67 5.81
CA GLU G 988 14.24 -3.84 6.50
C GLU G 988 13.96 -3.56 7.96
N ALA G 989 14.77 -2.69 8.56
CA ALA G 989 14.47 -2.21 9.90
C ALA G 989 13.12 -1.51 9.91
N GLU G 990 12.84 -0.73 8.87
CA GLU G 990 11.53 -0.08 8.78
C GLU G 990 10.41 -1.11 8.76
N VAL G 991 10.63 -2.24 8.09
CA VAL G 991 9.60 -3.27 8.03
C VAL G 991 9.35 -3.85 9.41
N GLN G 992 10.42 -4.28 10.08
CA GLN G 992 10.26 -4.94 11.38
C GLN G 992 9.65 -3.98 12.39
N ILE G 993 10.11 -2.73 12.37
CA ILE G 993 9.52 -1.71 13.23
C ILE G 993 8.04 -1.57 12.92
N ASP G 994 7.69 -1.50 11.64
CA ASP G 994 6.29 -1.32 11.25
C ASP G 994 5.42 -2.44 11.78
N ARG G 995 5.97 -3.66 11.79
CA ARG G 995 5.27 -4.77 12.42
C ARG G 995 5.02 -4.47 13.89
N LEU G 996 6.02 -3.88 14.56
CA LEU G 996 5.82 -3.56 15.97
C LEU G 996 4.78 -2.45 16.14
N ILE G 997 4.80 -1.47 15.24
CA ILE G 997 3.91 -0.31 15.37
C ILE G 997 2.48 -0.78 15.28
N THR G 998 2.15 -1.47 14.18
CA THR G 998 0.81 -2.03 14.10
C THR G 998 0.77 -3.19 15.09
N GLY G 999 0.31 -2.87 16.30
CA GLY G 999 0.17 -3.81 17.38
C GLY G 999 0.51 -3.19 18.71
N ARG G 1000 1.55 -2.38 18.79
CA ARG G 1000 1.68 -1.53 19.96
C ARG G 1000 0.62 -0.44 19.94
N LEU G 1001 0.40 0.12 18.76
CA LEU G 1001 -0.66 1.10 18.59
C LEU G 1001 -2.01 0.49 18.85
N GLN G 1002 -2.19 -0.74 18.39
CA GLN G 1002 -3.43 -1.46 18.62
C GLN G 1002 -3.67 -1.68 20.11
N SER G 1003 -2.62 -2.01 20.84
CA SER G 1003 -2.73 -2.18 22.28
C SER G 1003 -3.16 -0.89 22.94
N LEU G 1004 -2.55 0.22 22.53
CA LEU G 1004 -2.87 1.51 23.10
C LEU G 1004 -4.32 1.87 22.83
N GLN G 1005 -4.79 1.57 21.63
CA GLN G 1005 -6.15 1.94 21.26
C GLN G 1005 -7.16 1.10 22.01
N THR G 1006 -6.84 -0.17 22.22
CA THR G 1006 -7.65 -1.03 23.08
C THR G 1006 -7.75 -0.47 24.48
N TYR G 1007 -6.61 -0.06 25.05
CA TYR G 1007 -6.60 0.50 26.39
C TYR G 1007 -7.48 1.74 26.47
N VAL G 1008 -7.36 2.60 25.47
CA VAL G 1008 -8.15 3.82 25.43
C VAL G 1008 -9.63 3.50 25.42
N THR G 1009 -10.05 2.57 24.57
CA THR G 1009 -11.46 2.21 24.48
C THR G 1009 -11.98 1.67 25.80
N GLN G 1010 -11.21 0.77 26.42
CA GLN G 1010 -11.61 0.20 27.70
C GLN G 1010 -11.77 1.30 28.75
N GLN G 1011 -10.80 2.20 28.82
CA GLN G 1011 -10.86 3.27 29.81
C GLN G 1011 -12.04 4.18 29.56
N LEU G 1012 -12.37 4.42 28.30
CA LEU G 1012 -13.49 5.30 27.99
C LEU G 1012 -14.80 4.70 28.49
N ILE G 1013 -15.00 3.41 28.23
CA ILE G 1013 -16.24 2.77 28.65
C ILE G 1013 -16.31 2.72 30.18
N ARG G 1014 -15.18 2.39 30.80
CA ARG G 1014 -15.10 2.35 32.25
C ARG G 1014 -15.40 3.72 32.85
N ALA G 1015 -14.91 4.77 32.19
CA ALA G 1015 -15.18 6.13 32.65
C ALA G 1015 -16.65 6.48 32.55
N ALA G 1016 -17.31 6.03 31.49
CA ALA G 1016 -18.74 6.31 31.37
C ALA G 1016 -19.52 5.63 32.47
N GLU G 1017 -19.13 4.40 32.80
CA GLU G 1017 -19.74 3.72 33.95
C GLU G 1017 -19.52 4.52 35.22
N ILE G 1018 -18.30 5.00 35.41
CA ILE G 1018 -17.97 5.76 36.61
C ILE G 1018 -18.76 7.06 36.66
N ARG G 1019 -18.99 7.65 35.50
CA ARG G 1019 -19.81 8.84 35.42
C ARG G 1019 -21.22 8.56 35.88
N ALA G 1020 -21.79 7.44 35.45
CA ALA G 1020 -23.13 7.11 35.89
C ALA G 1020 -23.16 6.97 37.40
N SER G 1021 -22.15 6.32 37.95
CA SER G 1021 -22.06 6.17 39.39
C SER G 1021 -21.92 7.53 40.07
N ALA G 1022 -21.17 8.44 39.47
CA ALA G 1022 -20.94 9.74 40.09
C ALA G 1022 -22.19 10.59 40.07
N ASN G 1023 -22.93 10.56 38.96
CA ASN G 1023 -24.18 11.29 38.92
C ASN G 1023 -25.17 10.73 39.93
N LEU G 1024 -25.16 9.40 40.09
CA LEU G 1024 -26.00 8.80 41.12
C LEU G 1024 -25.59 9.28 42.50
N ALA G 1025 -24.28 9.35 42.74
CA ALA G 1025 -23.80 9.76 44.05
C ALA G 1025 -24.12 11.21 44.32
N ALA G 1026 -24.03 12.05 43.30
CA ALA G 1026 -24.40 13.46 43.46
C ALA G 1026 -25.88 13.58 43.72
N THR G 1027 -26.69 12.76 43.05
CA THR G 1027 -28.11 12.74 43.31
C THR G 1027 -28.40 12.34 44.75
N LYS G 1028 -27.69 11.34 45.26
CA LYS G 1028 -27.89 10.92 46.64
C LYS G 1028 -27.47 12.00 47.61
N MET G 1029 -26.32 12.62 47.34
CA MET G 1029 -25.84 13.70 48.18
C MET G 1029 -26.86 14.83 48.22
N SER G 1030 -27.42 15.16 47.07
CA SER G 1030 -28.35 16.26 46.99
C SER G 1030 -29.66 15.92 47.66
N GLU G 1031 -30.15 14.70 47.46
CA GLU G 1031 -31.50 14.33 47.84
C GLU G 1031 -31.60 13.61 49.17
N CYS G 1032 -30.48 13.35 49.84
CA CYS G 1032 -30.48 12.60 51.09
C CYS G 1032 -29.58 13.18 52.17
N VAL G 1033 -28.80 14.21 51.87
CA VAL G 1033 -27.98 14.92 52.84
C VAL G 1033 -28.57 16.31 52.99
N LEU G 1034 -28.81 16.96 51.85
CA LEU G 1034 -29.47 18.24 51.79
C LEU G 1034 -30.99 18.11 51.83
N GLY G 1035 -31.50 16.96 52.22
CA GLY G 1035 -32.92 16.83 52.43
C GLY G 1035 -33.28 15.42 52.79
N GLN G 1036 -34.59 15.18 52.77
CA GLN G 1036 -35.18 13.91 53.17
C GLN G 1036 -35.81 13.30 51.93
N SER G 1037 -35.44 12.06 51.64
CA SER G 1037 -35.96 11.41 50.45
C SER G 1037 -37.28 10.74 50.78
N LYS G 1038 -38.31 11.15 50.08
CA LYS G 1038 -39.57 10.44 50.06
C LYS G 1038 -39.51 9.23 49.14
N ARG G 1039 -38.46 9.10 48.33
CA ARG G 1039 -38.31 7.96 47.44
C ARG G 1039 -37.96 6.75 48.29
N VAL G 1040 -38.83 5.75 48.27
CA VAL G 1040 -38.66 4.61 49.17
C VAL G 1040 -37.46 3.80 48.72
N ASP G 1041 -36.57 3.51 49.67
CA ASP G 1041 -35.46 2.59 49.48
C ASP G 1041 -34.54 3.04 48.35
N PHE G 1042 -34.32 4.34 48.32
CA PHE G 1042 -33.29 4.99 47.52
C PHE G 1042 -32.05 5.25 48.34
N CYS G 1043 -32.22 5.89 49.50
CA CYS G 1043 -31.16 6.16 50.45
C CYS G 1043 -31.44 5.31 51.69
N GLY G 1044 -30.86 4.13 51.69
CA GLY G 1044 -31.00 3.23 52.81
C GLY G 1044 -32.31 2.46 52.75
N LYS G 1045 -32.31 1.30 53.41
CA LYS G 1045 -33.49 0.48 53.56
C LYS G 1045 -34.21 0.84 54.84
N GLY G 1046 -35.50 1.07 54.72
CA GLY G 1046 -36.31 1.67 55.76
C GLY G 1046 -36.79 3.03 55.32
N TYR G 1047 -37.60 3.63 56.18
CA TYR G 1047 -38.00 5.01 55.98
C TYR G 1047 -36.81 5.91 56.24
N HIS G 1048 -36.54 6.80 55.31
CA HIS G 1048 -35.35 7.63 55.36
C HIS G 1048 -35.59 8.85 56.24
N LEU G 1049 -34.54 9.23 56.94
CA LEU G 1049 -34.51 10.39 57.81
C LEU G 1049 -33.50 11.41 57.35
N MET G 1050 -32.31 10.96 57.01
CA MET G 1050 -31.14 11.81 56.88
C MET G 1050 -30.08 10.97 56.20
N SER G 1051 -28.89 11.55 56.10
CA SER G 1051 -27.70 10.80 55.76
C SER G 1051 -26.52 11.58 56.27
N PHE G 1052 -25.35 10.96 56.17
CA PHE G 1052 -24.11 11.62 56.45
C PHE G 1052 -23.12 11.16 55.39
N PRO G 1053 -22.35 12.06 54.80
CA PRO G 1053 -21.32 11.65 53.86
C PRO G 1053 -19.98 11.44 54.55
N GLN G 1054 -19.15 10.65 53.90
CA GLN G 1054 -17.81 10.37 54.39
C GLN G 1054 -16.91 10.25 53.17
N SER G 1055 -15.72 10.82 53.26
CA SER G 1055 -14.80 10.75 52.15
C SER G 1055 -14.24 9.33 52.02
N ALA G 1056 -13.83 9.01 50.81
CA ALA G 1056 -13.20 7.74 50.52
C ALA G 1056 -12.28 7.96 49.33
N PRO G 1057 -11.21 7.17 49.19
CA PRO G 1057 -10.30 7.42 48.08
C PRO G 1057 -10.95 6.96 46.78
N HIS G 1058 -11.03 7.87 45.81
CA HIS G 1058 -11.69 7.62 44.54
C HIS G 1058 -13.14 7.24 44.74
N GLY G 1059 -13.77 7.81 45.77
CA GLY G 1059 -15.18 7.55 45.97
C GLY G 1059 -15.72 8.32 47.14
N VAL G 1060 -16.96 7.99 47.49
CA VAL G 1060 -17.68 8.62 48.58
C VAL G 1060 -18.43 7.52 49.31
N VAL G 1061 -18.78 7.79 50.56
CA VAL G 1061 -19.51 6.88 51.41
C VAL G 1061 -20.65 7.63 52.06
N PHE G 1062 -21.86 7.13 51.86
CA PHE G 1062 -23.05 7.65 52.49
C PHE G 1062 -23.45 6.71 53.61
N LEU G 1063 -23.81 7.31 54.74
CA LEU G 1063 -24.34 6.57 55.88
C LEU G 1063 -25.79 6.98 56.06
N HIS G 1064 -26.69 6.16 55.56
CA HIS G 1064 -28.09 6.42 55.68
C HIS G 1064 -28.55 6.03 57.07
N VAL G 1065 -29.41 6.86 57.65
CA VAL G 1065 -30.05 6.59 58.92
C VAL G 1065 -31.52 6.40 58.63
N THR G 1066 -32.09 5.32 59.14
CA THR G 1066 -33.42 4.88 58.74
C THR G 1066 -34.25 4.55 59.96
N TYR G 1067 -35.55 4.73 59.79
CA TYR G 1067 -36.55 4.34 60.77
C TYR G 1067 -37.13 3.02 60.33
N VAL G 1068 -36.98 2.01 61.17
CA VAL G 1068 -37.36 0.64 60.86
C VAL G 1068 -38.37 0.16 61.90
N PRO G 1069 -39.64 0.00 61.57
CA PRO G 1069 -40.57 -0.50 62.57
C PRO G 1069 -40.28 -1.94 62.94
N ALA G 1070 -40.57 -2.28 64.19
CA ALA G 1070 -40.39 -3.65 64.67
C ALA G 1070 -41.28 -3.86 65.88
N GLN G 1071 -41.43 -5.13 66.29
CA GLN G 1071 -42.15 -5.48 67.51
C GLN G 1071 -43.59 -5.00 67.46
N GLU G 1072 -44.38 -5.63 66.60
CA GLU G 1072 -45.75 -5.21 66.32
C GLU G 1072 -46.69 -6.14 67.08
N LYS G 1073 -47.98 -5.87 66.96
CA LYS G 1073 -49.04 -6.75 67.41
C LYS G 1073 -50.05 -6.91 66.29
N ASN G 1074 -50.99 -7.82 66.50
CA ASN G 1074 -52.05 -8.10 65.53
C ASN G 1074 -53.35 -7.56 66.11
N PHE G 1075 -53.89 -6.51 65.49
CA PHE G 1075 -55.16 -5.94 65.88
C PHE G 1075 -56.20 -6.24 64.83
N THR G 1076 -57.45 -6.24 65.27
CA THR G 1076 -58.60 -6.32 64.39
C THR G 1076 -59.11 -4.91 64.15
N THR G 1077 -59.35 -4.60 62.89
CA THR G 1077 -59.51 -3.23 62.44
C THR G 1077 -60.93 -3.02 61.91
N ALA G 1078 -61.11 -1.85 61.33
CA ALA G 1078 -62.33 -1.49 60.64
C ALA G 1078 -61.96 -0.46 59.59
N PRO G 1079 -62.73 -0.36 58.51
CA PRO G 1079 -62.49 0.74 57.58
C PRO G 1079 -63.08 2.04 58.06
N ALA G 1080 -64.21 1.96 58.75
CA ALA G 1080 -64.98 3.13 59.12
C ALA G 1080 -65.94 2.77 60.24
N ILE G 1081 -66.68 3.78 60.71
CA ILE G 1081 -67.59 3.64 61.84
C ILE G 1081 -68.90 4.35 61.52
N CYS G 1082 -70.00 3.72 61.89
CA CYS G 1082 -71.32 4.35 61.88
C CYS G 1082 -71.72 4.70 63.30
N HIS G 1083 -71.99 5.97 63.53
CA HIS G 1083 -72.31 6.49 64.86
C HIS G 1083 -73.82 6.69 65.01
N ASP G 1084 -74.43 7.51 64.17
CA ASP G 1084 -75.87 7.76 64.17
C ASP G 1084 -76.50 7.46 62.82
N GLY G 1085 -75.76 6.84 61.91
CA GLY G 1085 -76.11 6.81 60.51
C GLY G 1085 -74.99 7.42 59.71
N LYS G 1086 -74.39 8.45 60.28
CA LYS G 1086 -73.23 9.09 59.66
C LYS G 1086 -72.04 8.17 59.70
N ALA G 1087 -71.39 8.00 58.56
CA ALA G 1087 -70.12 7.30 58.50
C ALA G 1087 -69.02 8.22 58.98
N HIS G 1088 -68.10 7.66 59.76
CA HIS G 1088 -66.92 8.36 60.23
C HIS G 1088 -65.68 7.70 59.65
N PHE G 1089 -64.74 8.52 59.21
CA PHE G 1089 -63.45 8.08 58.72
C PHE G 1089 -62.36 8.87 59.41
N PRO G 1090 -61.15 8.35 59.49
CA PRO G 1090 -60.09 9.06 60.20
C PRO G 1090 -59.43 10.09 59.31
N ARG G 1091 -59.11 11.24 59.90
CA ARG G 1091 -58.26 12.20 59.22
C ARG G 1091 -56.88 11.63 58.99
N GLU G 1092 -56.32 11.01 60.03
CA GLU G 1092 -55.11 10.22 59.92
C GLU G 1092 -55.31 8.96 60.74
N GLY G 1093 -54.57 7.94 60.39
CA GLY G 1093 -54.61 6.71 61.14
C GLY G 1093 -55.74 5.82 60.71
N VAL G 1094 -55.94 4.76 61.51
CA VAL G 1094 -56.93 3.75 61.25
C VAL G 1094 -57.62 3.37 62.54
N PHE G 1095 -58.83 2.87 62.41
CA PHE G 1095 -59.59 2.38 63.55
C PHE G 1095 -59.15 0.98 63.88
N VAL G 1096 -58.93 0.72 65.16
CA VAL G 1096 -58.42 -0.55 65.65
C VAL G 1096 -59.25 -1.01 66.82
N SER G 1097 -59.14 -2.29 67.11
CA SER G 1097 -59.81 -2.89 68.25
C SER G 1097 -58.93 -3.99 68.80
N ASN G 1098 -58.59 -3.86 70.08
CA ASN G 1098 -57.82 -4.86 70.79
C ASN G 1098 -58.68 -5.91 71.45
N GLY G 1099 -60.00 -5.75 71.43
CA GLY G 1099 -60.85 -6.47 72.33
C GLY G 1099 -62.22 -5.83 72.42
N THR G 1100 -62.64 -5.51 73.65
CA THR G 1100 -63.92 -4.88 73.92
C THR G 1100 -63.86 -3.37 73.83
N HIS G 1101 -62.90 -2.83 73.08
CA HIS G 1101 -62.73 -1.40 72.99
C HIS G 1101 -62.21 -1.05 71.61
N TRP G 1102 -62.50 0.16 71.17
CA TRP G 1102 -62.11 0.68 69.88
C TRP G 1102 -61.24 1.91 70.07
N PHE G 1103 -60.31 2.10 69.16
CA PHE G 1103 -59.42 3.25 69.20
C PHE G 1103 -59.10 3.67 67.78
N VAL G 1104 -58.45 4.82 67.69
CA VAL G 1104 -57.79 5.28 66.49
C VAL G 1104 -56.34 5.51 66.87
N THR G 1105 -55.46 5.33 65.90
CA THR G 1105 -54.05 5.51 66.16
C THR G 1105 -53.34 5.73 64.84
N GLN G 1106 -52.19 6.35 64.92
CA GLN G 1106 -51.39 6.51 63.73
C GLN G 1106 -50.84 5.16 63.29
N ARG G 1107 -50.06 5.23 62.24
CA ARG G 1107 -49.85 4.17 61.28
C ARG G 1107 -48.53 3.45 61.31
N ASN G 1108 -47.49 4.06 61.83
CA ASN G 1108 -46.19 3.42 61.98
C ASN G 1108 -45.83 3.29 63.43
N PHE G 1109 -46.78 3.56 64.33
CA PHE G 1109 -46.54 3.49 65.75
C PHE G 1109 -47.87 3.36 66.46
N TYR G 1110 -47.93 2.45 67.42
CA TYR G 1110 -49.13 2.19 68.20
C TYR G 1110 -49.17 3.18 69.35
N GLU G 1111 -50.20 3.98 69.40
CA GLU G 1111 -50.36 5.03 70.38
C GLU G 1111 -51.86 5.29 70.47
N PRO G 1112 -52.62 4.35 71.02
CA PRO G 1112 -54.08 4.40 70.89
C PRO G 1112 -54.71 5.63 71.51
N GLN G 1113 -55.59 6.25 70.76
CA GLN G 1113 -56.26 7.48 71.14
C GLN G 1113 -57.75 7.23 71.23
N ILE G 1114 -58.39 7.93 72.16
CA ILE G 1114 -59.84 7.95 72.18
C ILE G 1114 -60.31 8.63 70.90
N ILE G 1115 -61.33 8.06 70.28
CA ILE G 1115 -61.85 8.62 69.05
C ILE G 1115 -62.62 9.88 69.39
N THR G 1116 -62.44 10.91 68.57
CA THR G 1116 -63.21 12.14 68.69
C THR G 1116 -63.53 12.65 67.29
N THR G 1117 -64.43 13.60 67.23
CA THR G 1117 -64.82 14.21 65.98
C THR G 1117 -63.73 15.06 65.36
N ASP G 1118 -62.67 15.39 66.11
CA ASP G 1118 -61.51 16.11 65.59
C ASP G 1118 -60.40 15.18 65.12
N ASN G 1119 -60.50 13.88 65.44
CA ASN G 1119 -59.65 12.87 64.84
C ASN G 1119 -60.19 12.37 63.51
N THR G 1120 -61.48 12.53 63.27
CA THR G 1120 -62.19 11.88 62.19
C THR G 1120 -62.87 12.93 61.33
N PHE G 1121 -63.63 12.46 60.36
CA PHE G 1121 -64.50 13.31 59.58
C PHE G 1121 -65.59 12.44 58.98
N VAL G 1122 -66.58 13.11 58.41
CA VAL G 1122 -67.83 12.49 58.02
C VAL G 1122 -68.04 12.64 56.53
N SER G 1123 -68.67 11.65 55.93
CA SER G 1123 -69.14 11.77 54.57
C SER G 1123 -70.24 10.74 54.35
N GLY G 1124 -71.44 11.22 54.07
CA GLY G 1124 -72.47 10.31 53.67
C GLY G 1124 -73.03 9.48 54.81
N ASN G 1125 -73.90 8.56 54.41
CA ASN G 1125 -74.58 7.64 55.29
C ASN G 1125 -73.73 6.36 55.36
N CYS G 1126 -74.06 5.47 56.29
CA CYS G 1126 -73.30 4.25 56.50
C CYS G 1126 -73.93 3.02 55.86
N ASP G 1127 -74.95 3.17 55.02
CA ASP G 1127 -75.44 2.07 54.20
C ASP G 1127 -74.60 1.85 52.95
N VAL G 1128 -73.79 2.83 52.55
CA VAL G 1128 -73.02 2.75 51.32
C VAL G 1128 -71.65 2.15 51.55
N VAL G 1129 -71.08 2.28 52.74
CA VAL G 1129 -69.79 1.69 53.06
C VAL G 1129 -69.98 0.19 53.23
N ILE G 1130 -68.89 -0.55 53.08
CA ILE G 1130 -68.85 -1.99 53.23
C ILE G 1130 -67.78 -2.34 54.26
N GLY G 1131 -67.99 -3.41 55.00
CA GLY G 1131 -67.09 -3.80 56.05
C GLY G 1131 -67.14 -2.91 57.27
N ILE G 1132 -68.14 -2.05 57.38
CA ILE G 1132 -68.18 -1.07 58.46
C ILE G 1132 -68.61 -1.76 59.75
N VAL G 1133 -68.36 -1.08 60.87
CA VAL G 1133 -68.78 -1.53 62.19
C VAL G 1133 -69.50 -0.39 62.89
N ASN G 1134 -70.05 -0.71 64.06
CA ASN G 1134 -70.78 0.23 64.89
C ASN G 1134 -69.96 0.58 66.11
N ASN G 1135 -69.98 1.86 66.46
CA ASN G 1135 -69.37 2.32 67.69
C ASN G 1135 -69.80 3.75 67.95
N THR G 1136 -69.84 4.12 69.22
CA THR G 1136 -70.11 5.49 69.61
C THR G 1136 -68.82 6.30 69.60
N VAL G 1137 -68.90 7.53 69.10
CA VAL G 1137 -67.79 8.46 69.06
C VAL G 1137 -67.97 9.47 70.18
N TYR G 1138 -66.98 9.55 71.05
CA TYR G 1138 -66.96 10.62 72.03
C TYR G 1138 -66.88 11.96 71.34
N ASP G 1139 -67.62 12.93 71.85
CA ASP G 1139 -67.65 14.30 71.34
C ASP G 1139 -67.14 15.23 72.43
N PRO G 1140 -66.16 16.11 72.19
CA PRO G 1140 -65.61 16.89 73.30
C PRO G 1140 -66.45 18.10 73.68
N LEU G 1141 -67.58 18.33 73.01
CA LEU G 1141 -68.41 19.49 73.26
C LEU G 1141 -69.55 19.16 74.22
N GLN G 1142 -70.12 17.97 74.02
CA GLN G 1142 -71.20 17.47 74.88
C GLN G 1142 -70.88 17.51 76.37
N PRO G 1143 -69.68 17.14 76.86
CA PRO G 1143 -69.47 17.21 78.31
C PRO G 1143 -69.52 18.61 78.89
N GLU G 1144 -68.92 19.59 78.20
CA GLU G 1144 -68.98 20.96 78.70
C GLU G 1144 -70.41 21.45 78.71
N LEU G 1145 -71.13 21.18 77.62
CA LEU G 1145 -72.51 21.62 77.51
C LEU G 1145 -73.40 20.92 78.56
N ASP G 1146 -73.19 19.61 78.73
CA ASP G 1146 -73.91 18.84 79.74
C ASP G 1146 -73.58 19.33 81.15
N SER G 1147 -72.34 19.77 81.35
CA SER G 1147 -71.97 20.36 82.63
C SER G 1147 -72.78 21.61 82.88
N PHE G 1148 -73.01 22.42 81.83
CA PHE G 1148 -73.81 23.62 82.08
C PHE G 1148 -75.27 23.29 82.35
N LYS G 1149 -75.84 22.29 81.67
CA LYS G 1149 -77.21 21.89 82.04
C LYS G 1149 -77.28 21.39 83.47
N GLU G 1150 -76.25 20.67 83.92
CA GLU G 1150 -76.20 20.25 85.32
C GLU G 1150 -76.25 21.46 86.26
N GLU G 1151 -75.70 22.59 85.82
CA GLU G 1151 -75.78 23.84 86.58
C GLU G 1151 -77.13 24.51 86.35
C1 NAG H . -2.89 30.96 -26.01
C2 NAG H . -4.04 30.29 -26.79
C3 NAG H . -4.70 31.29 -27.74
C4 NAG H . -5.15 32.53 -26.98
C5 NAG H . -3.94 33.14 -26.29
C6 NAG H . -4.30 34.35 -25.46
C7 NAG H . -4.25 27.97 -27.57
C8 NAG H . -3.61 26.89 -28.37
N2 NAG H . -3.57 29.13 -27.52
O3 NAG H . -5.82 30.68 -28.36
O4 NAG H . -5.71 33.47 -27.89
O5 NAG H . -3.35 32.18 -25.39
O6 NAG H . -5.56 34.89 -25.83
O7 NAG H . -5.32 27.82 -27.00
C1 NAG I . -76.32 24.31 43.01
C2 NAG I . -77.75 24.28 42.48
C3 NAG I . -78.75 24.36 43.64
C4 NAG I . -78.46 23.28 44.67
C5 NAG I . -76.99 23.30 45.09
C6 NAG I . -76.63 22.13 45.96
C7 NAG I . -77.95 26.62 41.59
C8 NAG I . -78.29 27.41 40.37
N2 NAG I . -78.02 25.29 41.46
O3 NAG I . -80.07 24.20 43.12
O4 NAG I . -79.27 23.48 45.81
O5 NAG I . -76.12 23.24 43.94
O6 NAG I . -77.78 21.46 46.45
O7 NAG I . -77.62 27.18 42.65
C1 NAG J . -40.23 -33.93 1.59
C2 NAG J . -41.52 -33.29 2.07
C3 NAG J . -42.48 -34.36 2.59
C4 NAG J . -42.69 -35.46 1.56
C5 NAG J . -41.35 -36.00 1.05
C6 NAG J . -41.53 -36.96 -0.10
C7 NAG J . -42.02 -31.23 3.30
C8 NAG J . -41.60 -30.30 4.41
N2 NAG J . -41.25 -32.30 3.10
O3 NAG J . -43.74 -33.78 2.93
O4 NAG J . -43.43 -36.53 2.14
O5 NAG J . -40.53 -34.92 0.59
O6 NAG J . -42.71 -36.66 -0.82
O7 NAG J . -43.01 -31.01 2.62
C1 NAG K . -53.01 20.54 -2.71
C2 NAG K . -53.93 21.69 -3.16
C3 NAG K . -53.72 21.99 -4.66
C4 NAG K . -52.25 22.24 -4.95
C5 NAG K . -51.40 21.08 -4.43
C6 NAG K . -49.92 21.34 -4.55
C7 NAG K . -56.10 20.42 -3.30
C8 NAG K . -57.51 20.41 -2.81
N2 NAG K . -55.34 21.44 -2.85
O3 NAG K . -54.50 23.14 -5.00
O4 NAG K . -52.05 22.35 -6.36
O5 NAG K . -51.65 20.86 -3.02
O6 NAG K . -49.59 22.68 -4.19
O7 NAG K . -55.69 19.56 -4.08
C1 NAG L . -33.09 22.46 -8.35
C2 NAG L . -33.28 23.41 -7.14
C3 NAG L . -34.40 24.40 -7.41
C4 NAG L . -34.16 25.12 -8.73
C5 NAG L . -33.96 24.12 -9.86
C6 NAG L . -33.61 24.77 -11.19
C7 NAG L . -33.13 23.03 -4.71
C8 NAG L . -33.50 22.13 -3.58
N2 NAG L . -33.56 22.65 -5.92
O3 NAG L . -34.45 25.34 -6.35
O4 NAG L . -35.29 25.95 -9.03
O5 NAG L . -32.88 23.24 -9.54
O6 NAG L . -32.42 24.22 -11.74
O7 NAG L . -32.48 24.05 -4.54
C1 NAG M . -61.54 -14.18 37.82
C2 NAG M . -62.66 -14.96 38.48
C3 NAG M . -62.70 -16.38 37.96
C4 NAG M . -62.77 -16.40 36.44
C5 NAG M . -61.62 -15.57 35.86
C6 NAG M . -61.68 -15.44 34.36
C7 NAG M . -63.25 -14.18 40.72
C8 NAG M . -62.97 -14.30 42.19
N2 NAG M . -62.53 -14.96 39.93
O3 NAG M . -63.83 -17.05 38.49
O4 NAG M . -62.67 -17.73 35.95
O5 NAG M . -61.67 -14.24 36.40
O6 NAG M . -61.48 -16.70 33.72
O7 NAG M . -64.09 -13.40 40.28
C1 NAG N . -60.83 38.65 35.26
C2 NAG N . -60.71 39.59 36.46
C3 NAG N . -61.79 40.66 36.39
C4 NAG N . -61.75 41.37 35.04
C5 NAG N . -61.82 40.36 33.90
C6 NAG N . -61.67 40.98 32.53
C7 NAG N . -59.75 38.42 38.39
C8 NAG N . -60.04 37.67 39.65
N2 NAG N . -60.83 38.85 37.71
O3 NAG N . -61.56 41.60 37.43
O4 NAG N . -62.85 42.27 34.93
O5 NAG N . -60.76 39.40 34.05
O6 NAG N . -61.07 40.07 31.63
O7 NAG N . -58.61 38.60 37.97
C1 NAG O . -66.85 26.55 30.48
C2 NAG O . -67.06 25.67 29.25
C3 NAG O . -67.66 26.52 28.12
C4 NAG O . -68.93 27.22 28.59
C5 NAG O . -68.67 28.00 29.88
C6 NAG O . -69.92 28.60 30.48
C7 NAG O . -65.53 23.75 28.92
C8 NAG O . -66.62 22.88 29.49
N2 NAG O . -65.80 25.06 28.83
O3 NAG O . -67.93 25.70 26.99
O4 NAG O . -69.38 28.12 27.58
O5 NAG O . -68.10 27.13 30.88
O6 NAG O . -70.72 29.20 29.47
O7 NAG O . -64.46 23.30 28.57
C1 NAG P . -39.97 -7.25 -23.44
C2 NAG P . -39.47 -5.89 -23.00
C3 NAG P . -40.66 -4.99 -22.65
C4 NAG P . -41.64 -4.92 -23.81
C5 NAG P . -42.06 -6.33 -24.24
C6 NAG P . -42.91 -6.33 -25.49
C7 NAG P . -37.49 -5.21 -21.74
C8 NAG P . -36.65 -5.46 -20.51
N2 NAG P . -38.56 -5.99 -21.88
O3 NAG P . -40.19 -3.67 -22.33
O4 NAG P . -42.80 -4.19 -23.43
O5 NAG P . -40.89 -7.11 -24.54
O6 NAG P . -42.09 -6.18 -26.64
O7 NAG P . -37.21 -4.34 -22.55
C1 NAG Q . -10.45 -19.75 -26.48
C2 NAG Q . -9.59 -21.00 -26.29
C3 NAG Q . -8.21 -20.54 -26.49
C4 NAG Q . -8.13 -19.70 -27.74
C5 NAG Q . -9.17 -18.58 -27.94
C6 NAG Q . -10.13 -18.68 -29.12
C7 NAG Q . -9.38 -23.02 -24.77
C8 NAG Q . -10.14 -23.95 -25.64
N2 NAG Q . -9.63 -21.72 -25.01
O3 NAG Q . -7.51 -21.76 -26.63
O4 NAG Q . -6.85 -19.11 -27.57
O5 NAG Q . -9.89 -18.50 -26.75
O6 NAG Q . -11.43 -18.19 -28.77
O7 NAG Q . -8.63 -23.46 -23.92
C1 NAG R . -49.42 -9.72 7.42
C2 NAG R . -50.90 -9.42 7.64
C3 NAG R . -51.16 -9.04 9.10
C4 NAG R . -50.60 -10.09 10.05
C5 NAG R . -49.13 -10.36 9.73
C6 NAG R . -48.54 -11.49 10.55
C7 NAG R . -52.44 -8.52 5.95
C8 NAG R . -52.78 -7.34 5.09
N2 NAG R . -51.37 -8.38 6.74
O3 NAG R . -52.55 -8.88 9.31
O4 NAG R . -50.72 -9.63 11.39
O5 NAG R . -48.98 -10.74 8.35
O6 NAG R . -48.09 -12.54 9.71
O7 NAG R . -53.09 -9.55 5.92
C1 NAG S . -6.68 -32.08 -34.69
C2 NAG S . -5.39 -32.29 -35.55
C3 NAG S . -4.16 -31.92 -34.74
C4 NAG S . -4.29 -30.51 -34.19
C5 NAG S . -5.59 -30.38 -33.39
C6 NAG S . -5.84 -28.97 -32.88
C7 NAG S . -5.66 -34.06 -37.25
C8 NAG S . -5.49 -35.52 -37.54
N2 NAG S . -5.30 -33.67 -36.02
O3 NAG S . -3.02 -32.02 -35.59
O4 NAG S . -3.19 -30.22 -33.32
O5 NAG S . -6.71 -30.73 -34.20
O6 NAG S . -5.25 -28.76 -31.59
O7 NAG S . -6.08 -33.27 -38.07
C1 NAG T . 11.36 21.29 -43.35
C2 NAG T . 10.32 20.68 -42.44
C3 NAG T . 9.12 20.19 -43.23
C4 NAG T . 8.54 21.31 -44.10
C5 NAG T . 9.65 21.87 -44.98
C6 NAG T . 9.21 23.11 -45.73
C7 NAG T . 11.55 19.75 -40.54
C8 NAG T . 12.02 18.51 -39.87
N2 NAG T . 10.88 19.59 -41.66
O3 NAG T . 8.13 19.74 -42.32
O4 NAG T . 7.50 20.78 -44.93
O5 NAG T . 10.76 22.28 -44.16
O6 NAG T . 10.10 24.19 -45.46
O7 NAG T . 11.78 20.88 -40.08
C1 NAG U . 22.47 38.04 19.07
C2 NAG U . 22.50 39.35 19.90
C3 NAG U . 23.23 39.12 21.21
C4 NAG U . 22.64 37.93 21.97
C5 NAG U . 22.59 36.69 21.07
C6 NAG U . 21.88 35.53 21.73
C7 NAG U . 22.85 41.72 19.37
C8 NAG U . 23.61 42.71 18.53
N2 NAG U . 23.12 40.43 19.15
O3 NAG U . 23.15 40.28 22.04
O4 NAG U . 23.42 37.65 23.12
O5 NAG U . 21.87 36.98 19.86
O6 NAG U . 20.86 35.98 22.62
O7 NAG U . 22.04 42.08 20.22
C1 NAG V . 21.06 43.23 -21.69
C2 NAG V . 21.89 44.32 -22.38
C3 NAG V . 22.38 43.81 -23.72
C4 NAG V . 23.37 42.69 -23.51
C5 NAG V . 22.75 41.58 -22.66
C6 NAG V . 23.54 41.24 -21.40
C7 NAG V . 21.54 46.75 -22.16
C8 NAG V . 22.92 46.84 -21.55
N2 NAG V . 21.12 45.54 -22.53
O3 NAG V . 22.97 44.88 -24.44
O4 NAG V . 23.76 42.14 -24.77
O5 NAG V . 21.40 41.88 -22.26
O6 NAG V . 24.27 42.36 -20.93
O7 NAG V . 20.85 47.75 -22.32
C1 NAG W . -9.39 40.06 -1.69
C2 NAG W . -8.87 41.46 -2.06
C3 NAG W . -9.86 42.50 -1.57
C4 NAG W . -11.24 42.26 -2.16
C5 NAG W . -11.70 40.83 -1.86
C6 NAG W . -12.97 40.47 -2.58
C7 NAG W . -6.47 41.91 -2.26
C8 NAG W . -5.17 42.15 -1.53
N2 NAG W . -7.55 41.71 -1.50
O3 NAG W . -9.39 43.81 -1.89
O4 NAG W . -12.18 43.16 -1.59
O5 NAG W . -10.71 39.86 -2.24
O6 NAG W . -14.13 40.97 -1.93
O7 NAG W . -6.52 41.89 -3.49
C1 NAG X . 41.39 -5.61 30.02
C2 NAG X . 42.87 -5.74 30.25
C3 NAG X . 43.15 -6.25 31.66
C4 NAG X . 42.42 -5.39 32.69
C5 NAG X . 40.95 -5.19 32.33
C6 NAG X . 40.26 -4.17 33.21
C7 NAG X . 44.26 -6.18 28.25
C8 NAG X . 44.52 -4.70 28.18
N2 NAG X . 43.48 -6.61 29.26
O3 NAG X . 44.54 -6.26 31.92
O4 NAG X . 42.48 -6.02 33.97
O5 NAG X . 40.83 -4.70 30.97
O6 NAG X . 39.33 -4.77 34.09
O7 NAG X . 44.74 -6.96 27.44
C1 NAG Y . 44.24 -14.44 3.78
C2 NAG Y . 44.38 -13.75 2.42
C3 NAG Y . 44.51 -12.24 2.62
C4 NAG Y . 43.36 -11.72 3.46
C5 NAG Y . 43.19 -12.53 4.74
C6 NAG Y . 41.94 -12.18 5.51
C7 NAG Y . 45.53 -14.36 0.34
C8 NAG Y . 46.78 -14.90 -0.27
N2 NAG Y . 45.52 -14.27 1.68
O3 NAG Y . 44.52 -11.58 1.35
O4 NAG Y . 43.62 -10.36 3.81
O5 NAG Y . 43.09 -13.93 4.44
O6 NAG Y . 40.95 -13.18 5.33
O7 NAG Y . 44.56 -14.01 -0.34
C1 NAG Z . -11.49 41.27 22.96
C2 NAG Z . -11.89 42.44 23.85
C3 NAG Z . -12.71 43.46 23.04
C4 NAG Z . -11.95 43.90 21.80
C5 NAG Z . -11.52 42.68 20.96
C6 NAG Z . -10.62 43.05 19.82
C7 NAG Z . -12.43 42.47 26.25
C8 NAG Z . -13.29 41.90 27.32
N2 NAG Z . -12.63 41.98 25.01
O3 NAG Z . -13.00 44.59 23.85
O4 NAG Z . -12.76 44.76 21.00
O5 NAG Z . -10.78 41.76 21.79
O6 NAG Z . -9.25 42.99 20.21
O7 NAG Z . -11.59 43.33 26.47
C1 NAG AA . 13.97 16.85 43.69
C2 NAG AA . 14.93 17.61 44.65
C3 NAG AA . 14.70 17.20 46.10
C4 NAG AA . 13.23 17.10 46.41
C5 NAG AA . 12.67 15.90 45.65
C6 NAG AA . 11.20 16.04 45.32
C7 NAG AA . 17.28 18.30 44.54
C8 NAG AA . 18.66 17.92 44.07
N2 NAG AA . 16.32 17.41 44.26
O3 NAG AA . 15.31 18.16 46.96
O4 NAG AA . 13.01 16.93 47.80
O5 NAG AA . 13.36 15.68 44.40
O6 NAG AA . 10.81 17.41 45.30
O7 NAG AA . 17.06 19.35 45.13
C1 NAG BA . 3.56 33.96 52.85
C2 NAG BA . 2.97 35.28 53.40
C3 NAG BA . 4.05 36.07 54.16
C4 NAG BA . 4.70 35.20 55.22
C5 NAG BA . 5.24 33.91 54.59
C6 NAG BA . 5.83 32.95 55.59
C7 NAG BA . 1.30 36.81 52.44
C8 NAG BA . 0.88 37.58 51.23
N2 NAG BA . 2.43 36.09 52.31
O3 NAG BA . 3.47 37.22 54.74
O4 NAG BA . 5.79 35.90 55.83
O5 NAG BA . 4.17 33.22 53.94
O6 NAG BA . 6.04 31.67 55.02
O7 NAG BA . 0.66 36.83 53.48
C1 NAG CA . -29.46 24.15 77.04
C2 NAG CA . -30.57 23.77 78.03
C3 NAG CA . -30.31 24.38 79.40
C4 NAG CA . -28.90 24.10 79.88
C5 NAG CA . -27.90 24.54 78.82
C6 NAG CA . -26.48 24.22 79.18
C7 NAG CA . -32.63 23.43 76.74
C8 NAG CA . -33.93 24.02 76.32
N2 NAG CA . -31.86 24.19 77.52
O3 NAG CA . -31.25 23.84 80.33
O4 NAG CA . -28.64 24.83 81.08
O5 NAG CA . -28.19 23.82 77.60
O6 NAG CA . -25.83 25.37 79.73
O7 NAG CA . -32.27 22.31 76.37
C1 NAG DA . -28.59 36.78 66.34
C2 NAG DA . -27.67 35.79 67.05
C3 NAG DA . -26.27 35.86 66.46
C4 NAG DA . -26.30 35.68 64.94
C5 NAG DA . -27.29 36.66 64.30
C6 NAG DA . -27.50 36.43 62.82
C7 NAG DA . -27.49 35.08 69.38
C8 NAG DA . -27.49 35.51 70.82
N2 NAG DA . -27.65 36.04 68.48
O3 NAG DA . -25.44 34.86 67.06
O4 NAG DA . -25.02 35.91 64.40
O5 NAG DA . -28.58 36.53 64.91
O6 NAG DA . -26.92 35.19 62.42
O7 NAG DA . -27.36 33.90 69.05
C1 NAG EA . 37.65 23.07 -18.19
C2 NAG EA . 37.89 21.56 -18.05
C3 NAG EA . 39.40 21.25 -17.92
C4 NAG EA . 40.19 21.95 -19.03
C5 NAG EA . 39.82 23.43 -19.15
C6 NAG EA . 40.48 24.12 -20.32
C7 NAG EA . 37.19 21.25 -15.65
C8 NAG EA . 36.26 20.47 -14.77
N2 NAG EA . 37.12 20.95 -16.98
O3 NAG EA . 39.60 19.85 -18.00
O4 NAG EA . 41.58 21.84 -18.75
O5 NAG EA . 38.41 23.58 -19.30
O6 NAG EA . 41.39 25.12 -19.91
O7 NAG EA . 37.96 22.09 -15.20
C1 NAG FA . 5.22 -44.30 40.60
C2 NAG FA . 5.05 -45.55 41.43
C3 NAG FA . 4.93 -46.43 40.19
C4 NAG FA . 3.69 -45.94 39.40
C5 NAG FA . 3.50 -44.41 39.29
C6 NAG FA . 2.07 -43.97 39.05
C7 NAG FA . 6.05 -47.07 43.03
C8 NAG FA . 7.00 -47.29 44.18
N2 NAG FA . 6.08 -45.89 42.40
O3 NAG FA . 4.84 -47.82 40.46
O4 NAG FA . 3.81 -46.48 38.08
O5 NAG FA . 3.97 -43.69 40.42
O6 NAG FA . 1.69 -43.10 40.12
O7 NAG FA . 5.24 -47.93 42.73
C1 NAG GA . 44.89 -33.38 39.07
C2 NAG GA . 45.73 -34.39 39.84
C3 NAG GA . 47.16 -34.26 39.37
C4 NAG GA . 47.23 -34.75 37.93
C5 NAG GA . 46.13 -34.14 37.03
C6 NAG GA . 45.15 -35.09 36.34
C7 NAG GA . 45.48 -34.86 42.30
C8 NAG GA . 45.65 -36.35 42.16
N2 NAG GA . 45.56 -34.05 41.24
O3 NAG GA . 48.03 -35.04 40.19
O4 NAG GA . 48.50 -34.39 37.38
O5 NAG GA . 45.32 -33.17 37.71
O6 NAG GA . 45.32 -36.49 36.60
O7 NAG GA . 45.28 -34.39 43.41
C1 NAG HA . 18.10 -10.81 51.06
C2 NAG HA . 18.87 -11.77 51.94
C3 NAG HA . 18.51 -11.56 53.39
C4 NAG HA . 18.76 -10.11 53.77
C5 NAG HA . 18.03 -9.18 52.79
C6 NAG HA . 18.36 -7.72 53.04
C7 NAG HA . 19.55 -14.07 51.40
C8 NAG HA . 19.09 -15.42 50.93
N2 NAG HA . 18.61 -13.14 51.56
O3 NAG HA . 19.29 -12.42 54.22
O4 NAG HA . 18.32 -9.88 55.10
O5 NAG HA . 18.38 -9.47 51.44
O6 NAG HA . 17.24 -7.06 53.64
O7 NAG HA . 20.74 -13.85 51.59
C1 NAG IA . -10.49 -48.02 -5.69
C2 NAG IA . -10.69 -48.85 -6.96
C3 NAG IA . -12.03 -48.40 -7.48
C4 NAG IA . -13.06 -48.73 -6.39
C5 NAG IA . -12.61 -48.39 -4.95
C6 NAG IA . -13.41 -49.13 -3.88
C7 NAG IA . -8.51 -49.40 -8.07
C8 NAG IA . -8.55 -50.85 -7.71
N2 NAG IA . -9.55 -48.59 -7.83
O3 NAG IA . -12.33 -49.08 -8.69
O4 NAG IA . -14.24 -48.00 -6.71
O5 NAG IA . -11.24 -48.65 -4.66
O6 NAG IA . -14.47 -48.31 -3.40
O7 NAG IA . -7.50 -48.93 -8.56
C1 NAG JA . 11.98 -39.64 -18.72
C2 NAG JA . 13.42 -39.79 -18.27
C3 NAG JA . 13.33 -41.08 -17.48
C4 NAG JA . 12.26 -40.95 -16.38
C5 NAG JA . 10.96 -40.28 -16.85
C6 NAG JA . 10.04 -39.82 -15.73
C7 NAG JA . 15.61 -39.38 -19.29
C8 NAG JA . 16.41 -39.44 -20.55
N2 NAG JA . 14.35 -39.84 -19.37
O3 NAG JA . 14.58 -41.45 -16.92
O4 NAG JA . 11.97 -42.27 -15.91
O5 NAG JA . 11.23 -39.13 -17.64
O6 NAG JA . 9.36 -38.66 -16.23
O7 NAG JA . 16.06 -38.92 -18.25
C1 NAG KA . -4.55 -16.43 56.78
C2 NAG KA . -5.12 -17.08 58.03
C3 NAG KA . -4.25 -16.76 59.22
C4 NAG KA . -2.90 -17.40 58.99
C5 NAG KA . -2.29 -16.96 57.65
C6 NAG KA . -1.25 -17.96 57.18
C7 NAG KA . -7.41 -17.44 58.79
C8 NAG KA . -8.79 -16.87 58.83
N2 NAG KA . -6.50 -16.66 58.22
O3 NAG KA . -4.85 -17.27 60.42
O4 NAG KA . -2.01 -17.05 60.06
O5 NAG KA . -3.21 -16.88 56.56
O6 NAG KA . -1.94 -19.14 56.74
O7 NAG KA . -7.16 -18.55 59.24
C1 NAG LA . -24.78 -36.27 27.23
C2 NAG LA . -25.20 -37.66 27.77
C3 NAG LA . -26.62 -37.66 28.36
C4 NAG LA . -27.17 -36.26 28.57
C5 NAG LA . -27.10 -35.48 27.26
C6 NAG LA . -27.22 -33.97 27.44
C7 NAG LA . -25.39 -39.90 26.77
C8 NAG LA . -25.25 -40.64 25.47
N2 NAG LA . -25.07 -38.61 26.69
O3 NAG LA . -26.60 -38.37 29.60
O4 NAG LA . -28.54 -36.42 29.00
O5 NAG LA . -25.88 -35.68 26.53
O6 NAG LA . -27.60 -33.60 28.77
O7 NAG LA . -25.79 -40.43 27.80
C1 NAG MA . -32.30 -35.89 48.46
C2 NAG MA . -32.52 -36.11 49.95
C3 NAG MA . -32.54 -37.63 49.88
C4 NAG MA . -33.61 -38.12 48.89
C5 NAG MA . -33.76 -37.29 47.59
C6 NAG MA . -35.09 -37.51 46.88
C7 NAG MA . -31.76 -35.43 52.15
C8 NAG MA . -30.70 -34.79 52.99
N2 NAG MA . -31.52 -35.58 50.84
O3 NAG MA . -32.75 -38.21 51.18
O4 NAG MA . -33.21 -39.46 48.52
O5 NAG MA . -33.56 -35.89 47.82
O6 NAG MA . -34.84 -38.32 45.73
O7 NAG MA . -32.82 -35.77 52.64
C1 NAG NA . -64.57 -10.31 55.42
C2 NAG NA . -65.67 -9.68 56.26
C3 NAG NA . -66.22 -10.81 57.11
C4 NAG NA . -66.79 -11.87 56.17
C5 NAG NA . -65.75 -12.31 55.15
C6 NAG NA . -66.34 -13.23 54.10
C7 NAG NA . -65.42 -7.32 56.83
C8 NAG NA . -64.79 -6.34 57.79
N2 NAG NA . -65.15 -8.60 57.07
O3 NAG NA . -67.22 -10.32 57.99
O4 NAG NA . -67.22 -12.99 56.95
O5 NAG NA . -65.17 -11.19 54.48
O6 NAG NA . -65.91 -14.57 54.35
O7 NAG NA . -66.11 -6.93 55.90
C1 NAG OA . -50.49 -12.17 65.17
C2 NAG OA . -51.24 -12.88 64.04
C3 NAG OA . -50.30 -14.06 63.81
C4 NAG OA . -48.86 -13.59 63.54
C5 NAG OA . -48.40 -12.30 64.25
C6 NAG OA . -47.36 -11.56 63.42
C7 NAG OA . -53.35 -14.03 63.53
C8 NAG OA . -54.79 -14.27 63.93
N2 NAG OA . -52.62 -13.24 64.33
O3 NAG OA . -50.70 -14.90 62.73
O4 NAG OA . -48.03 -14.67 63.96
O5 NAG OA . -49.46 -11.40 64.55
O6 NAG OA . -46.28 -12.43 63.06
O7 NAG OA . -52.90 -14.52 62.51
C1 NAG PA . 39.77 -41.83 15.53
C2 NAG PA . 39.55 -41.42 14.05
C3 NAG PA . 39.49 -42.69 13.21
C4 NAG PA . 40.72 -43.55 13.48
C5 NAG PA . 40.93 -43.74 14.99
C6 NAG PA . 42.16 -44.58 15.29
C7 NAG PA . 37.17 -40.91 14.42
C8 NAG PA . 36.15 -39.81 14.40
N2 NAG PA . 38.37 -40.58 13.93
O3 NAG PA . 39.43 -42.35 11.81
O4 NAG PA . 40.54 -44.82 12.84
O5 NAG PA . 41.05 -42.46 15.64
O6 NAG PA . 41.75 -45.94 15.48
O7 NAG PA . 36.91 -42.00 14.92
#